data_6SBU
#
_entry.id   6SBU
#
_cell.length_a   78.445
_cell.length_b   143.853
_cell.length_c   311.225
_cell.angle_alpha   90.00
_cell.angle_beta   90.00
_cell.angle_gamma   90.00
#
_symmetry.space_group_name_H-M   'P 21 21 21'
#
loop_
_entity.id
_entity.type
_entity.pdbx_description
1 polymer 'L-lactate dehydrogenase A chain'
2 non-polymer '4-[[4-[(5-chloranylthiophen-2-yl)carbonylamino]-1,3-bis(oxidanylidene)isoindol-2-yl]methyl]benzoic acid'
3 non-polymer '1,4-DIHYDRONICOTINAMIDE ADENINE DINUCLEOTIDE'
4 water water
#
_entity_poly.entity_id   1
_entity_poly.type   'polypeptide(L)'
_entity_poly.pdbx_seq_one_letter_code
;GATLKDQLIYNLLKEEQTPQNKITVVGVGAVGMACAISILMKDLADELALVDVIEDKLKGEMMDLQHGSLFLRTPKIVSG
KDYNVTANSKLVIITAGARQQEGESRLNLVQRNVNIFKFIIPNVVKYSPNCKLLIVSNPVDILTYVAWKISGFPKNRVIG
SGCNLDSARFRYLMGERLGVHPLSCHGWVLGEHGDSSVPVWSGMNVAGVSLKTLHPDLGTDKDKEQWKEVHKQVVESAYE
VIKLKGYTSWAIGLSVADLAESIMKNLRRVHPVSTMIKGLYGIKDDVFLSVPCILGQNGISDLVKVTLTSEEEARLKKSA
DTLWGIQKELQF
;
_entity_poly.pdbx_strand_id   A,B,C,D,E,F,G,H
#
loop_
_chem_comp.id
_chem_comp.type
_chem_comp.name
_chem_comp.formula
L5N non-polymer '4-[[4-[(5-chloranylthiophen-2-yl)carbonylamino]-1,3-bis(oxidanylidene)isoindol-2-yl]methyl]benzoic acid' 'C21 H13 Cl N2 O5 S'
NAI non-polymer '1,4-DIHYDRONICOTINAMIDE ADENINE DINUCLEOTIDE' 'C21 H29 N7 O14 P2'
#
# COMPACT_ATOMS: atom_id res chain seq x y z
N ALA A 2 -0.81 24.63 -56.81
CA ALA A 2 0.53 24.46 -56.11
C ALA A 2 0.30 24.44 -54.59
N THR A 3 0.75 23.37 -53.91
CA THR A 3 0.55 23.16 -52.45
C THR A 3 1.29 24.26 -51.66
N LEU A 4 0.95 24.40 -50.38
CA LEU A 4 1.57 25.39 -49.46
C LEU A 4 3.01 24.97 -49.20
N LYS A 5 3.24 23.67 -48.99
CA LYS A 5 4.61 23.11 -48.82
C LYS A 5 5.49 23.56 -50.00
N ASP A 6 5.00 23.43 -51.24
CA ASP A 6 5.81 23.65 -52.46
C ASP A 6 6.01 25.16 -52.69
N GLN A 7 5.04 25.98 -52.27
CA GLN A 7 5.10 27.47 -52.37
C GLN A 7 6.16 28.05 -51.41
N LEU A 8 6.41 27.37 -50.28
CA LEU A 8 7.21 27.87 -49.12
C LEU A 8 8.65 27.33 -49.16
N ILE A 9 8.83 26.07 -49.58
CA ILE A 9 10.08 25.28 -49.43
C ILE A 9 10.50 24.74 -50.80
N TYR A 10 11.66 25.16 -51.31
CA TYR A 10 12.36 24.51 -52.45
C TYR A 10 13.30 23.45 -51.89
N ASN A 11 13.02 22.17 -52.18
CA ASN A 11 13.75 21.00 -51.65
C ASN A 11 14.87 20.62 -52.64
N LEU A 12 16.03 20.21 -52.12
CA LEU A 12 17.23 19.80 -52.92
C LEU A 12 17.51 18.30 -52.70
N LEU A 13 17.09 17.70 -51.57
CA LEU A 13 17.69 16.44 -51.03
C LEU A 13 16.63 15.54 -50.40
N LYS A 14 17.02 14.28 -50.09
CA LYS A 14 16.27 13.28 -49.28
C LYS A 14 17.24 12.19 -48.80
N THR A 18 19.45 7.49 -42.61
CA THR A 18 20.00 6.37 -41.79
C THR A 18 20.63 6.92 -40.51
N PRO A 19 20.26 6.41 -39.32
CA PRO A 19 20.85 6.88 -38.07
C PRO A 19 22.25 6.31 -37.83
N GLN A 20 23.11 7.08 -37.15
CA GLN A 20 24.53 6.75 -36.88
C GLN A 20 24.73 6.43 -35.39
N ASN A 21 23.76 6.83 -34.57
CA ASN A 21 23.82 6.68 -33.09
C ASN A 21 22.46 6.22 -32.57
N LYS A 22 21.98 5.08 -33.05
CA LYS A 22 20.68 4.50 -32.61
C LYS A 22 20.87 3.71 -31.32
N ILE A 23 20.00 3.92 -30.34
CA ILE A 23 19.95 3.14 -29.08
C ILE A 23 18.57 2.47 -28.97
N THR A 24 18.55 1.18 -28.66
CA THR A 24 17.32 0.42 -28.31
C THR A 24 17.29 0.17 -26.81
N VAL A 25 16.16 0.49 -26.18
CA VAL A 25 15.84 0.05 -24.79
C VAL A 25 14.79 -1.05 -24.91
N VAL A 26 15.13 -2.25 -24.45
CA VAL A 26 14.21 -3.43 -24.37
C VAL A 26 13.63 -3.49 -22.96
N GLY A 27 12.31 -3.35 -22.86
CA GLY A 27 11.56 -3.27 -21.60
C GLY A 27 11.23 -1.83 -21.27
N VAL A 28 9.96 -1.52 -21.09
CA VAL A 28 9.44 -0.16 -20.81
C VAL A 28 8.75 -0.15 -19.45
N GLY A 29 9.29 -0.93 -18.51
CA GLY A 29 8.96 -0.80 -17.09
C GLY A 29 9.56 0.47 -16.53
N ALA A 30 9.41 0.69 -15.23
CA ALA A 30 10.00 1.83 -14.50
C ALA A 30 11.46 2.03 -14.95
N VAL A 31 12.27 0.98 -14.89
CA VAL A 31 13.74 1.02 -15.17
C VAL A 31 13.97 1.39 -16.63
N GLY A 32 13.38 0.65 -17.57
CA GLY A 32 13.49 0.93 -19.01
C GLY A 32 13.26 2.39 -19.32
N MET A 33 12.15 2.95 -18.85
CA MET A 33 11.75 4.34 -19.18
C MET A 33 12.70 5.32 -18.47
N ALA A 34 13.17 4.98 -17.27
CA ALA A 34 14.16 5.82 -16.56
C ALA A 34 15.45 5.87 -17.39
N CYS A 35 15.89 4.73 -17.94
CA CYS A 35 17.03 4.64 -18.89
C CYS A 35 16.74 5.56 -20.07
N ALA A 36 15.59 5.37 -20.72
CA ALA A 36 15.17 6.08 -21.95
C ALA A 36 15.20 7.59 -21.72
N ILE A 37 14.49 8.10 -20.71
CA ILE A 37 14.40 9.56 -20.45
C ILE A 37 15.81 10.09 -20.16
N SER A 38 16.60 9.37 -19.36
CA SER A 38 17.98 9.77 -18.96
C SER A 38 18.89 9.82 -20.18
N ILE A 39 18.67 8.94 -21.17
CA ILE A 39 19.47 8.87 -22.43
C ILE A 39 19.03 10.00 -23.37
N LEU A 40 17.74 10.23 -23.52
CA LEU A 40 17.20 11.37 -24.32
C LEU A 40 17.89 12.66 -23.88
N MET A 41 17.93 12.89 -22.57
CA MET A 41 18.24 14.22 -21.99
C MET A 41 19.75 14.45 -21.98
N LYS A 42 20.56 13.41 -22.24
CA LYS A 42 22.01 13.55 -22.49
C LYS A 42 22.25 13.68 -23.99
N ASP A 43 21.19 13.77 -24.79
CA ASP A 43 21.24 13.80 -26.28
C ASP A 43 22.36 12.86 -26.75
N LEU A 44 22.21 11.55 -26.53
CA LEU A 44 23.21 10.52 -26.92
C LEU A 44 22.84 9.90 -28.25
N ALA A 45 21.56 9.94 -28.61
CA ALA A 45 21.04 9.13 -29.73
C ALA A 45 20.27 10.00 -30.71
N ASP A 46 20.42 9.71 -32.00
CA ASP A 46 19.62 10.32 -33.10
C ASP A 46 18.39 9.46 -33.37
N GLU A 47 18.41 8.17 -32.99
CA GLU A 47 17.20 7.30 -33.01
C GLU A 47 17.15 6.51 -31.71
N LEU A 48 15.96 6.48 -31.11
CA LEU A 48 15.66 5.72 -29.88
C LEU A 48 14.51 4.77 -30.20
N ALA A 49 14.73 3.48 -29.96
CA ALA A 49 13.74 2.40 -30.21
C ALA A 49 13.35 1.75 -28.88
N LEU A 50 12.06 1.69 -28.59
CA LEU A 50 11.48 1.02 -27.39
C LEU A 50 10.82 -0.29 -27.82
N VAL A 51 11.12 -1.37 -27.09
CA VAL A 51 10.56 -2.74 -27.33
C VAL A 51 10.05 -3.33 -26.02
N ASP A 52 8.80 -3.76 -25.99
CA ASP A 52 8.18 -4.57 -24.91
C ASP A 52 7.09 -5.42 -25.56
N VAL A 53 6.38 -6.23 -24.77
CA VAL A 53 5.41 -7.25 -25.27
C VAL A 53 3.98 -6.75 -25.06
N ILE A 54 3.73 -5.93 -24.04
CA ILE A 54 2.40 -5.27 -23.84
C ILE A 54 2.33 -4.12 -24.83
N GLU A 55 1.60 -4.28 -25.94
CA GLU A 55 1.64 -3.40 -27.14
C GLU A 55 1.00 -2.04 -26.84
N ASP A 56 -0.15 -2.00 -26.15
CA ASP A 56 -0.93 -0.76 -25.93
C ASP A 56 -0.11 0.15 -25.00
N LYS A 57 0.49 -0.40 -23.95
CA LYS A 57 1.32 0.32 -22.96
C LYS A 57 2.60 0.84 -23.65
N LEU A 58 3.24 0.01 -24.48
CA LEU A 58 4.47 0.39 -25.23
C LEU A 58 4.20 1.67 -26.02
N LYS A 59 3.15 1.68 -26.83
CA LYS A 59 2.84 2.79 -27.77
C LYS A 59 2.56 4.06 -26.97
N GLY A 60 2.00 3.94 -25.76
CA GLY A 60 1.72 5.11 -24.91
C GLY A 60 2.99 5.71 -24.36
N GLU A 61 3.93 4.88 -23.93
CA GLU A 61 5.24 5.34 -23.41
C GLU A 61 6.00 6.02 -24.55
N MET A 62 6.02 5.40 -25.73
CA MET A 62 6.62 6.01 -26.95
C MET A 62 6.01 7.40 -27.17
N MET A 63 4.69 7.53 -27.23
CA MET A 63 4.01 8.83 -27.55
C MET A 63 4.34 9.87 -26.47
N ASP A 64 4.31 9.48 -25.20
CA ASP A 64 4.55 10.41 -24.07
C ASP A 64 5.99 10.93 -24.16
N LEU A 65 6.91 10.04 -24.49
CA LEU A 65 8.36 10.35 -24.62
C LEU A 65 8.57 11.24 -25.85
N GLN A 66 7.98 10.85 -26.97
CA GLN A 66 7.94 11.66 -28.22
C GLN A 66 7.58 13.11 -27.85
N HIS A 67 6.46 13.31 -27.16
CA HIS A 67 5.88 14.65 -26.91
C HIS A 67 6.84 15.48 -26.07
N GLY A 68 7.44 14.87 -25.04
CA GLY A 68 8.43 15.55 -24.19
C GLY A 68 9.68 15.89 -24.96
N SER A 69 10.10 15.02 -25.90
CA SER A 69 11.35 15.12 -26.67
C SER A 69 11.30 16.34 -27.61
N LEU A 70 10.13 16.95 -27.77
CA LEU A 70 9.98 18.19 -28.56
C LEU A 70 10.73 19.36 -27.90
N PHE A 71 11.11 19.22 -26.63
CA PHE A 71 11.81 20.27 -25.84
C PHE A 71 13.31 19.92 -25.71
N LEU A 72 13.83 19.05 -26.57
CA LEU A 72 15.25 18.61 -26.61
C LEU A 72 15.75 18.66 -28.06
N ARG A 73 17.00 18.25 -28.27
CA ARG A 73 17.51 17.88 -29.61
C ARG A 73 16.76 16.60 -29.99
N THR A 74 15.57 16.75 -30.57
CA THR A 74 14.59 15.65 -30.83
C THR A 74 15.19 14.58 -31.72
N PRO A 75 15.34 13.33 -31.23
CA PRO A 75 15.70 12.23 -32.10
C PRO A 75 14.44 11.63 -32.72
N LYS A 76 14.63 10.67 -33.63
CA LYS A 76 13.57 9.75 -34.07
C LYS A 76 13.27 8.84 -32.88
N ILE A 77 12.00 8.61 -32.58
CA ILE A 77 11.57 7.71 -31.47
C ILE A 77 10.52 6.76 -32.02
N VAL A 78 10.82 5.46 -32.01
CA VAL A 78 9.95 4.38 -32.57
C VAL A 78 9.75 3.31 -31.50
N SER A 79 8.77 2.43 -31.71
CA SER A 79 8.45 1.31 -30.80
C SER A 79 7.72 0.20 -31.55
N GLY A 80 7.83 -1.02 -31.04
CA GLY A 80 7.13 -2.19 -31.60
C GLY A 80 7.35 -3.43 -30.74
N LYS A 81 6.44 -4.39 -30.85
CA LYS A 81 6.64 -5.76 -30.32
C LYS A 81 7.68 -6.45 -31.20
N ASP A 82 7.70 -6.14 -32.51
CA ASP A 82 8.62 -6.73 -33.52
C ASP A 82 9.97 -6.02 -33.43
N TYR A 83 11.07 -6.78 -33.43
CA TYR A 83 12.45 -6.27 -33.18
C TYR A 83 13.01 -5.58 -34.42
N ASN A 84 12.26 -5.57 -35.53
CA ASN A 84 12.72 -4.93 -36.80
C ASN A 84 12.88 -3.42 -36.59
N VAL A 85 12.21 -2.84 -35.60
CA VAL A 85 12.35 -1.40 -35.27
C VAL A 85 13.69 -1.15 -34.56
N THR A 86 14.46 -2.18 -34.20
CA THR A 86 15.75 -2.02 -33.48
C THR A 86 16.93 -2.10 -34.44
N ALA A 87 16.68 -2.15 -35.75
CA ALA A 87 17.72 -2.38 -36.80
C ALA A 87 18.81 -1.30 -36.70
N ASN A 88 20.08 -1.70 -36.83
CA ASN A 88 21.28 -0.82 -36.89
C ASN A 88 21.40 -0.04 -35.58
N SER A 89 21.14 -0.67 -34.44
CA SER A 89 21.36 -0.06 -33.11
C SER A 89 22.86 -0.13 -32.83
N LYS A 90 23.46 0.96 -32.38
CA LYS A 90 24.88 0.98 -31.96
C LYS A 90 24.91 0.36 -30.55
N LEU A 91 23.86 0.58 -29.75
CA LEU A 91 23.77 0.11 -28.34
C LEU A 91 22.37 -0.42 -28.08
N VAL A 92 22.24 -1.61 -27.49
CA VAL A 92 20.94 -2.19 -27.05
C VAL A 92 21.01 -2.44 -25.54
N ILE A 93 20.11 -1.81 -24.80
CA ILE A 93 19.98 -1.92 -23.32
C ILE A 93 18.84 -2.89 -23.01
N ILE A 94 19.16 -4.04 -22.41
CA ILE A 94 18.17 -5.06 -21.97
C ILE A 94 17.79 -4.77 -20.51
N THR A 95 16.53 -4.40 -20.28
CA THR A 95 15.93 -4.22 -18.93
C THR A 95 14.87 -5.31 -18.67
N ALA A 96 14.38 -5.97 -19.73
CA ALA A 96 13.34 -7.01 -19.68
C ALA A 96 13.78 -8.09 -18.69
N GLY A 97 12.79 -8.60 -17.97
CA GLY A 97 13.01 -9.51 -16.86
C GLY A 97 11.69 -10.12 -16.44
N ALA A 98 11.78 -11.18 -15.65
CA ALA A 98 10.69 -11.67 -14.78
C ALA A 98 11.01 -11.19 -13.37
N ARG A 99 9.98 -10.81 -12.61
CA ARG A 99 10.09 -10.53 -11.16
C ARG A 99 9.78 -11.84 -10.42
N GLN A 100 10.56 -12.16 -9.38
CA GLN A 100 10.40 -13.37 -8.53
C GLN A 100 9.00 -13.36 -7.90
N GLN A 101 8.18 -14.39 -8.18
CA GLN A 101 6.86 -14.65 -7.55
C GLN A 101 7.07 -15.26 -6.17
N GLU A 102 6.05 -15.24 -5.30
CA GLU A 102 6.16 -15.79 -3.91
C GLU A 102 6.34 -17.31 -4.00
N GLY A 103 7.37 -17.83 -3.32
CA GLY A 103 7.70 -19.26 -3.25
C GLY A 103 8.42 -19.79 -4.48
N GLU A 104 8.75 -18.91 -5.45
CA GLU A 104 9.60 -19.26 -6.62
C GLU A 104 11.07 -19.34 -6.16
N SER A 105 11.79 -20.37 -6.60
CA SER A 105 13.22 -20.58 -6.28
C SER A 105 14.08 -19.58 -7.05
N ARG A 106 15.22 -19.17 -6.49
CA ARG A 106 16.22 -18.34 -7.20
C ARG A 106 16.52 -18.95 -8.56
N LEU A 107 16.85 -20.25 -8.61
CA LEU A 107 17.20 -20.95 -9.88
C LEU A 107 16.04 -20.80 -10.89
N ASN A 108 14.81 -20.90 -10.43
CA ASN A 108 13.62 -20.93 -11.34
C ASN A 108 13.45 -19.55 -11.99
N LEU A 109 13.61 -18.49 -11.21
CA LEU A 109 13.55 -17.08 -11.67
C LEU A 109 14.59 -16.85 -12.78
N VAL A 110 15.83 -17.23 -12.52
CA VAL A 110 16.94 -17.03 -13.49
C VAL A 110 16.57 -17.76 -14.79
N GLN A 111 16.02 -18.97 -14.70
CA GLN A 111 15.70 -19.80 -15.88
C GLN A 111 14.56 -19.14 -16.66
N ARG A 112 13.62 -18.48 -16.00
CA ARG A 112 12.52 -17.74 -16.68
C ARG A 112 13.13 -16.54 -17.40
N ASN A 113 14.06 -15.83 -16.75
CA ASN A 113 14.83 -14.73 -17.39
C ASN A 113 15.59 -15.30 -18.60
N VAL A 114 16.23 -16.46 -18.43
CA VAL A 114 16.97 -17.14 -19.52
C VAL A 114 16.01 -17.40 -20.70
N ASN A 115 14.81 -17.90 -20.42
CA ASN A 115 13.84 -18.29 -21.48
C ASN A 115 13.39 -17.03 -22.23
N ILE A 116 13.34 -15.89 -21.54
CA ILE A 116 13.01 -14.55 -22.15
C ILE A 116 14.16 -14.14 -23.07
N PHE A 117 15.39 -14.15 -22.55
CA PHE A 117 16.62 -13.78 -23.29
C PHE A 117 16.78 -14.65 -24.54
N LYS A 118 16.25 -15.89 -24.49
CA LYS A 118 16.32 -16.83 -25.65
C LYS A 118 15.44 -16.35 -26.80
N PHE A 119 14.46 -15.48 -26.52
CA PHE A 119 13.61 -14.80 -27.54
C PHE A 119 14.23 -13.46 -27.94
N ILE A 120 14.67 -12.68 -26.95
CA ILE A 120 15.17 -11.29 -27.13
C ILE A 120 16.51 -11.30 -27.87
N ILE A 121 17.54 -11.93 -27.31
CA ILE A 121 18.95 -11.72 -27.75
C ILE A 121 19.10 -12.11 -29.22
N PRO A 122 18.60 -13.28 -29.68
CA PRO A 122 18.72 -13.65 -31.10
C PRO A 122 18.04 -12.65 -32.05
N ASN A 123 16.91 -12.08 -31.64
CA ASN A 123 16.18 -11.03 -32.40
C ASN A 123 17.00 -9.73 -32.42
N VAL A 124 17.59 -9.33 -31.29
CA VAL A 124 18.44 -8.10 -31.19
C VAL A 124 19.60 -8.24 -32.19
N VAL A 125 20.27 -9.39 -32.15
CA VAL A 125 21.48 -9.75 -32.95
C VAL A 125 21.10 -9.82 -34.44
N LYS A 126 19.97 -10.47 -34.75
CA LYS A 126 19.47 -10.55 -36.14
C LYS A 126 19.52 -9.17 -36.78
N TYR A 127 19.03 -8.13 -36.08
CA TYR A 127 18.74 -6.79 -36.67
C TYR A 127 19.86 -5.78 -36.38
N SER A 128 20.71 -6.00 -35.36
CA SER A 128 21.82 -5.09 -34.99
C SER A 128 23.06 -5.92 -34.67
N PRO A 129 23.65 -6.62 -35.66
CA PRO A 129 24.70 -7.60 -35.39
C PRO A 129 26.02 -7.02 -34.83
N ASN A 130 26.29 -5.71 -35.00
CA ASN A 130 27.55 -5.08 -34.52
C ASN A 130 27.29 -4.17 -33.30
N CYS A 131 26.13 -4.32 -32.65
CA CYS A 131 25.73 -3.50 -31.48
C CYS A 131 26.59 -3.89 -30.28
N LYS A 132 26.58 -3.03 -29.24
CA LYS A 132 27.02 -3.37 -27.86
C LYS A 132 25.77 -3.72 -27.06
N LEU A 133 25.82 -4.81 -26.29
CA LEU A 133 24.74 -5.21 -25.35
C LEU A 133 25.10 -4.70 -23.96
N LEU A 134 24.21 -3.89 -23.40
CA LEU A 134 24.28 -3.41 -22.00
C LEU A 134 23.14 -4.06 -21.24
N ILE A 135 23.46 -4.95 -20.30
CA ILE A 135 22.49 -5.79 -19.54
C ILE A 135 22.23 -5.12 -18.18
N VAL A 136 20.98 -4.83 -17.87
CA VAL A 136 20.55 -4.14 -16.63
C VAL A 136 19.73 -5.11 -15.77
N SER A 137 18.94 -6.00 -16.39
CA SER A 137 18.11 -7.05 -15.73
C SER A 137 18.91 -7.74 -14.62
N ASN A 138 18.30 -7.98 -13.44
CA ASN A 138 18.89 -8.74 -12.31
C ASN A 138 18.49 -10.22 -12.40
N PRO A 139 19.32 -11.17 -11.90
CA PRO A 139 20.65 -10.88 -11.34
C PRO A 139 21.68 -10.66 -12.47
N VAL A 140 22.36 -9.51 -12.43
CA VAL A 140 22.95 -8.88 -13.65
C VAL A 140 24.22 -9.64 -14.07
N ASP A 141 25.01 -10.14 -13.11
CA ASP A 141 26.30 -10.82 -13.42
C ASP A 141 26.00 -12.12 -14.19
N ILE A 142 24.90 -12.82 -13.87
CA ILE A 142 24.51 -14.10 -14.53
C ILE A 142 23.85 -13.79 -15.88
N LEU A 143 22.97 -12.79 -15.93
CA LEU A 143 22.19 -12.48 -17.14
C LEU A 143 23.10 -11.85 -18.21
N THR A 144 24.21 -11.24 -17.81
CA THR A 144 25.26 -10.78 -18.75
C THR A 144 25.88 -12.03 -19.39
N TYR A 145 26.30 -13.00 -18.59
CA TYR A 145 26.76 -14.33 -19.07
C TYR A 145 25.73 -14.92 -20.05
N VAL A 146 24.45 -14.88 -19.70
CA VAL A 146 23.37 -15.50 -20.51
C VAL A 146 23.34 -14.82 -21.89
N ALA A 147 23.38 -13.49 -21.92
CA ALA A 147 23.32 -12.68 -23.16
C ALA A 147 24.58 -12.92 -23.99
N TRP A 148 25.74 -13.08 -23.34
CA TRP A 148 27.02 -13.40 -24.01
C TRP A 148 26.91 -14.75 -24.74
N LYS A 149 26.41 -15.77 -24.05
CA LYS A 149 26.29 -17.16 -24.60
C LYS A 149 25.33 -17.14 -25.78
N ILE A 150 24.15 -16.56 -25.61
CA ILE A 150 23.06 -16.62 -26.63
C ILE A 150 23.49 -15.80 -27.86
N SER A 151 24.16 -14.66 -27.66
CA SER A 151 24.52 -13.68 -28.72
C SER A 151 25.68 -14.20 -29.56
N GLY A 152 26.61 -14.94 -28.94
CA GLY A 152 27.90 -15.35 -29.53
C GLY A 152 28.77 -14.15 -29.84
N PHE A 153 28.50 -13.01 -29.19
CA PHE A 153 29.28 -11.76 -29.33
C PHE A 153 30.61 -11.93 -28.61
N PRO A 154 31.65 -11.19 -29.03
CA PRO A 154 32.90 -11.17 -28.30
C PRO A 154 32.69 -10.47 -26.95
N LYS A 155 33.54 -10.74 -25.98
CA LYS A 155 33.34 -10.35 -24.56
C LYS A 155 33.33 -8.81 -24.43
N ASN A 156 33.90 -8.09 -25.42
CA ASN A 156 34.04 -6.60 -25.39
C ASN A 156 32.68 -5.92 -25.65
N ARG A 157 31.75 -6.59 -26.34
CA ARG A 157 30.46 -6.00 -26.76
C ARG A 157 29.32 -6.52 -25.88
N VAL A 158 29.64 -7.10 -24.72
CA VAL A 158 28.62 -7.54 -23.72
C VAL A 158 29.07 -7.10 -22.33
N ILE A 159 28.29 -6.19 -21.77
CA ILE A 159 28.59 -5.39 -20.56
C ILE A 159 27.37 -5.48 -19.64
N GLY A 160 27.58 -5.59 -18.32
CA GLY A 160 26.50 -5.52 -17.34
C GLY A 160 26.60 -4.26 -16.51
N SER A 161 25.46 -3.63 -16.22
CA SER A 161 25.34 -2.42 -15.36
C SER A 161 26.27 -2.56 -14.14
N GLY A 162 26.45 -3.80 -13.65
CA GLY A 162 27.46 -4.15 -12.62
C GLY A 162 27.42 -3.23 -11.41
N CYS A 163 28.58 -2.85 -10.92
CA CYS A 163 28.77 -2.08 -9.65
C CYS A 163 29.00 -0.60 -9.93
N ASN A 164 28.61 -0.13 -11.13
CA ASN A 164 28.75 1.30 -11.52
C ASN A 164 28.02 2.15 -10.49
N LEU A 165 26.77 1.81 -10.15
CA LEU A 165 25.93 2.60 -9.22
C LEU A 165 26.43 2.43 -7.78
N ASP A 166 26.78 1.21 -7.36
CA ASP A 166 27.25 0.95 -5.97
C ASP A 166 28.52 1.77 -5.71
N SER A 167 29.44 1.83 -6.67
CA SER A 167 30.72 2.58 -6.58
C SER A 167 30.44 4.07 -6.44
N ALA A 168 29.52 4.61 -7.25
CA ALA A 168 29.08 6.03 -7.14
C ALA A 168 28.64 6.30 -5.71
N ARG A 169 27.77 5.42 -5.18
CA ARG A 169 27.16 5.53 -3.82
C ARG A 169 28.28 5.53 -2.77
N PHE A 170 29.24 4.61 -2.93
CA PHE A 170 30.38 4.45 -2.02
C PHE A 170 31.13 5.79 -1.94
N ARG A 171 31.52 6.31 -3.12
CA ARG A 171 32.30 7.55 -3.28
C ARG A 171 31.52 8.71 -2.66
N TYR A 172 30.19 8.72 -2.68
CA TYR A 172 29.41 9.82 -2.06
C TYR A 172 29.73 9.85 -0.56
N LEU A 173 29.63 8.69 0.11
CA LEU A 173 29.81 8.57 1.59
C LEU A 173 31.27 8.81 1.93
N MET A 174 32.19 8.26 1.13
CA MET A 174 33.63 8.58 1.19
C MET A 174 33.81 10.11 1.24
N GLY A 175 33.16 10.82 0.33
CA GLY A 175 33.23 12.29 0.23
C GLY A 175 32.72 12.95 1.50
N GLU A 176 31.51 12.57 1.94
CA GLU A 176 30.84 13.12 3.15
C GLU A 176 31.79 13.00 4.34
N ARG A 177 32.54 11.89 4.44
CA ARG A 177 33.44 11.59 5.59
C ARG A 177 34.71 12.45 5.55
N LEU A 178 35.25 12.72 4.35
CA LEU A 178 36.51 13.48 4.18
C LEU A 178 36.23 14.99 3.99
N GLY A 179 34.97 15.39 3.79
CA GLY A 179 34.58 16.77 3.47
C GLY A 179 35.14 17.20 2.12
N VAL A 180 34.88 16.38 1.11
CA VAL A 180 35.39 16.45 -0.29
C VAL A 180 34.24 16.10 -1.23
N HIS A 181 34.10 16.80 -2.36
CA HIS A 181 33.04 16.48 -3.36
C HIS A 181 33.25 15.04 -3.85
N PRO A 182 32.18 14.22 -3.91
CA PRO A 182 32.25 12.87 -4.46
C PRO A 182 33.12 12.67 -5.71
N LEU A 183 33.16 13.65 -6.61
CA LEU A 183 33.84 13.55 -7.94
C LEU A 183 35.34 13.72 -7.77
N SER A 184 35.79 14.26 -6.62
CA SER A 184 37.21 14.40 -6.22
C SER A 184 37.71 13.17 -5.47
N CYS A 185 36.79 12.28 -5.07
CA CYS A 185 37.09 10.96 -4.44
C CYS A 185 37.16 9.88 -5.52
N HIS A 186 38.08 8.93 -5.37
CA HIS A 186 38.24 7.73 -6.22
C HIS A 186 38.18 6.48 -5.33
N GLY A 187 37.67 5.38 -5.87
CA GLY A 187 37.45 4.13 -5.13
C GLY A 187 36.39 3.29 -5.81
N TRP A 188 36.65 2.00 -5.94
CA TRP A 188 35.76 1.05 -6.66
C TRP A 188 35.06 0.10 -5.68
N VAL A 189 33.91 -0.41 -6.09
CA VAL A 189 33.24 -1.59 -5.49
C VAL A 189 33.17 -2.62 -6.62
N LEU A 190 33.88 -3.75 -6.50
CA LEU A 190 34.04 -4.77 -7.57
C LEU A 190 33.36 -6.08 -7.18
N GLY A 191 33.21 -6.98 -8.14
CA GLY A 191 32.75 -8.37 -7.94
C GLY A 191 31.27 -8.53 -8.22
N GLU A 192 30.60 -9.39 -7.43
CA GLU A 192 29.16 -9.71 -7.60
C GLU A 192 28.36 -8.47 -7.17
N HIS A 193 27.46 -8.00 -8.02
CA HIS A 193 26.54 -6.87 -7.75
C HIS A 193 25.76 -7.16 -6.45
N GLY A 194 25.90 -6.28 -5.44
CA GLY A 194 25.11 -6.27 -4.19
C GLY A 194 25.60 -7.29 -3.16
N ASP A 195 25.71 -6.87 -1.89
CA ASP A 195 25.95 -7.73 -0.69
C ASP A 195 27.38 -8.28 -0.70
N SER A 196 27.71 -9.10 -1.70
CA SER A 196 29.02 -9.80 -1.86
C SER A 196 30.07 -8.89 -2.50
N SER A 197 29.68 -7.71 -2.97
CA SER A 197 30.58 -6.73 -3.62
C SER A 197 31.70 -6.33 -2.65
N VAL A 198 32.90 -6.11 -3.19
CA VAL A 198 34.16 -5.89 -2.45
C VAL A 198 34.58 -4.44 -2.58
N PRO A 199 34.55 -3.63 -1.49
CA PRO A 199 35.22 -2.34 -1.49
C PRO A 199 36.73 -2.54 -1.57
N VAL A 200 37.39 -1.97 -2.58
CA VAL A 200 38.84 -2.11 -2.86
C VAL A 200 39.60 -0.95 -2.22
N TRP A 201 40.00 -1.13 -0.96
CA TRP A 201 40.60 -0.07 -0.09
C TRP A 201 41.97 0.36 -0.63
N SER A 202 42.74 -0.58 -1.21
CA SER A 202 44.10 -0.32 -1.74
C SER A 202 44.05 0.91 -2.67
N GLY A 203 43.10 0.96 -3.61
CA GLY A 203 43.02 2.01 -4.64
C GLY A 203 42.04 3.15 -4.29
N MET A 204 41.82 3.47 -3.03
CA MET A 204 40.94 4.61 -2.62
C MET A 204 41.80 5.80 -2.21
N ASN A 205 41.64 6.92 -2.91
CA ASN A 205 42.53 8.12 -2.81
C ASN A 205 41.72 9.40 -3.02
N VAL A 206 42.30 10.53 -2.62
CA VAL A 206 41.88 11.89 -3.05
C VAL A 206 43.12 12.58 -3.61
N ALA A 207 43.09 13.03 -4.87
CA ALA A 207 44.22 13.72 -5.51
C ALA A 207 45.47 12.83 -5.50
N GLY A 208 45.29 11.50 -5.51
CA GLY A 208 46.40 10.54 -5.59
C GLY A 208 47.03 10.23 -4.24
N VAL A 209 46.56 10.84 -3.15
CA VAL A 209 46.99 10.53 -1.75
C VAL A 209 46.19 9.31 -1.27
N SER A 210 46.81 8.13 -1.22
CA SER A 210 46.13 6.86 -0.83
C SER A 210 45.64 6.95 0.62
N LEU A 211 44.37 6.61 0.86
CA LEU A 211 43.75 6.55 2.22
C LEU A 211 44.37 5.39 3.00
N LYS A 212 44.57 4.24 2.34
CA LYS A 212 45.26 3.04 2.91
C LYS A 212 46.60 3.46 3.53
N THR A 213 47.39 4.27 2.81
CA THR A 213 48.73 4.79 3.24
C THR A 213 48.58 5.59 4.54
N LEU A 214 47.60 6.49 4.65
CA LEU A 214 47.47 7.44 5.79
C LEU A 214 46.90 6.73 7.02
N HIS A 215 46.12 5.66 6.82
CA HIS A 215 45.30 4.97 7.85
C HIS A 215 45.28 3.47 7.59
N PRO A 216 46.41 2.76 7.78
CA PRO A 216 46.58 1.41 7.22
C PRO A 216 45.55 0.40 7.74
N ASP A 217 44.85 0.72 8.84
CA ASP A 217 43.72 -0.09 9.36
C ASP A 217 42.40 0.40 8.76
N LEU A 218 42.32 0.48 7.43
CA LEU A 218 41.13 1.08 6.75
C LEU A 218 40.03 0.02 6.62
N GLY A 219 40.25 -1.00 5.80
CA GLY A 219 39.24 -2.04 5.52
C GLY A 219 38.88 -2.90 6.72
N THR A 220 39.77 -2.97 7.71
CA THR A 220 39.79 -3.98 8.81
C THR A 220 38.67 -3.72 9.83
N ASP A 221 38.46 -4.69 10.73
CA ASP A 221 37.43 -4.66 11.81
C ASP A 221 37.94 -3.82 12.99
N LYS A 222 39.27 -3.79 13.20
CA LYS A 222 39.95 -2.97 14.25
C LYS A 222 40.18 -1.55 13.70
N ASP A 223 39.31 -1.07 12.79
CA ASP A 223 39.32 0.31 12.22
C ASP A 223 38.63 1.24 13.21
N LYS A 224 39.35 2.20 13.78
CA LYS A 224 38.83 3.19 14.76
C LYS A 224 37.62 3.93 14.16
N GLU A 225 37.64 4.21 12.84
CA GLU A 225 36.65 5.07 12.13
C GLU A 225 35.54 4.21 11.48
N GLN A 226 35.77 2.91 11.32
CA GLN A 226 34.75 1.90 10.92
C GLN A 226 34.27 2.12 9.48
N TRP A 227 35.19 2.18 8.55
CA TRP A 227 34.92 2.41 7.10
C TRP A 227 34.18 1.19 6.52
N LYS A 228 34.22 0.03 7.19
CA LYS A 228 33.38 -1.13 6.79
C LYS A 228 31.92 -0.71 6.71
N GLU A 229 31.49 0.16 7.61
CA GLU A 229 30.07 0.63 7.74
C GLU A 229 29.64 1.38 6.46
N VAL A 230 30.59 1.93 5.71
CA VAL A 230 30.31 2.63 4.42
C VAL A 230 29.72 1.61 3.43
N HIS A 231 30.45 0.54 3.12
CA HIS A 231 30.00 -0.50 2.17
C HIS A 231 28.68 -1.12 2.64
N LYS A 232 28.46 -1.20 3.96
CA LYS A 232 27.21 -1.72 4.56
C LYS A 232 26.08 -0.76 4.19
N GLN A 233 26.25 0.54 4.43
CA GLN A 233 25.22 1.59 4.19
C GLN A 233 24.90 1.68 2.69
N VAL A 234 25.87 1.37 1.81
CA VAL A 234 25.67 1.34 0.33
C VAL A 234 24.60 0.28 0.00
N VAL A 235 24.74 -0.91 0.59
CA VAL A 235 23.85 -2.08 0.33
C VAL A 235 22.49 -1.86 0.99
N GLU A 236 22.45 -1.35 2.22
CA GLU A 236 21.19 -1.01 2.93
C GLU A 236 20.42 0.03 2.12
N SER A 237 21.12 0.96 1.46
CA SER A 237 20.51 2.08 0.69
C SER A 237 19.69 1.50 -0.47
N ALA A 238 20.21 0.49 -1.15
CA ALA A 238 19.52 -0.22 -2.25
C ALA A 238 18.15 -0.73 -1.77
N TYR A 239 18.13 -1.40 -0.61
CA TYR A 239 16.93 -2.04 0.01
C TYR A 239 15.96 -0.95 0.50
N GLU A 240 16.46 0.03 1.26
CA GLU A 240 15.60 1.07 1.89
C GLU A 240 14.79 1.77 0.79
N VAL A 241 15.33 1.90 -0.41
CA VAL A 241 14.59 2.49 -1.58
C VAL A 241 13.40 1.58 -1.89
N ILE A 242 13.65 0.27 -2.03
CA ILE A 242 12.61 -0.73 -2.44
C ILE A 242 11.53 -0.82 -1.34
N LYS A 243 11.94 -0.87 -0.06
CA LYS A 243 11.00 -0.92 1.10
C LYS A 243 10.05 0.28 1.04
N LEU A 244 10.57 1.48 0.76
CA LEU A 244 9.85 2.77 0.94
C LEU A 244 9.03 3.14 -0.30
N LYS A 245 9.51 2.77 -1.49
CA LYS A 245 8.96 3.24 -2.79
C LYS A 245 8.33 2.07 -3.55
N GLY A 246 8.85 0.85 -3.38
CA GLY A 246 8.36 -0.37 -4.05
C GLY A 246 9.40 -0.93 -5.00
N TYR A 247 10.20 -0.06 -5.61
CA TYR A 247 11.20 -0.38 -6.67
C TYR A 247 12.20 0.76 -6.76
N THR A 248 13.30 0.54 -7.48
CA THR A 248 14.27 1.58 -7.89
C THR A 248 14.15 1.79 -9.41
N SER A 249 14.02 3.03 -9.86
CA SER A 249 14.00 3.42 -11.28
C SER A 249 15.12 4.44 -11.56
N TRP A 250 15.03 5.64 -10.97
CA TRP A 250 15.87 6.82 -11.32
C TRP A 250 17.35 6.47 -11.22
N ALA A 251 17.75 5.81 -10.14
CA ALA A 251 19.15 5.51 -9.80
C ALA A 251 19.80 4.66 -10.90
N ILE A 252 19.12 3.62 -11.38
CA ILE A 252 19.67 2.68 -12.40
C ILE A 252 19.59 3.38 -13.76
N GLY A 253 18.54 4.18 -13.96
CA GLY A 253 18.36 4.98 -15.19
C GLY A 253 19.60 5.80 -15.48
N LEU A 254 20.02 6.59 -14.49
CA LEU A 254 21.15 7.53 -14.63
C LEU A 254 22.48 6.76 -14.64
N SER A 255 22.59 5.68 -13.85
CA SER A 255 23.77 4.78 -13.85
C SER A 255 23.97 4.20 -15.25
N VAL A 256 22.88 3.80 -15.90
CA VAL A 256 22.94 3.23 -17.28
C VAL A 256 23.26 4.37 -18.28
N ALA A 257 22.62 5.52 -18.17
CA ALA A 257 22.88 6.70 -19.03
C ALA A 257 24.37 7.06 -18.98
N ASP A 258 24.97 7.05 -17.78
CA ASP A 258 26.43 7.28 -17.55
C ASP A 258 27.23 6.30 -18.42
N LEU A 259 26.89 5.01 -18.39
CA LEU A 259 27.61 3.95 -19.15
C LEU A 259 27.37 4.15 -20.64
N ALA A 260 26.16 4.52 -21.03
CA ALA A 260 25.76 4.77 -22.43
C ALA A 260 26.56 5.96 -22.97
N GLU A 261 26.72 7.01 -22.17
CA GLU A 261 27.49 8.23 -22.57
C GLU A 261 28.91 7.81 -22.92
N SER A 262 29.58 7.07 -22.03
CA SER A 262 30.97 6.59 -22.23
C SER A 262 31.08 5.80 -23.56
N ILE A 263 30.09 4.98 -23.87
CA ILE A 263 30.11 4.13 -25.10
C ILE A 263 29.82 5.02 -26.31
N MET A 264 28.74 5.79 -26.26
CA MET A 264 28.16 6.48 -27.44
C MET A 264 29.03 7.65 -27.85
N LYS A 265 29.68 8.31 -26.89
CA LYS A 265 30.56 9.49 -27.12
C LYS A 265 32.03 9.07 -27.00
N ASN A 266 32.32 7.77 -27.02
CA ASN A 266 33.69 7.18 -27.03
C ASN A 266 34.60 7.89 -26.01
N LEU A 267 34.16 8.06 -24.76
CA LEU A 267 34.89 8.82 -23.70
C LEU A 267 36.08 8.02 -23.14
N ARG A 268 36.14 6.72 -23.36
CA ARG A 268 37.23 5.85 -22.84
C ARG A 268 37.39 6.14 -21.34
N ARG A 269 36.26 6.14 -20.63
CA ARG A 269 36.17 6.34 -19.15
C ARG A 269 36.17 4.96 -18.49
N VAL A 270 36.53 4.95 -17.20
CA VAL A 270 36.64 3.69 -16.40
C VAL A 270 35.34 3.49 -15.60
N HIS A 271 34.68 2.37 -15.82
CA HIS A 271 33.46 1.94 -15.07
C HIS A 271 33.66 0.53 -14.54
N PRO A 272 33.24 0.26 -13.28
CA PRO A 272 33.28 -1.08 -12.73
C PRO A 272 32.03 -1.82 -13.22
N VAL A 273 32.12 -2.46 -14.40
CA VAL A 273 30.96 -3.11 -15.08
C VAL A 273 31.24 -4.62 -15.19
N SER A 274 30.17 -5.42 -15.15
CA SER A 274 30.21 -6.89 -15.34
C SER A 274 30.81 -7.18 -16.71
N THR A 275 31.92 -7.90 -16.75
CA THR A 275 32.51 -8.45 -17.99
C THR A 275 33.14 -9.81 -17.70
N MET A 276 33.33 -10.60 -18.76
CA MET A 276 33.93 -11.96 -18.73
C MET A 276 35.32 -11.86 -18.11
N ILE A 277 35.55 -12.61 -17.04
CA ILE A 277 36.68 -12.41 -16.09
C ILE A 277 37.50 -13.70 -15.94
N LYS A 278 37.22 -14.74 -16.73
CA LYS A 278 38.04 -15.98 -16.78
C LYS A 278 39.47 -15.60 -17.17
N GLY A 279 40.46 -16.04 -16.37
CA GLY A 279 41.88 -15.68 -16.55
C GLY A 279 42.40 -14.93 -15.33
N LEU A 280 41.57 -14.09 -14.72
CA LEU A 280 41.97 -13.18 -13.60
C LEU A 280 41.61 -13.83 -12.26
N TYR A 281 42.38 -13.49 -11.22
CA TYR A 281 42.11 -13.79 -9.78
C TYR A 281 41.84 -15.29 -9.60
N GLY A 282 42.56 -16.12 -10.37
CA GLY A 282 42.52 -17.59 -10.31
C GLY A 282 41.11 -18.13 -10.52
N ILE A 283 40.40 -17.58 -11.51
CA ILE A 283 39.01 -17.97 -11.87
C ILE A 283 39.06 -18.63 -13.25
N LYS A 284 38.61 -19.89 -13.36
CA LYS A 284 38.76 -20.72 -14.57
C LYS A 284 37.40 -20.90 -15.26
N ASP A 285 36.29 -20.47 -14.65
CA ASP A 285 34.93 -20.59 -15.23
C ASP A 285 34.55 -19.34 -16.03
N ASP A 286 33.63 -19.50 -16.99
CA ASP A 286 33.02 -18.40 -17.79
C ASP A 286 32.01 -17.63 -16.93
N VAL A 287 32.47 -16.85 -15.95
CA VAL A 287 31.59 -15.98 -15.11
C VAL A 287 31.90 -14.53 -15.44
N PHE A 288 30.94 -13.65 -15.17
CA PHE A 288 31.06 -12.18 -15.30
C PHE A 288 31.03 -11.56 -13.91
N LEU A 289 31.97 -10.65 -13.62
CA LEU A 289 31.97 -9.79 -12.42
C LEU A 289 32.42 -8.39 -12.81
N SER A 290 32.20 -7.43 -11.90
CA SER A 290 32.57 -6.02 -12.10
C SER A 290 34.06 -5.85 -11.78
N VAL A 291 34.87 -5.49 -12.78
CA VAL A 291 36.25 -4.95 -12.66
C VAL A 291 36.31 -3.66 -13.48
N PRO A 292 37.23 -2.73 -13.19
CA PRO A 292 37.33 -1.49 -13.95
C PRO A 292 37.59 -1.74 -15.44
N CYS A 293 36.71 -1.21 -16.30
CA CYS A 293 36.82 -1.33 -17.76
C CYS A 293 36.84 0.07 -18.38
N ILE A 294 37.66 0.26 -19.41
CA ILE A 294 37.61 1.45 -20.29
C ILE A 294 36.44 1.21 -21.24
N LEU A 295 35.39 2.03 -21.16
CA LEU A 295 34.23 1.95 -22.08
C LEU A 295 34.40 2.99 -23.20
N GLY A 296 34.28 2.52 -24.44
CA GLY A 296 34.35 3.37 -25.65
C GLY A 296 33.36 2.88 -26.68
N GLN A 297 33.50 3.33 -27.92
CA GLN A 297 32.49 3.10 -28.99
C GLN A 297 32.47 1.64 -29.41
N ASN A 298 33.44 0.82 -28.99
CA ASN A 298 33.51 -0.64 -29.30
C ASN A 298 33.27 -1.43 -28.01
N GLY A 299 32.65 -0.79 -27.01
CA GLY A 299 32.39 -1.39 -25.69
C GLY A 299 33.66 -1.40 -24.86
N ILE A 300 33.94 -2.53 -24.20
CA ILE A 300 35.10 -2.68 -23.28
C ILE A 300 36.36 -2.88 -24.14
N SER A 301 37.17 -1.83 -24.25
CA SER A 301 38.43 -1.82 -25.04
C SER A 301 39.58 -2.35 -24.19
N ASP A 302 39.53 -2.14 -22.87
CA ASP A 302 40.63 -2.47 -21.92
C ASP A 302 40.05 -2.80 -20.55
N LEU A 303 40.71 -3.68 -19.79
CA LEU A 303 40.54 -3.85 -18.32
C LEU A 303 41.73 -3.17 -17.62
N VAL A 304 41.50 -2.69 -16.41
CA VAL A 304 42.61 -2.26 -15.51
C VAL A 304 42.83 -3.39 -14.50
N LYS A 305 44.02 -3.99 -14.52
CA LYS A 305 44.40 -5.14 -13.65
C LYS A 305 44.65 -4.58 -12.25
N VAL A 306 43.63 -4.65 -11.40
CA VAL A 306 43.67 -4.17 -10.00
C VAL A 306 44.37 -5.24 -9.18
N THR A 307 45.37 -4.85 -8.38
CA THR A 307 46.04 -5.74 -7.40
C THR A 307 45.13 -5.84 -6.17
N LEU A 308 44.68 -7.05 -5.86
CA LEU A 308 43.73 -7.37 -4.75
C LEU A 308 44.49 -8.18 -3.70
N THR A 309 44.14 -8.03 -2.42
CA THR A 309 44.70 -8.86 -1.32
C THR A 309 44.22 -10.29 -1.55
N SER A 310 44.66 -11.25 -0.73
CA SER A 310 44.19 -12.67 -0.81
C SER A 310 42.75 -12.74 -0.28
N GLU A 311 42.37 -11.90 0.70
CA GLU A 311 40.99 -11.74 1.23
C GLU A 311 40.04 -11.31 0.10
N GLU A 312 40.35 -10.18 -0.54
CA GLU A 312 39.58 -9.61 -1.69
C GLU A 312 39.46 -10.68 -2.79
N GLU A 313 40.59 -11.27 -3.19
CA GLU A 313 40.69 -12.32 -4.27
C GLU A 313 39.80 -13.53 -3.92
N ALA A 314 39.76 -13.95 -2.66
CA ALA A 314 38.97 -15.09 -2.16
C ALA A 314 37.47 -14.76 -2.22
N ARG A 315 37.11 -13.53 -1.82
CA ARG A 315 35.70 -13.06 -1.79
C ARG A 315 35.13 -13.05 -3.22
N LEU A 316 35.96 -12.68 -4.21
CA LEU A 316 35.61 -12.73 -5.66
C LEU A 316 35.47 -14.19 -6.09
N LYS A 317 36.53 -14.98 -5.86
CA LYS A 317 36.59 -16.43 -6.19
C LYS A 317 35.32 -17.11 -5.66
N LYS A 318 34.89 -16.79 -4.44
CA LYS A 318 33.69 -17.38 -3.79
C LYS A 318 32.43 -16.99 -4.58
N SER A 319 32.33 -15.73 -5.01
CA SER A 319 31.23 -15.22 -5.86
C SER A 319 31.22 -15.96 -7.20
N ALA A 320 32.38 -16.12 -7.84
CA ALA A 320 32.54 -16.82 -9.13
C ALA A 320 32.04 -18.27 -9.02
N ASP A 321 32.27 -18.91 -7.87
CA ASP A 321 31.83 -20.30 -7.60
C ASP A 321 30.29 -20.31 -7.53
N THR A 322 29.71 -19.54 -6.61
CA THR A 322 28.24 -19.38 -6.44
C THR A 322 27.58 -19.16 -7.82
N LEU A 323 28.14 -18.27 -8.64
CA LEU A 323 27.57 -17.87 -9.95
C LEU A 323 27.67 -19.02 -10.95
N TRP A 324 28.82 -19.69 -11.04
CA TRP A 324 28.96 -20.87 -11.94
C TRP A 324 28.03 -21.98 -11.43
N GLY A 325 27.85 -22.05 -10.11
CA GLY A 325 26.92 -22.98 -9.42
C GLY A 325 25.52 -22.92 -10.01
N ILE A 326 25.06 -21.72 -10.36
CA ILE A 326 23.73 -21.49 -10.97
C ILE A 326 23.85 -21.61 -12.49
N GLN A 327 24.90 -21.03 -13.10
CA GLN A 327 25.04 -20.95 -14.57
C GLN A 327 25.01 -22.37 -15.16
N LYS A 328 25.66 -23.35 -14.50
CA LYS A 328 25.83 -24.72 -15.03
C LYS A 328 24.49 -25.46 -15.05
N GLU A 329 23.52 -25.03 -14.24
CA GLU A 329 22.17 -25.65 -14.10
C GLU A 329 21.18 -25.09 -15.14
N LEU A 330 21.53 -23.99 -15.82
CA LEU A 330 20.60 -23.29 -16.75
C LEU A 330 20.49 -24.09 -18.05
N GLN A 331 19.30 -24.14 -18.64
CA GLN A 331 19.02 -24.84 -19.91
C GLN A 331 18.88 -23.78 -21.02
N PHE A 332 19.80 -23.81 -21.99
CA PHE A 332 19.73 -23.04 -23.26
C PHE A 332 19.33 -24.03 -24.36
N ALA B 2 44.91 11.58 15.55
CA ALA B 2 44.53 12.52 14.42
C ALA B 2 43.73 11.74 13.36
N THR B 3 42.51 12.20 13.04
CA THR B 3 41.56 11.51 12.13
C THR B 3 42.14 11.45 10.71
N LEU B 4 41.56 10.59 9.87
CA LEU B 4 41.97 10.43 8.45
C LEU B 4 41.58 11.71 7.69
N LYS B 5 40.40 12.25 7.96
CA LYS B 5 39.94 13.53 7.38
C LYS B 5 41.01 14.60 7.62
N ASP B 6 41.52 14.73 8.86
CA ASP B 6 42.42 15.83 9.27
C ASP B 6 43.82 15.60 8.71
N GLN B 7 44.22 14.34 8.53
CA GLN B 7 45.54 13.95 7.96
C GLN B 7 45.60 14.28 6.46
N LEU B 8 44.44 14.26 5.77
CA LEU B 8 44.32 14.33 4.29
C LEU B 8 44.00 15.75 3.81
N ILE B 9 43.17 16.47 4.56
CA ILE B 9 42.51 17.75 4.13
C ILE B 9 42.79 18.84 5.18
N TYR B 10 43.53 19.89 4.79
CA TYR B 10 43.62 21.16 5.54
C TYR B 10 42.53 22.10 5.04
N ASN B 11 41.55 22.42 5.88
CA ASN B 11 40.35 23.23 5.53
C ASN B 11 40.64 24.71 5.81
N LEU B 12 40.14 25.61 4.94
CA LEU B 12 40.32 27.09 5.04
C LEU B 12 38.98 27.78 5.31
N LEU B 13 37.82 27.18 4.96
CA LEU B 13 36.53 27.90 4.82
C LEU B 13 35.33 27.06 5.27
N LYS B 14 34.13 27.67 5.31
CA LYS B 14 32.82 27.00 5.59
C LYS B 14 31.65 27.88 5.15
N THR B 18 24.29 28.42 1.78
CA THR B 18 22.93 28.85 1.36
C THR B 18 22.76 28.71 -0.14
N PRO B 19 21.71 28.01 -0.63
CA PRO B 19 21.48 27.86 -2.07
C PRO B 19 20.90 29.11 -2.73
N GLN B 20 21.24 29.34 -4.00
CA GLN B 20 20.88 30.56 -4.77
C GLN B 20 19.85 30.20 -5.85
N ASN B 21 19.72 28.91 -6.15
CA ASN B 21 18.84 28.40 -7.25
C ASN B 21 18.10 27.15 -6.77
N LYS B 22 17.33 27.29 -5.69
CA LYS B 22 16.52 26.17 -5.11
C LYS B 22 15.20 26.05 -5.86
N ILE B 23 14.82 24.83 -6.24
CA ILE B 23 13.49 24.50 -6.83
C ILE B 23 12.78 23.51 -5.92
N THR B 24 11.51 23.76 -5.59
CA THR B 24 10.60 22.81 -4.90
C THR B 24 9.61 22.24 -5.90
N VAL B 25 9.47 20.92 -5.92
CA VAL B 25 8.34 20.22 -6.60
C VAL B 25 7.38 19.72 -5.52
N VAL B 26 6.14 20.20 -5.54
CA VAL B 26 5.03 19.76 -4.65
C VAL B 26 4.21 18.70 -5.38
N GLY B 27 4.20 17.50 -4.83
CA GLY B 27 3.60 16.29 -5.42
C GLY B 27 4.65 15.43 -6.10
N VAL B 28 4.78 14.17 -5.69
CA VAL B 28 5.77 13.22 -6.28
C VAL B 28 5.01 12.03 -6.88
N GLY B 29 3.86 12.33 -7.50
CA GLY B 29 3.20 11.41 -8.43
C GLY B 29 3.99 11.31 -9.72
N ALA B 30 3.45 10.63 -10.72
CA ALA B 30 4.09 10.44 -12.04
C ALA B 30 4.62 11.79 -12.55
N VAL B 31 3.74 12.80 -12.56
CA VAL B 31 4.02 14.14 -13.14
C VAL B 31 5.11 14.83 -12.31
N GLY B 32 4.92 14.96 -11.00
CA GLY B 32 5.92 15.55 -10.09
C GLY B 32 7.31 15.01 -10.36
N MET B 33 7.48 13.68 -10.35
CA MET B 33 8.80 13.04 -10.48
C MET B 33 9.34 13.24 -11.89
N ALA B 34 8.47 13.25 -12.91
CA ALA B 34 8.90 13.53 -14.29
C ALA B 34 9.47 14.96 -14.35
N CYS B 35 8.80 15.92 -13.70
CA CYS B 35 9.30 17.31 -13.55
C CYS B 35 10.67 17.27 -12.88
N ALA B 36 10.76 16.61 -11.72
CA ALA B 36 11.96 16.53 -10.86
C ALA B 36 13.16 16.00 -11.68
N ILE B 37 13.02 14.81 -12.27
CA ILE B 37 14.13 14.16 -13.03
C ILE B 37 14.53 15.08 -14.19
N SER B 38 13.55 15.65 -14.91
CA SER B 38 13.78 16.52 -16.08
C SER B 38 14.50 17.82 -15.65
N ILE B 39 14.25 18.30 -14.44
CA ILE B 39 14.91 19.51 -13.88
C ILE B 39 16.33 19.19 -13.42
N LEU B 40 16.52 18.05 -12.74
CA LEU B 40 17.87 17.57 -12.36
C LEU B 40 18.78 17.58 -13.58
N MET B 41 18.30 17.00 -14.67
CA MET B 41 19.13 16.63 -15.83
C MET B 41 19.40 17.82 -16.72
N LYS B 42 18.72 18.94 -16.51
CA LYS B 42 19.05 20.25 -17.13
C LYS B 42 19.98 21.02 -16.19
N ASP B 43 20.41 20.42 -15.09
CA ASP B 43 21.24 21.06 -14.04
C ASP B 43 20.75 22.51 -13.87
N LEU B 44 19.52 22.70 -13.37
CA LEU B 44 18.91 24.06 -13.17
C LEU B 44 19.12 24.53 -11.75
N ALA B 45 19.28 23.60 -10.81
CA ALA B 45 19.10 23.89 -9.37
C ALA B 45 20.30 23.37 -8.59
N ASP B 46 20.71 24.12 -7.56
CA ASP B 46 21.73 23.69 -6.57
C ASP B 46 21.02 23.02 -5.39
N GLU B 47 19.73 23.28 -5.17
CA GLU B 47 18.91 22.52 -4.18
C GLU B 47 17.56 22.18 -4.80
N LEU B 48 17.14 20.93 -4.62
CA LEU B 48 15.84 20.39 -5.07
C LEU B 48 15.11 19.84 -3.85
N ALA B 49 13.89 20.31 -3.61
CA ALA B 49 13.04 19.91 -2.47
C ALA B 49 11.76 19.24 -2.99
N LEU B 50 11.48 18.03 -2.53
CA LEU B 50 10.25 17.25 -2.85
C LEU B 50 9.29 17.29 -1.63
N VAL B 51 8.02 17.57 -1.87
CA VAL B 51 6.96 17.63 -0.83
C VAL B 51 5.73 16.84 -1.30
N ASP B 52 5.29 15.88 -0.51
CA ASP B 52 4.00 15.15 -0.66
C ASP B 52 3.58 14.70 0.74
N VAL B 53 2.45 14.02 0.85
CA VAL B 53 1.77 13.72 2.16
C VAL B 53 2.02 12.26 2.56
N ILE B 54 2.16 11.36 1.59
CA ILE B 54 2.54 9.93 1.83
C ILE B 54 4.05 9.92 2.13
N GLU B 55 4.43 9.79 3.41
CA GLU B 55 5.81 10.07 3.90
C GLU B 55 6.81 9.00 3.44
N ASP B 56 6.43 7.72 3.50
CA ASP B 56 7.35 6.60 3.19
C ASP B 56 7.68 6.63 1.70
N LYS B 57 6.69 6.88 0.84
CA LYS B 57 6.84 6.95 -0.64
C LYS B 57 7.71 8.17 -0.99
N LEU B 58 7.47 9.30 -0.35
CA LEU B 58 8.24 10.56 -0.58
C LEU B 58 9.72 10.27 -0.40
N LYS B 59 10.09 9.71 0.75
CA LYS B 59 11.51 9.49 1.14
C LYS B 59 12.16 8.52 0.14
N GLY B 60 11.40 7.58 -0.41
CA GLY B 60 11.94 6.62 -1.40
C GLY B 60 12.25 7.30 -2.71
N GLU B 61 11.37 8.19 -3.17
CA GLU B 61 11.58 8.95 -4.43
C GLU B 61 12.80 9.86 -4.25
N MET B 62 12.89 10.55 -3.12
CA MET B 62 14.06 11.37 -2.76
C MET B 62 15.33 10.52 -2.86
N MET B 63 15.39 9.38 -2.18
CA MET B 63 16.61 8.53 -2.13
C MET B 63 16.97 8.04 -3.53
N ASP B 64 15.99 7.59 -4.32
CA ASP B 64 16.22 7.02 -5.67
C ASP B 64 16.81 8.12 -6.55
N LEU B 65 16.27 9.34 -6.43
CA LEU B 65 16.70 10.52 -7.20
C LEU B 65 18.11 10.95 -6.75
N GLN B 66 18.31 11.04 -5.44
CA GLN B 66 19.65 11.26 -4.81
C GLN B 66 20.68 10.35 -5.49
N HIS B 67 20.42 9.05 -5.51
CA HIS B 67 21.40 8.03 -5.94
C HIS B 67 21.75 8.24 -7.42
N GLY B 68 20.74 8.51 -8.24
CA GLY B 68 20.94 8.79 -9.67
C GLY B 68 21.72 10.08 -9.88
N SER B 69 21.47 11.08 -9.04
CA SER B 69 22.03 12.45 -9.17
C SER B 69 23.55 12.43 -8.96
N LEU B 70 24.09 11.30 -8.49
CA LEU B 70 25.55 11.11 -8.33
C LEU B 70 26.25 11.13 -9.69
N PHE B 71 25.50 10.98 -10.79
CA PHE B 71 26.04 10.96 -12.18
C PHE B 71 25.79 12.30 -12.90
N LEU B 72 25.50 13.36 -12.13
CA LEU B 72 25.22 14.73 -12.63
C LEU B 72 26.04 15.72 -11.81
N ARG B 73 25.89 17.01 -12.13
CA ARG B 73 26.29 18.12 -11.23
C ARG B 73 25.34 18.04 -10.02
N THR B 74 25.68 17.20 -9.06
CA THR B 74 24.80 16.79 -7.92
C THR B 74 24.38 18.01 -7.10
N PRO B 75 23.07 18.32 -7.04
CA PRO B 75 22.58 19.33 -6.12
C PRO B 75 22.30 18.69 -4.75
N LYS B 76 21.96 19.52 -3.77
CA LYS B 76 21.32 19.06 -2.52
C LYS B 76 19.91 18.63 -2.90
N ILE B 77 19.47 17.50 -2.38
CA ILE B 77 18.09 16.95 -2.62
C ILE B 77 17.51 16.57 -1.26
N VAL B 78 16.40 17.22 -0.89
CA VAL B 78 15.72 17.05 0.43
C VAL B 78 14.24 16.77 0.17
N SER B 79 13.53 16.30 1.19
CA SER B 79 12.08 15.98 1.14
C SER B 79 11.47 16.02 2.54
N GLY B 80 10.16 16.27 2.61
CA GLY B 80 9.42 16.30 3.89
C GLY B 80 7.94 16.53 3.64
N LYS B 81 7.11 16.11 4.60
CA LYS B 81 5.68 16.47 4.67
C LYS B 81 5.60 17.95 5.06
N ASP B 82 6.53 18.42 5.90
CA ASP B 82 6.58 19.81 6.43
C ASP B 82 7.25 20.71 5.39
N TYR B 83 6.66 21.89 5.14
CA TYR B 83 7.06 22.81 4.04
C TYR B 83 8.34 23.58 4.41
N ASN B 84 8.86 23.39 5.61
CA ASN B 84 10.09 24.10 6.09
C ASN B 84 11.29 23.67 5.22
N VAL B 85 11.22 22.50 4.57
CA VAL B 85 12.30 22.02 3.65
C VAL B 85 12.23 22.78 2.32
N THR B 86 11.21 23.63 2.08
CA THR B 86 11.07 24.38 0.81
C THR B 86 11.60 25.82 0.95
N ALA B 87 12.22 26.15 2.08
CA ALA B 87 12.66 27.53 2.42
C ALA B 87 13.61 28.08 1.34
N ASN B 88 13.43 29.35 0.96
CA ASN B 88 14.29 30.10 0.00
C ASN B 88 14.28 29.43 -1.37
N SER B 89 13.13 28.94 -1.82
CA SER B 89 12.98 28.40 -3.19
C SER B 89 12.86 29.58 -4.15
N LYS B 90 13.60 29.56 -5.25
CA LYS B 90 13.50 30.59 -6.31
C LYS B 90 12.25 30.23 -7.13
N LEU B 91 11.95 28.94 -7.28
CA LEU B 91 10.81 28.43 -8.09
C LEU B 91 10.13 27.27 -7.35
N VAL B 92 8.80 27.30 -7.26
CA VAL B 92 8.00 26.19 -6.67
C VAL B 92 6.99 25.71 -7.72
N ILE B 93 7.08 24.43 -8.06
CA ILE B 93 6.20 23.74 -9.04
C ILE B 93 5.12 22.95 -8.28
N ILE B 94 3.86 23.34 -8.42
CA ILE B 94 2.69 22.67 -7.80
C ILE B 94 2.15 21.66 -8.81
N THR B 95 2.23 20.36 -8.49
CA THR B 95 1.60 19.25 -9.25
C THR B 95 0.46 18.62 -8.45
N ALA B 96 0.41 18.83 -7.14
CA ALA B 96 -0.67 18.31 -6.24
C ALA B 96 -2.04 18.75 -6.76
N GLY B 97 -3.03 17.89 -6.65
CA GLY B 97 -4.46 18.27 -6.81
C GLY B 97 -5.37 17.06 -6.64
N ALA B 98 -6.65 17.23 -6.90
CA ALA B 98 -7.66 16.15 -6.82
C ALA B 98 -8.02 15.75 -8.24
N ARG B 99 -8.20 14.45 -8.49
CA ARG B 99 -8.77 13.94 -9.76
C ARG B 99 -10.29 13.83 -9.58
N GLN B 100 -11.06 14.21 -10.60
CA GLN B 100 -12.55 14.19 -10.64
C GLN B 100 -13.03 12.75 -10.39
N GLN B 101 -13.84 12.54 -9.34
CA GLN B 101 -14.54 11.26 -9.03
C GLN B 101 -15.75 11.11 -9.95
N GLU B 102 -16.30 9.90 -10.10
CA GLU B 102 -17.47 9.63 -10.97
C GLU B 102 -18.70 10.37 -10.43
N GLY B 103 -19.36 11.14 -11.30
CA GLY B 103 -20.59 11.89 -10.98
C GLY B 103 -20.32 13.19 -10.25
N GLU B 104 -19.04 13.55 -10.01
CA GLU B 104 -18.65 14.84 -9.39
C GLU B 104 -18.75 15.96 -10.43
N SER B 105 -19.31 17.10 -10.06
CA SER B 105 -19.45 18.30 -10.91
C SER B 105 -18.08 18.96 -11.11
N ARG B 106 -17.89 19.59 -12.26
CA ARG B 106 -16.69 20.40 -12.58
C ARG B 106 -16.45 21.37 -11.40
N LEU B 107 -17.47 22.14 -11.01
CA LEU B 107 -17.35 23.17 -9.93
C LEU B 107 -16.86 22.50 -8.64
N ASN B 108 -17.35 21.30 -8.33
CA ASN B 108 -17.07 20.65 -7.04
C ASN B 108 -15.59 20.24 -6.97
N LEU B 109 -15.07 19.69 -8.08
CA LEU B 109 -13.66 19.30 -8.26
C LEU B 109 -12.75 20.51 -8.00
N VAL B 110 -13.04 21.63 -8.68
CA VAL B 110 -12.22 22.85 -8.57
C VAL B 110 -12.20 23.29 -7.10
N GLN B 111 -13.34 23.23 -6.41
CA GLN B 111 -13.45 23.68 -5.00
C GLN B 111 -12.60 22.77 -4.09
N ARG B 112 -12.52 21.47 -4.42
CA ARG B 112 -11.67 20.53 -3.64
C ARG B 112 -10.21 20.87 -3.90
N ASN B 113 -9.83 21.17 -5.16
CA ASN B 113 -8.49 21.67 -5.51
C ASN B 113 -8.23 22.97 -4.75
N VAL B 114 -9.20 23.88 -4.71
CA VAL B 114 -9.08 25.16 -3.96
C VAL B 114 -8.75 24.85 -2.50
N ASN B 115 -9.46 23.91 -1.89
CA ASN B 115 -9.33 23.62 -0.44
C ASN B 115 -7.93 23.03 -0.18
N ILE B 116 -7.36 22.31 -1.15
CA ILE B 116 -5.97 21.76 -1.07
C ILE B 116 -4.97 22.92 -1.15
N PHE B 117 -5.13 23.79 -2.16
CA PHE B 117 -4.23 24.95 -2.40
C PHE B 117 -4.29 25.89 -1.18
N LYS B 118 -5.39 25.88 -0.42
CA LYS B 118 -5.55 26.72 0.80
C LYS B 118 -4.63 26.21 1.92
N PHE B 119 -4.15 24.95 1.84
CA PHE B 119 -3.11 24.38 2.75
C PHE B 119 -1.71 24.60 2.15
N ILE B 120 -1.57 24.33 0.85
CA ILE B 120 -0.25 24.31 0.14
C ILE B 120 0.29 25.74 0.00
N ILE B 121 -0.44 26.62 -0.70
CA ILE B 121 0.09 27.93 -1.18
C ILE B 121 0.54 28.76 0.02
N PRO B 122 -0.24 28.92 1.11
CA PRO B 122 0.19 29.71 2.27
C PRO B 122 1.48 29.19 2.93
N ASN B 123 1.65 27.86 2.96
CA ASN B 123 2.87 27.20 3.48
C ASN B 123 4.05 27.48 2.55
N VAL B 124 3.85 27.39 1.23
CA VAL B 124 4.91 27.67 0.22
C VAL B 124 5.42 29.10 0.43
N VAL B 125 4.47 30.05 0.50
CA VAL B 125 4.67 31.53 0.62
C VAL B 125 5.34 31.84 1.96
N LYS B 126 4.86 31.23 3.05
CA LYS B 126 5.47 31.41 4.39
C LYS B 126 6.99 31.27 4.28
N TYR B 127 7.47 30.22 3.59
CA TYR B 127 8.89 29.78 3.63
C TYR B 127 9.69 30.30 2.41
N SER B 128 9.04 30.66 1.30
CA SER B 128 9.69 31.17 0.07
C SER B 128 8.90 32.35 -0.48
N PRO B 129 8.86 33.49 0.24
CA PRO B 129 7.96 34.58 -0.11
C PRO B 129 8.26 35.28 -1.45
N ASN B 130 9.47 35.15 -2.00
CA ASN B 130 9.89 35.82 -3.27
C ASN B 130 10.01 34.81 -4.41
N CYS B 131 9.45 33.61 -4.24
CA CYS B 131 9.50 32.53 -5.27
C CYS B 131 8.62 32.89 -6.48
N LYS B 132 8.81 32.18 -7.58
CA LYS B 132 7.84 32.09 -8.71
C LYS B 132 7.03 30.80 -8.53
N LEU B 133 5.71 30.88 -8.69
CA LEU B 133 4.80 29.72 -8.66
C LEU B 133 4.54 29.26 -10.08
N LEU B 134 4.88 28.01 -10.38
CA LEU B 134 4.56 27.34 -11.66
C LEU B 134 3.52 26.25 -11.36
N ILE B 135 2.30 26.43 -11.88
CA ILE B 135 1.13 25.55 -11.61
C ILE B 135 0.99 24.56 -12.77
N VAL B 136 0.98 23.27 -12.44
CA VAL B 136 0.88 22.15 -13.42
C VAL B 136 -0.47 21.42 -13.23
N SER B 137 -0.94 21.32 -11.99
CA SER B 137 -2.26 20.72 -11.60
C SER B 137 -3.36 21.13 -12.57
N ASN B 138 -4.22 20.20 -13.01
CA ASN B 138 -5.39 20.49 -13.89
C ASN B 138 -6.65 20.67 -13.04
N PRO B 139 -7.65 21.48 -13.48
CA PRO B 139 -7.58 22.28 -14.70
C PRO B 139 -6.75 23.56 -14.49
N VAL B 140 -5.72 23.74 -15.32
CA VAL B 140 -4.53 24.55 -14.98
C VAL B 140 -4.86 26.04 -15.00
N ASP B 141 -5.71 26.48 -15.93
CA ASP B 141 -6.04 27.93 -16.10
C ASP B 141 -6.77 28.43 -14.85
N ILE B 142 -7.60 27.60 -14.22
CA ILE B 142 -8.39 27.98 -13.01
C ILE B 142 -7.47 27.89 -11.78
N LEU B 143 -6.68 26.83 -11.69
CA LEU B 143 -5.84 26.57 -10.49
C LEU B 143 -4.68 27.58 -10.43
N THR B 144 -4.28 28.14 -11.56
CA THR B 144 -3.31 29.27 -11.60
C THR B 144 -3.99 30.48 -10.94
N TYR B 145 -5.20 30.84 -11.36
CA TYR B 145 -6.03 31.88 -10.71
C TYR B 145 -6.10 31.61 -9.20
N VAL B 146 -6.36 30.37 -8.82
CA VAL B 146 -6.54 29.98 -7.38
C VAL B 146 -5.26 30.30 -6.61
N ALA B 147 -4.10 29.90 -7.15
CA ALA B 147 -2.77 30.09 -6.53
C ALA B 147 -2.44 31.58 -6.46
N TRP B 148 -2.82 32.35 -7.49
CA TRP B 148 -2.64 33.82 -7.54
C TRP B 148 -3.39 34.48 -6.39
N LYS B 149 -4.67 34.11 -6.21
CA LYS B 149 -5.56 34.71 -5.19
C LYS B 149 -5.02 34.37 -3.80
N ILE B 150 -4.72 33.11 -3.54
CA ILE B 150 -4.33 32.63 -2.19
C ILE B 150 -2.97 33.22 -1.82
N SER B 151 -2.05 33.31 -2.77
CA SER B 151 -0.63 33.73 -2.56
C SER B 151 -0.54 35.24 -2.33
N GLY B 152 -1.42 36.00 -2.98
CA GLY B 152 -1.36 37.48 -3.04
C GLY B 152 -0.11 37.95 -3.76
N PHE B 153 0.50 37.07 -4.56
CA PHE B 153 1.68 37.38 -5.39
C PHE B 153 1.25 38.28 -6.54
N PRO B 154 2.17 39.09 -7.08
CA PRO B 154 1.90 39.84 -8.29
C PRO B 154 1.78 38.88 -9.48
N LYS B 155 1.09 39.30 -10.54
CA LYS B 155 0.67 38.41 -11.65
C LYS B 155 1.91 37.81 -12.37
N ASN B 156 3.07 38.44 -12.23
CA ASN B 156 4.34 38.05 -12.91
C ASN B 156 4.94 36.80 -12.28
N ARG B 157 4.66 36.53 -11.01
CA ARG B 157 5.29 35.42 -10.24
C ARG B 157 4.30 34.26 -10.11
N VAL B 158 3.23 34.23 -10.91
CA VAL B 158 2.27 33.10 -10.95
C VAL B 158 1.96 32.75 -12.40
N ILE B 159 2.38 31.54 -12.81
CA ILE B 159 2.45 31.04 -14.19
C ILE B 159 1.82 29.65 -14.20
N GLY B 160 1.07 29.31 -15.25
CA GLY B 160 0.53 27.95 -15.45
C GLY B 160 1.19 27.28 -16.64
N SER B 161 1.48 25.99 -16.52
CA SER B 161 2.04 25.13 -17.60
C SER B 161 1.36 25.46 -18.94
N GLY B 162 0.08 25.81 -18.89
CA GLY B 162 -0.68 26.36 -20.03
C GLY B 162 -0.56 25.50 -21.29
N CYS B 163 -0.40 26.15 -22.43
CA CYS B 163 -0.41 25.53 -23.77
C CYS B 163 1.01 25.38 -24.30
N ASN B 164 2.02 25.40 -23.41
CA ASN B 164 3.45 25.22 -23.80
C ASN B 164 3.59 23.91 -24.56
N LEU B 165 3.06 22.81 -24.02
CA LEU B 165 3.18 21.46 -24.61
C LEU B 165 2.30 21.33 -25.86
N ASP B 166 1.07 21.85 -25.82
CA ASP B 166 0.13 21.74 -26.98
C ASP B 166 0.76 22.46 -28.19
N SER B 167 1.38 23.62 -27.96
CA SER B 167 2.06 24.45 -29.02
C SER B 167 3.24 23.67 -29.61
N ALA B 168 4.06 23.04 -28.78
CA ALA B 168 5.17 22.16 -29.23
C ALA B 168 4.61 21.10 -30.17
N ARG B 169 3.52 20.45 -29.75
CA ARG B 169 2.86 19.33 -30.49
C ARG B 169 2.38 19.85 -31.83
N PHE B 170 1.75 21.03 -31.83
CA PHE B 170 1.23 21.69 -33.04
C PHE B 170 2.36 21.86 -34.04
N ARG B 171 3.45 22.49 -33.58
CA ARG B 171 4.66 22.81 -34.39
C ARG B 171 5.24 21.51 -34.94
N TYR B 172 5.17 20.39 -34.23
CA TYR B 172 5.71 19.11 -34.75
C TYR B 172 4.96 18.75 -36.05
N LEU B 173 3.63 18.78 -36.00
CA LEU B 173 2.76 18.36 -37.14
C LEU B 173 2.88 19.37 -38.27
N MET B 174 2.90 20.66 -37.92
CA MET B 174 3.24 21.76 -38.85
C MET B 174 4.51 21.40 -39.62
N GLY B 175 5.55 20.99 -38.91
CA GLY B 175 6.85 20.61 -39.49
C GLY B 175 6.71 19.43 -40.44
N GLU B 176 6.07 18.36 -39.98
CA GLU B 176 5.86 17.11 -40.76
C GLU B 176 5.18 17.46 -42.09
N ARG B 177 4.24 18.41 -42.09
CA ARG B 177 3.45 18.80 -43.29
C ARG B 177 4.27 19.63 -44.27
N LEU B 178 5.18 20.49 -43.79
CA LEU B 178 6.00 21.38 -44.64
C LEU B 178 7.34 20.74 -44.98
N GLY B 179 7.70 19.61 -44.36
CA GLY B 179 9.01 18.95 -44.52
C GLY B 179 10.13 19.84 -43.98
N VAL B 180 9.95 20.30 -42.75
CA VAL B 180 10.78 21.31 -42.03
C VAL B 180 10.92 20.83 -40.58
N HIS B 181 12.10 20.98 -39.97
CA HIS B 181 12.32 20.62 -38.54
C HIS B 181 11.36 21.43 -37.68
N PRO B 182 10.65 20.79 -36.72
CA PRO B 182 9.77 21.50 -35.80
C PRO B 182 10.31 22.82 -35.22
N LEU B 183 11.62 22.93 -34.97
CA LEU B 183 12.26 24.09 -34.30
C LEU B 183 12.40 25.25 -35.29
N SER B 184 12.28 24.98 -36.60
CA SER B 184 12.30 25.98 -37.70
C SER B 184 10.88 26.49 -37.98
N CYS B 185 9.85 25.82 -37.43
CA CYS B 185 8.43 26.23 -37.49
C CYS B 185 8.09 27.09 -36.26
N HIS B 186 7.25 28.10 -36.46
CA HIS B 186 6.69 28.98 -35.40
C HIS B 186 5.16 28.94 -35.51
N GLY B 187 4.47 29.07 -34.38
CA GLY B 187 3.01 28.92 -34.30
C GLY B 187 2.61 28.61 -32.87
N TRP B 188 1.60 29.31 -32.37
CA TRP B 188 1.10 29.18 -30.98
C TRP B 188 -0.26 28.46 -30.96
N VAL B 189 -0.56 27.84 -29.83
CA VAL B 189 -1.92 27.41 -29.42
C VAL B 189 -2.20 28.16 -28.12
N LEU B 190 -3.16 29.08 -28.11
CA LEU B 190 -3.46 30.00 -26.98
C LEU B 190 -4.82 29.69 -26.37
N GLY B 191 -5.08 30.26 -25.19
CA GLY B 191 -6.40 30.25 -24.53
C GLY B 191 -6.50 29.17 -23.47
N GLU B 192 -7.68 28.57 -23.36
CA GLU B 192 -7.97 27.51 -22.37
C GLU B 192 -7.21 26.25 -22.78
N HIS B 193 -6.42 25.68 -21.87
CA HIS B 193 -5.67 24.42 -22.05
C HIS B 193 -6.64 23.32 -22.48
N GLY B 194 -6.40 22.71 -23.67
CA GLY B 194 -7.09 21.50 -24.16
C GLY B 194 -8.45 21.80 -24.76
N ASP B 195 -8.75 21.22 -25.94
CA ASP B 195 -10.09 21.18 -26.60
C ASP B 195 -10.47 22.58 -27.12
N SER B 196 -10.64 23.55 -26.22
CA SER B 196 -11.07 24.95 -26.51
C SER B 196 -9.90 25.82 -26.96
N SER B 197 -8.67 25.30 -26.90
CA SER B 197 -7.43 26.03 -27.28
C SER B 197 -7.52 26.46 -28.75
N VAL B 198 -6.96 27.62 -29.06
CA VAL B 198 -7.08 28.31 -30.38
C VAL B 198 -5.75 28.25 -31.12
N PRO B 199 -5.66 27.49 -32.24
CA PRO B 199 -4.53 27.64 -33.14
C PRO B 199 -4.55 29.04 -33.78
N VAL B 200 -3.46 29.80 -33.62
CA VAL B 200 -3.33 31.20 -34.14
C VAL B 200 -2.62 31.15 -35.50
N TRP B 201 -3.39 31.01 -36.57
CA TRP B 201 -2.95 30.87 -37.98
C TRP B 201 -2.22 32.12 -38.46
N SER B 202 -2.66 33.31 -38.01
CA SER B 202 -2.08 34.61 -38.44
C SER B 202 -0.55 34.57 -38.25
N GLY B 203 -0.09 34.13 -37.07
CA GLY B 203 1.33 34.15 -36.68
C GLY B 203 2.05 32.83 -36.90
N MET B 204 1.65 32.01 -37.89
CA MET B 204 2.36 30.74 -38.22
C MET B 204 3.21 30.96 -39.47
N ASN B 205 4.51 30.75 -39.33
CA ASN B 205 5.54 31.09 -40.35
C ASN B 205 6.68 30.07 -40.30
N VAL B 206 7.47 30.04 -41.38
CA VAL B 206 8.82 29.42 -41.41
C VAL B 206 9.78 30.49 -41.93
N ALA B 207 10.81 30.83 -41.15
CA ALA B 207 11.83 31.82 -41.54
C ALA B 207 11.15 33.16 -41.85
N GLY B 208 10.02 33.46 -41.19
CA GLY B 208 9.32 34.75 -41.29
C GLY B 208 8.39 34.84 -42.49
N VAL B 209 8.30 33.79 -43.32
CA VAL B 209 7.32 33.69 -44.44
C VAL B 209 5.99 33.20 -43.88
N SER B 210 5.00 34.09 -43.73
CA SER B 210 3.68 33.77 -43.14
C SER B 210 2.95 32.74 -44.02
N LEU B 211 2.45 31.67 -43.41
CA LEU B 211 1.64 30.61 -44.08
C LEU B 211 0.28 31.20 -44.48
N LYS B 212 -0.33 32.01 -43.60
CA LYS B 212 -1.60 32.76 -43.88
C LYS B 212 -1.47 33.53 -45.20
N THR B 213 -0.35 34.23 -45.41
CA THR B 213 -0.05 35.03 -46.64
C THR B 213 -0.05 34.13 -47.88
N LEU B 214 0.58 32.95 -47.83
CA LEU B 214 0.77 32.08 -49.02
C LEU B 214 -0.53 31.32 -49.35
N HIS B 215 -1.39 31.09 -48.34
CA HIS B 215 -2.56 30.18 -48.40
C HIS B 215 -3.69 30.76 -47.55
N PRO B 216 -4.32 31.88 -47.98
CA PRO B 216 -5.15 32.69 -47.08
C PRO B 216 -6.35 31.92 -46.50
N ASP B 217 -6.71 30.78 -47.10
CA ASP B 217 -7.76 29.86 -46.59
C ASP B 217 -7.11 28.81 -45.68
N LEU B 218 -6.35 29.23 -44.67
CA LEU B 218 -5.57 28.28 -43.82
C LEU B 218 -6.49 27.71 -42.72
N GLY B 219 -6.93 28.53 -41.77
CA GLY B 219 -7.71 28.05 -40.61
C GLY B 219 -9.10 27.53 -40.99
N THR B 220 -9.61 27.96 -42.15
CA THR B 220 -11.03 27.89 -42.57
C THR B 220 -11.46 26.45 -42.93
N ASP B 221 -12.77 26.25 -43.12
CA ASP B 221 -13.43 24.98 -43.50
C ASP B 221 -13.25 24.70 -45.00
N LYS B 222 -13.18 25.75 -45.82
CA LYS B 222 -12.93 25.65 -47.30
C LYS B 222 -11.41 25.56 -47.56
N ASP B 223 -10.65 25.02 -46.61
CA ASP B 223 -9.18 24.78 -46.73
C ASP B 223 -8.98 23.45 -47.45
N LYS B 224 -8.40 23.49 -48.65
CA LYS B 224 -8.20 22.27 -49.48
C LYS B 224 -7.28 21.30 -48.73
N GLU B 225 -6.34 21.79 -47.92
CA GLU B 225 -5.29 20.98 -47.21
C GLU B 225 -5.73 20.59 -45.79
N GLN B 226 -6.76 21.26 -45.24
CA GLN B 226 -7.49 20.85 -44.01
C GLN B 226 -6.59 20.95 -42.77
N TRP B 227 -5.99 22.13 -42.57
CA TRP B 227 -5.06 22.39 -41.44
C TRP B 227 -5.81 22.35 -40.10
N LYS B 228 -7.15 22.47 -40.12
CA LYS B 228 -8.01 22.29 -38.92
C LYS B 228 -7.66 20.94 -38.27
N GLU B 229 -7.38 19.91 -39.09
CA GLU B 229 -7.14 18.52 -38.63
C GLU B 229 -5.89 18.46 -37.73
N VAL B 230 -4.96 19.42 -37.88
CA VAL B 230 -3.71 19.50 -37.08
C VAL B 230 -4.11 19.75 -35.62
N HIS B 231 -4.82 20.84 -35.32
CA HIS B 231 -5.24 21.18 -33.94
C HIS B 231 -6.09 20.05 -33.34
N LYS B 232 -6.85 19.34 -34.17
CA LYS B 232 -7.69 18.18 -33.76
C LYS B 232 -6.73 17.08 -33.27
N GLN B 233 -5.75 16.72 -34.09
CA GLN B 233 -4.78 15.61 -33.81
C GLN B 233 -3.93 15.95 -32.59
N VAL B 234 -3.69 17.23 -32.30
CA VAL B 234 -2.95 17.69 -31.09
C VAL B 234 -3.73 17.24 -29.85
N VAL B 235 -5.04 17.49 -29.84
CA VAL B 235 -5.94 17.22 -28.68
C VAL B 235 -6.17 15.70 -28.56
N GLU B 236 -6.39 15.00 -29.67
CA GLU B 236 -6.53 13.51 -29.69
C GLU B 236 -5.26 12.87 -29.14
N SER B 237 -4.10 13.45 -29.41
CA SER B 237 -2.77 12.90 -29.01
C SER B 237 -2.70 12.85 -27.48
N ALA B 238 -3.16 13.91 -26.81
CA ALA B 238 -3.23 13.99 -25.34
C ALA B 238 -3.99 12.78 -24.77
N TYR B 239 -5.18 12.48 -25.35
CA TYR B 239 -6.10 11.40 -24.91
C TYR B 239 -5.50 10.04 -25.24
N GLU B 240 -5.03 9.84 -26.48
CA GLU B 240 -4.51 8.52 -26.94
C GLU B 240 -3.37 8.07 -26.01
N VAL B 241 -2.62 9.00 -25.43
CA VAL B 241 -1.55 8.68 -24.43
C VAL B 241 -2.24 8.07 -23.21
N ILE B 242 -3.28 8.72 -22.68
CA ILE B 242 -3.98 8.31 -21.43
C ILE B 242 -4.69 6.96 -21.67
N LYS B 243 -5.36 6.79 -22.82
CA LYS B 243 -6.04 5.52 -23.20
C LYS B 243 -5.03 4.36 -23.17
N LEU B 244 -3.83 4.56 -23.72
CA LEU B 244 -2.83 3.49 -24.02
C LEU B 244 -1.94 3.19 -22.80
N LYS B 245 -1.65 4.20 -21.98
CA LYS B 245 -0.62 4.12 -20.90
C LYS B 245 -1.29 4.24 -19.54
N GLY B 246 -2.38 5.00 -19.45
CA GLY B 246 -3.12 5.25 -18.19
C GLY B 246 -3.04 6.71 -17.77
N TYR B 247 -1.94 7.38 -18.08
CA TYR B 247 -1.62 8.77 -17.68
C TYR B 247 -0.50 9.32 -18.58
N THR B 248 -0.27 10.63 -18.51
CA THR B 248 0.89 11.31 -19.13
C THR B 248 1.83 11.78 -18.00
N SER B 249 3.12 11.45 -18.12
CA SER B 249 4.18 11.91 -17.19
C SER B 249 5.27 12.67 -17.97
N TRP B 250 5.98 11.98 -18.86
CA TRP B 250 7.22 12.47 -19.53
C TRP B 250 6.98 13.80 -20.23
N ALA B 251 5.89 13.90 -20.98
CA ALA B 251 5.54 15.05 -21.83
C ALA B 251 5.41 16.32 -21.00
N ILE B 252 4.72 16.26 -19.85
CA ILE B 252 4.48 17.46 -19.00
C ILE B 252 5.76 17.74 -18.22
N GLY B 253 6.48 16.68 -17.85
CA GLY B 253 7.77 16.78 -17.17
C GLY B 253 8.71 17.70 -17.92
N LEU B 254 8.92 17.39 -19.21
CA LEU B 254 9.87 18.12 -20.08
C LEU B 254 9.30 19.48 -20.46
N SER B 255 8.00 19.59 -20.66
CA SER B 255 7.31 20.88 -20.92
C SER B 255 7.54 21.82 -19.73
N VAL B 256 7.45 21.31 -18.51
CA VAL B 256 7.69 22.11 -17.27
C VAL B 256 9.18 22.43 -17.14
N ALA B 257 10.07 21.47 -17.38
CA ALA B 257 11.53 21.67 -17.35
C ALA B 257 11.91 22.81 -18.31
N ASP B 258 11.33 22.82 -19.51
CA ASP B 258 11.51 23.88 -20.52
C ASP B 258 11.18 25.24 -19.90
N LEU B 259 10.04 25.36 -19.22
CA LEU B 259 9.58 26.63 -18.59
C LEU B 259 10.51 26.99 -17.43
N ALA B 260 10.95 25.99 -16.67
CA ALA B 260 11.84 26.17 -15.51
C ALA B 260 13.21 26.69 -16.00
N GLU B 261 13.71 26.15 -17.11
CA GLU B 261 15.01 26.58 -17.71
C GLU B 261 14.93 28.08 -18.02
N SER B 262 13.89 28.51 -18.73
CA SER B 262 13.68 29.94 -19.11
C SER B 262 13.70 30.82 -17.86
N ILE B 263 13.09 30.38 -16.76
CA ILE B 263 13.01 31.19 -15.51
C ILE B 263 14.37 31.16 -14.81
N MET B 264 14.92 29.97 -14.60
CA MET B 264 16.07 29.76 -13.70
C MET B 264 17.36 30.29 -14.33
N LYS B 265 17.46 30.23 -15.66
CA LYS B 265 18.66 30.68 -16.42
C LYS B 265 18.34 32.02 -17.11
N ASN B 266 17.26 32.69 -16.72
CA ASN B 266 16.86 34.05 -17.19
C ASN B 266 17.01 34.17 -18.72
N LEU B 267 16.48 33.21 -19.49
CA LEU B 267 16.61 33.15 -20.98
C LEU B 267 15.71 34.17 -21.69
N ARG B 268 14.72 34.73 -21.00
CA ARG B 268 13.79 35.72 -21.60
C ARG B 268 13.26 35.13 -22.92
N ARG B 269 12.81 33.88 -22.86
CA ARG B 269 12.22 33.13 -23.99
C ARG B 269 10.70 33.27 -23.94
N VAL B 270 10.04 33.03 -25.08
CA VAL B 270 8.56 33.20 -25.24
C VAL B 270 7.90 31.83 -25.09
N HIS B 271 6.99 31.72 -24.11
CA HIS B 271 6.16 30.50 -23.88
C HIS B 271 4.69 30.89 -23.80
N PRO B 272 3.79 30.10 -24.40
CA PRO B 272 2.36 30.33 -24.27
C PRO B 272 1.91 29.70 -22.93
N VAL B 273 1.97 30.48 -21.85
CA VAL B 273 1.71 30.01 -20.47
C VAL B 273 0.50 30.77 -19.90
N SER B 274 -0.27 30.11 -19.04
CA SER B 274 -1.42 30.70 -18.30
C SER B 274 -0.92 31.88 -17.48
N THR B 275 -1.43 33.07 -17.75
CA THR B 275 -1.20 34.28 -16.92
C THR B 275 -2.45 35.16 -16.93
N MET B 276 -2.53 36.03 -15.93
CA MET B 276 -3.64 37.00 -15.74
C MET B 276 -3.74 37.87 -16.99
N ILE B 277 -4.93 37.89 -17.61
CA ILE B 277 -5.14 38.35 -19.01
C ILE B 277 -6.21 39.47 -19.06
N LYS B 278 -6.65 39.96 -17.90
CA LYS B 278 -7.60 41.10 -17.81
C LYS B 278 -6.97 42.31 -18.49
N GLY B 279 -7.69 42.95 -19.42
CA GLY B 279 -7.18 44.06 -20.23
C GLY B 279 -7.19 43.72 -21.70
N LEU B 280 -6.88 42.46 -22.04
CA LEU B 280 -6.70 42.00 -23.46
C LEU B 280 -7.99 41.37 -23.98
N TYR B 281 -8.22 41.44 -25.29
CA TYR B 281 -9.26 40.69 -26.06
C TYR B 281 -10.64 40.94 -25.45
N GLY B 282 -10.87 42.14 -24.93
CA GLY B 282 -12.14 42.57 -24.33
C GLY B 282 -12.58 41.66 -23.20
N ILE B 283 -11.64 41.32 -22.32
CA ILE B 283 -11.86 40.44 -21.13
C ILE B 283 -11.65 41.32 -19.90
N LYS B 284 -12.67 41.45 -19.05
CA LYS B 284 -12.72 42.42 -17.92
C LYS B 284 -12.61 41.66 -16.58
N ASP B 285 -12.63 40.32 -16.60
CA ASP B 285 -12.58 39.45 -15.39
C ASP B 285 -11.14 39.03 -15.11
N ASP B 286 -10.86 38.66 -13.85
CA ASP B 286 -9.56 38.09 -13.39
C ASP B 286 -9.48 36.61 -13.81
N VAL B 287 -9.31 36.34 -15.10
CA VAL B 287 -9.13 34.93 -15.60
C VAL B 287 -7.69 34.78 -16.08
N PHE B 288 -7.20 33.54 -16.07
CA PHE B 288 -5.87 33.18 -16.64
C PHE B 288 -6.09 32.34 -17.89
N LEU B 289 -5.40 32.71 -18.97
CA LEU B 289 -5.30 31.94 -20.23
C LEU B 289 -3.85 31.98 -20.72
N SER B 290 -3.55 31.12 -21.68
CA SER B 290 -2.21 31.04 -22.31
C SER B 290 -2.14 32.11 -23.42
N VAL B 291 -1.25 33.09 -23.22
CA VAL B 291 -0.77 34.04 -24.26
C VAL B 291 0.75 34.01 -24.21
N PRO B 292 1.45 34.38 -25.31
CA PRO B 292 2.91 34.39 -25.31
C PRO B 292 3.50 35.33 -24.24
N CYS B 293 4.33 34.79 -23.36
CA CYS B 293 5.00 35.53 -22.25
C CYS B 293 6.50 35.35 -22.37
N ILE B 294 7.25 36.42 -22.09
CA ILE B 294 8.72 36.36 -21.91
C ILE B 294 8.93 35.84 -20.48
N LEU B 295 9.51 34.65 -20.33
CA LEU B 295 9.86 34.08 -19.00
C LEU B 295 11.32 34.38 -18.69
N GLY B 296 11.58 34.94 -17.51
CA GLY B 296 12.93 35.24 -16.99
C GLY B 296 12.98 35.01 -15.50
N GLN B 297 14.02 35.49 -14.83
CA GLN B 297 14.31 35.15 -13.42
C GLN B 297 13.27 35.76 -12.47
N ASN B 298 12.44 36.68 -12.94
CA ASN B 298 11.36 37.32 -12.16
C ASN B 298 10.00 36.84 -12.68
N GLY B 299 9.99 35.68 -13.35
CA GLY B 299 8.78 35.11 -13.98
C GLY B 299 8.41 35.85 -15.25
N ILE B 300 7.14 36.17 -15.42
CA ILE B 300 6.61 36.81 -16.66
C ILE B 300 6.95 38.30 -16.61
N SER B 301 7.96 38.70 -17.38
CA SER B 301 8.46 40.10 -17.44
C SER B 301 7.64 40.90 -18.46
N ASP B 302 7.13 40.24 -19.52
CA ASP B 302 6.45 40.89 -20.66
C ASP B 302 5.42 39.93 -21.27
N LEU B 303 4.34 40.45 -21.85
CA LEU B 303 3.43 39.72 -22.78
C LEU B 303 3.71 40.19 -24.21
N VAL B 304 3.46 39.35 -25.19
CA VAL B 304 3.46 39.72 -26.62
C VAL B 304 1.99 39.85 -27.04
N LYS B 305 1.56 41.06 -27.41
CA LYS B 305 0.17 41.38 -27.82
C LYS B 305 -0.06 40.80 -29.22
N VAL B 306 -0.60 39.60 -29.28
CA VAL B 306 -0.91 38.90 -30.56
C VAL B 306 -2.23 39.48 -31.08
N THR B 307 -2.26 39.90 -32.35
CA THR B 307 -3.49 40.34 -33.04
C THR B 307 -4.24 39.08 -33.47
N LEU B 308 -5.48 38.94 -33.00
CA LEU B 308 -6.37 37.77 -33.23
C LEU B 308 -7.55 38.20 -34.12
N THR B 309 -8.06 37.30 -34.95
CA THR B 309 -9.29 37.54 -35.77
C THR B 309 -10.46 37.70 -34.79
N SER B 310 -11.67 37.99 -35.28
CA SER B 310 -12.90 38.07 -34.46
C SER B 310 -13.29 36.66 -33.99
N GLU B 311 -13.06 35.63 -34.83
CA GLU B 311 -13.30 34.19 -34.52
CA GLU B 311 -13.30 34.19 -34.51
C GLU B 311 -12.43 33.79 -33.32
N GLU B 312 -11.11 33.98 -33.45
CA GLU B 312 -10.09 33.68 -32.42
C GLU B 312 -10.47 34.41 -31.13
N GLU B 313 -10.71 35.73 -31.20
CA GLU B 313 -11.05 36.62 -30.06
C GLU B 313 -12.31 36.11 -29.34
N ALA B 314 -13.32 35.68 -30.10
CA ALA B 314 -14.61 35.18 -29.58
C ALA B 314 -14.40 33.84 -28.84
N ARG B 315 -13.59 32.95 -29.42
CA ARG B 315 -13.32 31.61 -28.86
C ARG B 315 -12.61 31.75 -27.51
N LEU B 316 -11.70 32.73 -27.37
CA LEU B 316 -11.02 33.08 -26.09
C LEU B 316 -12.05 33.66 -25.13
N LYS B 317 -12.75 34.71 -25.56
CA LYS B 317 -13.79 35.42 -24.77
C LYS B 317 -14.74 34.38 -24.18
N LYS B 318 -15.16 33.39 -24.97
CA LYS B 318 -16.11 32.31 -24.54
C LYS B 318 -15.46 31.47 -23.43
N SER B 319 -14.18 31.12 -23.58
CA SER B 319 -13.40 30.39 -22.55
C SER B 319 -13.30 31.22 -21.27
N ALA B 320 -13.00 32.50 -21.38
CA ALA B 320 -12.86 33.44 -20.23
C ALA B 320 -14.19 33.51 -19.46
N ASP B 321 -15.33 33.44 -20.16
CA ASP B 321 -16.68 33.46 -19.55
C ASP B 321 -16.86 32.16 -18.76
N THR B 322 -16.75 31.00 -19.42
CA THR B 322 -16.84 29.65 -18.79
C THR B 322 -15.98 29.61 -17.52
N LEU B 323 -14.76 30.13 -17.58
CA LEU B 323 -13.77 30.06 -16.46
C LEU B 323 -14.22 30.98 -15.32
N TRP B 324 -14.61 32.23 -15.63
CA TRP B 324 -15.12 33.16 -14.59
C TRP B 324 -16.41 32.57 -14.01
N GLY B 325 -17.20 31.89 -14.85
CA GLY B 325 -18.42 31.14 -14.49
C GLY B 325 -18.20 30.23 -13.28
N ILE B 326 -17.05 29.57 -13.22
CA ILE B 326 -16.67 28.67 -12.10
C ILE B 326 -15.96 29.49 -11.02
N GLN B 327 -15.07 30.40 -11.41
CA GLN B 327 -14.20 31.13 -10.45
C GLN B 327 -15.06 31.93 -9.46
N LYS B 328 -16.16 32.52 -9.92
CA LYS B 328 -17.03 33.43 -9.12
C LYS B 328 -17.77 32.61 -8.03
N GLU B 329 -17.95 31.30 -8.25
CA GLU B 329 -18.67 30.37 -7.33
C GLU B 329 -17.75 29.80 -6.25
N LEU B 330 -16.43 29.97 -6.38
CA LEU B 330 -15.45 29.32 -5.46
C LEU B 330 -15.43 30.06 -4.14
N GLN B 331 -15.27 29.32 -3.03
CA GLN B 331 -15.21 29.86 -1.66
C GLN B 331 -13.75 29.80 -1.20
N PHE B 332 -13.17 30.97 -0.94
CA PHE B 332 -11.84 31.15 -0.27
C PHE B 332 -12.10 31.55 1.18
N ALA C 2 0.50 55.42 -30.96
CA ALA C 2 1.12 54.32 -30.17
C ALA C 2 2.39 53.80 -30.89
N THR C 3 3.54 53.75 -30.20
CA THR C 3 4.83 53.25 -30.75
C THR C 3 4.70 51.77 -31.12
N LEU C 4 5.65 51.27 -31.91
CA LEU C 4 5.67 49.85 -32.35
C LEU C 4 6.00 48.96 -31.15
N LYS C 5 6.95 49.41 -30.32
CA LYS C 5 7.31 48.71 -29.06
C LYS C 5 6.04 48.48 -28.23
N ASP C 6 5.21 49.52 -28.06
CA ASP C 6 4.04 49.49 -27.13
C ASP C 6 2.91 48.67 -27.75
N GLN C 7 2.81 48.64 -29.08
CA GLN C 7 1.79 47.86 -29.83
C GLN C 7 2.07 46.35 -29.72
N LEU C 8 3.35 45.97 -29.58
CA LEU C 8 3.85 44.56 -29.69
C LEU C 8 4.03 43.92 -28.30
N ILE C 9 4.49 44.70 -27.32
CA ILE C 9 4.98 44.21 -25.99
C ILE C 9 4.25 44.94 -24.87
N TYR C 10 3.47 44.24 -24.05
CA TYR C 10 2.95 44.74 -22.74
C TYR C 10 3.97 44.34 -21.66
N ASN C 11 4.64 45.32 -21.06
CA ASN C 11 5.75 45.09 -20.09
C ASN C 11 5.18 45.10 -18.67
N LEU C 12 5.69 44.22 -17.79
CA LEU C 12 5.27 44.06 -16.37
C LEU C 12 6.39 44.49 -15.42
N LEU C 13 7.66 44.45 -15.84
CA LEU C 13 8.83 44.46 -14.91
C LEU C 13 10.03 45.26 -15.44
N LYS C 14 11.05 45.44 -14.59
CA LYS C 14 12.36 46.06 -14.88
C LYS C 14 13.34 45.76 -13.72
N THR C 18 21.28 43.75 -11.97
CA THR C 18 22.57 43.52 -11.25
C THR C 18 23.10 42.12 -11.55
N PRO C 19 24.36 41.98 -12.01
CA PRO C 19 24.92 40.66 -12.29
C PRO C 19 25.33 39.90 -11.02
N GLN C 20 25.24 38.57 -11.05
CA GLN C 20 25.51 37.65 -9.91
C GLN C 20 26.79 36.85 -10.20
N ASN C 21 27.23 36.82 -11.44
CA ASN C 21 28.39 36.01 -11.92
C ASN C 21 29.22 36.85 -12.89
N LYS C 22 29.70 38.01 -12.45
CA LYS C 22 30.55 38.90 -13.28
C LYS C 22 32.01 38.45 -13.21
N ILE C 23 32.67 38.37 -14.37
CA ILE C 23 34.12 38.08 -14.48
C ILE C 23 34.79 39.25 -15.19
N THR C 24 35.90 39.75 -14.63
CA THR C 24 36.79 40.74 -15.28
C THR C 24 38.06 40.04 -15.77
N VAL C 25 38.43 40.26 -17.03
CA VAL C 25 39.78 39.92 -17.55
C VAL C 25 40.56 41.23 -17.71
N VAL C 26 41.67 41.36 -16.98
CA VAL C 26 42.61 42.51 -17.07
C VAL C 26 43.75 42.13 -18.02
N GLY C 27 43.86 42.87 -19.13
CA GLY C 27 44.79 42.61 -20.24
C GLY C 27 44.08 41.92 -21.39
N VAL C 28 44.09 42.51 -22.57
CA VAL C 28 43.43 41.93 -23.79
C VAL C 28 44.49 41.70 -24.86
N GLY C 29 45.67 41.25 -24.42
CA GLY C 29 46.65 40.62 -25.31
C GLY C 29 46.17 39.24 -25.72
N ALA C 30 47.01 38.49 -26.42
CA ALA C 30 46.70 37.12 -26.88
C ALA C 30 46.08 36.31 -25.74
N VAL C 31 46.74 36.29 -24.59
CA VAL C 31 46.36 35.45 -23.42
C VAL C 31 45.01 35.93 -22.87
N GLY C 32 44.90 37.21 -22.54
CA GLY C 32 43.64 37.81 -22.06
C GLY C 32 42.45 37.39 -22.91
N MET C 33 42.53 37.58 -24.23
CA MET C 33 41.41 37.31 -25.16
C MET C 33 41.17 35.80 -25.26
N ALA C 34 42.21 34.98 -25.18
CA ALA C 34 42.06 33.52 -25.15
C ALA C 34 41.28 33.12 -23.89
N CYS C 35 41.59 33.72 -22.75
CA CYS C 35 40.83 33.56 -21.48
C CYS C 35 39.37 33.96 -21.73
N ALA C 36 39.16 35.16 -22.26
CA ALA C 36 37.83 35.79 -22.49
C ALA C 36 36.97 34.86 -23.36
N ILE C 37 37.44 34.49 -24.54
CA ILE C 37 36.65 33.66 -25.50
C ILE C 37 36.36 32.31 -24.82
N SER C 38 37.35 31.71 -24.16
CA SER C 38 37.23 30.39 -23.50
C SER C 38 36.20 30.47 -22.35
N ILE C 39 36.08 31.60 -21.68
CA ILE C 39 35.12 31.82 -20.56
C ILE C 39 33.72 32.06 -21.14
N LEU C 40 33.60 32.87 -22.18
CA LEU C 40 32.31 33.08 -22.88
C LEU C 40 31.69 31.74 -23.22
N MET C 41 32.49 30.87 -23.82
CA MET C 41 31.99 29.67 -24.54
C MET C 41 31.68 28.56 -23.55
N LYS C 42 32.10 28.69 -22.29
CA LYS C 42 31.68 27.79 -21.18
C LYS C 42 30.47 28.40 -20.48
N ASP C 43 29.92 29.50 -21.01
CA ASP C 43 28.81 30.27 -20.39
C ASP C 43 29.01 30.28 -18.86
N LEU C 44 30.06 30.93 -18.36
CA LEU C 44 30.39 31.00 -16.91
C LEU C 44 29.84 32.29 -16.30
N ALA C 45 29.65 33.33 -17.12
CA ALA C 45 29.42 34.69 -16.63
C ALA C 45 28.17 35.29 -17.25
N ASP C 46 27.44 36.09 -16.49
CA ASP C 46 26.32 36.93 -16.98
C ASP C 46 26.86 38.32 -17.34
N GLU C 47 28.00 38.74 -16.79
CA GLU C 47 28.72 39.96 -17.23
C GLU C 47 30.21 39.66 -17.36
N LEU C 48 30.79 40.11 -18.46
CA LEU C 48 32.24 40.00 -18.75
C LEU C 48 32.77 41.41 -18.99
N ALA C 49 33.80 41.80 -18.24
CA ALA C 49 34.45 43.13 -18.30
C ALA C 49 35.90 42.95 -18.76
N LEU C 50 36.28 43.69 -19.82
CA LEU C 50 37.67 43.73 -20.35
C LEU C 50 38.31 45.07 -19.96
N VAL C 51 39.55 45.02 -19.45
CA VAL C 51 40.35 46.21 -19.04
C VAL C 51 41.76 46.10 -19.60
N ASP C 52 42.20 47.13 -20.34
CA ASP C 52 43.61 47.33 -20.76
C ASP C 52 43.82 48.84 -20.88
N VAL C 53 45.01 49.27 -21.30
CA VAL C 53 45.43 50.70 -21.30
C VAL C 53 45.40 51.26 -22.73
N ILE C 54 45.60 50.43 -23.75
CA ILE C 54 45.43 50.85 -25.18
C ILE C 54 43.92 50.87 -25.46
N GLU C 55 43.31 52.07 -25.48
CA GLU C 55 41.84 52.28 -25.42
C GLU C 55 41.16 51.83 -26.73
N ASP C 56 41.73 52.20 -27.88
CA ASP C 56 41.10 51.96 -29.21
C ASP C 56 41.10 50.44 -29.47
N LYS C 57 42.20 49.75 -29.15
CA LYS C 57 42.35 48.28 -29.33
C LYS C 57 41.38 47.55 -28.38
N LEU C 58 41.28 48.00 -27.13
CA LEU C 58 40.37 47.41 -26.12
C LEU C 58 38.95 47.38 -26.68
N LYS C 59 38.45 48.52 -27.14
CA LYS C 59 37.04 48.69 -27.60
C LYS C 59 36.80 47.78 -28.80
N GLY C 60 37.80 47.56 -29.64
CA GLY C 60 37.68 46.68 -30.82
C GLY C 60 37.53 45.23 -30.42
N GLU C 61 38.33 44.78 -29.44
CA GLU C 61 38.26 43.39 -28.91
C GLU C 61 36.88 43.19 -28.26
N MET C 62 36.44 44.12 -27.44
CA MET C 62 35.08 44.11 -26.84
C MET C 62 34.04 43.94 -27.96
N MET C 63 34.04 44.79 -28.98
CA MET C 63 33.00 44.77 -30.04
C MET C 63 33.03 43.46 -30.81
N ASP C 64 34.24 42.97 -31.14
CA ASP C 64 34.40 41.72 -31.93
C ASP C 64 33.83 40.56 -31.11
N LEU C 65 34.11 40.55 -29.81
CA LEU C 65 33.65 39.50 -28.86
C LEU C 65 32.14 39.60 -28.69
N GLN C 66 31.64 40.81 -28.46
CA GLN C 66 30.18 41.14 -28.42
C GLN C 66 29.51 40.46 -29.62
N HIS C 67 29.98 40.73 -30.84
CA HIS C 67 29.31 40.31 -32.09
C HIS C 67 29.27 38.79 -32.17
N GLY C 68 30.37 38.13 -31.82
CA GLY C 68 30.43 36.66 -31.79
C GLY C 68 29.50 36.08 -30.74
N SER C 69 29.38 36.76 -29.59
CA SER C 69 28.62 36.29 -28.40
C SER C 69 27.12 36.24 -28.71
N LEU C 70 26.70 36.79 -29.84
CA LEU C 70 25.30 36.72 -30.31
C LEU C 70 24.91 35.27 -30.63
N PHE C 71 25.89 34.37 -30.78
CA PHE C 71 25.67 32.94 -31.10
C PHE C 71 25.87 32.06 -29.86
N LEU C 72 25.79 32.65 -28.66
CA LEU C 72 25.93 31.97 -27.35
C LEU C 72 24.79 32.43 -26.42
N ARG C 73 24.79 31.91 -25.19
CA ARG C 73 24.03 32.51 -24.06
C ARG C 73 24.69 33.87 -23.78
N THR C 74 24.31 34.90 -24.53
CA THR C 74 24.97 36.23 -24.57
C THR C 74 24.95 36.87 -23.19
N PRO C 75 26.12 37.13 -22.57
CA PRO C 75 26.18 37.94 -21.35
C PRO C 75 26.27 39.41 -21.72
N LYS C 76 26.24 40.29 -20.72
CA LYS C 76 26.66 41.69 -20.87
C LYS C 76 28.17 41.66 -21.04
N ILE C 77 28.69 42.43 -21.99
CA ILE C 77 30.15 42.54 -22.26
C ILE C 77 30.48 44.03 -22.32
N VAL C 78 31.35 44.49 -21.41
CA VAL C 78 31.77 45.91 -21.26
C VAL C 78 33.29 46.00 -21.26
N SER C 79 33.83 47.21 -21.45
CA SER C 79 35.30 47.46 -21.46
C SER C 79 35.57 48.93 -21.12
N GLY C 80 36.77 49.21 -20.60
CA GLY C 80 37.23 50.57 -20.30
C GLY C 80 38.66 50.57 -19.79
N LYS C 81 39.33 51.71 -19.90
CA LYS C 81 40.62 51.98 -19.23
C LYS C 81 40.35 52.09 -17.73
N ASP C 82 39.20 52.66 -17.36
CA ASP C 82 38.78 52.93 -15.96
C ASP C 82 38.21 51.65 -15.36
N TYR C 83 38.61 51.31 -14.14
CA TYR C 83 38.29 50.02 -13.46
C TYR C 83 36.86 50.03 -12.93
N ASN C 84 36.13 51.13 -13.07
CA ASN C 84 34.73 51.25 -12.56
C ASN C 84 33.84 50.26 -13.34
N VAL C 85 34.24 49.84 -14.54
CA VAL C 85 33.48 48.83 -15.34
C VAL C 85 33.69 47.44 -14.74
N THR C 86 34.57 47.26 -13.74
CA THR C 86 34.85 45.92 -13.14
C THR C 86 34.08 45.74 -11.84
N ALA C 87 33.17 46.67 -11.49
CA ALA C 87 32.46 46.69 -10.19
C ALA C 87 31.67 45.39 -9.98
N ASN C 88 31.72 44.84 -8.76
CA ASN C 88 30.95 43.64 -8.33
C ASN C 88 31.37 42.42 -9.17
N SER C 89 32.66 42.26 -9.46
CA SER C 89 33.18 41.06 -10.14
C SER C 89 33.29 39.96 -9.09
N LYS C 90 32.81 38.76 -9.39
CA LYS C 90 32.97 37.59 -8.51
C LYS C 90 34.42 37.10 -8.69
N LEU C 91 34.95 37.21 -9.90
CA LEU C 91 36.31 36.70 -10.26
C LEU C 91 37.00 37.72 -11.17
N VAL C 92 38.25 38.07 -10.85
CA VAL C 92 39.10 38.98 -11.68
C VAL C 92 40.36 38.22 -12.08
N ILE C 93 40.57 38.08 -13.38
CA ILE C 93 41.74 37.39 -13.99
C ILE C 93 42.74 38.45 -14.43
N ILE C 94 43.93 38.49 -13.81
CA ILE C 94 45.05 39.41 -14.17
C ILE C 94 45.95 38.68 -15.17
N THR C 95 46.00 39.19 -16.41
CA THR C 95 46.96 38.72 -17.47
C THR C 95 47.99 39.82 -17.76
N ALA C 96 47.73 41.08 -17.37
CA ALA C 96 48.61 42.24 -17.60
C ALA C 96 49.98 41.93 -17.00
N GLY C 97 51.02 42.41 -17.67
CA GLY C 97 52.40 42.27 -17.19
C GLY C 97 53.39 42.91 -18.13
N ALA C 98 54.65 42.86 -17.75
CA ALA C 98 55.78 43.23 -18.62
C ALA C 98 56.45 41.93 -19.07
N ARG C 99 56.90 41.88 -20.33
CA ARG C 99 57.67 40.71 -20.84
C ARG C 99 59.16 41.04 -20.62
N GLN C 100 59.93 40.05 -20.18
CA GLN C 100 61.39 40.18 -19.92
C GLN C 100 62.09 40.56 -21.22
N GLN C 101 62.80 41.69 -21.26
CA GLN C 101 63.66 42.12 -22.41
C GLN C 101 64.99 41.35 -22.30
N GLU C 102 65.76 41.24 -23.38
CA GLU C 102 67.03 40.45 -23.38
C GLU C 102 68.05 41.15 -22.47
N GLY C 103 68.64 40.41 -21.54
CA GLY C 103 69.66 40.90 -20.59
C GLY C 103 69.06 41.64 -19.41
N GLU C 104 67.73 41.70 -19.30
CA GLU C 104 67.01 42.15 -18.06
C GLU C 104 67.08 41.04 -17.01
N SER C 105 67.39 41.39 -15.76
CA SER C 105 67.49 40.44 -14.62
C SER C 105 66.09 39.99 -14.22
N ARG C 106 65.98 38.76 -13.70
CA ARG C 106 64.71 38.23 -13.14
C ARG C 106 64.15 39.26 -12.15
N LEU C 107 64.95 39.72 -11.19
CA LEU C 107 64.51 40.68 -10.14
C LEU C 107 63.93 41.94 -10.80
N ASN C 108 64.55 42.43 -11.87
CA ASN C 108 64.17 43.72 -12.47
C ASN C 108 62.78 43.61 -13.12
N LEU C 109 62.55 42.49 -13.82
CA LEU C 109 61.27 42.15 -14.48
C LEU C 109 60.15 42.14 -13.43
N VAL C 110 60.37 41.40 -12.35
CA VAL C 110 59.36 41.23 -11.27
C VAL C 110 59.02 42.62 -10.75
N GLN C 111 60.01 43.49 -10.53
CA GLN C 111 59.79 44.83 -9.94
C GLN C 111 58.95 45.70 -10.90
N ARG C 112 59.15 45.54 -12.22
CA ARG C 112 58.35 46.28 -13.22
C ARG C 112 56.90 45.77 -13.16
N ASN C 113 56.73 44.45 -13.06
CA ASN C 113 55.40 43.81 -12.85
C ASN C 113 54.80 44.31 -11.54
N VAL C 114 55.60 44.39 -10.48
CA VAL C 114 55.14 44.90 -9.15
C VAL C 114 54.59 46.31 -9.35
N ASN C 115 55.31 47.16 -10.08
CA ASN C 115 54.94 48.59 -10.21
C ASN C 115 53.60 48.70 -10.98
N ILE C 116 53.35 47.76 -11.90
CA ILE C 116 52.07 47.67 -12.67
C ILE C 116 50.94 47.24 -11.70
N PHE C 117 51.17 46.14 -10.96
CA PHE C 117 50.20 45.57 -10.01
C PHE C 117 49.85 46.62 -8.94
N LYS C 118 50.77 47.56 -8.65
CA LYS C 118 50.53 48.64 -7.67
C LYS C 118 49.47 49.62 -8.17
N PHE C 119 49.22 49.66 -9.49
CA PHE C 119 48.11 50.44 -10.12
C PHE C 119 46.85 49.57 -10.23
N ILE C 120 47.03 48.33 -10.70
CA ILE C 120 45.91 47.40 -11.03
C ILE C 120 45.19 46.95 -9.75
N ILE C 121 45.90 46.28 -8.84
CA ILE C 121 45.28 45.50 -7.73
C ILE C 121 44.44 46.44 -6.86
N PRO C 122 44.94 47.62 -6.42
CA PRO C 122 44.14 48.53 -5.60
C PRO C 122 42.84 49.01 -6.27
N ASN C 123 42.88 49.21 -7.59
CA ASN C 123 41.71 49.60 -8.41
C ASN C 123 40.73 48.41 -8.49
N VAL C 124 41.23 47.19 -8.71
CA VAL C 124 40.38 45.96 -8.75
C VAL C 124 39.60 45.85 -7.43
N VAL C 125 40.33 45.96 -6.32
CA VAL C 125 39.86 45.80 -4.90
C VAL C 125 38.87 46.92 -4.58
N LYS C 126 39.21 48.16 -4.96
CA LYS C 126 38.31 49.33 -4.75
C LYS C 126 36.89 48.95 -5.20
N TYR C 127 36.75 48.35 -6.39
CA TYR C 127 35.45 48.19 -7.08
C TYR C 127 34.85 46.79 -6.91
N SER C 128 35.65 45.77 -6.56
CA SER C 128 35.18 44.38 -6.34
C SER C 128 35.86 43.81 -5.09
N PRO C 129 35.56 44.35 -3.89
CA PRO C 129 36.33 44.00 -2.69
C PRO C 129 36.22 42.54 -2.22
N ASN C 130 35.17 41.80 -2.64
CA ASN C 130 34.95 40.38 -2.22
C ASN C 130 35.22 39.41 -3.38
N CYS C 131 35.91 39.87 -4.43
CA CYS C 131 36.24 39.05 -5.62
C CYS C 131 37.29 37.99 -5.24
N LYS C 132 37.47 36.99 -6.11
CA LYS C 132 38.64 36.09 -6.14
C LYS C 132 39.60 36.63 -7.22
N LEU C 133 40.89 36.70 -6.90
CA LEU C 133 41.97 37.08 -7.85
C LEU C 133 42.58 35.79 -8.41
N LEU C 134 42.53 35.64 -9.73
CA LEU C 134 43.23 34.58 -10.47
C LEU C 134 44.36 35.22 -11.28
N ILE C 135 45.61 34.92 -10.92
CA ILE C 135 46.84 35.55 -11.49
C ILE C 135 47.40 34.62 -12.57
N VAL C 136 47.56 35.13 -13.79
CA VAL C 136 48.06 34.36 -14.97
C VAL C 136 49.44 34.90 -15.38
N SER C 137 49.67 36.21 -15.25
CA SER C 137 50.95 36.92 -15.54
C SER C 137 52.13 36.10 -15.01
N ASN C 138 53.21 35.98 -15.79
CA ASN C 138 54.48 35.30 -15.38
C ASN C 138 55.48 36.32 -14.85
N PRO C 139 56.40 35.96 -13.91
CA PRO C 139 56.44 34.64 -13.30
C PRO C 139 55.36 34.52 -12.19
N VAL C 140 54.53 33.49 -12.31
CA VAL C 140 53.15 33.48 -11.73
C VAL C 140 53.22 33.27 -10.20
N ASP C 141 54.17 32.47 -9.70
CA ASP C 141 54.29 32.14 -8.26
C ASP C 141 54.63 33.42 -7.49
N ILE C 142 55.45 34.31 -8.06
CA ILE C 142 55.89 35.58 -7.40
C ILE C 142 54.77 36.61 -7.53
N LEU C 143 54.15 36.71 -8.70
CA LEU C 143 53.14 37.76 -8.98
C LEU C 143 51.85 37.46 -8.23
N THR C 144 51.60 36.19 -7.90
CA THR C 144 50.49 35.81 -6.99
C THR C 144 50.79 36.39 -5.60
N TYR C 145 51.99 36.14 -5.07
CA TYR C 145 52.48 36.77 -3.82
C TYR C 145 52.28 38.29 -3.89
N VAL C 146 52.64 38.92 -5.00
CA VAL C 146 52.59 40.39 -5.17
C VAL C 146 51.13 40.86 -5.02
N ALA C 147 50.21 40.18 -5.70
CA ALA C 147 48.76 40.50 -5.71
C ALA C 147 48.16 40.27 -4.31
N TRP C 148 48.62 39.22 -3.62
CA TRP C 148 48.21 38.91 -2.22
C TRP C 148 48.60 40.07 -1.30
N LYS C 149 49.84 40.55 -1.39
CA LYS C 149 50.39 41.61 -0.51
C LYS C 149 49.62 42.90 -0.77
N ILE C 150 49.48 43.29 -2.04
CA ILE C 150 48.90 44.61 -2.42
C ILE C 150 47.41 44.62 -2.06
N SER C 151 46.72 43.50 -2.27
CA SER C 151 45.25 43.36 -2.11
C SER C 151 44.86 43.32 -0.62
N GLY C 152 45.72 42.74 0.21
CA GLY C 152 45.43 42.42 1.63
C GLY C 152 44.31 41.40 1.76
N PHE C 153 44.04 40.67 0.68
CA PHE C 153 43.01 39.60 0.65
C PHE C 153 43.50 38.40 1.46
N PRO C 154 42.57 37.59 2.01
CA PRO C 154 42.94 36.33 2.64
C PRO C 154 43.45 35.35 1.58
N LYS C 155 44.26 34.37 1.99
CA LYS C 155 45.03 33.50 1.07
C LYS C 155 44.09 32.69 0.17
N ASN C 156 42.82 32.52 0.56
CA ASN C 156 41.82 31.66 -0.16
C ASN C 156 41.34 32.37 -1.44
N ARG C 157 41.40 33.70 -1.48
CA ARG C 157 40.83 34.50 -2.59
C ARG C 157 41.96 35.02 -3.50
N VAL C 158 43.15 34.44 -3.41
CA VAL C 158 44.29 34.76 -4.31
C VAL C 158 44.96 33.47 -4.76
N ILE C 159 44.85 33.21 -6.06
CA ILE C 159 45.17 31.93 -6.73
C ILE C 159 46.02 32.27 -7.96
N GLY C 160 47.02 31.44 -8.26
CA GLY C 160 47.82 31.56 -9.49
C GLY C 160 47.54 30.40 -10.41
N SER C 161 47.45 30.66 -11.72
CA SER C 161 47.28 29.64 -12.79
C SER C 161 48.17 28.42 -12.49
N GLY C 162 49.34 28.65 -11.88
CA GLY C 162 50.24 27.62 -11.35
C GLY C 162 50.53 26.51 -12.35
N CYS C 163 50.50 25.27 -11.89
CA CYS C 163 50.91 24.07 -12.67
C CYS C 163 49.68 23.33 -13.20
N ASN C 164 48.52 24.00 -13.26
CA ASN C 164 47.26 23.41 -13.79
C ASN C 164 47.53 22.87 -15.21
N LEU C 165 48.13 23.69 -16.07
CA LEU C 165 48.38 23.33 -17.50
C LEU C 165 49.51 22.29 -17.59
N ASP C 166 50.60 22.45 -16.83
CA ASP C 166 51.74 21.50 -16.90
C ASP C 166 51.26 20.10 -16.49
N SER C 167 50.41 20.01 -15.46
CA SER C 167 49.84 18.74 -14.94
C SER C 167 48.98 18.08 -16.02
N ALA C 168 48.11 18.85 -16.69
CA ALA C 168 47.30 18.36 -17.83
C ALA C 168 48.22 17.75 -18.87
N ARG C 169 49.28 18.46 -19.23
CA ARG C 169 50.29 18.06 -20.27
C ARG C 169 50.94 16.75 -19.84
N PHE C 170 51.33 16.66 -18.57
CA PHE C 170 51.98 15.47 -17.98
C PHE C 170 51.06 14.26 -18.20
N ARG C 171 49.81 14.41 -17.74
CA ARG C 171 48.76 13.35 -17.80
C ARG C 171 48.56 12.93 -19.25
N TYR C 172 48.68 13.84 -20.23
CA TYR C 172 48.50 13.45 -21.66
C TYR C 172 49.55 12.41 -22.02
N LEU C 173 50.83 12.69 -21.70
CA LEU C 173 51.99 11.83 -22.07
C LEU C 173 51.93 10.53 -21.26
N MET C 174 51.60 10.64 -19.99
CA MET C 174 51.28 9.48 -19.11
C MET C 174 50.29 8.57 -19.85
N GLY C 175 49.22 9.15 -20.38
CA GLY C 175 48.17 8.41 -21.12
C GLY C 175 48.74 7.73 -22.34
N GLU C 176 49.44 8.49 -23.19
CA GLU C 176 50.05 8.00 -24.45
C GLU C 176 50.93 6.77 -24.14
N ARG C 177 51.64 6.78 -23.02
CA ARG C 177 52.58 5.70 -22.64
C ARG C 177 51.85 4.44 -22.16
N LEU C 178 50.73 4.59 -21.46
CA LEU C 178 49.95 3.46 -20.89
C LEU C 178 48.85 2.98 -21.86
N GLY C 179 48.59 3.73 -22.94
CA GLY C 179 47.49 3.46 -23.89
C GLY C 179 46.14 3.62 -23.20
N VAL C 180 45.97 4.77 -22.55
CA VAL C 180 44.82 5.14 -21.66
C VAL C 180 44.47 6.61 -21.96
N HIS C 181 43.19 6.97 -21.98
CA HIS C 181 42.74 8.38 -22.19
C HIS C 181 43.31 9.24 -21.07
N PRO C 182 43.89 10.40 -21.38
CA PRO C 182 44.38 11.35 -20.38
C PRO C 182 43.50 11.54 -19.13
N LEU C 183 42.17 11.51 -19.29
CA LEU C 183 41.20 11.82 -18.20
C LEU C 183 41.07 10.62 -17.26
N SER C 184 41.54 9.44 -17.68
CA SER C 184 41.58 8.19 -16.87
C SER C 184 42.91 8.10 -16.10
N CYS C 185 43.90 8.94 -16.43
CA CYS C 185 45.19 9.09 -15.72
C CYS C 185 45.08 10.19 -14.66
N HIS C 186 45.72 9.98 -13.50
CA HIS C 186 45.85 10.96 -12.40
C HIS C 186 47.34 11.15 -12.07
N GLY C 187 47.72 12.33 -11.60
CA GLY C 187 49.12 12.68 -11.34
C GLY C 187 49.32 14.18 -11.43
N TRP C 188 50.08 14.73 -10.48
CA TRP C 188 50.27 16.20 -10.34
C TRP C 188 51.70 16.60 -10.74
N VAL C 189 51.85 17.85 -11.16
CA VAL C 189 53.17 18.55 -11.24
C VAL C 189 53.05 19.75 -10.30
N LEU C 190 53.81 19.78 -9.20
CA LEU C 190 53.69 20.77 -8.11
C LEU C 190 54.94 21.66 -8.05
N GLY C 191 54.84 22.76 -7.28
CA GLY C 191 55.97 23.65 -6.95
C GLY C 191 56.03 24.87 -7.84
N GLU C 192 57.25 25.30 -8.18
CA GLU C 192 57.52 26.48 -9.01
C GLU C 192 57.09 26.14 -10.44
N HIS C 193 56.24 26.97 -11.04
CA HIS C 193 55.79 26.86 -12.46
C HIS C 193 57.02 26.78 -13.38
N GLY C 194 57.16 25.70 -14.15
CA GLY C 194 58.15 25.54 -15.24
C GLY C 194 59.53 25.15 -14.73
N ASP C 195 60.17 24.16 -15.38
CA ASP C 195 61.60 23.76 -15.21
C ASP C 195 61.79 23.08 -13.85
N SER C 196 61.59 23.83 -12.75
CA SER C 196 61.82 23.40 -11.35
C SER C 196 60.63 22.61 -10.80
N SER C 197 59.53 22.54 -11.55
CA SER C 197 58.29 21.83 -11.15
C SER C 197 58.61 20.35 -10.90
N VAL C 198 57.93 19.75 -9.92
CA VAL C 198 58.19 18.38 -9.40
C VAL C 198 57.07 17.46 -9.83
N PRO C 199 57.33 16.48 -10.72
CA PRO C 199 56.38 15.39 -10.92
C PRO C 199 56.30 14.52 -9.65
N VAL C 200 55.10 14.37 -9.10
CA VAL C 200 54.85 13.62 -7.82
C VAL C 200 54.46 12.18 -8.16
N TRP C 201 55.46 11.30 -8.28
CA TRP C 201 55.32 9.89 -8.74
C TRP C 201 54.50 9.08 -7.73
N SER C 202 54.62 9.37 -6.43
CA SER C 202 53.92 8.63 -5.35
C SER C 202 52.43 8.55 -5.70
N GLY C 203 51.80 9.67 -6.05
CA GLY C 203 50.34 9.76 -6.28
C GLY C 203 49.93 9.65 -7.75
N MET C 204 50.67 8.94 -8.61
CA MET C 204 50.30 8.75 -10.04
C MET C 204 49.71 7.35 -10.22
N ASN C 205 48.46 7.29 -10.68
CA ASN C 205 47.64 6.05 -10.73
C ASN C 205 46.74 6.05 -11.96
N VAL C 206 46.22 4.88 -12.30
CA VAL C 206 45.06 4.69 -13.22
C VAL C 206 44.04 3.83 -12.46
N ALA C 207 42.82 4.33 -12.27
CA ALA C 207 41.74 3.62 -11.57
C ALA C 207 42.20 3.22 -10.16
N GLY C 208 43.08 4.01 -9.55
CA GLY C 208 43.55 3.80 -8.17
C GLY C 208 44.68 2.79 -8.04
N VAL C 209 45.13 2.20 -9.14
CA VAL C 209 46.32 1.30 -9.19
C VAL C 209 47.57 2.17 -9.30
N SER C 210 48.32 2.33 -8.20
CA SER C 210 49.54 3.19 -8.15
C SER C 210 50.60 2.65 -9.11
N LEU C 211 51.16 3.52 -9.95
CA LEU C 211 52.26 3.19 -10.90
C LEU C 211 53.54 2.92 -10.10
N LYS C 212 53.81 3.74 -9.07
CA LYS C 212 54.95 3.57 -8.12
C LYS C 212 54.96 2.13 -7.58
N THR C 213 53.80 1.61 -7.17
CA THR C 213 53.62 0.23 -6.62
C THR C 213 54.06 -0.81 -7.65
N LEU C 214 53.66 -0.68 -8.92
CA LEU C 214 53.89 -1.72 -9.96
C LEU C 214 55.34 -1.68 -10.46
N HIS C 215 55.99 -0.51 -10.38
CA HIS C 215 57.30 -0.21 -11.01
C HIS C 215 58.10 0.72 -10.09
N PRO C 216 58.59 0.23 -8.92
CA PRO C 216 59.06 1.11 -7.86
C PRO C 216 60.23 2.00 -8.27
N ASP C 217 60.90 1.69 -9.38
CA ASP C 217 61.96 2.53 -9.99
C ASP C 217 61.34 3.50 -11.00
N LEU C 218 60.32 4.26 -10.62
CA LEU C 218 59.56 5.11 -11.57
C LEU C 218 60.30 6.44 -11.77
N GLY C 219 60.35 7.30 -10.75
CA GLY C 219 60.95 8.65 -10.87
C GLY C 219 62.46 8.62 -11.13
N THR C 220 63.13 7.50 -10.78
CA THR C 220 64.60 7.38 -10.59
C THR C 220 65.34 7.38 -11.95
N ASP C 221 66.68 7.47 -11.88
CA ASP C 221 67.62 7.46 -13.03
C ASP C 221 67.82 6.03 -13.55
N LYS C 222 67.75 5.03 -12.66
CA LYS C 222 67.85 3.58 -13.01
C LYS C 222 66.47 3.06 -13.46
N ASP C 223 65.62 3.93 -14.02
CA ASP C 223 64.28 3.58 -14.58
C ASP C 223 64.48 3.06 -16.00
N LYS C 224 64.17 1.78 -16.24
CA LYS C 224 64.32 1.11 -17.55
C LYS C 224 63.51 1.89 -18.62
N GLU C 225 62.35 2.44 -18.24
CA GLU C 225 61.36 3.08 -19.17
C GLU C 225 61.58 4.59 -19.25
N GLN C 226 62.31 5.19 -18.30
CA GLN C 226 62.82 6.59 -18.34
C GLN C 226 61.68 7.60 -18.27
N TRP C 227 60.84 7.48 -17.25
CA TRP C 227 59.65 8.36 -17.04
C TRP C 227 60.10 9.79 -16.71
N LYS C 228 61.36 9.99 -16.30
CA LYS C 228 61.96 11.34 -16.13
C LYS C 228 61.75 12.14 -17.43
N GLU C 229 61.86 11.47 -18.59
CA GLU C 229 61.80 12.10 -19.94
C GLU C 229 60.42 12.73 -20.16
N VAL C 230 59.38 12.25 -19.46
CA VAL C 230 58.00 12.79 -19.56
C VAL C 230 58.02 14.24 -19.06
N HIS C 231 58.43 14.48 -17.80
CA HIS C 231 58.47 15.84 -17.21
C HIS C 231 59.38 16.76 -18.04
N LYS C 232 60.42 16.20 -18.66
CA LYS C 232 61.34 16.97 -19.55
C LYS C 232 60.54 17.45 -20.77
N GLN C 233 59.83 16.53 -21.44
CA GLN C 233 59.07 16.81 -22.67
C GLN C 233 57.92 17.78 -22.39
N VAL C 234 57.38 17.80 -21.16
CA VAL C 234 56.33 18.77 -20.72
C VAL C 234 56.89 20.18 -20.82
N VAL C 235 58.11 20.39 -20.30
CA VAL C 235 58.77 21.72 -20.22
C VAL C 235 59.26 22.13 -21.61
N GLU C 236 59.84 21.21 -22.39
CA GLU C 236 60.26 21.48 -23.80
C GLU C 236 59.05 21.89 -24.63
N SER C 237 57.88 21.31 -24.37
CA SER C 237 56.64 21.56 -25.14
C SER C 237 56.24 23.03 -25.00
N ALA C 238 56.35 23.58 -23.79
CA ALA C 238 56.07 25.02 -23.51
C ALA C 238 56.90 25.90 -24.45
N TYR C 239 58.21 25.63 -24.55
CA TYR C 239 59.20 26.41 -25.33
C TYR C 239 58.96 26.20 -26.84
N GLU C 240 58.81 24.95 -27.29
CA GLU C 240 58.65 24.63 -28.73
C GLU C 240 57.45 25.39 -29.30
N VAL C 241 56.43 25.65 -28.48
CA VAL C 241 55.25 26.48 -28.90
C VAL C 241 55.75 27.90 -29.18
N ILE C 242 56.51 28.48 -28.25
CA ILE C 242 56.99 29.90 -28.34
C ILE C 242 57.96 30.04 -29.52
N LYS C 243 58.88 29.08 -29.70
CA LYS C 243 59.85 29.07 -30.83
C LYS C 243 59.08 29.12 -32.16
N LEU C 244 58.01 28.33 -32.30
CA LEU C 244 57.32 28.03 -33.58
C LEU C 244 56.24 29.07 -33.90
N LYS C 245 55.59 29.64 -32.88
CA LYS C 245 54.38 30.49 -33.03
C LYS C 245 54.70 31.93 -32.58
N GLY C 246 55.60 32.10 -31.61
CA GLY C 246 56.00 33.41 -31.06
C GLY C 246 55.57 33.55 -29.60
N TYR C 247 54.46 32.92 -29.23
CA TYR C 247 53.80 33.03 -27.90
C TYR C 247 52.83 31.86 -27.72
N THR C 248 52.34 31.64 -26.51
CA THR C 248 51.23 30.71 -26.19
C THR C 248 50.00 31.54 -25.80
N SER C 249 48.85 31.27 -26.40
CA SER C 249 47.55 31.88 -26.04
C SER C 249 46.53 30.79 -25.64
N TRP C 250 46.17 29.92 -26.58
CA TRP C 250 45.05 28.95 -26.46
C TRP C 250 45.20 28.11 -25.21
N ALA C 251 46.40 27.57 -24.98
CA ALA C 251 46.69 26.60 -23.89
C ALA C 251 46.40 27.23 -22.53
N ILE C 252 46.81 28.48 -22.30
CA ILE C 252 46.63 29.16 -20.99
C ILE C 252 45.19 29.61 -20.89
N GLY C 253 44.61 30.03 -22.01
CA GLY C 253 43.20 30.44 -22.11
C GLY C 253 42.30 29.36 -21.52
N LEU C 254 42.44 28.14 -22.02
CA LEU C 254 41.58 27.00 -21.63
C LEU C 254 41.96 26.51 -20.22
N SER C 255 43.24 26.54 -19.86
CA SER C 255 43.72 26.20 -18.50
C SER C 255 43.07 27.15 -17.49
N VAL C 256 42.99 28.43 -17.82
CA VAL C 256 42.35 29.45 -16.94
C VAL C 256 40.84 29.24 -16.92
N ALA C 257 40.21 29.01 -18.08
CA ALA C 257 38.76 28.73 -18.18
C ALA C 257 38.41 27.55 -17.27
N ASP C 258 39.22 26.48 -17.29
CA ASP C 258 39.08 25.28 -16.41
C ASP C 258 39.02 25.73 -14.94
N LEU C 259 39.95 26.59 -14.51
CA LEU C 259 40.02 27.07 -13.11
C LEU C 259 38.82 27.96 -12.81
N ALA C 260 38.42 28.80 -13.76
CA ALA C 260 37.27 29.72 -13.65
C ALA C 260 35.98 28.90 -13.49
N GLU C 261 35.84 27.81 -14.24
CA GLU C 261 34.64 26.94 -14.18
C GLU C 261 34.51 26.41 -12.75
N SER C 262 35.58 25.83 -12.20
CA SER C 262 35.59 25.28 -10.83
C SER C 262 35.14 26.33 -9.82
N ILE C 263 35.58 27.58 -9.98
CA ILE C 263 35.26 28.67 -9.02
C ILE C 263 33.81 29.10 -9.25
N MET C 264 33.44 29.41 -10.49
CA MET C 264 32.18 30.11 -10.82
C MET C 264 30.98 29.17 -10.67
N LYS C 265 31.17 27.88 -10.92
CA LYS C 265 30.10 26.86 -10.81
C LYS C 265 30.31 26.01 -9.55
N ASN C 266 31.15 26.48 -8.63
CA ASN C 266 31.39 25.86 -7.31
C ASN C 266 31.52 24.33 -7.40
N LEU C 267 32.37 23.85 -8.30
CA LEU C 267 32.58 22.40 -8.59
C LEU C 267 33.41 21.72 -7.49
N ARG C 268 34.11 22.47 -6.64
CA ARG C 268 34.95 21.90 -5.56
C ARG C 268 35.84 20.82 -6.18
N ARG C 269 36.51 21.16 -7.28
CA ARG C 269 37.46 20.29 -8.02
C ARG C 269 38.88 20.58 -7.54
N VAL C 270 39.78 19.63 -7.77
CA VAL C 270 41.20 19.73 -7.33
C VAL C 270 42.06 20.24 -8.49
N HIS C 271 42.75 21.37 -8.29
CA HIS C 271 43.72 21.95 -9.25
C HIS C 271 45.04 22.23 -8.54
N PRO C 272 46.19 21.94 -9.18
CA PRO C 272 47.49 22.29 -8.64
C PRO C 272 47.76 23.76 -8.97
N VAL C 273 47.32 24.68 -8.10
CA VAL C 273 47.38 26.15 -8.33
C VAL C 273 48.28 26.79 -7.28
N SER C 274 48.96 27.88 -7.66
CA SER C 274 49.80 28.70 -6.75
C SER C 274 48.93 29.23 -5.62
N THR C 275 49.27 28.87 -4.38
CA THR C 275 48.68 29.46 -3.16
C THR C 275 49.73 29.54 -2.06
N MET C 276 49.46 30.40 -1.07
CA MET C 276 50.34 30.67 0.10
C MET C 276 50.58 29.35 0.84
N ILE C 277 51.84 28.96 0.99
CA ILE C 277 52.28 27.59 1.34
C ILE C 277 53.16 27.61 2.61
N LYS C 278 53.31 28.76 3.28
CA LYS C 278 54.03 28.85 4.58
C LYS C 278 53.33 27.94 5.59
N GLY C 279 54.10 27.07 6.26
CA GLY C 279 53.59 26.05 7.19
C GLY C 279 53.98 24.67 6.71
N LEU C 280 53.91 24.45 5.40
CA LEU C 280 54.05 23.10 4.76
C LEU C 280 55.50 22.91 4.30
N TYR C 281 55.94 21.64 4.27
CA TYR C 281 57.22 21.18 3.65
C TYR C 281 58.41 21.98 4.21
N GLY C 282 58.33 22.35 5.49
CA GLY C 282 59.36 23.08 6.25
C GLY C 282 59.73 24.40 5.57
N ILE C 283 58.72 25.16 5.14
CA ILE C 283 58.88 26.48 4.46
C ILE C 283 58.30 27.54 5.40
N LYS C 284 59.13 28.50 5.82
CA LYS C 284 58.76 29.51 6.86
C LYS C 284 58.51 30.89 6.24
N ASP C 285 58.77 31.06 4.95
CA ASP C 285 58.61 32.35 4.22
C ASP C 285 57.23 32.44 3.56
N ASP C 286 56.75 33.67 3.30
CA ASP C 286 55.49 33.95 2.57
C ASP C 286 55.70 33.74 1.06
N VAL C 287 55.85 32.50 0.61
CA VAL C 287 55.97 32.17 -0.84
C VAL C 287 54.71 31.44 -1.29
N PHE C 288 54.42 31.50 -2.60
CA PHE C 288 53.31 30.75 -3.24
C PHE C 288 53.93 29.69 -4.15
N LEU C 289 53.42 28.45 -4.04
CA LEU C 289 53.73 27.34 -4.98
C LEU C 289 52.44 26.59 -5.29
N SER C 290 52.48 25.75 -6.31
CA SER C 290 51.35 24.90 -6.74
C SER C 290 51.31 23.66 -5.85
N VAL C 291 50.23 23.52 -5.07
CA VAL C 291 49.82 22.26 -4.37
C VAL C 291 48.35 22.04 -4.71
N PRO C 292 47.84 20.79 -4.65
CA PRO C 292 46.44 20.52 -4.96
C PRO C 292 45.47 21.30 -4.05
N CYS C 293 44.59 22.09 -4.63
CA CYS C 293 43.56 22.89 -3.93
C CYS C 293 42.17 22.51 -4.43
N ILE C 294 41.20 22.45 -3.52
CA ILE C 294 39.75 22.40 -3.87
C ILE C 294 39.36 23.83 -4.25
N LEU C 295 38.99 24.07 -5.51
CA LEU C 295 38.48 25.39 -5.98
C LEU C 295 36.96 25.39 -5.96
N GLY C 296 36.37 26.39 -5.33
CA GLY C 296 34.91 26.59 -5.26
C GLY C 296 34.59 28.07 -5.31
N GLN C 297 33.36 28.45 -4.99
CA GLN C 297 32.85 29.82 -5.21
C GLN C 297 33.55 30.84 -4.28
N ASN C 298 34.27 30.36 -3.27
CA ASN C 298 35.02 31.21 -2.30
C ASN C 298 36.52 31.04 -2.54
N GLY C 299 36.90 30.58 -3.73
CA GLY C 299 38.29 30.31 -4.11
C GLY C 299 38.77 29.01 -3.49
N ILE C 300 39.97 29.02 -2.92
CA ILE C 300 40.61 27.81 -2.31
C ILE C 300 39.97 27.56 -0.95
N SER C 301 39.08 26.56 -0.87
CA SER C 301 38.37 26.15 0.37
C SER C 301 39.23 25.19 1.18
N ASP C 302 40.06 24.38 0.52
CA ASP C 302 40.85 23.28 1.15
C ASP C 302 42.15 23.04 0.36
N LEU C 303 43.21 22.61 1.03
CA LEU C 303 44.42 21.99 0.40
C LEU C 303 44.36 20.47 0.63
N VAL C 304 44.94 19.70 -0.27
CA VAL C 304 45.14 18.23 -0.09
C VAL C 304 46.59 18.02 0.29
N LYS C 305 46.84 17.51 1.51
CA LYS C 305 48.19 17.38 2.10
C LYS C 305 48.90 16.22 1.42
N VAL C 306 49.71 16.52 0.39
CA VAL C 306 50.43 15.48 -0.39
C VAL C 306 51.69 15.11 0.41
N THR C 307 51.91 13.81 0.64
CA THR C 307 53.15 13.29 1.27
C THR C 307 54.21 13.23 0.16
N LEU C 308 55.32 13.96 0.36
CA LEU C 308 56.44 14.10 -0.60
C LEU C 308 57.67 13.40 -0.01
N THR C 309 58.53 12.83 -0.85
CA THR C 309 59.84 12.25 -0.41
C THR C 309 60.70 13.41 0.10
N SER C 310 61.90 13.13 0.62
CA SER C 310 62.85 14.19 1.06
C SER C 310 63.43 14.89 -0.18
N GLU C 311 63.62 14.16 -1.29
CA GLU C 311 64.04 14.72 -2.62
C GLU C 311 63.04 15.77 -3.11
N GLU C 312 61.78 15.35 -3.23
CA GLU C 312 60.63 16.21 -3.67
C GLU C 312 60.56 17.44 -2.75
N GLU C 313 60.54 17.22 -1.42
CA GLU C 313 60.44 18.27 -0.36
C GLU C 313 61.61 19.28 -0.51
N ALA C 314 62.82 18.81 -0.79
CA ALA C 314 64.05 19.63 -0.94
C ALA C 314 63.94 20.48 -2.20
N ARG C 315 63.44 19.90 -3.30
CA ARG C 315 63.32 20.57 -4.62
C ARG C 315 62.32 21.73 -4.49
N LEU C 316 61.25 21.56 -3.71
CA LEU C 316 60.27 22.63 -3.39
C LEU C 316 60.95 23.68 -2.51
N LYS C 317 61.51 23.24 -1.39
CA LYS C 317 62.22 24.10 -0.41
C LYS C 317 63.22 25.00 -1.16
N LYS C 318 63.96 24.45 -2.13
CA LYS C 318 64.98 25.18 -2.94
C LYS C 318 64.28 26.26 -3.79
N SER C 319 63.14 25.93 -4.39
CA SER C 319 62.30 26.88 -5.16
C SER C 319 61.81 28.00 -4.24
N ALA C 320 61.31 27.66 -3.04
CA ALA C 320 60.79 28.63 -2.05
C ALA C 320 61.90 29.61 -1.65
N ASP C 321 63.15 29.14 -1.55
CA ASP C 321 64.33 29.97 -1.22
C ASP C 321 64.57 30.96 -2.36
N THR C 322 64.80 30.45 -3.58
CA THR C 322 64.97 31.28 -4.81
C THR C 322 63.90 32.37 -4.88
N LEU C 323 62.64 32.01 -4.64
CA LEU C 323 61.47 32.92 -4.76
C LEU C 323 61.51 33.99 -3.66
N TRP C 324 61.76 33.59 -2.41
CA TRP C 324 61.87 34.58 -1.31
C TRP C 324 63.09 35.46 -1.55
N GLY C 325 64.15 34.88 -2.17
CA GLY C 325 65.37 35.58 -2.60
C GLY C 325 65.06 36.82 -3.41
N ILE C 326 64.05 36.76 -4.27
CA ILE C 326 63.59 37.89 -5.11
C ILE C 326 62.55 38.70 -4.35
N GLN C 327 61.61 38.04 -3.66
CA GLN C 327 60.45 38.71 -3.01
C GLN C 327 60.95 39.72 -1.98
N LYS C 328 62.01 39.40 -1.23
CA LYS C 328 62.53 40.23 -0.10
C LYS C 328 63.15 41.53 -0.66
N GLU C 329 63.58 41.53 -1.92
CA GLU C 329 64.24 42.69 -2.61
C GLU C 329 63.21 43.65 -3.23
N LEU C 330 61.93 43.25 -3.34
CA LEU C 330 60.91 44.03 -4.07
C LEU C 330 60.50 45.24 -3.24
N GLN C 331 60.24 46.37 -3.90
CA GLN C 331 59.79 47.62 -3.25
C GLN C 331 58.31 47.80 -3.55
N PHE C 332 57.48 47.77 -2.49
CA PHE C 332 56.05 48.15 -2.50
C PHE C 332 55.93 49.54 -1.87
N ALA D 2 58.46 -7.41 -17.94
CA ALA D 2 57.09 -6.93 -18.31
C ALA D 2 57.01 -5.41 -18.09
N THR D 3 56.62 -4.65 -19.13
CA THR D 3 56.48 -3.17 -19.07
C THR D 3 55.39 -2.79 -18.07
N LEU D 4 55.36 -1.52 -17.67
CA LEU D 4 54.37 -0.97 -16.71
C LEU D 4 53.01 -0.94 -17.41
N LYS D 5 52.97 -0.54 -18.68
CA LYS D 5 51.72 -0.56 -19.50
C LYS D 5 51.10 -1.96 -19.42
N ASP D 6 51.89 -3.02 -19.62
CA ASP D 6 51.36 -4.41 -19.76
C ASP D 6 50.98 -4.96 -18.38
N GLN D 7 51.66 -4.50 -17.31
CA GLN D 7 51.36 -4.90 -15.90
C GLN D 7 50.03 -4.32 -15.43
N LEU D 8 49.63 -3.15 -15.97
CA LEU D 8 48.49 -2.32 -15.48
C LEU D 8 47.22 -2.55 -16.30
N ILE D 9 47.36 -2.75 -17.63
CA ILE D 9 46.26 -2.70 -18.62
C ILE D 9 46.28 -3.99 -19.47
N TYR D 10 45.20 -4.76 -19.39
CA TYR D 10 44.88 -5.87 -20.33
C TYR D 10 44.02 -5.28 -21.45
N ASN D 11 44.55 -5.25 -22.67
CA ASN D 11 43.90 -4.65 -23.88
C ASN D 11 43.09 -5.73 -24.60
N LEU D 12 41.92 -5.37 -25.15
CA LEU D 12 40.99 -6.28 -25.87
C LEU D 12 40.93 -5.94 -27.37
N LEU D 13 41.25 -4.71 -27.78
CA LEU D 13 40.83 -4.14 -29.09
C LEU D 13 41.89 -3.22 -29.70
N LYS D 14 41.68 -2.83 -30.97
CA LYS D 14 42.49 -1.84 -31.72
C LYS D 14 41.72 -1.30 -32.93
N THR D 18 39.20 5.29 -37.47
CA THR D 18 38.76 6.27 -38.50
C THR D 18 37.77 7.26 -37.87
N PRO D 19 37.99 8.58 -38.03
CA PRO D 19 37.07 9.58 -37.48
C PRO D 19 35.79 9.73 -38.33
N GLN D 20 34.67 10.05 -37.68
CA GLN D 20 33.32 10.13 -38.28
C GLN D 20 32.85 11.58 -38.38
N ASN D 21 33.52 12.48 -37.67
CA ASN D 21 33.16 13.92 -37.58
C ASN D 21 34.45 14.75 -37.66
N LYS D 22 35.22 14.60 -38.74
CA LYS D 22 36.48 15.35 -38.95
C LYS D 22 36.15 16.69 -39.59
N ILE D 23 36.74 17.77 -39.06
CA ILE D 23 36.65 19.14 -39.64
C ILE D 23 38.07 19.61 -39.99
N THR D 24 38.26 20.13 -41.19
CA THR D 24 39.49 20.82 -41.62
C THR D 24 39.24 22.33 -41.67
N VAL D 25 40.14 23.09 -41.05
CA VAL D 25 40.23 24.56 -41.24
C VAL D 25 41.45 24.85 -42.13
N VAL D 26 41.24 25.44 -43.30
CA VAL D 26 42.31 25.88 -44.24
C VAL D 26 42.57 27.38 -43.99
N GLY D 27 43.79 27.69 -43.56
CA GLY D 27 44.24 29.04 -43.15
C GLY D 27 44.20 29.17 -41.63
N VAL D 28 45.33 29.49 -41.00
CA VAL D 28 45.45 29.63 -39.53
C VAL D 28 45.88 31.06 -39.20
N GLY D 29 45.35 32.01 -39.97
CA GLY D 29 45.33 33.43 -39.58
C GLY D 29 44.34 33.65 -38.43
N ALA D 30 44.12 34.90 -38.07
CA ALA D 30 43.21 35.28 -36.97
C ALA D 30 41.87 34.54 -37.14
N VAL D 31 41.28 34.61 -38.33
CA VAL D 31 39.93 34.07 -38.63
C VAL D 31 39.96 32.54 -38.52
N GLY D 32 40.87 31.88 -39.24
CA GLY D 32 41.03 30.42 -39.17
C GLY D 32 41.06 29.91 -37.73
N MET D 33 41.93 30.47 -36.89
CA MET D 33 42.13 29.99 -35.51
C MET D 33 40.89 30.34 -34.66
N ALA D 34 40.23 31.45 -34.92
CA ALA D 34 38.97 31.81 -34.24
C ALA D 34 37.91 30.75 -34.57
N CYS D 35 37.83 30.32 -35.84
CA CYS D 35 36.96 29.20 -36.27
C CYS D 35 37.33 27.95 -35.47
N ALA D 36 38.62 27.59 -35.49
CA ALA D 36 39.17 26.36 -34.87
C ALA D 36 38.82 26.32 -33.38
N ILE D 37 39.18 27.35 -32.61
CA ILE D 37 38.94 27.38 -31.14
C ILE D 37 37.43 27.30 -30.90
N SER D 38 36.62 28.04 -31.66
CA SER D 38 35.15 28.10 -31.51
C SER D 38 34.54 26.73 -31.82
N ILE D 39 35.12 25.96 -32.74
CA ILE D 39 34.64 24.60 -33.12
C ILE D 39 35.05 23.59 -32.05
N LEU D 40 36.30 23.66 -31.56
CA LEU D 40 36.78 22.80 -30.45
C LEU D 40 35.79 22.87 -29.30
N MET D 41 35.43 24.10 -28.91
CA MET D 41 34.75 24.38 -27.62
C MET D 41 33.26 24.08 -27.72
N LYS D 42 32.73 23.85 -28.92
CA LYS D 42 31.37 23.32 -29.13
C LYS D 42 31.42 21.80 -29.25
N ASP D 43 32.60 21.20 -29.03
CA ASP D 43 32.85 19.74 -29.19
C ASP D 43 32.03 19.24 -30.41
N LEU D 44 32.38 19.69 -31.62
CA LEU D 44 31.69 19.31 -32.88
C LEU D 44 32.43 18.17 -33.56
N ALA D 45 33.72 18.02 -33.29
CA ALA D 45 34.61 17.19 -34.12
C ALA D 45 35.39 16.20 -33.26
N ASP D 46 35.62 15.00 -33.78
CA ASP D 46 36.52 13.98 -33.18
C ASP D 46 37.91 14.14 -33.78
N GLU D 47 38.04 14.74 -34.97
CA GLU D 47 39.37 15.11 -35.55
C GLU D 47 39.29 16.52 -36.12
N LEU D 48 40.30 17.33 -35.83
CA LEU D 48 40.44 18.71 -36.33
C LEU D 48 41.79 18.80 -37.04
N ALA D 49 41.78 19.23 -38.30
CA ALA D 49 42.97 19.34 -39.17
C ALA D 49 43.18 20.81 -39.56
N LEU D 50 44.38 21.35 -39.30
CA LEU D 50 44.78 22.72 -39.68
C LEU D 50 45.75 22.66 -40.87
N VAL D 51 45.51 23.50 -41.88
CA VAL D 51 46.35 23.59 -43.11
C VAL D 51 46.65 25.06 -43.42
N ASP D 52 47.93 25.40 -43.54
CA ASP D 52 48.43 26.70 -44.05
C ASP D 52 49.79 26.42 -44.69
N VAL D 53 50.46 27.45 -45.21
CA VAL D 53 51.68 27.34 -46.04
C VAL D 53 52.92 27.71 -45.21
N ILE D 54 52.78 28.61 -44.22
CA ILE D 54 53.87 28.94 -43.26
C ILE D 54 53.94 27.79 -42.25
N GLU D 55 54.93 26.89 -42.41
CA GLU D 55 54.98 25.57 -41.74
C GLU D 55 55.25 25.71 -40.24
N ASP D 56 56.20 26.56 -39.84
CA ASP D 56 56.66 26.68 -38.43
C ASP D 56 55.51 27.27 -37.60
N LYS D 57 54.83 28.29 -38.14
CA LYS D 57 53.67 28.97 -37.47
C LYS D 57 52.49 27.99 -37.35
N LEU D 58 52.22 27.22 -38.40
CA LEU D 58 51.12 26.21 -38.43
C LEU D 58 51.30 25.27 -37.25
N LYS D 59 52.48 24.67 -37.12
CA LYS D 59 52.77 23.62 -36.10
C LYS D 59 52.63 24.21 -34.70
N GLY D 60 52.94 25.49 -34.54
CA GLY D 60 52.83 26.17 -33.23
C GLY D 60 51.37 26.36 -32.84
N GLU D 61 50.52 26.75 -33.79
CA GLU D 61 49.08 26.94 -33.55
C GLU D 61 48.47 25.57 -33.21
N MET D 62 48.81 24.54 -33.98
CA MET D 62 48.40 23.14 -33.69
C MET D 62 48.78 22.79 -32.23
N MET D 63 50.04 22.94 -31.84
CA MET D 63 50.52 22.53 -30.50
C MET D 63 49.80 23.32 -29.41
N ASP D 64 49.63 24.63 -29.59
CA ASP D 64 49.01 25.51 -28.57
C ASP D 64 47.57 25.07 -28.38
N LEU D 65 46.88 24.75 -29.48
CA LEU D 65 45.47 24.32 -29.49
C LEU D 65 45.38 22.93 -28.85
N GLN D 66 46.25 22.00 -29.27
CA GLN D 66 46.41 20.66 -28.66
C GLN D 66 46.43 20.81 -27.13
N HIS D 67 47.33 21.64 -26.61
CA HIS D 67 47.60 21.74 -25.15
C HIS D 67 46.35 22.23 -24.43
N GLY D 68 45.68 23.22 -24.99
CA GLY D 68 44.43 23.76 -24.42
C GLY D 68 43.33 22.72 -24.46
N SER D 69 43.28 21.90 -25.52
CA SER D 69 42.21 20.92 -25.80
C SER D 69 42.22 19.81 -24.76
N LEU D 70 43.26 19.74 -23.94
CA LEU D 70 43.34 18.79 -22.79
C LEU D 70 42.25 19.09 -21.75
N PHE D 71 41.64 20.27 -21.80
CA PHE D 71 40.58 20.72 -20.86
C PHE D 71 39.21 20.68 -21.53
N LEU D 72 39.06 19.91 -22.61
CA LEU D 72 37.80 19.70 -23.36
C LEU D 72 37.60 18.21 -23.61
N ARG D 73 36.53 17.86 -24.31
CA ARG D 73 36.37 16.52 -24.93
C ARG D 73 37.40 16.46 -26.06
N THR D 74 38.65 16.11 -25.72
CA THR D 74 39.84 16.24 -26.61
C THR D 74 39.65 15.43 -27.89
N PRO D 75 39.62 16.07 -29.07
CA PRO D 75 39.68 15.36 -30.33
C PRO D 75 41.13 15.11 -30.72
N LYS D 76 41.34 14.38 -31.81
CA LYS D 76 42.63 14.33 -32.53
C LYS D 76 42.80 15.70 -33.19
N ILE D 77 43.99 16.28 -33.09
CA ILE D 77 44.32 17.59 -33.73
C ILE D 77 45.63 17.41 -34.49
N VAL D 78 45.59 17.61 -35.81
CA VAL D 78 46.73 17.40 -36.73
C VAL D 78 46.90 18.66 -37.59
N SER D 79 48.06 18.80 -38.26
CA SER D 79 48.35 19.94 -39.15
C SER D 79 49.41 19.54 -40.19
N GLY D 80 49.43 20.24 -41.33
CA GLY D 80 50.40 20.02 -42.41
C GLY D 80 50.24 21.02 -43.53
N LYS D 81 51.32 21.25 -44.28
CA LYS D 81 51.28 21.98 -45.57
C LYS D 81 50.58 21.09 -46.60
N ASP D 82 50.79 19.77 -46.49
CA ASP D 82 50.24 18.73 -47.42
C ASP D 82 48.80 18.42 -47.01
N TYR D 83 47.88 18.34 -47.98
CA TYR D 83 46.42 18.20 -47.75
C TYR D 83 46.05 16.77 -47.36
N ASN D 84 47.02 15.85 -47.34
CA ASN D 84 46.78 14.43 -46.99
C ASN D 84 46.30 14.33 -45.53
N VAL D 85 46.61 15.31 -44.70
CA VAL D 85 46.15 15.36 -43.28
C VAL D 85 44.66 15.74 -43.22
N THR D 86 44.03 16.11 -44.34
CA THR D 86 42.59 16.54 -44.34
C THR D 86 41.69 15.39 -44.79
N ALA D 87 42.23 14.17 -44.95
CA ALA D 87 41.52 13.00 -45.51
C ALA D 87 40.26 12.69 -44.68
N ASN D 88 39.14 12.39 -45.34
CA ASN D 88 37.85 11.98 -44.75
C ASN D 88 37.30 13.08 -43.85
N SER D 89 37.41 14.34 -44.26
CA SER D 89 36.77 15.47 -43.55
C SER D 89 35.29 15.47 -43.91
N LYS D 90 34.41 15.60 -42.92
CA LYS D 90 32.96 15.75 -43.14
C LYS D 90 32.73 17.20 -43.59
N LEU D 91 33.53 18.14 -43.05
CA LEU D 91 33.37 19.59 -43.31
C LEU D 91 34.76 20.23 -43.47
N VAL D 92 34.95 21.03 -44.51
CA VAL D 92 36.21 21.80 -44.75
C VAL D 92 35.86 23.28 -44.82
N ILE D 93 36.46 24.07 -43.91
CA ILE D 93 36.28 25.54 -43.83
C ILE D 93 37.49 26.21 -44.50
N ILE D 94 37.26 26.92 -45.60
CA ILE D 94 38.29 27.69 -46.35
C ILE D 94 38.28 29.13 -45.81
N THR D 95 39.38 29.54 -45.18
CA THR D 95 39.62 30.95 -44.74
C THR D 95 40.76 31.57 -45.56
N ALA D 96 41.59 30.76 -46.22
CA ALA D 96 42.71 31.24 -47.09
C ALA D 96 42.18 32.20 -48.13
N GLY D 97 42.93 33.23 -48.45
CA GLY D 97 42.62 34.17 -49.55
C GLY D 97 43.78 35.11 -49.80
N ALA D 98 43.61 36.02 -50.76
CA ALA D 98 44.49 37.19 -50.94
C ALA D 98 43.75 38.40 -50.40
N ARG D 99 44.46 39.31 -49.73
CA ARG D 99 43.93 40.64 -49.37
C ARG D 99 44.33 41.60 -50.49
N GLN D 100 43.42 42.49 -50.89
CA GLN D 100 43.58 43.49 -51.98
C GLN D 100 44.76 44.40 -51.63
N GLN D 101 45.77 44.46 -52.51
CA GLN D 101 46.90 45.45 -52.45
C GLN D 101 46.42 46.83 -52.93
N GLU D 102 47.20 47.87 -52.63
CA GLU D 102 46.91 49.27 -53.03
C GLU D 102 46.95 49.38 -54.57
N GLY D 103 45.87 49.91 -55.15
CA GLY D 103 45.75 50.17 -56.60
C GLY D 103 45.34 48.93 -57.37
N GLU D 104 45.14 47.78 -56.71
CA GLU D 104 44.72 46.51 -57.35
C GLU D 104 43.22 46.59 -57.65
N SER D 105 42.79 46.16 -58.84
CA SER D 105 41.37 46.15 -59.27
C SER D 105 40.63 45.02 -58.55
N ARG D 106 39.34 45.22 -58.29
CA ARG D 106 38.47 44.17 -57.72
C ARG D 106 38.63 42.89 -58.53
N LEU D 107 38.52 42.96 -59.87
CA LEU D 107 38.64 41.78 -60.77
C LEU D 107 39.98 41.07 -60.53
N ASN D 108 41.06 41.82 -60.35
CA ASN D 108 42.42 41.25 -60.29
C ASN D 108 42.58 40.44 -58.99
N LEU D 109 42.06 40.98 -57.89
CA LEU D 109 42.03 40.34 -56.55
C LEU D 109 41.30 39.01 -56.64
N VAL D 110 40.10 39.01 -57.21
CA VAL D 110 39.25 37.79 -57.31
C VAL D 110 40.03 36.74 -58.11
N GLN D 111 40.72 37.14 -59.18
CA GLN D 111 41.47 36.19 -60.06
C GLN D 111 42.63 35.58 -59.27
N ARG D 112 43.25 36.36 -58.38
CA ARG D 112 44.36 35.84 -57.53
C ARG D 112 43.76 34.85 -56.53
N ASN D 113 42.60 35.16 -55.93
CA ASN D 113 41.84 34.22 -55.07
C ASN D 113 41.50 32.97 -55.87
N VAL D 114 41.04 33.14 -57.12
CA VAL D 114 40.73 32.00 -58.03
C VAL D 114 41.96 31.11 -58.17
N ASN D 115 43.12 31.71 -58.43
CA ASN D 115 44.37 30.95 -58.73
C ASN D 115 44.79 30.19 -57.47
N ILE D 116 44.51 30.73 -56.27
CA ILE D 116 44.79 30.05 -54.97
C ILE D 116 43.84 28.86 -54.83
N PHE D 117 42.53 29.09 -55.01
CA PHE D 117 41.49 28.05 -54.87
C PHE D 117 41.74 26.94 -55.89
N LYS D 118 42.41 27.23 -57.01
CA LYS D 118 42.76 26.21 -58.05
C LYS D 118 43.81 25.25 -57.52
N PHE D 119 44.55 25.61 -56.46
CA PHE D 119 45.49 24.70 -55.73
C PHE D 119 44.76 24.02 -54.57
N ILE D 120 43.99 24.80 -53.80
CA ILE D 120 43.34 24.34 -52.52
C ILE D 120 42.21 23.34 -52.86
N ILE D 121 41.20 23.77 -53.61
CA ILE D 121 39.91 23.03 -53.73
C ILE D 121 40.17 21.64 -54.31
N PRO D 122 40.94 21.46 -55.40
CA PRO D 122 41.19 20.13 -55.94
C PRO D 122 41.91 19.18 -54.96
N ASN D 123 42.80 19.72 -54.13
CA ASN D 123 43.49 18.97 -53.05
C ASN D 123 42.49 18.59 -51.96
N VAL D 124 41.61 19.50 -51.56
CA VAL D 124 40.56 19.24 -50.52
C VAL D 124 39.70 18.06 -51.00
N VAL D 125 39.23 18.15 -52.24
CA VAL D 125 38.31 17.19 -52.95
C VAL D 125 39.02 15.85 -53.12
N LYS D 126 40.28 15.87 -53.55
CA LYS D 126 41.09 14.65 -53.72
C LYS D 126 40.96 13.79 -52.47
N TYR D 127 41.09 14.38 -51.29
CA TYR D 127 41.27 13.67 -49.99
C TYR D 127 39.95 13.55 -49.21
N SER D 128 38.96 14.40 -49.46
CA SER D 128 37.64 14.40 -48.76
C SER D 128 36.52 14.60 -49.78
N PRO D 129 36.30 13.64 -50.71
CA PRO D 129 35.41 13.86 -51.85
C PRO D 129 33.92 14.07 -51.49
N ASN D 130 33.47 13.66 -50.31
CA ASN D 130 32.04 13.75 -49.88
C ASN D 130 31.87 14.84 -48.81
N CYS D 131 32.86 15.72 -48.63
CA CYS D 131 32.84 16.79 -47.61
C CYS D 131 31.81 17.87 -48.00
N LYS D 132 31.45 18.72 -47.04
CA LYS D 132 30.78 20.03 -47.28
C LYS D 132 31.85 21.10 -47.26
N LEU D 133 31.84 22.01 -48.24
CA LEU D 133 32.74 23.18 -48.29
C LEU D 133 32.02 24.38 -47.70
N LEU D 134 32.61 24.96 -46.65
CA LEU D 134 32.14 26.21 -46.02
C LEU D 134 33.18 27.29 -46.32
N ILE D 135 32.81 28.29 -47.13
CA ILE D 135 33.72 29.35 -47.63
C ILE D 135 33.54 30.60 -46.75
N VAL D 136 34.64 31.08 -46.18
CA VAL D 136 34.67 32.26 -45.26
C VAL D 136 35.45 33.40 -45.93
N SER D 137 36.49 33.09 -46.70
CA SER D 137 37.32 34.03 -47.50
C SER D 137 36.44 35.07 -48.17
N ASN D 138 36.84 36.35 -48.14
CA ASN D 138 36.14 37.48 -48.81
C ASN D 138 36.78 37.74 -50.17
N PRO D 139 36.04 38.24 -51.19
CA PRO D 139 34.58 38.48 -51.10
C PRO D 139 33.79 37.17 -51.26
N VAL D 140 32.94 36.87 -50.28
CA VAL D 140 32.53 35.48 -49.95
C VAL D 140 31.53 34.96 -51.00
N ASP D 141 30.65 35.82 -51.51
CA ASP D 141 29.60 35.40 -52.48
C ASP D 141 30.27 34.93 -53.78
N ILE D 142 31.39 35.55 -54.19
CA ILE D 142 32.11 35.21 -55.46
C ILE D 142 32.97 33.97 -55.20
N LEU D 143 33.65 33.91 -54.06
CA LEU D 143 34.61 32.83 -53.76
C LEU D 143 33.87 31.52 -53.49
N THR D 144 32.61 31.60 -53.06
CA THR D 144 31.73 30.42 -52.95
C THR D 144 31.48 29.88 -54.38
N TYR D 145 31.07 30.74 -55.30
CA TYR D 145 30.95 30.42 -56.75
C TYR D 145 32.25 29.76 -57.23
N VAL D 146 33.40 30.34 -56.88
CA VAL D 146 34.73 29.86 -57.37
C VAL D 146 34.94 28.42 -56.89
N ALA D 147 34.69 28.15 -55.61
CA ALA D 147 34.87 26.83 -54.97
C ALA D 147 33.88 25.83 -55.58
N TRP D 148 32.66 26.26 -55.88
CA TRP D 148 31.62 25.43 -56.52
C TRP D 148 32.11 24.96 -57.90
N LYS D 149 32.62 25.90 -58.71
CA LYS D 149 33.07 25.62 -60.10
C LYS D 149 34.25 24.65 -60.06
N ILE D 150 35.25 24.95 -59.24
CA ILE D 150 36.53 24.17 -59.22
C ILE D 150 36.26 22.77 -58.66
N SER D 151 35.38 22.65 -57.66
CA SER D 151 35.11 21.39 -56.92
C SER D 151 34.27 20.44 -57.76
N GLY D 152 33.36 20.99 -58.58
CA GLY D 152 32.34 20.23 -59.31
C GLY D 152 31.37 19.57 -58.36
N PHE D 153 31.29 20.04 -57.13
CA PHE D 153 30.36 19.57 -56.08
C PHE D 153 28.97 20.05 -56.45
N PRO D 154 27.92 19.32 -56.03
CA PRO D 154 26.55 19.80 -56.17
C PRO D 154 26.34 21.02 -55.26
N LYS D 155 25.34 21.85 -55.57
CA LYS D 155 25.17 23.20 -54.95
C LYS D 155 24.90 23.08 -53.45
N ASN D 156 24.44 21.90 -52.99
CA ASN D 156 24.06 21.64 -51.58
C ASN D 156 25.31 21.53 -50.67
N ARG D 157 26.46 21.15 -51.23
CA ARG D 157 27.70 20.88 -50.45
C ARG D 157 28.69 22.04 -50.60
N VAL D 158 28.23 23.20 -51.08
CA VAL D 158 29.07 24.42 -51.16
C VAL D 158 28.26 25.61 -50.64
N ILE D 159 28.72 26.16 -49.51
CA ILE D 159 28.01 27.14 -48.66
C ILE D 159 29.00 28.26 -48.34
N GLY D 160 28.53 29.52 -48.32
CA GLY D 160 29.34 30.67 -47.90
C GLY D 160 28.85 31.22 -46.58
N SER D 161 29.77 31.60 -45.69
CA SER D 161 29.47 32.25 -44.39
C SER D 161 28.34 33.28 -44.56
N GLY D 162 28.26 33.94 -45.71
CA GLY D 162 27.14 34.80 -46.12
C GLY D 162 26.78 35.84 -45.07
N CYS D 163 25.48 36.03 -44.88
CA CYS D 163 24.90 37.10 -44.02
C CYS D 163 24.47 36.54 -42.66
N ASN D 164 25.01 35.38 -42.27
CA ASN D 164 24.71 34.73 -40.98
C ASN D 164 25.02 35.72 -39.85
N LEU D 165 26.20 36.33 -39.87
CA LEU D 165 26.66 37.26 -38.79
C LEU D 165 25.89 38.58 -38.86
N ASP D 166 25.69 39.13 -40.07
CA ASP D 166 25.02 40.45 -40.22
C ASP D 166 23.58 40.32 -39.70
N SER D 167 22.90 39.20 -39.98
CA SER D 167 21.52 38.91 -39.52
C SER D 167 21.47 38.83 -37.99
N ALA D 168 22.42 38.14 -37.37
CA ALA D 168 22.54 38.07 -35.89
C ALA D 168 22.62 39.49 -35.34
N ARG D 169 23.49 40.32 -35.94
CA ARG D 169 23.73 41.73 -35.52
C ARG D 169 22.44 42.53 -35.63
N PHE D 170 21.74 42.36 -36.74
CA PHE D 170 20.45 43.05 -37.03
C PHE D 170 19.48 42.74 -35.89
N ARG D 171 19.28 41.44 -35.63
CA ARG D 171 18.34 40.91 -34.62
C ARG D 171 18.72 41.47 -33.24
N TYR D 172 20.01 41.69 -32.94
CA TYR D 172 20.41 42.26 -31.63
C TYR D 172 19.77 43.64 -31.48
N LEU D 173 19.93 44.50 -32.48
CA LEU D 173 19.46 45.92 -32.45
C LEU D 173 17.92 45.93 -32.49
N MET D 174 17.33 45.08 -33.33
CA MET D 174 15.87 44.82 -33.32
C MET D 174 15.42 44.56 -31.88
N GLY D 175 16.12 43.69 -31.16
CA GLY D 175 15.81 43.33 -29.77
C GLY D 175 15.89 44.53 -28.86
N GLU D 176 17.02 45.25 -28.90
CA GLU D 176 17.29 46.45 -28.07
C GLU D 176 16.13 47.44 -28.24
N ARG D 177 15.61 47.59 -29.46
CA ARG D 177 14.54 48.58 -29.79
C ARG D 177 13.17 48.15 -29.24
N LEU D 178 12.87 46.84 -29.25
CA LEU D 178 11.55 46.30 -28.81
C LEU D 178 11.57 45.92 -27.31
N GLY D 179 12.76 45.91 -26.68
CA GLY D 179 12.94 45.42 -25.29
C GLY D 179 12.63 43.93 -25.19
N VAL D 180 13.25 43.15 -26.07
CA VAL D 180 13.04 41.69 -26.30
C VAL D 180 14.42 41.05 -26.51
N HIS D 181 14.67 39.85 -25.97
CA HIS D 181 15.95 39.12 -26.16
C HIS D 181 16.14 38.87 -27.65
N PRO D 182 17.35 39.15 -28.20
CA PRO D 182 17.65 38.89 -29.60
C PRO D 182 17.13 37.55 -30.19
N LEU D 183 17.11 36.48 -29.38
CA LEU D 183 16.77 35.10 -29.84
C LEU D 183 15.25 34.96 -29.96
N SER D 184 14.47 35.89 -29.39
CA SER D 184 13.00 35.97 -29.49
C SER D 184 12.59 36.85 -30.67
N CYS D 185 13.54 37.57 -31.28
CA CYS D 185 13.37 38.35 -32.54
C CYS D 185 13.75 37.48 -33.74
N HIS D 186 13.01 37.62 -34.83
CA HIS D 186 13.28 36.98 -36.14
C HIS D 186 13.35 38.06 -37.21
N GLY D 187 14.17 37.84 -38.23
CA GLY D 187 14.46 38.83 -39.27
C GLY D 187 15.77 38.51 -39.95
N TRP D 188 15.79 38.57 -41.28
CA TRP D 188 16.97 38.21 -42.10
C TRP D 188 17.61 39.45 -42.71
N VAL D 189 18.90 39.34 -43.00
CA VAL D 189 19.62 40.24 -43.93
C VAL D 189 20.12 39.33 -45.06
N LEU D 190 19.62 39.52 -46.29
CA LEU D 190 19.88 38.64 -47.45
C LEU D 190 20.69 39.37 -48.52
N GLY D 191 21.21 38.61 -49.49
CA GLY D 191 21.86 39.12 -50.71
C GLY D 191 23.37 39.14 -50.60
N GLU D 192 23.98 40.17 -51.18
CA GLU D 192 25.46 40.34 -51.19
C GLU D 192 25.90 40.69 -49.77
N HIS D 193 26.86 39.93 -49.23
CA HIS D 193 27.50 40.19 -47.91
C HIS D 193 28.00 41.64 -47.84
N GLY D 194 27.49 42.43 -46.89
CA GLY D 194 27.98 43.78 -46.51
C GLY D 194 27.49 44.87 -47.44
N ASP D 195 27.03 46.01 -46.90
CA ASP D 195 26.69 47.28 -47.62
C ASP D 195 25.43 47.10 -48.47
N SER D 196 25.47 46.23 -49.48
CA SER D 196 24.39 45.95 -50.46
C SER D 196 23.34 44.99 -49.89
N SER D 197 23.61 44.39 -48.72
CA SER D 197 22.71 43.43 -48.04
C SER D 197 21.35 44.09 -47.79
N VAL D 198 20.28 43.31 -47.90
CA VAL D 198 18.86 43.77 -47.85
C VAL D 198 18.23 43.31 -46.56
N PRO D 199 17.88 44.23 -45.63
CA PRO D 199 16.98 43.89 -44.53
C PRO D 199 15.58 43.56 -45.07
N VAL D 200 15.08 42.36 -44.78
CA VAL D 200 13.76 41.84 -45.26
C VAL D 200 12.71 42.13 -44.19
N TRP D 201 12.07 43.29 -44.27
CA TRP D 201 11.09 43.84 -43.29
C TRP D 201 9.83 42.97 -43.28
N SER D 202 9.41 42.44 -44.44
CA SER D 202 8.17 41.63 -44.57
C SER D 202 8.19 40.52 -43.51
N GLY D 203 9.30 39.78 -43.38
CA GLY D 203 9.41 38.61 -42.49
C GLY D 203 10.05 38.90 -41.14
N MET D 204 9.91 40.12 -40.59
CA MET D 204 10.45 40.47 -39.24
C MET D 204 9.30 40.47 -38.25
N ASN D 205 9.41 39.62 -37.21
CA ASN D 205 8.33 39.33 -36.25
C ASN D 205 8.91 39.08 -34.86
N VAL D 206 8.05 39.16 -33.84
CA VAL D 206 8.30 38.63 -32.47
C VAL D 206 7.11 37.73 -32.15
N ALA D 207 7.35 36.44 -31.87
CA ALA D 207 6.29 35.48 -31.50
C ALA D 207 5.26 35.41 -32.63
N GLY D 208 5.68 35.64 -33.88
CA GLY D 208 4.82 35.49 -35.07
C GLY D 208 3.97 36.72 -35.35
N VAL D 209 4.06 37.78 -34.53
CA VAL D 209 3.39 39.09 -34.75
C VAL D 209 4.27 39.91 -35.69
N SER D 210 3.90 40.03 -36.96
CA SER D 210 4.67 40.76 -37.99
C SER D 210 4.78 42.25 -37.60
N LEU D 211 6.01 42.80 -37.63
CA LEU D 211 6.28 44.23 -37.36
C LEU D 211 5.73 45.08 -38.52
N LYS D 212 5.91 44.61 -39.77
CA LYS D 212 5.34 45.23 -40.99
C LYS D 212 3.84 45.48 -40.80
N THR D 213 3.10 44.49 -40.30
CA THR D 213 1.64 44.55 -40.04
C THR D 213 1.31 45.68 -39.07
N LEU D 214 2.05 45.82 -37.96
CA LEU D 214 1.72 46.78 -36.88
C LEU D 214 2.12 48.20 -37.26
N HIS D 215 3.11 48.35 -38.16
CA HIS D 215 3.78 49.65 -38.49
C HIS D 215 4.14 49.66 -39.96
N PRO D 216 3.16 49.74 -40.89
CA PRO D 216 3.38 49.39 -42.30
C PRO D 216 4.44 50.26 -42.98
N ASP D 217 4.80 51.40 -42.38
CA ASP D 217 5.88 52.30 -42.83
C ASP D 217 7.19 51.89 -42.15
N LEU D 218 7.59 50.62 -42.21
CA LEU D 218 8.75 50.11 -41.45
C LEU D 218 10.04 50.40 -42.24
N GLY D 219 10.24 49.76 -43.39
CA GLY D 219 11.51 49.88 -44.16
C GLY D 219 11.71 51.27 -44.75
N THR D 220 10.63 52.03 -44.93
CA THR D 220 10.50 53.24 -45.77
C THR D 220 11.24 54.44 -45.16
N ASP D 221 11.35 55.52 -45.95
CA ASP D 221 11.99 56.81 -45.59
C ASP D 221 11.05 57.66 -44.72
N LYS D 222 9.73 57.53 -44.92
CA LYS D 222 8.69 58.21 -44.10
C LYS D 222 8.41 57.40 -42.81
N ASP D 223 9.40 56.64 -42.32
CA ASP D 223 9.32 55.87 -41.05
C ASP D 223 9.63 56.79 -39.88
N LYS D 224 8.64 57.03 -39.02
CA LYS D 224 8.79 57.94 -37.85
C LYS D 224 9.92 57.43 -36.94
N GLU D 225 10.13 56.11 -36.84
CA GLU D 225 11.08 55.45 -35.90
C GLU D 225 12.43 55.18 -36.57
N GLN D 226 12.50 55.22 -37.90
CA GLN D 226 13.76 55.25 -38.70
C GLN D 226 14.52 53.91 -38.58
N TRP D 227 13.83 52.81 -38.86
CA TRP D 227 14.39 51.44 -38.77
C TRP D 227 15.47 51.23 -39.83
N LYS D 228 15.52 52.07 -40.87
CA LYS D 228 16.63 52.07 -41.87
C LYS D 228 17.96 52.18 -41.14
N GLU D 229 18.00 52.97 -40.05
CA GLU D 229 19.25 53.27 -39.27
C GLU D 229 19.82 51.98 -38.67
N VAL D 230 18.97 50.96 -38.46
CA VAL D 230 19.40 49.65 -37.89
C VAL D 230 20.35 48.98 -38.89
N HIS D 231 19.93 48.74 -40.13
CA HIS D 231 20.78 48.10 -41.17
C HIS D 231 22.05 48.91 -41.40
N LYS D 232 21.97 50.24 -41.25
CA LYS D 232 23.14 51.15 -41.39
C LYS D 232 24.13 50.82 -40.27
N GLN D 233 23.66 50.78 -39.02
CA GLN D 233 24.51 50.56 -37.81
C GLN D 233 25.13 49.16 -37.85
N VAL D 234 24.46 48.18 -38.49
CA VAL D 234 24.99 46.79 -38.67
C VAL D 234 26.27 46.88 -39.50
N VAL D 235 26.23 47.62 -40.60
CA VAL D 235 27.36 47.75 -41.58
C VAL D 235 28.48 48.60 -40.97
N GLU D 236 28.15 49.70 -40.31
CA GLU D 236 29.14 50.56 -39.59
C GLU D 236 29.86 49.74 -38.53
N SER D 237 29.15 48.81 -37.87
CA SER D 237 29.70 47.97 -36.76
C SER D 237 30.84 47.12 -37.30
N ALA D 238 30.68 46.54 -38.49
CA ALA D 238 31.71 45.74 -39.18
C ALA D 238 33.00 46.56 -39.30
N TYR D 239 32.89 47.82 -39.78
CA TYR D 239 34.02 48.75 -40.04
C TYR D 239 34.63 49.20 -38.72
N GLU D 240 33.82 49.65 -37.76
CA GLU D 240 34.31 50.21 -36.47
C GLU D 240 35.21 49.17 -35.78
N VAL D 241 34.93 47.87 -35.97
CA VAL D 241 35.79 46.78 -35.43
C VAL D 241 37.16 46.88 -36.10
N ILE D 242 37.19 46.96 -37.44
CA ILE D 242 38.46 46.95 -38.24
C ILE D 242 39.26 48.22 -37.92
N LYS D 243 38.61 49.39 -37.86
CA LYS D 243 39.26 50.68 -37.52
C LYS D 243 39.95 50.57 -36.17
N LEU D 244 39.30 49.97 -35.17
CA LEU D 244 39.72 50.00 -33.73
C LEU D 244 40.71 48.89 -33.40
N LYS D 245 40.60 47.73 -34.06
CA LYS D 245 41.35 46.49 -33.69
C LYS D 245 42.32 46.12 -34.80
N GLY D 246 41.98 46.42 -36.06
CA GLY D 246 42.81 46.09 -37.25
C GLY D 246 42.11 45.08 -38.14
N TYR D 247 41.33 44.18 -37.54
CA TYR D 247 40.68 43.03 -38.22
C TYR D 247 39.54 42.50 -37.33
N THR D 248 38.69 41.65 -37.90
CA THR D 248 37.66 40.88 -37.14
C THR D 248 38.10 39.41 -37.14
N SER D 249 38.11 38.79 -35.96
CA SER D 249 38.37 37.34 -35.79
C SER D 249 37.18 36.68 -35.07
N TRP D 250 36.92 37.06 -33.82
CA TRP D 250 35.97 36.37 -32.90
C TRP D 250 34.59 36.24 -33.54
N ALA D 251 34.09 37.32 -34.12
CA ALA D 251 32.71 37.43 -34.65
C ALA D 251 32.51 36.42 -35.79
N ILE D 252 33.46 36.26 -36.70
CA ILE D 252 33.32 35.33 -37.86
C ILE D 252 33.57 33.91 -37.34
N GLY D 253 34.48 33.77 -36.39
CA GLY D 253 34.79 32.48 -35.74
C GLY D 253 33.53 31.83 -35.23
N LEU D 254 32.76 32.57 -34.43
CA LEU D 254 31.53 32.06 -33.77
C LEU D 254 30.40 31.94 -34.78
N SER D 255 30.31 32.86 -35.75
CA SER D 255 29.33 32.79 -36.86
C SER D 255 29.56 31.51 -37.65
N VAL D 256 30.81 31.15 -37.91
CA VAL D 256 31.17 29.91 -38.64
C VAL D 256 30.88 28.69 -37.75
N ALA D 257 31.26 28.72 -36.48
CA ALA D 257 30.99 27.65 -35.50
C ALA D 257 29.47 27.35 -35.48
N ASP D 258 28.64 28.39 -35.44
CA ASP D 258 27.16 28.31 -35.51
C ASP D 258 26.75 27.49 -36.75
N LEU D 259 27.30 27.79 -37.92
CA LEU D 259 26.97 27.11 -39.19
C LEU D 259 27.48 25.67 -39.14
N ALA D 260 28.68 25.47 -38.57
CA ALA D 260 29.32 24.15 -38.43
C ALA D 260 28.45 23.26 -37.53
N GLU D 261 27.93 23.81 -36.43
CA GLU D 261 27.07 23.07 -35.47
C GLU D 261 25.84 22.54 -36.24
N SER D 262 25.14 23.40 -36.97
CA SER D 262 23.96 23.03 -37.77
C SER D 262 24.28 21.87 -38.72
N ILE D 263 25.45 21.88 -39.34
CA ILE D 263 25.84 20.84 -40.34
C ILE D 263 26.22 19.57 -39.58
N MET D 264 27.11 19.68 -38.59
CA MET D 264 27.79 18.53 -37.97
C MET D 264 26.81 17.76 -37.06
N LYS D 265 25.87 18.47 -36.44
CA LYS D 265 24.87 17.88 -35.51
C LYS D 265 23.51 17.79 -36.21
N ASN D 266 23.47 17.94 -37.54
CA ASN D 266 22.27 17.79 -38.39
C ASN D 266 21.05 18.47 -37.77
N LEU D 267 21.17 19.74 -37.36
CA LEU D 267 20.09 20.51 -36.66
C LEU D 267 18.98 20.94 -37.60
N ARG D 268 19.21 20.92 -38.92
CA ARG D 268 18.22 21.37 -39.92
C ARG D 268 17.69 22.75 -39.49
N ARG D 269 18.61 23.65 -39.14
CA ARG D 269 18.34 25.05 -38.74
C ARG D 269 18.44 25.95 -39.97
N VAL D 270 17.83 27.13 -39.89
CA VAL D 270 17.76 28.11 -41.01
C VAL D 270 18.86 29.15 -40.82
N HIS D 271 19.75 29.27 -41.80
CA HIS D 271 20.82 30.30 -41.84
C HIS D 271 20.78 31.03 -43.18
N PRO D 272 20.96 32.38 -43.18
CA PRO D 272 21.07 33.12 -44.42
C PRO D 272 22.50 32.99 -44.92
N VAL D 273 22.78 31.95 -45.71
CA VAL D 273 24.14 31.61 -46.20
C VAL D 273 24.17 31.71 -47.73
N SER D 274 25.33 32.08 -48.27
CA SER D 274 25.59 32.14 -49.73
C SER D 274 25.36 30.76 -50.33
N THR D 275 24.43 30.65 -51.26
CA THR D 275 24.21 29.43 -52.08
C THR D 275 23.77 29.82 -53.49
N MET D 276 23.94 28.89 -54.42
CA MET D 276 23.57 29.06 -55.86
C MET D 276 22.08 29.38 -55.94
N ILE D 277 21.75 30.51 -56.57
CA ILE D 277 20.44 31.21 -56.46
C ILE D 277 19.81 31.40 -57.85
N LYS D 278 20.38 30.82 -58.91
CA LYS D 278 19.82 30.86 -60.28
C LYS D 278 18.44 30.19 -60.24
N GLY D 279 17.42 30.86 -60.76
CA GLY D 279 16.01 30.40 -60.72
C GLY D 279 15.15 31.40 -59.99
N LEU D 280 15.69 31.98 -58.90
CA LEU D 280 14.94 32.86 -57.97
C LEU D 280 15.14 34.34 -58.35
N TYR D 281 14.14 35.16 -58.04
CA TYR D 281 14.18 36.65 -58.09
C TYR D 281 14.64 37.13 -59.48
N GLY D 282 14.23 36.39 -60.52
CA GLY D 282 14.51 36.70 -61.94
C GLY D 282 16.01 36.83 -62.20
N ILE D 283 16.79 35.89 -61.66
CA ILE D 283 18.28 35.83 -61.81
C ILE D 283 18.57 34.56 -62.63
N LYS D 284 19.22 34.72 -63.78
CA LYS D 284 19.44 33.64 -64.77
C LYS D 284 20.93 33.21 -64.78
N ASP D 285 21.79 33.93 -64.06
CA ASP D 285 23.25 33.66 -63.99
C ASP D 285 23.59 32.75 -62.80
N ASP D 286 24.71 32.03 -62.88
CA ASP D 286 25.28 31.18 -61.79
C ASP D 286 25.96 32.08 -60.74
N VAL D 287 25.18 32.83 -59.95
CA VAL D 287 25.72 33.66 -58.84
C VAL D 287 25.26 33.05 -57.51
N PHE D 288 26.01 33.33 -56.43
CA PHE D 288 25.66 32.94 -55.05
C PHE D 288 25.30 34.19 -54.26
N LEU D 289 24.19 34.14 -53.54
CA LEU D 289 23.78 35.17 -52.54
C LEU D 289 23.21 34.46 -51.30
N SER D 290 23.05 35.21 -50.23
CA SER D 290 22.49 34.70 -48.95
C SER D 290 20.96 34.72 -49.06
N VAL D 291 20.35 33.54 -49.02
CA VAL D 291 18.90 33.30 -48.77
C VAL D 291 18.78 32.29 -47.64
N PRO D 292 17.66 32.24 -46.91
CA PRO D 292 17.50 31.26 -45.83
C PRO D 292 17.60 29.81 -46.33
N CYS D 293 18.53 29.06 -45.75
CA CYS D 293 18.78 27.63 -46.09
C CYS D 293 18.66 26.78 -44.83
N ILE D 294 18.06 25.60 -44.96
CA ILE D 294 18.07 24.56 -43.91
C ILE D 294 19.45 23.88 -44.02
N LEU D 295 20.29 24.01 -42.99
CA LEU D 295 21.63 23.37 -42.94
C LEU D 295 21.52 22.08 -42.12
N GLY D 296 22.01 20.98 -42.69
CA GLY D 296 22.06 19.66 -42.05
C GLY D 296 23.31 18.92 -42.45
N GLN D 297 23.37 17.62 -42.21
CA GLN D 297 24.60 16.81 -42.36
C GLN D 297 24.97 16.67 -43.84
N ASN D 298 24.08 17.02 -44.77
CA ASN D 298 24.35 16.97 -46.23
C ASN D 298 24.45 18.40 -46.78
N GLY D 299 24.71 19.36 -45.91
CA GLY D 299 24.77 20.80 -46.25
C GLY D 299 23.37 21.35 -46.43
N ILE D 300 23.16 22.14 -47.48
CA ILE D 300 21.87 22.84 -47.76
C ILE D 300 20.88 21.82 -48.34
N SER D 301 19.94 21.37 -47.52
CA SER D 301 18.89 20.38 -47.89
C SER D 301 17.70 21.10 -48.55
N ASP D 302 17.42 22.35 -48.15
CA ASP D 302 16.22 23.11 -48.58
C ASP D 302 16.51 24.62 -48.56
N LEU D 303 15.87 25.37 -49.46
CA LEU D 303 15.76 26.85 -49.39
C LEU D 303 14.36 27.23 -48.93
N VAL D 304 14.22 28.36 -48.26
CA VAL D 304 12.90 28.94 -47.91
C VAL D 304 12.65 30.08 -48.90
N LYS D 305 11.61 29.96 -49.72
CA LYS D 305 11.29 30.93 -50.79
C LYS D 305 10.66 32.17 -50.13
N VAL D 306 11.48 33.18 -49.86
CA VAL D 306 11.02 34.44 -49.22
C VAL D 306 10.41 35.31 -50.32
N THR D 307 9.19 35.81 -50.11
CA THR D 307 8.53 36.80 -51.01
C THR D 307 9.12 38.18 -50.69
N LEU D 308 9.74 38.80 -51.70
CA LEU D 308 10.45 40.11 -51.61
C LEU D 308 9.65 41.17 -52.38
N THR D 309 9.69 42.43 -51.95
CA THR D 309 9.07 43.57 -52.68
C THR D 309 9.83 43.72 -54.02
N SER D 310 9.42 44.65 -54.89
CA SER D 310 10.13 44.96 -56.15
C SER D 310 11.45 45.67 -55.83
N GLU D 311 11.49 46.50 -54.78
CA GLU D 311 12.71 47.20 -54.26
C GLU D 311 13.75 46.16 -53.85
N GLU D 312 13.36 45.26 -52.92
CA GLU D 312 14.20 44.17 -52.39
C GLU D 312 14.73 43.33 -53.57
N GLU D 313 13.82 42.86 -54.46
CA GLU D 313 14.11 42.01 -55.64
C GLU D 313 15.13 42.70 -56.56
N ALA D 314 14.98 44.01 -56.78
CA ALA D 314 15.85 44.82 -57.66
C ALA D 314 17.25 44.95 -57.05
N ARG D 315 17.32 45.17 -55.73
CA ARG D 315 18.60 45.36 -55.00
C ARG D 315 19.43 44.07 -55.07
N LEU D 316 18.76 42.91 -55.01
CA LEU D 316 19.40 41.57 -55.18
C LEU D 316 19.85 41.43 -56.63
N LYS D 317 18.92 41.60 -57.57
CA LYS D 317 19.16 41.52 -59.03
C LYS D 317 20.41 42.36 -59.39
N LYS D 318 20.53 43.56 -58.83
CA LYS D 318 21.65 44.50 -59.09
C LYS D 318 22.96 43.89 -58.58
N SER D 319 22.94 43.28 -57.39
CA SER D 319 24.10 42.57 -56.79
C SER D 319 24.50 41.39 -57.69
N ALA D 320 23.52 40.60 -58.13
CA ALA D 320 23.75 39.43 -59.01
C ALA D 320 24.43 39.86 -60.31
N ASP D 321 24.07 41.03 -60.84
CA ASP D 321 24.67 41.60 -62.09
C ASP D 321 26.13 41.94 -61.80
N THR D 322 26.40 42.81 -60.82
CA THR D 322 27.77 43.19 -60.38
C THR D 322 28.65 41.94 -60.24
N LEU D 323 28.12 40.89 -59.59
CA LEU D 323 28.88 39.65 -59.27
C LEU D 323 29.16 38.86 -60.56
N TRP D 324 28.15 38.68 -61.42
CA TRP D 324 28.35 37.99 -62.71
C TRP D 324 29.30 38.83 -63.58
N GLY D 325 29.24 40.16 -63.44
CA GLY D 325 30.14 41.13 -64.09
C GLY D 325 31.60 40.77 -63.90
N ILE D 326 31.96 40.30 -62.71
CA ILE D 326 33.35 39.85 -62.38
C ILE D 326 33.50 38.37 -62.76
N GLN D 327 32.52 37.54 -62.43
CA GLN D 327 32.61 36.07 -62.56
C GLN D 327 32.89 35.68 -64.03
N LYS D 328 32.27 36.39 -64.98
CA LYS D 328 32.35 36.06 -66.44
C LYS D 328 33.76 36.32 -66.97
N GLU D 329 34.53 37.20 -66.31
CA GLU D 329 35.90 37.61 -66.72
C GLU D 329 36.97 36.66 -66.14
N LEU D 330 36.61 35.79 -65.20
CA LEU D 330 37.60 34.95 -64.47
C LEU D 330 38.08 33.81 -65.38
N GLN D 331 39.36 33.46 -65.27
CA GLN D 331 39.99 32.37 -66.06
C GLN D 331 40.22 31.18 -65.12
N PHE D 332 39.53 30.07 -65.39
CA PHE D 332 39.75 28.75 -64.74
C PHE D 332 40.56 27.85 -65.69
N ALA E 2 -45.94 -40.15 -11.06
CA ALA E 2 -45.77 -39.46 -9.73
C ALA E 2 -44.30 -39.06 -9.55
N THR E 3 -44.04 -37.78 -9.27
CA THR E 3 -42.68 -37.21 -9.03
C THR E 3 -42.05 -37.87 -7.80
N LEU E 4 -40.75 -37.70 -7.63
CA LEU E 4 -39.97 -38.22 -6.48
C LEU E 4 -40.38 -37.46 -5.22
N LYS E 5 -40.56 -36.14 -5.32
CA LYS E 5 -41.08 -35.30 -4.22
C LYS E 5 -42.39 -35.90 -3.68
N ASP E 6 -43.33 -36.26 -4.57
CA ASP E 6 -44.70 -36.69 -4.18
C ASP E 6 -44.65 -38.12 -3.63
N GLN E 7 -43.71 -38.94 -4.11
CA GLN E 7 -43.51 -40.35 -3.65
C GLN E 7 -42.95 -40.37 -2.22
N LEU E 8 -42.19 -39.35 -1.83
CA LEU E 8 -41.37 -39.28 -0.57
C LEU E 8 -42.10 -38.51 0.54
N ILE E 9 -42.81 -37.44 0.18
CA ILE E 9 -43.34 -36.40 1.12
C ILE E 9 -44.84 -36.23 0.90
N TYR E 10 -45.67 -36.54 1.90
CA TYR E 10 -47.10 -36.11 1.95
C TYR E 10 -47.17 -34.78 2.69
N ASN E 11 -47.53 -33.71 2.00
CA ASN E 11 -47.57 -32.32 2.54
C ASN E 11 -48.98 -32.03 3.09
N LEU E 12 -49.07 -31.28 4.19
CA LEU E 12 -50.34 -30.90 4.87
C LEU E 12 -50.58 -29.39 4.77
N LEU E 13 -49.54 -28.56 4.62
CA LEU E 13 -49.61 -27.11 4.91
C LEU E 13 -48.78 -26.26 3.92
N LYS E 14 -48.99 -24.94 3.97
CA LYS E 14 -48.17 -23.88 3.32
C LYS E 14 -48.46 -22.52 3.95
N THR E 18 -44.53 -15.76 6.16
CA THR E 18 -44.20 -14.36 6.56
C THR E 18 -43.20 -14.38 7.72
N PRO E 19 -42.07 -13.64 7.61
CA PRO E 19 -41.08 -13.58 8.68
C PRO E 19 -41.51 -12.65 9.84
N GLN E 20 -41.09 -12.96 11.06
CA GLN E 20 -41.47 -12.27 12.32
C GLN E 20 -40.27 -11.47 12.86
N ASN E 21 -39.07 -11.80 12.39
CA ASN E 21 -37.80 -11.21 12.89
C ASN E 21 -36.88 -10.91 11.69
N LYS E 22 -37.35 -10.08 10.76
CA LYS E 22 -36.58 -9.69 9.55
C LYS E 22 -35.66 -8.52 9.90
N ILE E 23 -34.39 -8.60 9.49
CA ILE E 23 -33.41 -7.49 9.62
C ILE E 23 -32.93 -7.13 8.22
N THR E 24 -32.91 -5.84 7.90
CA THR E 24 -32.28 -5.29 6.67
C THR E 24 -30.96 -4.61 7.04
N VAL E 25 -29.90 -4.94 6.32
CA VAL E 25 -28.62 -4.19 6.33
C VAL E 25 -28.54 -3.41 5.02
N VAL E 26 -28.50 -2.08 5.12
CA VAL E 26 -28.33 -1.15 3.96
C VAL E 26 -26.85 -0.79 3.85
N GLY E 27 -26.22 -1.17 2.74
CA GLY E 27 -24.78 -1.04 2.47
C GLY E 27 -24.07 -2.36 2.73
N VAL E 28 -23.37 -2.88 1.73
CA VAL E 28 -22.60 -4.16 1.84
C VAL E 28 -21.12 -3.87 1.59
N GLY E 29 -20.65 -2.74 2.11
CA GLY E 29 -19.22 -2.48 2.30
C GLY E 29 -18.66 -3.35 3.41
N ALA E 30 -17.40 -3.15 3.78
CA ALA E 30 -16.72 -3.90 4.86
C ALA E 30 -17.63 -3.93 6.09
N VAL E 31 -18.12 -2.77 6.51
CA VAL E 31 -18.93 -2.61 7.77
C VAL E 31 -20.25 -3.34 7.62
N GLY E 32 -21.02 -3.05 6.56
CA GLY E 32 -22.30 -3.73 6.29
C GLY E 32 -22.17 -5.24 6.43
N MET E 33 -21.21 -5.85 5.74
CA MET E 33 -21.06 -7.32 5.71
C MET E 33 -20.58 -7.82 7.06
N ALA E 34 -19.76 -7.05 7.77
CA ALA E 34 -19.32 -7.41 9.15
C ALA E 34 -20.56 -7.44 10.05
N CYS E 35 -21.46 -6.46 9.93
CA CYS E 35 -22.77 -6.44 10.63
C CYS E 35 -23.53 -7.72 10.26
N ALA E 36 -23.70 -7.96 8.97
CA ALA E 36 -24.51 -9.08 8.41
C ALA E 36 -24.01 -10.42 8.96
N ILE E 37 -22.73 -10.74 8.81
CA ILE E 37 -22.14 -12.04 9.25
C ILE E 37 -22.32 -12.13 10.77
N SER E 38 -22.05 -11.07 11.52
CA SER E 38 -22.14 -11.03 13.00
C SER E 38 -23.60 -11.24 13.45
N ILE E 39 -24.58 -10.79 12.67
CA ILE E 39 -26.03 -10.93 12.97
C ILE E 39 -26.48 -12.36 12.64
N LEU E 40 -26.05 -12.89 11.49
CA LEU E 40 -26.34 -14.30 11.11
C LEU E 40 -25.95 -15.21 12.25
N MET E 41 -24.73 -15.03 12.77
CA MET E 41 -24.06 -16.02 13.64
C MET E 41 -24.57 -15.91 15.08
N LYS E 42 -25.34 -14.87 15.40
CA LYS E 42 -26.09 -14.76 16.67
C LYS E 42 -27.51 -15.29 16.45
N ASP E 43 -27.80 -15.85 15.27
CA ASP E 43 -29.15 -16.32 14.87
C ASP E 43 -30.20 -15.36 15.44
N LEU E 44 -30.22 -14.11 14.96
CA LEU E 44 -31.18 -13.06 15.45
C LEU E 44 -32.39 -12.98 14.54
N ALA E 45 -32.25 -13.40 13.28
CA ALA E 45 -33.22 -13.07 12.22
C ALA E 45 -33.62 -14.34 11.49
N ASP E 46 -34.89 -14.42 11.10
CA ASP E 46 -35.44 -15.49 10.22
C ASP E 46 -35.37 -15.01 8.76
N GLU E 47 -35.30 -13.69 8.52
CA GLU E 47 -35.02 -13.13 7.17
C GLU E 47 -33.98 -12.02 7.30
N LEU E 48 -32.99 -12.06 6.42
CA LEU E 48 -31.92 -11.04 6.30
C LEU E 48 -31.96 -10.50 4.88
N ALA E 49 -32.10 -9.17 4.75
CA ALA E 49 -32.17 -8.46 3.45
C ALA E 49 -30.97 -7.52 3.32
N LEU E 50 -30.22 -7.65 2.23
CA LEU E 50 -29.06 -6.79 1.88
C LEU E 50 -29.46 -5.82 0.75
N VAL E 51 -29.15 -4.53 0.92
CA VAL E 51 -29.44 -3.46 -0.09
C VAL E 51 -28.19 -2.60 -0.28
N ASP E 52 -27.75 -2.44 -1.53
CA ASP E 52 -26.71 -1.47 -1.97
C ASP E 52 -27.06 -1.11 -3.42
N VAL E 53 -26.22 -0.28 -4.05
CA VAL E 53 -26.50 0.31 -5.39
C VAL E 53 -25.68 -0.40 -6.47
N ILE E 54 -24.50 -0.92 -6.13
CA ILE E 54 -23.67 -1.73 -7.06
C ILE E 54 -24.30 -3.14 -7.08
N GLU E 55 -25.05 -3.46 -8.13
CA GLU E 55 -25.98 -4.63 -8.21
C GLU E 55 -25.20 -5.95 -8.27
N ASP E 56 -24.14 -6.02 -9.09
CA ASP E 56 -23.40 -7.29 -9.34
C ASP E 56 -22.66 -7.67 -8.05
N LYS E 57 -22.06 -6.70 -7.36
CA LYS E 57 -21.33 -6.90 -6.07
C LYS E 57 -22.31 -7.33 -4.98
N LEU E 58 -23.48 -6.68 -4.91
CA LEU E 58 -24.54 -7.00 -3.92
C LEU E 58 -24.88 -8.48 -4.02
N LYS E 59 -25.22 -8.96 -5.22
CA LYS E 59 -25.70 -10.34 -5.46
C LYS E 59 -24.61 -11.33 -5.07
N GLY E 60 -23.34 -10.98 -5.23
CA GLY E 60 -22.22 -11.85 -4.88
C GLY E 60 -22.08 -11.99 -3.38
N GLU E 61 -22.24 -10.89 -2.64
CA GLU E 61 -22.17 -10.89 -1.17
C GLU E 61 -23.35 -11.71 -0.63
N MET E 62 -24.54 -11.49 -1.16
CA MET E 62 -25.74 -12.31 -0.83
C MET E 62 -25.42 -13.80 -1.02
N MET E 63 -24.94 -14.21 -2.19
CA MET E 63 -24.70 -15.64 -2.50
C MET E 63 -23.64 -16.21 -1.57
N ASP E 64 -22.56 -15.48 -1.33
CA ASP E 64 -21.42 -15.96 -0.49
C ASP E 64 -21.94 -16.18 0.93
N LEU E 65 -22.77 -15.26 1.42
CA LEU E 65 -23.36 -15.29 2.78
C LEU E 65 -24.37 -16.45 2.85
N GLN E 66 -25.25 -16.54 1.85
CA GLN E 66 -26.18 -17.69 1.67
C GLN E 66 -25.42 -18.99 1.89
N HIS E 67 -24.33 -19.20 1.15
CA HIS E 67 -23.61 -20.50 1.10
C HIS E 67 -23.04 -20.82 2.48
N GLY E 68 -22.46 -19.82 3.15
CA GLY E 68 -21.93 -19.98 4.51
C GLY E 68 -23.03 -20.29 5.50
N SER E 69 -24.21 -19.67 5.34
CA SER E 69 -25.36 -19.74 6.27
C SER E 69 -25.93 -21.15 6.31
N LEU E 70 -25.51 -22.02 5.39
CA LEU E 70 -25.90 -23.45 5.38
C LEU E 70 -25.37 -24.16 6.61
N PHE E 71 -24.39 -23.58 7.32
CA PHE E 71 -23.77 -24.17 8.54
C PHE E 71 -24.29 -23.50 9.81
N LEU E 72 -25.46 -22.84 9.73
CA LEU E 72 -26.14 -22.15 10.85
C LEU E 72 -27.62 -22.54 10.86
N ARG E 73 -28.38 -21.98 11.79
CA ARG E 73 -29.86 -21.93 11.71
C ARG E 73 -30.20 -21.01 10.52
N THR E 74 -30.19 -21.55 9.31
CA THR E 74 -30.26 -20.80 8.04
C THR E 74 -31.54 -19.97 7.96
N PRO E 75 -31.45 -18.63 7.89
CA PRO E 75 -32.62 -17.79 7.61
C PRO E 75 -32.81 -17.67 6.09
N LYS E 76 -33.89 -17.01 5.68
CA LYS E 76 -34.05 -16.50 4.31
C LYS E 76 -33.05 -15.36 4.17
N ILE E 77 -32.33 -15.31 3.04
CA ILE E 77 -31.36 -14.22 2.74
C ILE E 77 -31.66 -13.73 1.33
N VAL E 78 -32.03 -12.46 1.19
CA VAL E 78 -32.41 -11.82 -0.10
C VAL E 78 -31.60 -10.53 -0.28
N SER E 79 -31.59 -9.97 -1.49
CA SER E 79 -30.88 -8.72 -1.83
C SER E 79 -31.50 -8.06 -3.05
N GLY E 80 -31.33 -6.74 -3.18
CA GLY E 80 -31.79 -5.98 -4.35
C GLY E 80 -31.39 -4.52 -4.24
N LYS E 81 -31.34 -3.84 -5.39
CA LYS E 81 -31.23 -2.36 -5.45
C LYS E 81 -32.58 -1.78 -5.01
N ASP E 82 -33.70 -2.46 -5.31
CA ASP E 82 -35.08 -2.02 -4.98
C ASP E 82 -35.38 -2.38 -3.52
N TYR E 83 -35.96 -1.43 -2.77
CA TYR E 83 -36.17 -1.55 -1.29
C TYR E 83 -37.37 -2.45 -0.97
N ASN E 84 -38.07 -2.95 -1.99
CA ASN E 84 -39.26 -3.82 -1.80
C ASN E 84 -38.82 -5.14 -1.13
N VAL E 85 -37.55 -5.52 -1.25
CA VAL E 85 -36.99 -6.74 -0.58
C VAL E 85 -36.81 -6.47 0.93
N THR E 86 -37.01 -5.24 1.42
CA THR E 86 -36.83 -4.90 2.86
C THR E 86 -38.17 -4.88 3.59
N ALA E 87 -39.26 -5.30 2.94
CA ALA E 87 -40.65 -5.19 3.47
C ALA E 87 -40.76 -5.94 4.81
N ASN E 88 -41.46 -5.34 5.80
CA ASN E 88 -41.77 -5.94 7.13
C ASN E 88 -40.47 -6.22 7.89
N SER E 89 -39.48 -5.35 7.81
CA SER E 89 -38.25 -5.46 8.62
C SER E 89 -38.57 -4.99 10.04
N LYS E 90 -38.19 -5.74 11.05
CA LYS E 90 -38.36 -5.34 12.46
C LYS E 90 -37.23 -4.35 12.76
N LEU E 91 -36.07 -4.53 12.15
CA LEU E 91 -34.86 -3.69 12.37
C LEU E 91 -34.18 -3.40 11.03
N VAL E 92 -33.84 -2.14 10.76
CA VAL E 92 -33.06 -1.73 9.54
C VAL E 92 -31.78 -1.03 9.99
N ILE E 93 -30.64 -1.58 9.61
CA ILE E 93 -29.28 -1.07 9.93
C ILE E 93 -28.76 -0.30 8.70
N ILE E 94 -28.57 1.00 8.85
CA ILE E 94 -28.02 1.89 7.79
C ILE E 94 -26.50 1.99 7.99
N THR E 95 -25.74 1.44 7.04
CA THR E 95 -24.25 1.58 6.97
C THR E 95 -23.85 2.46 5.77
N ALA E 96 -24.74 2.67 4.80
CA ALA E 96 -24.52 3.44 3.58
C ALA E 96 -24.04 4.84 3.96
N GLY E 97 -23.13 5.36 3.16
CA GLY E 97 -22.33 6.55 3.50
C GLY E 97 -21.51 6.96 2.30
N ALA E 98 -21.05 8.21 2.31
CA ALA E 98 -19.94 8.69 1.48
C ALA E 98 -18.71 8.75 2.38
N ARG E 99 -17.53 8.40 1.84
CA ARG E 99 -16.23 8.67 2.49
C ARG E 99 -15.76 10.04 2.00
N GLN E 100 -15.19 10.85 2.91
CA GLN E 100 -14.62 12.20 2.62
C GLN E 100 -13.52 12.06 1.56
N GLN E 101 -13.67 12.73 0.42
CA GLN E 101 -12.63 12.86 -0.65
C GLN E 101 -11.62 13.91 -0.24
N GLU E 102 -10.45 13.94 -0.90
CA GLU E 102 -9.34 14.91 -0.65
C GLU E 102 -9.86 16.33 -0.92
N GLY E 103 -9.67 17.21 0.08
CA GLY E 103 -10.03 18.65 0.01
C GLY E 103 -11.53 18.92 0.17
N GLU E 104 -12.32 17.88 0.46
CA GLU E 104 -13.79 18.03 0.72
C GLU E 104 -13.99 18.57 2.14
N SER E 105 -14.87 19.54 2.32
CA SER E 105 -15.20 20.14 3.64
C SER E 105 -16.04 19.15 4.46
N ARG E 106 -15.92 19.19 5.77
CA ARG E 106 -16.76 18.38 6.69
C ARG E 106 -18.23 18.60 6.32
N LEU E 107 -18.68 19.86 6.20
CA LEU E 107 -20.10 20.19 5.88
C LEU E 107 -20.51 19.51 4.57
N ASN E 108 -19.63 19.48 3.57
CA ASN E 108 -19.99 18.99 2.22
C ASN E 108 -20.21 17.47 2.27
N LEU E 109 -19.36 16.76 2.99
CA LEU E 109 -19.46 15.30 3.22
C LEU E 109 -20.80 14.96 3.86
N VAL E 110 -21.14 15.65 4.96
CA VAL E 110 -22.39 15.40 5.71
C VAL E 110 -23.57 15.60 4.74
N GLN E 111 -23.53 16.64 3.91
CA GLN E 111 -24.64 16.97 2.98
C GLN E 111 -24.76 15.87 1.92
N ARG E 112 -23.66 15.27 1.49
CA ARG E 112 -23.69 14.14 0.51
C ARG E 112 -24.32 12.94 1.20
N ASN E 113 -23.96 12.67 2.46
CA ASN E 113 -24.59 11.62 3.30
C ASN E 113 -26.10 11.94 3.42
N VAL E 114 -26.43 13.19 3.68
CA VAL E 114 -27.85 13.65 3.80
C VAL E 114 -28.59 13.32 2.49
N ASN E 115 -27.99 13.63 1.34
CA ASN E 115 -28.64 13.46 0.01
C ASN E 115 -28.87 11.98 -0.24
N ILE E 116 -28.00 11.10 0.29
CA ILE E 116 -28.15 9.62 0.20
C ILE E 116 -29.34 9.19 1.08
N PHE E 117 -29.35 9.63 2.34
CA PHE E 117 -30.41 9.30 3.32
C PHE E 117 -31.77 9.78 2.80
N LYS E 118 -31.79 10.83 1.97
CA LYS E 118 -33.05 11.37 1.39
C LYS E 118 -33.65 10.39 0.39
N PHE E 119 -32.85 9.45 -0.14
CA PHE E 119 -33.31 8.35 -1.04
C PHE E 119 -33.62 7.11 -0.20
N ILE E 120 -32.74 6.78 0.73
CA ILE E 120 -32.80 5.53 1.55
C ILE E 120 -33.99 5.58 2.52
N ILE E 121 -34.00 6.55 3.44
CA ILE E 121 -34.91 6.51 4.63
C ILE E 121 -36.36 6.46 4.17
N PRO E 122 -36.83 7.31 3.22
CA PRO E 122 -38.22 7.25 2.77
C PRO E 122 -38.63 5.90 2.17
N ASN E 123 -37.70 5.25 1.45
CA ASN E 123 -37.89 3.90 0.87
C ASN E 123 -37.96 2.85 1.99
N VAL E 124 -37.08 2.94 2.99
CA VAL E 124 -37.06 2.01 4.16
C VAL E 124 -38.43 2.06 4.84
N VAL E 125 -38.90 3.28 5.12
CA VAL E 125 -40.15 3.62 5.86
C VAL E 125 -41.35 3.16 5.02
N LYS E 126 -41.35 3.44 3.72
CA LYS E 126 -42.44 3.01 2.81
C LYS E 126 -42.73 1.52 3.07
N TYR E 127 -41.71 0.68 3.15
CA TYR E 127 -41.84 -0.80 3.11
C TYR E 127 -41.81 -1.44 4.51
N SER E 128 -41.26 -0.75 5.52
CA SER E 128 -41.16 -1.27 6.92
C SER E 128 -41.52 -0.14 7.89
N PRO E 129 -42.78 0.34 7.89
CA PRO E 129 -43.14 1.55 8.62
C PRO E 129 -43.00 1.48 10.15
N ASN E 130 -43.00 0.28 10.75
CA ASN E 130 -42.93 0.09 12.23
C ASN E 130 -41.57 -0.45 12.66
N CYS E 131 -40.56 -0.38 11.78
CA CYS E 131 -39.19 -0.87 12.04
C CYS E 131 -38.50 0.03 13.08
N LYS E 132 -37.40 -0.45 13.65
CA LYS E 132 -36.39 0.36 14.39
C LYS E 132 -35.25 0.67 13.42
N LEU E 133 -34.80 1.92 13.38
CA LEU E 133 -33.61 2.35 12.59
C LEU E 133 -32.40 2.35 13.51
N LEU E 134 -31.38 1.57 13.14
CA LEU E 134 -30.05 1.57 13.78
C LEU E 134 -29.04 2.19 12.79
N ILE E 135 -28.51 3.36 13.12
CA ILE E 135 -27.62 4.17 12.23
C ILE E 135 -26.17 3.92 12.62
N VAL E 136 -25.35 3.49 11.66
CA VAL E 136 -23.92 3.13 11.86
C VAL E 136 -23.02 4.13 11.11
N SER E 137 -23.48 4.61 9.94
CA SER E 137 -22.78 5.61 9.08
C SER E 137 -22.21 6.75 9.95
N ASN E 138 -20.98 7.19 9.70
CA ASN E 138 -20.34 8.37 10.36
C ASN E 138 -20.56 9.64 9.53
N PRO E 139 -20.62 10.84 10.16
CA PRO E 139 -20.58 11.01 11.61
C PRO E 139 -21.94 10.68 12.24
N VAL E 140 -21.95 9.77 13.21
CA VAL E 140 -23.13 8.94 13.55
C VAL E 140 -24.16 9.78 14.32
N ASP E 141 -23.72 10.70 15.18
CA ASP E 141 -24.62 11.50 16.04
C ASP E 141 -25.47 12.43 15.13
N ILE E 142 -24.91 12.93 14.03
CA ILE E 142 -25.62 13.86 13.09
C ILE E 142 -26.51 13.02 12.17
N LEU E 143 -26.01 11.89 11.67
CA LEU E 143 -26.74 11.08 10.67
C LEU E 143 -27.91 10.36 11.34
N THR E 144 -27.85 10.15 12.66
CA THR E 144 -29.01 9.65 13.44
C THR E 144 -30.09 10.73 13.41
N TYR E 145 -29.73 11.98 13.75
CA TYR E 145 -30.62 13.16 13.61
C TYR E 145 -31.22 13.19 12.20
N VAL E 146 -30.41 13.00 11.17
CA VAL E 146 -30.84 13.11 9.74
C VAL E 146 -31.93 12.06 9.49
N ALA E 147 -31.70 10.82 9.92
CA ALA E 147 -32.63 9.67 9.73
C ALA E 147 -33.92 9.92 10.52
N TRP E 148 -33.80 10.48 11.72
CA TRP E 148 -34.96 10.85 12.58
C TRP E 148 -35.86 11.86 11.84
N LYS E 149 -35.26 12.92 11.29
CA LYS E 149 -35.99 14.02 10.59
C LYS E 149 -36.69 13.45 9.37
N ILE E 150 -35.97 12.72 8.53
CA ILE E 150 -36.48 12.26 7.21
C ILE E 150 -37.59 11.22 7.45
N SER E 151 -37.43 10.35 8.46
CA SER E 151 -38.33 9.20 8.74
C SER E 151 -39.63 9.67 9.39
N GLY E 152 -39.57 10.73 10.19
CA GLY E 152 -40.68 11.20 11.04
C GLY E 152 -41.04 10.18 12.10
N PHE E 153 -40.12 9.26 12.39
CA PHE E 153 -40.28 8.22 13.44
C PHE E 153 -40.19 8.87 14.80
N PRO E 154 -40.82 8.27 15.83
CA PRO E 154 -40.64 8.72 17.21
C PRO E 154 -39.20 8.42 17.64
N LYS E 155 -38.71 9.14 18.65
CA LYS E 155 -37.28 9.15 19.04
C LYS E 155 -36.85 7.75 19.52
N ASN E 156 -37.80 6.90 19.93
CA ASN E 156 -37.51 5.55 20.50
C ASN E 156 -37.09 4.56 19.42
N ARG E 157 -37.49 4.80 18.15
CA ARG E 157 -37.25 3.85 17.03
CA ARG E 157 -37.26 3.85 17.03
C ARG E 157 -36.12 4.37 16.13
N VAL E 158 -35.32 5.31 16.63
CA VAL E 158 -34.12 5.82 15.89
C VAL E 158 -32.95 5.92 16.86
N ILE E 159 -31.95 5.08 16.62
CA ILE E 159 -30.80 4.77 17.52
C ILE E 159 -29.53 4.87 16.67
N GLY E 160 -28.45 5.40 17.24
CA GLY E 160 -27.12 5.41 16.59
C GLY E 160 -26.17 4.49 17.32
N SER E 161 -25.34 3.75 16.58
CA SER E 161 -24.27 2.88 17.12
C SER E 161 -23.55 3.58 18.28
N GLY E 162 -23.44 4.91 18.22
CA GLY E 162 -22.97 5.76 19.34
C GLY E 162 -21.68 5.29 19.95
N CYS E 163 -21.59 5.32 21.28
CA CYS E 163 -20.36 5.04 22.06
C CYS E 163 -20.39 3.62 22.64
N ASN E 164 -21.22 2.74 22.07
CA ASN E 164 -21.31 1.32 22.51
C ASN E 164 -19.92 0.69 22.44
N LEU E 165 -19.23 0.85 21.32
CA LEU E 165 -17.89 0.23 21.09
C LEU E 165 -16.82 0.94 21.93
N ASP E 166 -16.85 2.28 22.00
CA ASP E 166 -15.82 3.04 22.77
C ASP E 166 -15.90 2.64 24.25
N SER E 167 -17.11 2.47 24.78
CA SER E 167 -17.35 2.07 26.20
C SER E 167 -16.79 0.67 26.44
N ALA E 168 -17.04 -0.28 25.53
CA ALA E 168 -16.48 -1.64 25.60
C ALA E 168 -14.96 -1.54 25.71
N ARG E 169 -14.34 -0.73 24.84
CA ARG E 169 -12.87 -0.54 24.76
C ARG E 169 -12.35 0.02 26.09
N PHE E 170 -13.07 1.02 26.62
CA PHE E 170 -12.72 1.67 27.90
C PHE E 170 -12.65 0.60 28.99
N ARG E 171 -13.74 -0.15 29.13
CA ARG E 171 -13.92 -1.22 30.14
C ARG E 171 -12.81 -2.26 29.99
N TYR E 172 -12.32 -2.54 28.78
CA TYR E 172 -11.22 -3.53 28.61
C TYR E 172 -9.99 -3.03 29.38
N LEU E 173 -9.61 -1.77 29.15
CA LEU E 173 -8.38 -1.16 29.75
C LEU E 173 -8.58 -0.99 31.25
N MET E 174 -9.76 -0.54 31.66
CA MET E 174 -10.20 -0.53 33.07
C MET E 174 -9.90 -1.90 33.70
N GLY E 175 -10.31 -2.97 33.04
CA GLY E 175 -10.10 -4.36 33.51
C GLY E 175 -8.63 -4.67 33.65
N GLU E 176 -7.85 -4.43 32.59
CA GLU E 176 -6.38 -4.70 32.53
C GLU E 176 -5.71 -4.03 33.73
N ARG E 177 -6.14 -2.82 34.10
CA ARG E 177 -5.52 -2.00 35.18
C ARG E 177 -5.87 -2.56 36.57
N LEU E 178 -7.09 -3.08 36.76
CA LEU E 178 -7.57 -3.58 38.07
C LEU E 178 -7.31 -5.09 38.22
N GLY E 179 -6.91 -5.79 37.14
CA GLY E 179 -6.74 -7.25 37.11
C GLY E 179 -8.08 -7.95 37.31
N VAL E 180 -9.08 -7.54 36.50
CA VAL E 180 -10.51 -7.94 36.56
C VAL E 180 -11.00 -8.14 35.13
N HIS E 181 -11.83 -9.15 34.86
CA HIS E 181 -12.41 -9.39 33.51
C HIS E 181 -13.21 -8.16 33.10
N PRO E 182 -13.02 -7.64 31.87
CA PRO E 182 -13.81 -6.53 31.35
C PRO E 182 -15.32 -6.53 31.67
N LEU E 183 -15.94 -7.71 31.71
CA LEU E 183 -17.42 -7.86 31.86
C LEU E 183 -17.82 -7.68 33.33
N SER E 184 -16.85 -7.73 34.26
CA SER E 184 -17.02 -7.47 35.71
C SER E 184 -16.78 -5.98 36.03
N CYS E 185 -16.23 -5.22 35.07
CA CYS E 185 -16.07 -3.74 35.13
C CYS E 185 -17.29 -3.05 34.53
N HIS E 186 -17.69 -1.93 35.11
CA HIS E 186 -18.78 -1.04 34.61
C HIS E 186 -18.22 0.38 34.46
N GLY E 187 -18.73 1.14 33.51
CA GLY E 187 -18.23 2.47 33.16
C GLY E 187 -18.65 2.83 31.75
N TRP E 188 -19.15 4.04 31.56
CA TRP E 188 -19.66 4.51 30.25
C TRP E 188 -18.71 5.55 29.64
N VAL E 189 -18.75 5.66 28.32
CA VAL E 189 -18.21 6.80 27.54
C VAL E 189 -19.42 7.39 26.80
N LEU E 190 -19.81 8.62 27.14
CA LEU E 190 -21.06 9.28 26.65
C LEU E 190 -20.72 10.49 25.76
N GLY E 191 -21.73 10.99 25.05
CA GLY E 191 -21.66 12.24 24.28
C GLY E 191 -21.38 11.99 22.81
N GLU E 192 -20.60 12.89 22.20
CA GLU E 192 -20.24 12.84 20.76
C GLU E 192 -19.30 11.66 20.55
N HIS E 193 -19.61 10.78 19.62
CA HIS E 193 -18.78 9.61 19.22
C HIS E 193 -17.38 10.12 18.85
N GLY E 194 -16.33 9.63 19.54
CA GLY E 194 -14.90 9.84 19.21
C GLY E 194 -14.37 11.20 19.67
N ASP E 195 -13.19 11.22 20.30
CA ASP E 195 -12.38 12.44 20.63
C ASP E 195 -13.05 13.22 21.75
N SER E 196 -14.24 13.77 21.50
CA SER E 196 -15.03 14.64 22.40
C SER E 196 -15.82 13.83 23.43
N SER E 197 -15.85 12.50 23.28
CA SER E 197 -16.58 11.57 24.18
C SER E 197 -16.07 11.74 25.62
N VAL E 198 -16.97 11.62 26.59
CA VAL E 198 -16.73 11.90 28.03
C VAL E 198 -16.70 10.60 28.81
N PRO E 199 -15.54 10.18 29.36
CA PRO E 199 -15.53 9.12 30.36
C PRO E 199 -16.22 9.61 31.65
N VAL E 200 -17.26 8.89 32.09
CA VAL E 200 -18.10 9.26 33.28
C VAL E 200 -17.56 8.51 34.50
N TRP E 201 -16.61 9.15 35.21
CA TRP E 201 -15.84 8.56 36.34
C TRP E 201 -16.76 8.29 37.53
N SER E 202 -17.78 9.14 37.75
CA SER E 202 -18.73 9.02 38.88
C SER E 202 -19.27 7.57 38.94
N GLY E 203 -19.74 7.04 37.80
CA GLY E 203 -20.41 5.73 37.73
C GLY E 203 -19.49 4.59 37.29
N MET E 204 -18.19 4.63 37.59
CA MET E 204 -17.26 3.51 37.26
C MET E 204 -16.98 2.70 38.53
N ASN E 205 -17.32 1.41 38.50
CA ASN E 205 -17.32 0.51 39.68
C ASN E 205 -16.92 -0.92 39.27
N VAL E 206 -16.55 -1.72 40.25
CA VAL E 206 -16.47 -3.21 40.15
C VAL E 206 -17.31 -3.77 41.30
N ALA E 207 -18.32 -4.57 41.00
CA ALA E 207 -19.19 -5.20 42.02
C ALA E 207 -19.84 -4.12 42.88
N GLY E 208 -20.08 -2.93 42.32
CA GLY E 208 -20.78 -1.83 43.01
C GLY E 208 -19.88 -1.00 43.91
N VAL E 209 -18.59 -1.33 44.01
CA VAL E 209 -17.57 -0.53 44.76
C VAL E 209 -17.08 0.58 43.82
N SER E 210 -17.53 1.82 44.03
CA SER E 210 -17.18 2.99 43.17
C SER E 210 -15.68 3.25 43.22
N LEU E 211 -15.04 3.39 42.06
CA LEU E 211 -13.59 3.74 41.93
C LEU E 211 -13.37 5.18 42.38
N LYS E 212 -14.29 6.09 42.02
CA LYS E 212 -14.29 7.51 42.47
C LYS E 212 -14.18 7.58 44.00
N THR E 213 -14.96 6.76 44.73
CA THR E 213 -14.98 6.67 46.21
C THR E 213 -13.59 6.29 46.74
N LEU E 214 -12.93 5.29 46.16
CA LEU E 214 -11.65 4.74 46.68
C LEU E 214 -10.47 5.67 46.34
N HIS E 215 -10.58 6.45 45.27
CA HIS E 215 -9.48 7.24 44.66
C HIS E 215 -10.03 8.55 44.10
N PRO E 216 -10.46 9.50 44.98
CA PRO E 216 -11.32 10.61 44.56
C PRO E 216 -10.69 11.51 43.48
N ASP E 217 -9.38 11.42 43.29
CA ASP E 217 -8.64 12.12 42.21
C ASP E 217 -8.55 11.22 40.97
N LEU E 218 -9.68 10.69 40.49
CA LEU E 218 -9.69 9.70 39.39
C LEU E 218 -9.60 10.43 38.03
N GLY E 219 -10.64 11.16 37.63
CA GLY E 219 -10.69 11.81 36.31
C GLY E 219 -9.66 12.92 36.12
N THR E 220 -9.18 13.48 37.23
CA THR E 220 -8.45 14.77 37.32
C THR E 220 -7.02 14.66 36.75
N ASP E 221 -6.36 15.81 36.59
CA ASP E 221 -4.98 15.99 36.08
C ASP E 221 -3.96 15.65 37.18
N LYS E 222 -4.30 15.90 38.44
CA LYS E 222 -3.48 15.57 39.63
C LYS E 222 -3.71 14.10 40.04
N ASP E 223 -4.06 13.23 39.07
CA ASP E 223 -4.27 11.76 39.29
C ASP E 223 -2.90 11.06 39.22
N LYS E 224 -2.46 10.50 40.34
CA LYS E 224 -1.15 9.80 40.46
C LYS E 224 -1.07 8.66 39.43
N GLU E 225 -2.21 8.00 39.13
CA GLU E 225 -2.29 6.77 38.29
C GLU E 225 -2.62 7.12 36.83
N GLN E 226 -3.13 8.34 36.57
CA GLN E 226 -3.28 8.95 35.22
C GLN E 226 -4.34 8.20 34.39
N TRP E 227 -5.54 8.05 34.95
CA TRP E 227 -6.67 7.33 34.30
C TRP E 227 -7.16 8.12 33.07
N LYS E 228 -6.82 9.40 32.95
CA LYS E 228 -7.09 10.20 31.73
C LYS E 228 -6.50 9.46 30.52
N GLU E 229 -5.34 8.82 30.68
CA GLU E 229 -4.59 8.14 29.59
C GLU E 229 -5.42 6.98 29.02
N VAL E 230 -6.36 6.44 29.80
CA VAL E 230 -7.26 5.32 29.35
C VAL E 230 -8.14 5.84 28.21
N HIS E 231 -8.92 6.90 28.45
CA HIS E 231 -9.84 7.47 27.41
C HIS E 231 -9.02 7.93 26.18
N LYS E 232 -7.78 8.36 26.39
CA LYS E 232 -6.86 8.77 25.30
C LYS E 232 -6.57 7.53 24.45
N GLN E 233 -6.14 6.44 25.07
CA GLN E 233 -5.73 5.18 24.39
C GLN E 233 -6.93 4.55 23.67
N VAL E 234 -8.17 4.78 24.15
CA VAL E 234 -9.42 4.30 23.50
C VAL E 234 -9.52 4.96 22.12
N VAL E 235 -9.30 6.28 22.06
CA VAL E 235 -9.45 7.10 20.82
C VAL E 235 -8.28 6.81 19.87
N GLU E 236 -7.05 6.71 20.39
CA GLU E 236 -5.86 6.35 19.58
C GLU E 236 -6.05 4.97 18.95
N SER E 237 -6.70 4.05 19.67
CA SER E 237 -6.92 2.65 19.22
C SER E 237 -7.78 2.64 17.94
N ALA E 238 -8.81 3.47 17.89
CA ALA E 238 -9.69 3.65 16.71
C ALA E 238 -8.84 3.99 15.49
N TYR E 239 -7.93 4.98 15.62
CA TYR E 239 -7.05 5.50 14.53
C TYR E 239 -6.02 4.44 14.14
N GLU E 240 -5.31 3.87 15.12
CA GLU E 240 -4.19 2.92 14.86
C GLU E 240 -4.72 1.77 14.00
N VAL E 241 -6.00 1.38 14.15
CA VAL E 241 -6.64 0.32 13.31
C VAL E 241 -6.66 0.83 11.87
N ILE E 242 -7.14 2.05 11.64
CA ILE E 242 -7.34 2.64 10.28
C ILE E 242 -5.96 2.84 9.62
N LYS E 243 -4.97 3.36 10.37
CA LYS E 243 -3.58 3.55 9.87
C LYS E 243 -3.01 2.22 9.37
N LEU E 244 -3.22 1.13 10.11
CA LEU E 244 -2.53 -0.17 9.91
C LEU E 244 -3.26 -1.06 8.89
N LYS E 245 -4.59 -0.96 8.82
CA LYS E 245 -5.46 -1.90 8.05
C LYS E 245 -6.13 -1.16 6.90
N GLY E 246 -6.42 0.14 7.07
CA GLY E 246 -7.10 0.97 6.05
C GLY E 246 -8.48 1.41 6.53
N TYR E 247 -9.15 0.58 7.32
CA TYR E 247 -10.55 0.78 7.81
C TYR E 247 -10.79 -0.13 9.02
N THR E 248 -11.90 0.08 9.72
CA THR E 248 -12.42 -0.83 10.78
C THR E 248 -13.70 -1.49 10.25
N SER E 249 -13.78 -2.82 10.36
CA SER E 249 -15.00 -3.60 10.00
C SER E 249 -15.47 -4.42 11.21
N TRP E 250 -14.65 -5.37 11.69
CA TRP E 250 -15.05 -6.40 12.68
C TRP E 250 -15.62 -5.75 13.95
N ALA E 251 -14.93 -4.74 14.46
CA ALA E 251 -15.24 -4.07 15.74
C ALA E 251 -16.65 -3.45 15.69
N ILE E 252 -17.03 -2.79 14.61
CA ILE E 252 -18.36 -2.12 14.50
C ILE E 252 -19.40 -3.19 14.21
N GLY E 253 -19.01 -4.21 13.44
CA GLY E 253 -19.88 -5.35 13.10
C GLY E 253 -20.45 -5.95 14.38
N LEU E 254 -19.56 -6.31 15.31
CA LEU E 254 -19.92 -6.99 16.57
C LEU E 254 -20.60 -6.00 17.53
N SER E 255 -20.17 -4.74 17.56
CA SER E 255 -20.79 -3.67 18.36
C SER E 255 -22.25 -3.51 17.92
N VAL E 256 -22.51 -3.55 16.61
CA VAL E 256 -23.89 -3.43 16.05
C VAL E 256 -24.68 -4.72 16.36
N ALA E 257 -24.08 -5.89 16.17
CA ALA E 257 -24.71 -7.19 16.49
C ALA E 257 -25.17 -7.19 17.96
N ASP E 258 -24.31 -6.71 18.88
CA ASP E 258 -24.63 -6.55 20.32
C ASP E 258 -25.92 -5.74 20.48
N LEU E 259 -26.02 -4.59 19.80
CA LEU E 259 -27.20 -3.69 19.90
C LEU E 259 -28.42 -4.37 19.27
N ALA E 260 -28.22 -5.08 18.16
CA ALA E 260 -29.28 -5.81 17.43
C ALA E 260 -29.83 -6.91 18.34
N GLU E 261 -28.96 -7.64 19.06
CA GLU E 261 -29.36 -8.73 19.98
C GLU E 261 -30.31 -8.15 21.03
N SER E 262 -29.92 -7.07 21.69
CA SER E 262 -30.74 -6.40 22.74
C SER E 262 -32.13 -6.05 22.18
N ILE E 263 -32.21 -5.56 20.95
CA ILE E 263 -33.50 -5.14 20.34
C ILE E 263 -34.29 -6.39 19.96
N MET E 264 -33.68 -7.31 19.21
CA MET E 264 -34.36 -8.42 18.51
C MET E 264 -34.82 -9.46 19.52
N LYS E 265 -34.07 -9.67 20.60
CA LYS E 265 -34.38 -10.67 21.65
C LYS E 265 -34.90 -9.95 22.91
N ASN E 266 -35.30 -8.69 22.77
CA ASN E 266 -35.96 -7.87 23.84
C ASN E 266 -35.25 -8.04 25.20
N LEU E 267 -33.91 -7.91 25.25
CA LEU E 267 -33.09 -8.13 26.46
C LEU E 267 -33.20 -6.97 27.47
N ARG E 268 -33.70 -5.81 27.04
CA ARG E 268 -33.84 -4.62 27.92
C ARG E 268 -32.49 -4.39 28.63
N ARG E 269 -31.42 -4.40 27.84
CA ARG E 269 -30.03 -4.14 28.29
C ARG E 269 -29.71 -2.66 28.11
N VAL E 270 -28.70 -2.17 28.83
CA VAL E 270 -28.27 -0.75 28.80
C VAL E 270 -27.09 -0.60 27.82
N HIS E 271 -27.26 0.26 26.82
CA HIS E 271 -26.19 0.63 25.85
C HIS E 271 -26.08 2.14 25.77
N PRO E 272 -24.84 2.68 25.71
CA PRO E 272 -24.65 4.11 25.50
C PRO E 272 -24.78 4.37 23.99
N VAL E 273 -25.99 4.64 23.51
CA VAL E 273 -26.30 4.80 22.05
C VAL E 273 -26.82 6.21 21.80
N SER E 274 -26.55 6.74 20.61
CA SER E 274 -27.05 8.06 20.13
C SER E 274 -28.56 8.05 20.16
N THR E 275 -29.18 8.93 20.93
CA THR E 275 -30.63 9.20 20.91
C THR E 275 -30.89 10.67 21.15
N MET E 276 -32.09 11.12 20.75
CA MET E 276 -32.57 12.52 20.90
C MET E 276 -32.52 12.90 22.38
N ILE E 277 -31.81 13.98 22.69
CA ILE E 277 -31.34 14.31 24.07
C ILE E 277 -31.81 15.72 24.47
N LYS E 278 -32.64 16.38 23.65
CA LYS E 278 -33.24 17.70 23.99
C LYS E 278 -34.07 17.53 25.28
N GLY E 279 -33.82 18.39 26.27
CA GLY E 279 -34.44 18.29 27.61
C GLY E 279 -33.37 18.10 28.67
N LEU E 280 -32.33 17.33 28.37
CA LEU E 280 -31.28 16.91 29.34
C LEU E 280 -30.08 17.84 29.25
N TYR E 281 -29.35 18.00 30.37
CA TYR E 281 -28.02 18.65 30.46
C TYR E 281 -28.06 20.07 29.85
N GLY E 282 -29.21 20.74 30.01
CA GLY E 282 -29.46 22.12 29.55
C GLY E 282 -29.24 22.27 28.06
N ILE E 283 -29.75 21.32 27.28
CA ILE E 283 -29.63 21.30 25.79
C ILE E 283 -31.03 21.48 25.22
N LYS E 284 -31.24 22.53 24.41
CA LYS E 284 -32.57 22.94 23.90
C LYS E 284 -32.70 22.63 22.40
N ASP E 285 -31.62 22.21 21.73
CA ASP E 285 -31.64 21.85 20.28
C ASP E 285 -31.95 20.36 20.06
N ASP E 286 -32.47 20.03 18.88
CA ASP E 286 -32.72 18.65 18.40
C ASP E 286 -31.40 17.97 18.01
N VAL E 287 -30.54 17.64 18.97
CA VAL E 287 -29.27 16.92 18.71
C VAL E 287 -29.37 15.51 19.32
N PHE E 288 -28.58 14.58 18.80
CA PHE E 288 -28.44 13.20 19.32
C PHE E 288 -27.04 13.03 19.92
N LEU E 289 -26.96 12.48 21.12
CA LEU E 289 -25.69 12.04 21.76
C LEU E 289 -25.92 10.69 22.44
N SER E 290 -24.83 10.04 22.83
CA SER E 290 -24.85 8.74 23.53
C SER E 290 -25.09 9.01 25.04
N VAL E 291 -26.23 8.53 25.54
CA VAL E 291 -26.54 8.35 26.99
C VAL E 291 -27.02 6.92 27.17
N PRO E 292 -26.92 6.33 28.40
CA PRO E 292 -27.39 4.97 28.61
C PRO E 292 -28.89 4.80 28.32
N CYS E 293 -29.22 3.87 27.41
CA CYS E 293 -30.61 3.55 27.01
C CYS E 293 -30.88 2.07 27.25
N ILE E 294 -32.08 1.75 27.72
CA ILE E 294 -32.60 0.36 27.76
C ILE E 294 -33.06 0.06 26.33
N LEU E 295 -32.40 -0.90 25.66
CA LEU E 295 -32.81 -1.36 24.30
C LEU E 295 -33.67 -2.63 24.42
N GLY E 296 -34.84 -2.61 23.79
CA GLY E 296 -35.77 -3.74 23.73
C GLY E 296 -36.44 -3.80 22.38
N GLN E 297 -37.51 -4.58 22.24
CA GLN E 297 -38.14 -4.88 20.92
C GLN E 297 -38.81 -3.64 20.33
N ASN E 298 -38.98 -2.57 21.11
CA ASN E 298 -39.58 -1.29 20.64
C ASN E 298 -38.49 -0.21 20.58
N GLY E 299 -37.23 -0.63 20.51
CA GLY E 299 -36.06 0.27 20.51
C GLY E 299 -35.79 0.79 21.89
N ILE E 300 -35.54 2.10 22.02
CA ILE E 300 -35.19 2.75 23.31
C ILE E 300 -36.48 2.94 24.12
N SER E 301 -36.69 2.10 25.13
CA SER E 301 -37.87 2.10 26.02
C SER E 301 -37.67 3.10 27.15
N ASP E 302 -36.42 3.30 27.59
CA ASP E 302 -36.07 4.13 28.78
C ASP E 302 -34.66 4.72 28.59
N LEU E 303 -34.41 5.90 29.18
CA LEU E 303 -33.05 6.45 29.42
C LEU E 303 -32.72 6.29 30.91
N VAL E 304 -31.44 6.19 31.24
CA VAL E 304 -30.95 6.28 32.64
C VAL E 304 -30.37 7.68 32.81
N LYS E 305 -30.98 8.46 33.71
CA LYS E 305 -30.62 9.88 33.96
C LYS E 305 -29.31 9.90 34.76
N VAL E 306 -28.17 10.00 34.06
CA VAL E 306 -26.83 9.98 34.71
C VAL E 306 -26.57 11.38 35.27
N THR E 307 -26.17 11.48 36.54
CA THR E 307 -25.72 12.74 37.18
C THR E 307 -24.27 12.98 36.71
N LEU E 308 -24.05 14.12 36.05
CA LEU E 308 -22.76 14.55 35.46
C LEU E 308 -22.25 15.76 36.24
N THR E 309 -20.93 15.93 36.37
CA THR E 309 -20.31 17.13 36.97
C THR E 309 -20.62 18.32 36.05
N SER E 310 -20.22 19.54 36.41
CA SER E 310 -20.37 20.75 35.56
C SER E 310 -19.39 20.66 34.38
N GLU E 311 -18.21 20.07 34.58
CA GLU E 311 -17.18 19.79 33.53
C GLU E 311 -17.77 18.88 32.46
N GLU E 312 -18.25 17.71 32.88
CA GLU E 312 -18.89 16.67 32.01
C GLU E 312 -20.06 17.33 31.26
N GLU E 313 -20.97 18.01 31.97
CA GLU E 313 -22.18 18.70 31.42
C GLU E 313 -21.79 19.73 30.35
N ALA E 314 -20.72 20.50 30.60
CA ALA E 314 -20.20 21.55 29.69
C ALA E 314 -19.63 20.90 28.42
N ARG E 315 -18.89 19.81 28.57
CA ARG E 315 -18.22 19.09 27.44
C ARG E 315 -19.30 18.53 26.50
N LEU E 316 -20.43 18.05 27.05
CA LEU E 316 -21.61 17.59 26.27
C LEU E 316 -22.25 18.80 25.58
N LYS E 317 -22.60 19.82 26.37
CA LYS E 317 -23.22 21.08 25.89
C LYS E 317 -22.43 21.61 24.69
N LYS E 318 -21.08 21.59 24.78
CA LYS E 318 -20.17 22.09 23.72
C LYS E 318 -20.32 21.23 22.45
N SER E 319 -20.41 19.91 22.62
CA SER E 319 -20.63 18.94 21.51
C SER E 319 -21.99 19.21 20.87
N ALA E 320 -23.05 19.41 21.66
CA ALA E 320 -24.42 19.69 21.19
C ALA E 320 -24.44 20.97 20.34
N ASP E 321 -23.63 21.97 20.71
CA ASP E 321 -23.51 23.25 19.98
C ASP E 321 -22.86 22.95 18.61
N THR E 322 -21.65 22.40 18.61
CA THR E 322 -20.90 21.99 17.39
C THR E 322 -21.83 21.24 16.42
N LEU E 323 -22.61 20.28 16.95
CA LEU E 323 -23.48 19.39 16.14
C LEU E 323 -24.66 20.17 15.56
N TRP E 324 -25.32 21.00 16.37
CA TRP E 324 -26.43 21.85 15.86
C TRP E 324 -25.85 22.85 14.84
N GLY E 325 -24.61 23.30 15.08
CA GLY E 325 -23.81 24.17 14.19
C GLY E 325 -23.80 23.66 12.76
N ILE E 326 -23.68 22.34 12.59
CA ILE E 326 -23.68 21.67 11.26
C ILE E 326 -25.11 21.35 10.86
N GLN E 327 -25.93 20.85 11.78
CA GLN E 327 -27.31 20.35 11.47
C GLN E 327 -28.13 21.47 10.84
N LYS E 328 -27.99 22.72 11.34
CA LYS E 328 -28.82 23.88 10.94
C LYS E 328 -28.49 24.28 9.49
N GLU E 329 -27.29 23.94 9.01
CA GLU E 329 -26.77 24.29 7.64
C GLU E 329 -27.21 23.27 6.59
N LEU E 330 -27.72 22.10 7.00
CA LEU E 330 -28.05 20.98 6.08
C LEU E 330 -29.33 21.31 5.33
N GLN E 331 -29.40 20.91 4.06
CA GLN E 331 -30.60 21.11 3.20
C GLN E 331 -31.32 19.77 3.04
N PHE E 332 -32.55 19.70 3.55
CA PHE E 332 -33.51 18.59 3.34
C PHE E 332 -34.55 19.06 2.31
N ALA F 2 -0.91 2.96 48.79
CA ALA F 2 -1.60 1.75 48.24
C ALA F 2 -2.34 2.13 46.96
N THR F 3 -2.07 1.41 45.85
CA THR F 3 -2.71 1.63 44.52
C THR F 3 -4.22 1.35 44.61
N LEU F 4 -4.96 1.79 43.60
CA LEU F 4 -6.43 1.57 43.50
C LEU F 4 -6.69 0.09 43.27
N LYS F 5 -5.90 -0.55 42.42
CA LYS F 5 -5.97 -2.02 42.18
C LYS F 5 -5.90 -2.75 43.53
N ASP F 6 -4.95 -2.40 44.40
CA ASP F 6 -4.66 -3.15 45.65
C ASP F 6 -5.74 -2.84 46.69
N GLN F 7 -6.32 -1.63 46.66
CA GLN F 7 -7.40 -1.20 47.58
C GLN F 7 -8.71 -1.95 47.27
N LEU F 8 -8.92 -2.36 46.00
CA LEU F 8 -10.21 -2.86 45.45
C LEU F 8 -10.23 -4.40 45.38
N ILE F 9 -9.08 -5.00 45.05
CA ILE F 9 -8.95 -6.45 44.67
C ILE F 9 -7.89 -7.11 45.55
N TYR F 10 -8.30 -8.07 46.38
CA TYR F 10 -7.39 -8.99 47.10
C TYR F 10 -7.21 -10.24 46.25
N ASN F 11 -5.99 -10.47 45.75
CA ASN F 11 -5.66 -11.57 44.80
C ASN F 11 -5.21 -12.81 45.60
N LEU F 12 -5.61 -14.01 45.14
CA LEU F 12 -5.29 -15.33 45.75
C LEU F 12 -4.39 -16.15 44.82
N LEU F 13 -4.39 -15.91 43.51
CA LEU F 13 -3.87 -16.88 42.51
C LEU F 13 -3.14 -16.21 41.33
N LYS F 14 -2.46 -17.01 40.52
CA LYS F 14 -1.85 -16.65 39.20
C LYS F 14 -1.49 -17.95 38.44
N THR F 18 -1.93 -20.82 30.81
CA THR F 18 -1.71 -21.63 29.59
C THR F 18 -3.04 -21.98 28.93
N PRO F 19 -3.21 -21.70 27.62
CA PRO F 19 -4.47 -22.03 26.93
C PRO F 19 -4.59 -23.52 26.60
N GLN F 20 -5.83 -24.04 26.60
CA GLN F 20 -6.16 -25.48 26.39
C GLN F 20 -6.81 -25.68 25.03
N ASN F 21 -7.30 -24.59 24.42
CA ASN F 21 -8.07 -24.61 23.15
C ASN F 21 -7.60 -23.45 22.26
N LYS F 22 -6.31 -23.40 21.95
CA LYS F 22 -5.72 -22.35 21.09
C LYS F 22 -5.89 -22.73 19.62
N ILE F 23 -6.34 -21.79 18.80
CA ILE F 23 -6.42 -21.95 17.31
C ILE F 23 -5.54 -20.88 16.65
N THR F 24 -4.70 -21.29 15.70
CA THR F 24 -3.93 -20.39 14.82
C THR F 24 -4.57 -20.38 13.43
N VAL F 25 -4.80 -19.18 12.90
CA VAL F 25 -5.13 -18.97 11.46
C VAL F 25 -3.89 -18.38 10.79
N VAL F 26 -3.32 -19.10 9.82
CA VAL F 26 -2.18 -18.65 8.98
C VAL F 26 -2.74 -18.06 7.67
N GLY F 27 -2.50 -16.76 7.47
CA GLY F 27 -3.06 -15.96 6.37
C GLY F 27 -4.24 -15.16 6.83
N VAL F 28 -4.20 -13.83 6.70
CA VAL F 28 -5.31 -12.93 7.12
C VAL F 28 -5.80 -12.17 5.88
N GLY F 29 -5.86 -12.89 4.75
CA GLY F 29 -6.63 -12.46 3.58
C GLY F 29 -8.12 -12.56 3.86
N ALA F 30 -8.96 -12.33 2.85
CA ALA F 30 -10.42 -12.43 2.96
C ALA F 30 -10.79 -13.73 3.69
N VAL F 31 -10.25 -14.86 3.21
CA VAL F 31 -10.60 -16.22 3.69
C VAL F 31 -10.13 -16.39 5.13
N GLY F 32 -8.85 -16.14 5.42
CA GLY F 32 -8.30 -16.20 6.78
C GLY F 32 -9.19 -15.49 7.79
N MET F 33 -9.53 -14.23 7.53
CA MET F 33 -10.30 -13.39 8.48
C MET F 33 -11.73 -13.91 8.57
N ALA F 34 -12.30 -14.42 7.48
CA ALA F 34 -13.65 -15.02 7.51
C ALA F 34 -13.61 -16.26 8.43
N CYS F 35 -12.57 -17.07 8.34
CA CYS F 35 -12.33 -18.22 9.25
C CYS F 35 -12.27 -17.69 10.69
N ALA F 36 -11.40 -16.71 10.93
CA ALA F 36 -11.13 -16.12 12.26
C ALA F 36 -12.43 -15.63 12.91
N ILE F 37 -13.16 -14.74 12.24
CA ILE F 37 -14.41 -14.13 12.80
C ILE F 37 -15.41 -15.27 13.06
N SER F 38 -15.55 -16.22 12.13
CA SER F 38 -16.52 -17.34 12.23
C SER F 38 -16.14 -18.24 13.41
N ILE F 39 -14.86 -18.38 13.72
CA ILE F 39 -14.36 -19.22 14.85
C ILE F 39 -14.56 -18.47 16.17
N LEU F 40 -14.26 -17.18 16.22
CA LEU F 40 -14.52 -16.34 17.42
C LEU F 40 -15.97 -16.52 17.85
N MET F 41 -16.89 -16.41 16.90
CA MET F 41 -18.33 -16.24 17.15
C MET F 41 -18.99 -17.58 17.51
N LYS F 42 -18.29 -18.70 17.30
CA LYS F 42 -18.72 -20.02 17.79
C LYS F 42 -18.05 -20.28 19.15
N ASP F 43 -17.35 -19.29 19.71
CA ASP F 43 -16.59 -19.41 20.98
C ASP F 43 -15.96 -20.80 21.03
N LEU F 44 -15.01 -21.09 20.13
CA LEU F 44 -14.31 -22.41 20.05
C LEU F 44 -12.99 -22.36 20.81
N ALA F 45 -12.41 -21.17 20.98
CA ALA F 45 -11.00 -21.02 21.36
C ALA F 45 -10.88 -20.06 22.54
N ASP F 46 -9.95 -20.36 23.44
CA ASP F 46 -9.55 -19.45 24.55
C ASP F 46 -8.36 -18.59 24.09
N GLU F 47 -7.60 -19.03 23.07
CA GLU F 47 -6.57 -18.19 22.42
C GLU F 47 -6.68 -18.31 20.91
N LEU F 48 -6.61 -17.19 20.21
CA LEU F 48 -6.63 -17.11 18.73
C LEU F 48 -5.36 -16.37 18.31
N ALA F 49 -4.57 -16.99 17.42
CA ALA F 49 -3.31 -16.44 16.89
C ALA F 49 -3.43 -16.24 15.39
N LEU F 50 -3.14 -15.01 14.91
CA LEU F 50 -3.11 -14.66 13.47
C LEU F 50 -1.66 -14.52 13.02
N VAL F 51 -1.32 -15.13 11.87
CA VAL F 51 0.04 -15.09 11.26
C VAL F 51 -0.08 -14.76 9.77
N ASP F 52 0.60 -13.70 9.34
CA ASP F 52 0.82 -13.35 7.91
C ASP F 52 2.15 -12.62 7.83
N VAL F 53 2.55 -12.20 6.64
CA VAL F 53 3.92 -11.64 6.35
C VAL F 53 3.84 -10.11 6.22
N ILE F 54 2.72 -9.55 5.78
CA ILE F 54 2.49 -8.09 5.74
C ILE F 54 2.17 -7.66 7.19
N GLU F 55 3.14 -7.06 7.89
CA GLU F 55 3.12 -6.84 9.36
C GLU F 55 2.10 -5.79 9.77
N ASP F 56 2.02 -4.66 9.05
CA ASP F 56 1.16 -3.51 9.44
C ASP F 56 -0.30 -3.94 9.31
N LYS F 57 -0.65 -4.64 8.22
CA LYS F 57 -2.02 -5.14 7.92
C LYS F 57 -2.40 -6.19 8.97
N LEU F 58 -1.49 -7.11 9.30
CA LEU F 58 -1.72 -8.18 10.30
C LEU F 58 -2.18 -7.55 11.61
N LYS F 59 -1.41 -6.59 12.13
CA LYS F 59 -1.63 -5.97 13.46
C LYS F 59 -2.98 -5.24 13.45
N GLY F 60 -3.40 -4.70 12.31
CA GLY F 60 -4.69 -4.00 12.21
C GLY F 60 -5.86 -4.96 12.29
N GLU F 61 -5.74 -6.11 11.62
CA GLU F 61 -6.80 -7.16 11.64
C GLU F 61 -6.90 -7.70 13.07
N MET F 62 -5.76 -7.99 13.71
CA MET F 62 -5.72 -8.40 15.14
C MET F 62 -6.49 -7.37 15.98
N MET F 63 -6.15 -6.09 15.91
CA MET F 63 -6.75 -5.04 16.77
C MET F 63 -8.25 -4.93 16.51
N ASP F 64 -8.66 -4.96 15.24
CA ASP F 64 -10.09 -4.81 14.84
C ASP F 64 -10.87 -5.98 15.42
N LEU F 65 -10.30 -7.18 15.35
CA LEU F 65 -10.91 -8.43 15.84
C LEU F 65 -10.96 -8.40 17.37
N GLN F 66 -9.85 -8.03 18.01
CA GLN F 66 -9.76 -7.78 19.47
C GLN F 66 -10.97 -6.94 19.90
N HIS F 67 -11.16 -5.78 19.27
CA HIS F 67 -12.16 -4.77 19.70
C HIS F 67 -13.56 -5.35 19.61
N GLY F 68 -13.85 -6.05 18.51
CA GLY F 68 -15.15 -6.72 18.32
C GLY F 68 -15.37 -7.82 19.34
N SER F 69 -14.31 -8.55 19.70
CA SER F 69 -14.35 -9.74 20.57
C SER F 69 -14.75 -9.35 21.99
N LEU F 70 -14.78 -8.05 22.29
CA LEU F 70 -15.25 -7.52 23.59
C LEU F 70 -16.73 -7.81 23.78
N PHE F 71 -17.46 -8.16 22.72
CA PHE F 71 -18.92 -8.45 22.75
C PHE F 71 -19.18 -9.96 22.68
N LEU F 72 -18.17 -10.78 22.98
CA LEU F 72 -18.23 -12.26 22.96
C LEU F 72 -17.59 -12.80 24.26
N ARG F 73 -17.52 -14.12 24.38
CA ARG F 73 -16.69 -14.78 25.42
C ARG F 73 -15.24 -14.54 24.99
N THR F 74 -14.68 -13.38 25.34
CA THR F 74 -13.41 -12.83 24.79
C THR F 74 -12.25 -13.79 25.04
N PRO F 75 -11.62 -14.33 23.97
CA PRO F 75 -10.39 -15.08 24.13
C PRO F 75 -9.20 -14.13 24.10
N LYS F 76 -8.01 -14.65 24.37
CA LYS F 76 -6.74 -13.97 24.07
C LYS F 76 -6.62 -13.96 22.55
N ILE F 77 -6.21 -12.84 21.97
CA ILE F 77 -6.00 -12.69 20.51
C ILE F 77 -4.63 -12.05 20.29
N VAL F 78 -3.73 -12.76 19.62
CA VAL F 78 -2.33 -12.33 19.35
C VAL F 78 -2.04 -12.46 17.85
N SER F 79 -0.95 -11.84 17.39
CA SER F 79 -0.51 -11.87 15.97
C SER F 79 1.00 -11.62 15.89
N GLY F 80 1.62 -12.11 14.82
CA GLY F 80 3.06 -11.89 14.54
C GLY F 80 3.45 -12.49 13.21
N LYS F 81 4.54 -11.97 12.64
CA LYS F 81 5.24 -12.59 11.49
C LYS F 81 5.93 -13.87 12.00
N ASP F 82 6.42 -13.85 13.24
CA ASP F 82 7.17 -14.97 13.89
C ASP F 82 6.16 -15.99 14.42
N TYR F 83 6.41 -17.28 14.18
CA TYR F 83 5.46 -18.39 14.47
C TYR F 83 5.46 -18.74 15.96
N ASN F 84 6.30 -18.08 16.77
CA ASN F 84 6.38 -18.33 18.24
C ASN F 84 5.05 -17.95 18.91
N VAL F 85 4.25 -17.08 18.28
CA VAL F 85 2.92 -16.69 18.81
C VAL F 85 1.91 -17.83 18.57
N THR F 86 2.27 -18.90 17.84
CA THR F 86 1.34 -20.02 17.54
C THR F 86 1.56 -21.20 18.50
N ALA F 87 2.40 -21.03 19.52
CA ALA F 87 2.83 -22.12 20.44
C ALA F 87 1.62 -22.77 21.12
N ASN F 88 1.60 -24.10 21.22
CA ASN F 88 0.56 -24.91 21.90
C ASN F 88 -0.81 -24.71 21.25
N SER F 89 -0.87 -24.62 19.92
CA SER F 89 -2.15 -24.57 19.18
C SER F 89 -2.71 -25.99 19.14
N LYS F 90 -3.99 -26.14 19.44
CA LYS F 90 -4.69 -27.45 19.32
C LYS F 90 -5.01 -27.62 17.83
N LEU F 91 -5.30 -26.53 17.13
CA LEU F 91 -5.70 -26.55 15.69
C LEU F 91 -5.01 -25.39 14.95
N VAL F 92 -4.39 -25.65 13.80
CA VAL F 92 -3.78 -24.63 12.93
C VAL F 92 -4.44 -24.70 11.55
N ILE F 93 -5.05 -23.59 11.13
CA ILE F 93 -5.74 -23.44 9.82
C ILE F 93 -4.80 -22.70 8.86
N ILE F 94 -4.36 -23.38 7.80
CA ILE F 94 -3.49 -22.81 6.72
C ILE F 94 -4.40 -22.28 5.62
N THR F 95 -4.40 -20.96 5.41
CA THR F 95 -5.09 -20.27 4.26
C THR F 95 -4.07 -19.68 3.31
N ALA F 96 -2.82 -19.48 3.75
CA ALA F 96 -1.72 -18.92 2.92
C ALA F 96 -1.56 -19.77 1.65
N GLY F 97 -1.25 -19.13 0.53
CA GLY F 97 -0.94 -19.83 -0.73
C GLY F 97 -0.46 -18.87 -1.78
N ALA F 98 -0.16 -19.38 -2.97
CA ALA F 98 0.09 -18.56 -4.18
C ALA F 98 -1.17 -18.67 -5.05
N ARG F 99 -1.57 -17.59 -5.69
CA ARG F 99 -2.61 -17.60 -6.75
C ARG F 99 -1.88 -17.75 -8.09
N GLN F 100 -2.43 -18.58 -8.98
CA GLN F 100 -1.90 -18.87 -10.34
C GLN F 100 -1.76 -17.56 -11.12
N GLN F 101 -0.56 -17.23 -11.59
CA GLN F 101 -0.26 -16.09 -12.50
C GLN F 101 -0.66 -16.48 -13.93
N GLU F 102 -0.81 -15.48 -14.83
CA GLU F 102 -1.16 -15.71 -16.26
C GLU F 102 -0.05 -16.51 -16.93
N GLY F 103 -0.43 -17.61 -17.60
CA GLY F 103 0.47 -18.49 -18.37
C GLY F 103 1.26 -19.46 -17.50
N GLU F 104 1.05 -19.46 -16.18
CA GLU F 104 1.73 -20.37 -15.23
C GLU F 104 1.08 -21.76 -15.33
N SER F 105 1.88 -22.82 -15.36
CA SER F 105 1.41 -24.23 -15.41
C SER F 105 0.83 -24.62 -14.04
N ARG F 106 -0.16 -25.52 -14.05
CA ARG F 106 -0.73 -26.11 -12.82
C ARG F 106 0.43 -26.62 -11.94
N LEU F 107 1.33 -27.43 -12.50
CA LEU F 107 2.46 -28.03 -11.75
C LEU F 107 3.29 -26.91 -11.08
N ASN F 108 3.51 -25.81 -11.79
CA ASN F 108 4.43 -24.75 -11.31
C ASN F 108 3.83 -24.05 -10.09
N LEU F 109 2.52 -23.77 -10.15
CA LEU F 109 1.73 -23.16 -9.05
C LEU F 109 1.85 -24.04 -7.79
N VAL F 110 1.58 -25.33 -7.94
CA VAL F 110 1.62 -26.28 -6.79
C VAL F 110 3.02 -26.24 -6.17
N GLN F 111 4.07 -26.21 -6.99
CA GLN F 111 5.48 -26.22 -6.51
C GLN F 111 5.77 -24.93 -5.73
N ARG F 112 5.19 -23.80 -6.16
CA ARG F 112 5.36 -22.52 -5.44
C ARG F 112 4.63 -22.61 -4.09
N ASN F 113 3.42 -23.19 -4.08
CA ASN F 113 2.67 -23.50 -2.82
C ASN F 113 3.54 -24.42 -1.95
N VAL F 114 4.14 -25.45 -2.55
CA VAL F 114 5.04 -26.39 -1.81
C VAL F 114 6.15 -25.59 -1.14
N ASN F 115 6.79 -24.68 -1.88
CA ASN F 115 7.99 -23.94 -1.38
C ASN F 115 7.55 -23.03 -0.23
N ILE F 116 6.31 -22.53 -0.25
CA ILE F 116 5.73 -21.69 0.86
C ILE F 116 5.51 -22.60 2.08
N PHE F 117 4.84 -23.73 1.88
CA PHE F 117 4.51 -24.70 2.96
C PHE F 117 5.83 -25.21 3.58
N LYS F 118 6.93 -25.21 2.84
CA LYS F 118 8.26 -25.65 3.34
C LYS F 118 8.81 -24.63 4.36
N PHE F 119 8.29 -23.39 4.39
CA PHE F 119 8.59 -22.36 5.43
C PHE F 119 7.55 -22.46 6.55
N ILE F 120 6.26 -22.57 6.19
CA ILE F 120 5.11 -22.50 7.14
C ILE F 120 5.09 -23.77 8.01
N ILE F 121 4.93 -24.94 7.40
CA ILE F 121 4.57 -26.20 8.12
C ILE F 121 5.64 -26.51 9.17
N PRO F 122 6.95 -26.49 8.86
CA PRO F 122 7.98 -26.78 9.86
C PRO F 122 7.97 -25.83 11.06
N ASN F 123 7.65 -24.55 10.82
CA ASN F 123 7.51 -23.52 11.88
C ASN F 123 6.26 -23.82 12.73
N VAL F 124 5.14 -24.18 12.10
CA VAL F 124 3.88 -24.53 12.82
C VAL F 124 4.17 -25.70 13.77
N VAL F 125 4.82 -26.75 13.24
CA VAL F 125 5.16 -28.04 13.90
C VAL F 125 6.16 -27.78 15.02
N LYS F 126 7.19 -26.97 14.76
CA LYS F 126 8.20 -26.60 15.78
C LYS F 126 7.48 -26.18 17.07
N TYR F 127 6.45 -25.34 16.96
CA TYR F 127 5.84 -24.63 18.12
C TYR F 127 4.55 -25.31 18.61
N SER F 128 3.88 -26.13 17.78
CA SER F 128 2.63 -26.84 18.13
C SER F 128 2.70 -28.27 17.61
N PRO F 129 3.60 -29.12 18.14
CA PRO F 129 3.87 -30.43 17.55
C PRO F 129 2.70 -31.44 17.59
N ASN F 130 1.70 -31.23 18.46
CA ASN F 130 0.54 -32.16 18.64
C ASN F 130 -0.74 -31.55 18.07
N CYS F 131 -0.63 -30.49 17.26
CA CYS F 131 -1.79 -29.78 16.66
C CYS F 131 -2.45 -30.66 15.59
N LYS F 132 -3.67 -30.30 15.19
CA LYS F 132 -4.32 -30.75 13.94
C LYS F 132 -4.11 -29.67 12.89
N LEU F 133 -3.73 -30.07 11.67
CA LEU F 133 -3.59 -29.16 10.51
C LEU F 133 -4.88 -29.24 9.68
N LEU F 134 -5.54 -28.09 9.52
CA LEU F 134 -6.70 -27.93 8.61
C LEU F 134 -6.26 -27.05 7.44
N ILE F 135 -6.21 -27.62 6.24
CA ILE F 135 -5.70 -26.98 4.99
C ILE F 135 -6.90 -26.44 4.21
N VAL F 136 -6.88 -25.14 3.91
CA VAL F 136 -7.96 -24.43 3.18
C VAL F 136 -7.42 -23.97 1.81
N SER F 137 -6.15 -23.56 1.73
CA SER F 137 -5.42 -23.16 0.50
C SER F 137 -5.77 -24.09 -0.66
N ASN F 138 -6.02 -23.55 -1.86
CA ASN F 138 -6.29 -24.32 -3.10
C ASN F 138 -5.00 -24.49 -3.89
N PRO F 139 -4.82 -25.58 -4.69
CA PRO F 139 -5.79 -26.69 -4.78
C PRO F 139 -5.65 -27.63 -3.57
N VAL F 140 -6.77 -27.85 -2.87
CA VAL F 140 -6.77 -28.25 -1.43
C VAL F 140 -6.35 -29.73 -1.29
N ASP F 141 -6.76 -30.59 -2.22
CA ASP F 141 -6.48 -32.05 -2.14
C ASP F 141 -4.97 -32.28 -2.24
N ILE F 142 -4.26 -31.48 -3.04
CA ILE F 142 -2.78 -31.63 -3.24
C ILE F 142 -2.05 -30.99 -2.06
N LEU F 143 -2.50 -29.81 -1.63
CA LEU F 143 -1.80 -29.03 -0.58
C LEU F 143 -1.99 -29.71 0.78
N THR F 144 -3.05 -30.51 0.96
CA THR F 144 -3.21 -31.37 2.15
C THR F 144 -2.10 -32.42 2.14
N TYR F 145 -1.95 -33.14 1.01
CA TYR F 145 -0.81 -34.08 0.80
C TYR F 145 0.52 -33.37 1.13
N VAL F 146 0.71 -32.14 0.63
CA VAL F 146 1.98 -31.39 0.80
C VAL F 146 2.25 -31.19 2.30
N ALA F 147 1.23 -30.74 3.05
CA ALA F 147 1.31 -30.46 4.50
C ALA F 147 1.56 -31.76 5.27
N TRP F 148 0.95 -32.85 4.84
CA TRP F 148 1.14 -34.19 5.43
C TRP F 148 2.61 -34.61 5.31
N LYS F 149 3.19 -34.48 4.11
CA LYS F 149 4.58 -34.90 3.80
C LYS F 149 5.54 -34.05 4.63
N ILE F 150 5.39 -32.74 4.60
CA ILE F 150 6.35 -31.80 5.23
C ILE F 150 6.30 -31.95 6.75
N SER F 151 5.09 -32.15 7.31
CA SER F 151 4.83 -32.17 8.78
C SER F 151 5.33 -33.49 9.39
N GLY F 152 5.24 -34.58 8.62
CA GLY F 152 5.48 -35.96 9.11
C GLY F 152 4.46 -36.36 10.16
N PHE F 153 3.31 -35.66 10.19
CA PHE F 153 2.18 -35.96 11.08
C PHE F 153 1.49 -37.23 10.60
N PRO F 154 0.82 -37.97 11.51
CA PRO F 154 -0.01 -39.09 11.11
C PRO F 154 -1.23 -38.57 10.33
N LYS F 155 -1.82 -39.43 9.49
CA LYS F 155 -2.85 -39.01 8.49
C LYS F 155 -4.08 -38.42 9.18
N ASN F 156 -4.29 -38.73 10.46
CA ASN F 156 -5.49 -38.33 11.26
C ASN F 156 -5.43 -36.85 11.62
N ARG F 157 -4.22 -36.26 11.70
CA ARG F 157 -4.03 -34.86 12.18
C ARG F 157 -3.76 -33.93 10.97
N VAL F 158 -4.07 -34.38 9.76
CA VAL F 158 -3.97 -33.53 8.54
C VAL F 158 -5.22 -33.72 7.69
N ILE F 159 -5.99 -32.64 7.57
CA ILE F 159 -7.38 -32.59 7.03
C ILE F 159 -7.44 -31.43 6.04
N GLY F 160 -8.16 -31.60 4.93
CA GLY F 160 -8.42 -30.52 3.96
C GLY F 160 -9.88 -30.12 3.97
N SER F 161 -10.17 -28.82 3.89
CA SER F 161 -11.54 -28.24 3.81
C SER F 161 -12.41 -29.10 2.88
N GLY F 162 -11.80 -29.67 1.84
CA GLY F 162 -12.42 -30.67 0.94
C GLY F 162 -13.78 -30.24 0.41
N CYS F 163 -14.73 -31.16 0.38
CA CYS F 163 -16.08 -31.01 -0.23
C CYS F 163 -17.13 -30.72 0.85
N ASN F 164 -16.71 -30.26 2.02
CA ASN F 164 -17.63 -29.93 3.14
C ASN F 164 -18.66 -28.91 2.64
N LEU F 165 -18.19 -27.83 1.99
CA LEU F 165 -19.05 -26.72 1.52
C LEU F 165 -19.88 -27.18 0.30
N ASP F 166 -19.29 -27.90 -0.64
CA ASP F 166 -19.99 -28.34 -1.89
C ASP F 166 -21.16 -29.25 -1.47
N SER F 167 -20.95 -30.14 -0.50
CA SER F 167 -21.98 -31.09 0.02
C SER F 167 -23.12 -30.31 0.66
N ALA F 168 -22.81 -29.30 1.49
CA ALA F 168 -23.83 -28.40 2.08
C ALA F 168 -24.69 -27.81 0.96
N ARG F 169 -24.04 -27.29 -0.08
CA ARG F 169 -24.68 -26.63 -1.25
C ARG F 169 -25.60 -27.63 -1.96
N PHE F 170 -25.10 -28.84 -2.16
CA PHE F 170 -25.85 -29.94 -2.81
C PHE F 170 -27.16 -30.16 -2.04
N ARG F 171 -27.02 -30.39 -0.73
CA ARG F 171 -28.15 -30.69 0.20
C ARG F 171 -29.14 -29.52 0.15
N TYR F 172 -28.70 -28.27 -0.02
CA TYR F 172 -29.65 -27.13 -0.10
C TYR F 172 -30.60 -27.34 -1.27
N LEU F 173 -30.04 -27.63 -2.45
CA LEU F 173 -30.82 -27.76 -3.73
C LEU F 173 -31.68 -29.02 -3.66
N MET F 174 -31.10 -30.12 -3.14
CA MET F 174 -31.85 -31.35 -2.80
C MET F 174 -33.10 -30.97 -2.01
N GLY F 175 -32.95 -30.16 -0.97
CA GLY F 175 -34.05 -29.70 -0.10
C GLY F 175 -35.09 -28.93 -0.90
N GLU F 176 -34.65 -27.92 -1.65
CA GLU F 176 -35.51 -27.03 -2.46
C GLU F 176 -36.38 -27.89 -3.38
N ARG F 177 -35.83 -28.97 -3.94
CA ARG F 177 -36.52 -29.87 -4.91
C ARG F 177 -37.56 -30.75 -4.23
N LEU F 178 -37.30 -31.22 -3.01
CA LEU F 178 -38.20 -32.15 -2.27
C LEU F 178 -39.17 -31.37 -1.37
N GLY F 179 -38.98 -30.05 -1.18
CA GLY F 179 -39.76 -29.21 -0.25
C GLY F 179 -39.51 -29.65 1.19
N VAL F 180 -38.23 -29.75 1.57
CA VAL F 180 -37.70 -30.30 2.84
C VAL F 180 -36.54 -29.40 3.30
N HIS F 181 -36.41 -29.12 4.59
CA HIS F 181 -35.30 -28.32 5.14
C HIS F 181 -33.98 -29.01 4.80
N PRO F 182 -32.98 -28.27 4.28
CA PRO F 182 -31.66 -28.84 3.98
C PRO F 182 -31.07 -29.79 5.04
N LEU F 183 -31.33 -29.54 6.34
CA LEU F 183 -30.73 -30.30 7.46
C LEU F 183 -31.43 -31.64 7.63
N SER F 184 -32.62 -31.82 7.02
CA SER F 184 -33.40 -33.08 6.99
C SER F 184 -33.01 -33.93 5.77
N CYS F 185 -32.26 -33.35 4.83
CA CYS F 185 -31.67 -34.05 3.65
C CYS F 185 -30.26 -34.53 3.98
N HIS F 186 -29.90 -35.72 3.47
CA HIS F 186 -28.55 -36.32 3.57
C HIS F 186 -28.06 -36.65 2.16
N GLY F 187 -26.75 -36.57 1.93
CA GLY F 187 -26.15 -36.71 0.59
C GLY F 187 -24.79 -36.07 0.55
N TRP F 188 -23.80 -36.78 0.00
CA TRP F 188 -22.39 -36.32 -0.06
C TRP F 188 -22.01 -35.90 -1.49
N VAL F 189 -21.01 -35.04 -1.58
CA VAL F 189 -20.20 -34.80 -2.80
C VAL F 189 -18.76 -35.15 -2.41
N LEU F 190 -18.19 -36.21 -3.01
CA LEU F 190 -16.86 -36.76 -2.64
C LEU F 190 -15.85 -36.55 -3.77
N GLY F 191 -14.56 -36.77 -3.45
CA GLY F 191 -13.46 -36.84 -4.43
C GLY F 191 -12.70 -35.53 -4.51
N GLU F 192 -12.26 -35.17 -5.72
CA GLU F 192 -11.47 -33.95 -5.97
C GLU F 192 -12.40 -32.75 -5.81
N HIS F 193 -11.99 -31.78 -4.98
CA HIS F 193 -12.73 -30.51 -4.73
C HIS F 193 -12.99 -29.82 -6.08
N GLY F 194 -14.27 -29.57 -6.41
CA GLY F 194 -14.72 -28.74 -7.55
C GLY F 194 -14.67 -29.47 -8.89
N ASP F 195 -15.73 -29.36 -9.70
CA ASP F 195 -15.80 -29.82 -11.13
C ASP F 195 -15.82 -31.34 -11.22
N SER F 196 -14.74 -32.00 -10.78
CA SER F 196 -14.52 -33.48 -10.83
C SER F 196 -15.22 -34.20 -9.67
N SER F 197 -15.74 -33.44 -8.70
CA SER F 197 -16.43 -33.99 -7.49
C SER F 197 -17.61 -34.85 -7.92
N VAL F 198 -17.87 -35.92 -7.16
CA VAL F 198 -18.86 -36.99 -7.48
C VAL F 198 -20.05 -36.87 -6.55
N PRO F 199 -21.25 -36.51 -7.04
CA PRO F 199 -22.47 -36.69 -6.25
C PRO F 199 -22.74 -38.19 -6.05
N VAL F 200 -22.85 -38.63 -4.81
CA VAL F 200 -23.06 -40.06 -4.43
C VAL F 200 -24.56 -40.30 -4.22
N TRP F 201 -25.25 -40.67 -5.30
CA TRP F 201 -26.73 -40.87 -5.37
C TRP F 201 -27.16 -42.03 -4.48
N SER F 202 -26.34 -43.09 -4.39
CA SER F 202 -26.66 -44.32 -3.60
C SER F 202 -27.08 -43.90 -2.18
N GLY F 203 -26.30 -43.04 -1.52
CA GLY F 203 -26.50 -42.65 -0.12
C GLY F 203 -27.27 -41.34 0.07
N MET F 204 -28.18 -40.97 -0.84
CA MET F 204 -29.01 -39.74 -0.70
C MET F 204 -30.42 -40.14 -0.26
N ASN F 205 -30.83 -39.63 0.90
CA ASN F 205 -32.08 -40.05 1.60
C ASN F 205 -32.70 -38.86 2.33
N VAL F 206 -33.96 -39.00 2.69
CA VAL F 206 -34.66 -38.15 3.70
C VAL F 206 -35.27 -39.11 4.72
N ALA F 207 -34.91 -38.97 6.00
CA ALA F 207 -35.44 -39.81 7.09
C ALA F 207 -35.14 -41.30 6.80
N GLY F 208 -34.05 -41.58 6.09
CA GLY F 208 -33.60 -42.95 5.81
C GLY F 208 -34.29 -43.60 4.61
N VAL F 209 -35.23 -42.91 3.97
CA VAL F 209 -35.89 -43.36 2.71
C VAL F 209 -34.98 -43.00 1.54
N SER F 210 -34.27 -43.98 0.95
CA SER F 210 -33.31 -43.77 -0.15
C SER F 210 -34.04 -43.22 -1.39
N LEU F 211 -33.53 -42.13 -1.97
CA LEU F 211 -34.06 -41.52 -3.22
C LEU F 211 -33.79 -42.46 -4.40
N LYS F 212 -32.60 -43.07 -4.44
CA LYS F 212 -32.21 -44.09 -5.46
C LYS F 212 -33.27 -45.18 -5.53
N THR F 213 -33.74 -45.68 -4.37
CA THR F 213 -34.77 -46.75 -4.24
C THR F 213 -36.08 -46.30 -4.90
N LEU F 214 -36.53 -45.07 -4.66
CA LEU F 214 -37.87 -44.59 -5.11
C LEU F 214 -37.84 -44.22 -6.60
N HIS F 215 -36.67 -43.86 -7.14
CA HIS F 215 -36.47 -43.27 -8.48
C HIS F 215 -35.16 -43.76 -9.07
N PRO F 216 -35.06 -45.07 -9.45
CA PRO F 216 -33.77 -45.71 -9.68
C PRO F 216 -32.94 -45.06 -10.81
N ASP F 217 -33.59 -44.24 -11.64
CA ASP F 217 -32.93 -43.44 -12.71
C ASP F 217 -32.57 -42.06 -12.15
N LEU F 218 -31.86 -41.99 -11.02
CA LEU F 218 -31.59 -40.70 -10.33
C LEU F 218 -30.38 -40.02 -10.97
N GLY F 219 -29.17 -40.59 -10.83
CA GLY F 219 -27.92 -39.98 -11.32
C GLY F 219 -27.85 -39.90 -12.84
N THR F 220 -28.61 -40.74 -13.54
CA THR F 220 -28.47 -41.10 -14.98
C THR F 220 -28.92 -39.95 -15.90
N ASP F 221 -28.64 -40.09 -17.20
CA ASP F 221 -29.02 -39.15 -18.30
C ASP F 221 -30.50 -39.32 -18.66
N LYS F 222 -31.04 -40.53 -18.55
CA LYS F 222 -32.48 -40.84 -18.81
C LYS F 222 -33.31 -40.51 -17.56
N ASP F 223 -32.86 -39.58 -16.72
CA ASP F 223 -33.57 -39.08 -15.52
C ASP F 223 -34.59 -38.02 -15.95
N LYS F 224 -35.87 -38.31 -15.79
CA LYS F 224 -36.96 -37.39 -16.23
C LYS F 224 -36.83 -36.04 -15.49
N GLU F 225 -36.34 -36.05 -14.24
CA GLU F 225 -36.27 -34.87 -13.33
C GLU F 225 -34.90 -34.17 -13.41
N GLN F 226 -33.88 -34.84 -13.95
CA GLN F 226 -32.58 -34.24 -14.35
C GLN F 226 -31.77 -33.78 -13.13
N TRP F 227 -31.57 -34.68 -12.17
CA TRP F 227 -30.85 -34.40 -10.90
C TRP F 227 -29.37 -34.14 -11.17
N LYS F 228 -28.85 -34.53 -12.34
CA LYS F 228 -27.47 -34.18 -12.77
C LYS F 228 -27.30 -32.66 -12.69
N GLU F 229 -28.35 -31.89 -13.01
CA GLU F 229 -28.32 -30.41 -13.07
C GLU F 229 -28.02 -29.82 -11.69
N VAL F 230 -28.31 -30.56 -10.62
CA VAL F 230 -28.04 -30.13 -9.21
C VAL F 230 -26.53 -30.01 -9.03
N HIS F 231 -25.76 -31.08 -9.25
CA HIS F 231 -24.28 -31.06 -9.10
C HIS F 231 -23.65 -30.00 -10.02
N LYS F 232 -24.26 -29.75 -11.18
CA LYS F 232 -23.81 -28.71 -12.14
C LYS F 232 -23.96 -27.34 -11.46
N GLN F 233 -25.16 -27.05 -10.94
CA GLN F 233 -25.51 -25.74 -10.32
C GLN F 233 -24.66 -25.50 -9.06
N VAL F 234 -24.23 -26.57 -8.37
CA VAL F 234 -23.33 -26.48 -7.18
C VAL F 234 -22.01 -25.85 -7.63
N VAL F 235 -21.44 -26.34 -8.73
CA VAL F 235 -20.11 -25.91 -9.27
C VAL F 235 -20.22 -24.51 -9.88
N GLU F 236 -21.29 -24.25 -10.65
CA GLU F 236 -21.56 -22.90 -11.23
C GLU F 236 -21.70 -21.87 -10.10
N SER F 237 -22.27 -22.25 -8.96
CA SER F 237 -22.52 -21.35 -7.81
C SER F 237 -21.19 -20.83 -7.28
N ALA F 238 -20.19 -21.70 -7.17
CA ALA F 238 -18.81 -21.33 -6.75
C ALA F 238 -18.28 -20.18 -7.62
N TYR F 239 -18.40 -20.34 -8.95
CA TYR F 239 -17.89 -19.39 -9.98
C TYR F 239 -18.70 -18.09 -9.95
N GLU F 240 -20.03 -18.19 -9.97
CA GLU F 240 -20.93 -17.00 -10.05
C GLU F 240 -20.61 -16.06 -8.89
N VAL F 241 -20.18 -16.58 -7.73
CA VAL F 241 -19.76 -15.75 -6.56
C VAL F 241 -18.51 -14.96 -6.98
N ILE F 242 -17.51 -15.64 -7.56
CA ILE F 242 -16.20 -15.03 -7.93
C ILE F 242 -16.43 -13.99 -9.04
N LYS F 243 -17.24 -14.31 -10.06
CA LYS F 243 -17.58 -13.38 -11.17
C LYS F 243 -18.18 -12.08 -10.60
N LEU F 244 -19.09 -12.20 -9.62
CA LEU F 244 -19.96 -11.08 -9.14
C LEU F 244 -19.28 -10.25 -8.05
N LYS F 245 -18.43 -10.88 -7.22
CA LYS F 245 -17.88 -10.28 -5.99
C LYS F 245 -16.36 -10.12 -6.12
N GLY F 246 -15.70 -11.01 -6.86
CA GLY F 246 -14.24 -11.02 -7.06
C GLY F 246 -13.58 -12.24 -6.43
N TYR F 247 -14.15 -12.73 -5.32
CA TYR F 247 -13.60 -13.83 -4.49
C TYR F 247 -14.73 -14.38 -3.60
N THR F 248 -14.49 -15.54 -2.97
CA THR F 248 -15.36 -16.11 -1.90
C THR F 248 -14.61 -15.99 -0.57
N SER F 249 -15.28 -15.45 0.45
CA SER F 249 -14.74 -15.38 1.84
C SER F 249 -15.72 -16.10 2.80
N TRP F 250 -16.94 -15.58 2.96
CA TRP F 250 -17.90 -15.98 4.00
C TRP F 250 -18.16 -17.49 3.96
N ALA F 251 -18.40 -18.02 2.77
CA ALA F 251 -18.79 -19.44 2.54
C ALA F 251 -17.72 -20.39 3.07
N ILE F 252 -16.44 -20.12 2.80
CA ILE F 252 -15.32 -21.03 3.22
C ILE F 252 -15.07 -20.79 4.70
N GLY F 253 -15.23 -19.53 5.14
CA GLY F 253 -15.10 -19.15 6.56
C GLY F 253 -15.95 -20.02 7.44
N LEU F 254 -17.24 -20.10 7.12
CA LEU F 254 -18.25 -20.85 7.91
C LEU F 254 -18.08 -22.35 7.71
N SER F 255 -17.72 -22.79 6.50
CA SER F 255 -17.42 -24.21 6.20
C SER F 255 -16.25 -24.66 7.07
N VAL F 256 -15.23 -23.83 7.22
CA VAL F 256 -14.04 -24.15 8.07
C VAL F 256 -14.44 -24.10 9.55
N ALA F 257 -15.20 -23.09 9.97
CA ALA F 257 -15.69 -22.96 11.36
C ALA F 257 -16.47 -24.23 11.75
N ASP F 258 -17.33 -24.73 10.85
CA ASP F 258 -18.08 -26.00 11.01
C ASP F 258 -17.10 -27.14 11.33
N LEU F 259 -16.02 -27.28 10.56
CA LEU F 259 -15.02 -28.35 10.73
C LEU F 259 -14.27 -28.14 12.04
N ALA F 260 -13.95 -26.89 12.37
CA ALA F 260 -13.21 -26.50 13.60
C ALA F 260 -14.08 -26.86 14.81
N GLU F 261 -15.39 -26.60 14.75
CA GLU F 261 -16.33 -26.92 15.86
C GLU F 261 -16.26 -28.42 16.15
N SER F 262 -16.41 -29.25 15.12
CA SER F 262 -16.35 -30.73 15.24
C SER F 262 -15.06 -31.16 15.93
N ILE F 263 -13.94 -30.54 15.59
CA ILE F 263 -12.61 -30.93 16.16
C ILE F 263 -12.51 -30.42 17.59
N MET F 264 -12.79 -29.14 17.81
CA MET F 264 -12.46 -28.42 19.06
C MET F 264 -13.42 -28.85 20.17
N LYS F 265 -14.67 -29.18 19.83
CA LYS F 265 -15.71 -29.60 20.80
C LYS F 265 -15.93 -31.12 20.70
N ASN F 266 -15.02 -31.83 20.05
CA ASN F 266 -15.01 -33.32 19.95
C ASN F 266 -16.41 -33.87 19.63
N LEU F 267 -17.10 -33.33 18.63
CA LEU F 267 -18.50 -33.69 18.26
C LEU F 267 -18.59 -35.04 17.55
N ARG F 268 -17.48 -35.56 17.04
CA ARG F 268 -17.45 -36.86 16.31
C ARG F 268 -18.56 -36.82 15.25
N ARG F 269 -18.60 -35.73 14.47
CA ARG F 269 -19.55 -35.50 13.36
C ARG F 269 -18.88 -35.94 12.05
N VAL F 270 -19.69 -36.21 11.02
CA VAL F 270 -19.22 -36.70 9.70
C VAL F 270 -19.11 -35.54 8.73
N HIS F 271 -17.92 -35.30 8.19
CA HIS F 271 -17.63 -34.29 7.15
C HIS F 271 -16.91 -34.92 5.97
N PRO F 272 -17.28 -34.57 4.73
CA PRO F 272 -16.56 -35.03 3.55
C PRO F 272 -15.32 -34.14 3.38
N VAL F 273 -14.21 -34.50 4.01
CA VAL F 273 -12.95 -33.69 4.06
C VAL F 273 -11.83 -34.48 3.38
N SER F 274 -10.90 -33.78 2.76
CA SER F 274 -9.67 -34.34 2.13
C SER F 274 -8.87 -35.08 3.21
N THR F 275 -8.67 -36.37 3.03
CA THR F 275 -7.76 -37.20 3.87
C THR F 275 -7.11 -38.28 3.02
N MET F 276 -5.99 -38.81 3.52
CA MET F 276 -5.20 -39.89 2.88
C MET F 276 -6.11 -41.10 2.65
N ILE F 277 -6.22 -41.54 1.40
CA ILE F 277 -7.29 -42.45 0.91
C ILE F 277 -6.69 -43.72 0.27
N LYS F 278 -5.37 -43.91 0.37
CA LYS F 278 -4.68 -45.13 -0.13
C LYS F 278 -5.27 -46.34 0.59
N GLY F 279 -5.68 -47.36 -0.15
CA GLY F 279 -6.34 -48.56 0.38
C GLY F 279 -7.72 -48.71 -0.21
N LEU F 280 -8.43 -47.59 -0.41
CA LEU F 280 -9.86 -47.56 -0.83
C LEU F 280 -9.95 -47.38 -2.35
N TYR F 281 -11.03 -47.88 -2.95
CA TYR F 281 -11.47 -47.64 -4.35
C TYR F 281 -10.33 -47.96 -5.33
N GLY F 282 -9.52 -48.98 -5.01
CA GLY F 282 -8.40 -49.47 -5.83
C GLY F 282 -7.40 -48.36 -6.13
N ILE F 283 -7.05 -47.58 -5.11
CA ILE F 283 -6.07 -46.45 -5.21
C ILE F 283 -4.88 -46.84 -4.36
N LYS F 284 -3.69 -46.93 -4.97
CA LYS F 284 -2.45 -47.44 -4.33
C LYS F 284 -1.46 -46.30 -4.04
N ASP F 285 -1.75 -45.08 -4.50
CA ASP F 285 -0.89 -43.88 -4.32
C ASP F 285 -1.29 -43.10 -3.07
N ASP F 286 -0.34 -42.32 -2.52
CA ASP F 286 -0.55 -41.39 -1.38
C ASP F 286 -1.27 -40.13 -1.87
N VAL F 287 -2.56 -40.23 -2.22
CA VAL F 287 -3.38 -39.05 -2.63
C VAL F 287 -4.42 -38.77 -1.54
N PHE F 288 -4.86 -37.52 -1.47
CA PHE F 288 -5.94 -37.08 -0.57
C PHE F 288 -7.16 -36.73 -1.41
N LEU F 289 -8.33 -37.25 -1.02
CA LEU F 289 -9.65 -36.87 -1.57
C LEU F 289 -10.64 -36.78 -0.42
N SER F 290 -11.81 -36.21 -0.71
CA SER F 290 -12.91 -36.04 0.27
C SER F 290 -13.70 -37.36 0.31
N VAL F 291 -13.65 -38.03 1.47
CA VAL F 291 -14.58 -39.13 1.87
C VAL F 291 -15.12 -38.77 3.25
N PRO F 292 -16.30 -39.29 3.65
CA PRO F 292 -16.86 -39.00 4.96
C PRO F 292 -15.93 -39.42 6.11
N CYS F 293 -15.56 -38.47 6.98
CA CYS F 293 -14.68 -38.69 8.14
C CYS F 293 -15.40 -38.24 9.42
N ILE F 294 -15.23 -39.00 10.50
CA ILE F 294 -15.64 -38.59 11.86
C ILE F 294 -14.55 -37.64 12.34
N LEU F 295 -14.89 -36.37 12.56
CA LEU F 295 -13.95 -35.35 13.11
C LEU F 295 -14.16 -35.23 14.62
N GLY F 296 -13.08 -35.34 15.38
CA GLY F 296 -13.07 -35.17 16.84
C GLY F 296 -11.80 -34.49 17.28
N GLN F 297 -11.50 -34.53 18.57
CA GLN F 297 -10.40 -33.72 19.19
C GLN F 297 -9.04 -34.21 18.73
N ASN F 298 -8.95 -35.40 18.11
CA ASN F 298 -7.68 -35.96 17.58
C ASN F 298 -7.74 -35.95 16.06
N GLY F 299 -8.58 -35.09 15.47
CA GLY F 299 -8.78 -35.00 14.02
C GLY F 299 -9.64 -36.15 13.53
N ILE F 300 -9.25 -36.76 12.41
CA ILE F 300 -10.02 -37.85 11.75
C ILE F 300 -9.79 -39.14 12.53
N SER F 301 -10.79 -39.55 13.32
CA SER F 301 -10.76 -40.76 14.16
C SER F 301 -11.19 -41.98 13.33
N ASP F 302 -12.08 -41.79 12.35
CA ASP F 302 -12.70 -42.88 11.57
C ASP F 302 -13.05 -42.37 10.15
N LEU F 303 -13.03 -43.26 9.16
CA LEU F 303 -13.67 -43.05 7.83
C LEU F 303 -14.95 -43.88 7.77
N VAL F 304 -15.91 -43.45 6.97
CA VAL F 304 -17.10 -44.27 6.64
C VAL F 304 -16.87 -44.81 5.22
N LYS F 305 -16.77 -46.14 5.09
CA LYS F 305 -16.51 -46.83 3.81
C LYS F 305 -17.78 -46.78 2.97
N VAL F 306 -17.90 -45.79 2.09
CA VAL F 306 -19.08 -45.60 1.21
C VAL F 306 -18.93 -46.56 0.03
N THR F 307 -19.97 -47.35 -0.25
CA THR F 307 -20.02 -48.26 -1.44
C THR F 307 -20.39 -47.39 -2.65
N LEU F 308 -19.51 -47.37 -3.65
CA LEU F 308 -19.61 -46.54 -4.88
C LEU F 308 -19.84 -47.47 -6.08
N THR F 309 -20.58 -47.01 -7.10
CA THR F 309 -20.76 -47.75 -8.37
C THR F 309 -19.39 -47.82 -9.06
N SER F 310 -19.28 -48.50 -10.21
CA SER F 310 -18.02 -48.56 -11.00
C SER F 310 -17.78 -47.20 -11.67
N GLU F 311 -18.85 -46.48 -12.06
CA GLU F 311 -18.78 -45.09 -12.60
C GLU F 311 -18.14 -44.15 -11.56
N GLU F 312 -18.74 -44.09 -10.36
CA GLU F 312 -18.28 -43.27 -9.21
C GLU F 312 -16.82 -43.63 -8.91
N GLU F 313 -16.52 -44.92 -8.74
CA GLU F 313 -15.16 -45.47 -8.41
C GLU F 313 -14.14 -45.03 -9.47
N ALA F 314 -14.52 -45.06 -10.75
CA ALA F 314 -13.64 -44.69 -11.89
C ALA F 314 -13.37 -43.19 -11.88
N ARG F 315 -14.38 -42.38 -11.60
CA ARG F 315 -14.30 -40.90 -11.59
C ARG F 315 -13.34 -40.46 -10.47
N LEU F 316 -13.36 -41.15 -9.32
CA LEU F 316 -12.40 -40.94 -8.20
C LEU F 316 -11.00 -41.38 -8.64
N LYS F 317 -10.89 -42.63 -9.09
CA LYS F 317 -9.63 -43.24 -9.57
C LYS F 317 -8.96 -42.29 -10.56
N LYS F 318 -9.72 -41.69 -11.49
CA LYS F 318 -9.21 -40.74 -12.52
C LYS F 318 -8.65 -39.49 -11.85
N SER F 319 -9.34 -38.96 -10.84
CA SER F 319 -8.89 -37.80 -10.04
C SER F 319 -7.59 -38.15 -9.31
N ALA F 320 -7.53 -39.33 -8.67
CA ALA F 320 -6.35 -39.82 -7.92
C ALA F 320 -5.14 -39.91 -8.84
N ASP F 321 -5.34 -40.29 -10.10
CA ASP F 321 -4.27 -40.40 -11.12
C ASP F 321 -3.75 -38.99 -11.42
N THR F 322 -4.64 -38.09 -11.89
CA THR F 322 -4.33 -36.66 -12.17
C THR F 322 -3.52 -36.06 -11.01
N LEU F 323 -3.94 -36.30 -9.77
CA LEU F 323 -3.34 -35.70 -8.56
C LEU F 323 -1.95 -36.30 -8.31
N TRP F 324 -1.82 -37.63 -8.39
CA TRP F 324 -0.49 -38.28 -8.22
C TRP F 324 0.42 -37.83 -9.37
N GLY F 325 -0.17 -37.60 -10.55
CA GLY F 325 0.48 -37.05 -11.76
C GLY F 325 1.28 -35.81 -11.46
N ILE F 326 0.74 -34.93 -10.60
CA ILE F 326 1.41 -33.67 -10.18
C ILE F 326 2.28 -33.96 -8.95
N GLN F 327 1.76 -34.73 -7.99
CA GLN F 327 2.44 -34.95 -6.67
C GLN F 327 3.83 -35.57 -6.89
N LYS F 328 3.97 -36.48 -7.85
CA LYS F 328 5.22 -37.26 -8.09
C LYS F 328 6.31 -36.33 -8.64
N GLU F 329 5.92 -35.20 -9.27
CA GLU F 329 6.83 -34.21 -9.92
C GLU F 329 7.33 -33.17 -8.91
N LEU F 330 6.74 -33.09 -7.72
CA LEU F 330 7.03 -32.02 -6.74
C LEU F 330 8.38 -32.28 -6.07
N GLN F 331 9.14 -31.23 -5.82
CA GLN F 331 10.47 -31.29 -5.16
C GLN F 331 10.31 -30.78 -3.72
N PHE F 332 10.54 -31.68 -2.75
CA PHE F 332 10.66 -31.34 -1.30
C PHE F 332 12.15 -31.35 -0.92
N ALA G 2 -16.59 -61.04 7.66
CA ALA G 2 -16.25 -59.64 8.05
C ALA G 2 -17.48 -58.95 8.68
N THR G 3 -17.33 -58.42 9.90
CA THR G 3 -18.45 -57.85 10.71
C THR G 3 -19.04 -56.63 10.00
N LEU G 4 -20.24 -56.21 10.42
CA LEU G 4 -20.94 -55.03 9.86
C LEU G 4 -20.19 -53.77 10.29
N LYS G 5 -19.74 -53.72 11.54
CA LYS G 5 -18.90 -52.60 12.06
C LYS G 5 -17.70 -52.39 11.12
N ASP G 6 -17.00 -53.46 10.76
CA ASP G 6 -15.71 -53.38 10.01
C ASP G 6 -15.98 -53.05 8.54
N GLN G 7 -17.14 -53.47 8.01
CA GLN G 7 -17.56 -53.19 6.61
C GLN G 7 -17.90 -51.71 6.43
N LEU G 8 -18.38 -51.04 7.51
CA LEU G 8 -19.00 -49.69 7.48
C LEU G 8 -17.99 -48.61 7.90
N ILE G 9 -17.12 -48.92 8.86
CA ILE G 9 -16.25 -47.94 9.58
C ILE G 9 -14.80 -48.41 9.50
N TYR G 10 -13.93 -47.63 8.83
CA TYR G 10 -12.46 -47.79 8.90
C TYR G 10 -11.93 -46.91 10.03
N ASN G 11 -11.40 -47.52 11.09
CA ASN G 11 -11.02 -46.82 12.35
C ASN G 11 -9.53 -46.46 12.26
N LEU G 12 -9.16 -45.27 12.78
CA LEU G 12 -7.77 -44.76 12.80
C LEU G 12 -7.25 -44.66 14.24
N LEU G 13 -8.14 -44.51 15.24
CA LEU G 13 -7.72 -44.06 16.61
C LEU G 13 -8.48 -44.76 17.74
N LYS G 14 -7.99 -44.57 18.98
CA LYS G 14 -8.64 -44.89 20.27
C LYS G 14 -7.89 -44.17 21.40
N THR G 18 -9.68 -39.96 28.49
CA THR G 18 -9.68 -39.23 29.79
C THR G 18 -10.43 -37.91 29.66
N PRO G 19 -11.42 -37.64 30.54
CA PRO G 19 -12.19 -36.40 30.47
C PRO G 19 -11.40 -35.20 31.04
N GLN G 20 -11.66 -34.00 30.50
CA GLN G 20 -10.95 -32.73 30.84
C GLN G 20 -11.86 -31.81 31.67
N ASN G 21 -13.16 -32.09 31.67
CA ASN G 21 -14.20 -31.25 32.32
C ASN G 21 -15.21 -32.16 33.01
N LYS G 22 -14.76 -33.00 33.94
CA LYS G 22 -15.63 -33.93 34.70
C LYS G 22 -16.21 -33.19 35.90
N ILE G 23 -17.51 -33.33 36.11
CA ILE G 23 -18.22 -32.82 37.32
C ILE G 23 -18.86 -33.99 38.05
N THR G 24 -18.67 -34.06 39.37
CA THR G 24 -19.36 -35.00 40.27
C THR G 24 -20.43 -34.26 41.06
N VAL G 25 -21.65 -34.78 41.07
CA VAL G 25 -22.71 -34.36 42.03
C VAL G 25 -22.85 -35.47 43.08
N VAL G 26 -22.58 -35.14 44.35
CA VAL G 26 -22.77 -36.04 45.51
C VAL G 26 -24.14 -35.75 46.14
N GLY G 27 -25.02 -36.75 46.11
CA GLY G 27 -26.42 -36.68 46.54
C GLY G 27 -27.34 -36.51 45.35
N VAL G 28 -28.29 -37.43 45.19
CA VAL G 28 -29.26 -37.41 44.05
C VAL G 28 -30.68 -37.30 44.61
N GLY G 29 -30.82 -36.50 45.67
CA GLY G 29 -32.12 -35.97 46.11
C GLY G 29 -32.60 -34.92 45.13
N ALA G 30 -33.72 -34.26 45.45
CA ALA G 30 -34.33 -33.21 44.60
C ALA G 30 -33.24 -32.22 44.15
N VAL G 31 -32.47 -31.71 45.09
CA VAL G 31 -31.44 -30.65 44.86
C VAL G 31 -30.33 -31.20 43.97
N GLY G 32 -29.71 -32.32 44.35
CA GLY G 32 -28.66 -32.98 43.53
C GLY G 32 -29.07 -33.09 42.07
N MET G 33 -30.24 -33.66 41.80
CA MET G 33 -30.71 -33.93 40.42
C MET G 33 -31.03 -32.60 39.72
N ALA G 34 -31.53 -31.61 40.44
CA ALA G 34 -31.77 -30.27 39.87
C ALA G 34 -30.43 -29.67 39.45
N CYS G 35 -29.39 -29.81 40.26
CA CYS G 35 -28.00 -29.42 39.91
C CYS G 35 -27.58 -30.16 38.64
N ALA G 36 -27.71 -31.48 38.65
CA ALA G 36 -27.27 -32.38 37.56
C ALA G 36 -27.93 -31.97 36.24
N ILE G 37 -29.26 -31.92 36.19
CA ILE G 37 -30.01 -31.60 34.94
C ILE G 37 -29.60 -30.19 34.48
N SER G 38 -29.51 -29.22 35.39
CA SER G 38 -29.15 -27.82 35.09
C SER G 38 -27.72 -27.73 34.54
N ILE G 39 -26.82 -28.62 34.98
CA ILE G 39 -25.41 -28.67 34.51
C ILE G 39 -25.34 -29.35 33.14
N LEU G 40 -26.06 -30.45 32.95
CA LEU G 40 -26.16 -31.13 31.64
C LEU G 40 -26.54 -30.12 30.57
N MET G 41 -27.56 -29.32 30.85
CA MET G 41 -28.28 -28.53 29.82
C MET G 41 -27.52 -27.24 29.53
N LYS G 42 -26.51 -26.90 30.33
CA LYS G 42 -25.55 -25.81 30.02
C LYS G 42 -24.33 -26.41 29.32
N ASP G 43 -24.36 -27.71 28.99
CA ASP G 43 -23.23 -28.45 28.39
C ASP G 43 -21.91 -27.93 29.02
N LEU G 44 -21.70 -28.17 30.32
CA LEU G 44 -20.50 -27.71 31.08
C LEU G 44 -19.48 -28.85 31.15
N ALA G 45 -19.92 -30.10 31.04
CA ALA G 45 -19.11 -31.27 31.41
C ALA G 45 -19.08 -32.27 30.27
N ASP G 46 -17.94 -32.92 30.07
CA ASP G 46 -17.77 -34.09 29.16
C ASP G 46 -18.00 -35.38 29.95
N GLU G 47 -17.85 -35.36 31.28
CA GLU G 47 -18.24 -36.50 32.15
C GLU G 47 -19.00 -35.97 33.36
N LEU G 48 -20.10 -36.61 33.69
CA LEU G 48 -20.94 -36.32 34.87
C LEU G 48 -21.03 -37.60 35.70
N ALA G 49 -20.66 -37.52 36.98
CA ALA G 49 -20.67 -38.64 37.95
C ALA G 49 -21.67 -38.34 39.06
N LEU G 50 -22.61 -39.25 39.32
CA LEU G 50 -23.60 -39.18 40.42
C LEU G 50 -23.20 -40.18 41.52
N VAL G 51 -23.22 -39.74 42.77
CA VAL G 51 -22.89 -40.56 43.98
C VAL G 51 -23.96 -40.33 45.05
N ASP G 52 -24.56 -41.42 45.54
CA ASP G 52 -25.43 -41.45 46.75
C ASP G 52 -25.31 -42.85 47.34
N VAL G 53 -26.03 -43.15 48.42
CA VAL G 53 -25.88 -44.39 49.22
C VAL G 53 -27.03 -45.36 48.93
N ILE G 54 -28.21 -44.86 48.57
CA ILE G 54 -29.35 -45.73 48.09
C ILE G 54 -29.02 -46.14 46.65
N GLU G 55 -28.56 -47.37 46.45
CA GLU G 55 -27.91 -47.86 45.19
C GLU G 55 -28.93 -47.99 44.06
N ASP G 56 -30.11 -48.56 44.32
CA ASP G 56 -31.13 -48.87 43.27
C ASP G 56 -31.68 -47.54 42.74
N LYS G 57 -31.95 -46.57 43.62
CA LYS G 57 -32.47 -45.22 43.26
C LYS G 57 -31.41 -44.45 42.46
N LEU G 58 -30.15 -44.52 42.89
CA LEU G 58 -29.02 -43.85 42.20
C LEU G 58 -28.99 -44.28 40.74
N LYS G 59 -28.97 -45.59 40.49
CA LYS G 59 -28.82 -46.16 39.13
C LYS G 59 -30.01 -45.74 38.26
N GLY G 60 -31.18 -45.58 38.84
CA GLY G 60 -32.39 -45.15 38.10
C GLY G 60 -32.29 -43.71 37.67
N GLU G 61 -31.80 -42.84 38.55
CA GLU G 61 -31.61 -41.39 38.23
C GLU G 61 -30.55 -41.28 37.14
N MET G 62 -29.44 -42.00 37.27
CA MET G 62 -28.39 -42.08 36.21
C MET G 62 -29.04 -42.47 34.88
N MET G 63 -29.77 -43.57 34.82
CA MET G 63 -30.35 -44.09 33.54
C MET G 63 -31.33 -43.09 32.96
N ASP G 64 -32.18 -42.49 33.79
CA ASP G 64 -33.24 -41.54 33.33
C ASP G 64 -32.54 -40.32 32.72
N LEU G 65 -31.47 -39.86 33.38
CA LEU G 65 -30.67 -38.68 32.94
C LEU G 65 -29.92 -39.03 31.66
N GLN G 66 -29.27 -40.19 31.63
CA GLN G 66 -28.62 -40.76 30.42
C GLN G 66 -29.58 -40.63 29.23
N HIS G 67 -30.79 -41.15 29.38
CA HIS G 67 -31.77 -41.29 28.26
C HIS G 67 -32.15 -39.90 27.75
N GLY G 68 -32.39 -38.97 28.65
CA GLY G 68 -32.70 -37.56 28.29
C GLY G 68 -31.53 -36.89 27.60
N SER G 69 -30.30 -37.20 28.04
CA SER G 69 -29.04 -36.55 27.60
C SER G 69 -28.76 -36.89 26.12
N LEU G 70 -29.52 -37.85 25.55
CA LEU G 70 -29.42 -38.20 24.12
C LEU G 70 -29.89 -37.03 23.26
N PHE G 71 -30.58 -36.04 23.82
CA PHE G 71 -31.10 -34.83 23.11
C PHE G 71 -30.23 -33.60 23.40
N LEU G 72 -28.99 -33.81 23.86
CA LEU G 72 -28.01 -32.75 24.19
C LEU G 72 -26.65 -33.10 23.57
N ARG G 73 -25.65 -32.26 23.79
CA ARG G 73 -24.22 -32.63 23.60
C ARG G 73 -23.92 -33.67 24.69
N THR G 74 -24.23 -34.93 24.42
CA THR G 74 -24.23 -36.04 25.41
C THR G 74 -22.84 -36.23 26.01
N PRO G 75 -22.66 -36.03 27.33
CA PRO G 75 -21.43 -36.41 28.00
C PRO G 75 -21.48 -37.88 28.41
N LYS G 76 -20.38 -38.39 28.94
CA LYS G 76 -20.36 -39.66 29.70
C LYS G 76 -21.11 -39.38 31.02
N ILE G 77 -21.99 -40.29 31.42
CA ILE G 77 -22.74 -40.19 32.69
C ILE G 77 -22.61 -41.53 33.42
N VAL G 78 -22.01 -41.50 34.61
CA VAL G 78 -21.74 -42.71 35.44
C VAL G 78 -22.29 -42.47 36.86
N SER G 79 -22.40 -43.53 37.66
CA SER G 79 -22.89 -43.48 39.04
C SER G 79 -22.36 -44.67 39.84
N GLY G 80 -22.28 -44.52 41.16
CA GLY G 80 -21.86 -45.60 42.07
C GLY G 80 -21.96 -45.16 43.52
N LYS G 81 -22.07 -46.13 44.43
CA LYS G 81 -21.90 -45.91 45.89
C LYS G 81 -20.41 -45.63 46.14
N ASP G 82 -19.52 -46.28 45.38
CA ASP G 82 -18.04 -46.17 45.51
C ASP G 82 -17.57 -44.90 44.79
N TYR G 83 -16.70 -44.13 45.42
CA TYR G 83 -16.26 -42.79 44.95
C TYR G 83 -15.23 -42.90 43.81
N ASN G 84 -14.84 -44.12 43.44
CA ASN G 84 -13.85 -44.36 42.35
C ASN G 84 -14.42 -43.86 41.02
N VAL G 85 -15.74 -43.76 40.89
CA VAL G 85 -16.40 -43.23 39.67
C VAL G 85 -16.25 -41.70 39.62
N THR G 86 -15.72 -41.04 40.66
CA THR G 86 -15.58 -39.56 40.69
C THR G 86 -14.15 -39.14 40.34
N ALA G 87 -13.31 -40.07 39.90
CA ALA G 87 -11.85 -39.84 39.66
C ALA G 87 -11.66 -38.73 38.62
N ASN G 88 -10.69 -37.83 38.87
CA ASN G 88 -10.28 -36.73 37.94
C ASN G 88 -11.45 -35.77 37.72
N SER G 89 -12.22 -35.46 38.75
CA SER G 89 -13.29 -34.44 38.67
C SER G 89 -12.62 -33.06 38.75
N LYS G 90 -12.98 -32.14 37.87
CA LYS G 90 -12.51 -30.74 37.92
C LYS G 90 -13.32 -30.05 39.03
N LEU G 91 -14.59 -30.42 39.19
CA LEU G 91 -15.53 -29.81 40.16
C LEU G 91 -16.37 -30.90 40.83
N VAL G 92 -16.48 -30.87 42.16
CA VAL G 92 -17.35 -31.80 42.94
C VAL G 92 -18.35 -30.97 43.75
N ILE G 93 -19.63 -31.20 43.48
CA ILE G 93 -20.77 -30.51 44.16
C ILE G 93 -21.33 -31.44 45.24
N ILE G 94 -21.21 -31.04 46.50
CA ILE G 94 -21.74 -31.79 47.67
C ILE G 94 -23.14 -31.24 47.98
N THR G 95 -24.18 -32.08 47.81
CA THR G 95 -25.57 -31.80 48.21
C THR G 95 -25.99 -32.69 49.38
N ALA G 96 -25.27 -33.80 49.63
CA ALA G 96 -25.56 -34.77 50.70
C ALA G 96 -25.58 -34.02 52.03
N GLY G 97 -26.47 -34.45 52.92
CA GLY G 97 -26.56 -33.89 54.27
C GLY G 97 -27.58 -34.62 55.10
N ALA G 98 -27.73 -34.17 56.34
CA ALA G 98 -28.87 -34.51 57.21
C ALA G 98 -29.81 -33.30 57.18
N ARG G 99 -31.12 -33.55 57.16
CA ARG G 99 -32.15 -32.49 57.39
C ARG G 99 -32.42 -32.49 58.90
N GLN G 100 -32.57 -31.29 59.49
CA GLN G 100 -32.87 -31.08 60.93
C GLN G 100 -34.22 -31.74 61.24
N GLN G 101 -34.24 -32.71 62.17
CA GLN G 101 -35.46 -33.35 62.71
C GLN G 101 -36.09 -32.41 63.75
N GLU G 102 -37.39 -32.58 64.06
CA GLU G 102 -38.10 -31.66 65.00
C GLU G 102 -37.51 -31.81 66.41
N GLY G 103 -37.13 -30.69 67.02
CA GLY G 103 -36.55 -30.62 68.37
C GLY G 103 -35.07 -31.00 68.42
N GLU G 104 -34.44 -31.24 67.27
CA GLU G 104 -32.96 -31.40 67.15
C GLU G 104 -32.30 -30.01 67.27
N SER G 105 -31.22 -29.91 68.04
CA SER G 105 -30.44 -28.66 68.23
C SER G 105 -29.64 -28.35 66.96
N ARG G 106 -29.43 -27.06 66.70
CA ARG G 106 -28.60 -26.58 65.58
C ARG G 106 -27.25 -27.32 65.64
N LEU G 107 -26.58 -27.31 66.80
CA LEU G 107 -25.25 -27.93 66.98
C LEU G 107 -25.30 -29.41 66.60
N ASN G 108 -26.38 -30.11 66.97
CA ASN G 108 -26.48 -31.57 66.80
C ASN G 108 -26.56 -31.91 65.31
N LEU G 109 -27.36 -31.14 64.56
CA LEU G 109 -27.53 -31.25 63.09
C LEU G 109 -26.18 -31.11 62.41
N VAL G 110 -25.46 -30.04 62.74
CA VAL G 110 -24.13 -29.74 62.10
C VAL G 110 -23.21 -30.93 62.35
N GLN G 111 -23.22 -31.48 63.57
CA GLN G 111 -22.30 -32.59 63.94
C GLN G 111 -22.65 -33.85 63.13
N ARG G 112 -23.93 -34.08 62.84
CA ARG G 112 -24.38 -35.23 62.01
C ARG G 112 -23.88 -35.01 60.59
N ASN G 113 -24.02 -33.77 60.07
CA ASN G 113 -23.46 -33.38 58.76
C ASN G 113 -21.94 -33.57 58.77
N VAL G 114 -21.27 -33.15 59.85
CA VAL G 114 -19.79 -33.31 60.00
C VAL G 114 -19.46 -34.80 59.84
N ASN G 115 -20.20 -35.68 60.53
CA ASN G 115 -19.87 -37.12 60.57
C ASN G 115 -20.04 -37.71 59.17
N ILE G 116 -20.97 -37.18 58.37
CA ILE G 116 -21.19 -37.59 56.95
C ILE G 116 -20.01 -37.12 56.10
N PHE G 117 -19.67 -35.82 56.20
CA PHE G 117 -18.56 -35.19 55.45
C PHE G 117 -17.24 -35.90 55.78
N LYS G 118 -17.13 -36.51 56.96
CA LYS G 118 -15.90 -37.26 57.37
C LYS G 118 -15.76 -38.54 56.55
N PHE G 119 -16.84 -39.03 55.92
CA PHE G 119 -16.81 -40.17 54.97
C PHE G 119 -16.64 -39.65 53.53
N ILE G 120 -17.40 -38.60 53.18
CA ILE G 120 -17.49 -38.06 51.79
C ILE G 120 -16.16 -37.39 51.40
N ILE G 121 -15.77 -36.35 52.12
CA ILE G 121 -14.69 -35.41 51.67
C ILE G 121 -13.39 -36.18 51.45
N PRO G 122 -12.93 -37.03 52.39
CA PRO G 122 -11.69 -37.79 52.18
C PRO G 122 -11.71 -38.70 50.95
N ASN G 123 -12.87 -39.30 50.65
CA ASN G 123 -13.09 -40.14 49.44
C ASN G 123 -13.05 -39.26 48.18
N VAL G 124 -13.68 -38.08 48.21
CA VAL G 124 -13.69 -37.12 47.06
C VAL G 124 -12.23 -36.77 46.72
N VAL G 125 -11.48 -36.37 47.77
CA VAL G 125 -10.06 -35.90 47.72
C VAL G 125 -9.16 -37.03 47.25
N LYS G 126 -9.34 -38.23 47.81
CA LYS G 126 -8.56 -39.43 47.40
C LYS G 126 -8.53 -39.51 45.87
N TYR G 127 -9.67 -39.34 45.20
CA TYR G 127 -9.85 -39.67 43.76
C TYR G 127 -9.78 -38.44 42.85
N SER G 128 -9.98 -37.23 43.39
CA SER G 128 -9.93 -35.95 42.62
C SER G 128 -9.18 -34.91 43.43
N PRO G 129 -7.87 -35.09 43.68
CA PRO G 129 -7.15 -34.24 44.64
C PRO G 129 -7.01 -32.76 44.25
N ASN G 130 -7.17 -32.41 42.96
CA ASN G 130 -7.01 -31.00 42.46
C ASN G 130 -8.36 -30.40 42.09
N CYS G 131 -9.47 -31.00 42.51
CA CYS G 131 -10.85 -30.55 42.21
C CYS G 131 -11.13 -29.23 42.96
N LYS G 132 -12.20 -28.54 42.56
CA LYS G 132 -12.87 -27.47 43.34
C LYS G 132 -14.07 -28.11 44.05
N LEU G 133 -14.24 -27.83 45.34
CA LEU G 133 -15.41 -28.27 46.13
C LEU G 133 -16.43 -27.12 46.15
N LEU G 134 -17.63 -27.42 45.66
CA LEU G 134 -18.79 -26.51 45.75
C LEU G 134 -19.80 -27.13 46.73
N ILE G 135 -20.01 -26.49 47.87
CA ILE G 135 -20.86 -27.00 48.99
C ILE G 135 -22.24 -26.35 48.88
N VAL G 136 -23.29 -27.18 48.81
CA VAL G 136 -24.70 -26.73 48.66
C VAL G 136 -25.47 -27.09 49.93
N SER G 137 -25.15 -28.23 50.57
CA SER G 137 -25.75 -28.72 51.84
C SER G 137 -25.90 -27.56 52.83
N ASN G 138 -27.04 -27.47 53.53
CA ASN G 138 -27.28 -26.45 54.61
C ASN G 138 -26.95 -27.05 55.97
N PRO G 139 -26.53 -26.25 56.99
CA PRO G 139 -26.28 -24.82 56.83
C PRO G 139 -24.91 -24.56 56.16
N VAL G 140 -24.93 -23.80 55.07
CA VAL G 140 -23.89 -23.87 53.99
C VAL G 140 -22.60 -23.19 54.48
N ASP G 141 -22.69 -22.11 55.24
CA ASP G 141 -21.50 -21.34 55.70
C ASP G 141 -20.66 -22.22 56.64
N ILE G 142 -21.30 -23.06 57.46
CA ILE G 142 -20.59 -23.96 58.43
C ILE G 142 -20.06 -25.18 57.68
N LEU G 143 -20.85 -25.75 56.79
CA LEU G 143 -20.50 -27.02 56.10
C LEU G 143 -19.39 -26.76 55.07
N THR G 144 -19.28 -25.53 54.58
CA THR G 144 -18.12 -25.11 53.73
C THR G 144 -16.87 -25.17 54.61
N TYR G 145 -16.88 -24.54 55.79
CA TYR G 145 -15.81 -24.65 56.81
C TYR G 145 -15.47 -26.13 57.04
N VAL G 146 -16.48 -26.98 57.22
CA VAL G 146 -16.30 -28.41 57.55
C VAL G 146 -15.50 -29.08 56.42
N ALA G 147 -15.91 -28.84 55.17
CA ALA G 147 -15.29 -29.43 53.96
C ALA G 147 -13.87 -28.91 53.80
N TRP G 148 -13.65 -27.64 54.11
CA TRP G 148 -12.31 -27.00 54.07
C TRP G 148 -11.36 -27.71 55.05
N LYS G 149 -11.81 -27.92 56.30
CA LYS G 149 -10.99 -28.54 57.38
C LYS G 149 -10.66 -29.97 56.98
N ILE G 150 -11.65 -30.76 56.58
CA ILE G 150 -11.48 -32.21 56.33
C ILE G 150 -10.60 -32.41 55.10
N SER G 151 -10.77 -31.57 54.07
CA SER G 151 -10.11 -31.70 52.74
C SER G 151 -8.64 -31.29 52.83
N GLY G 152 -8.33 -30.30 53.69
CA GLY G 152 -7.01 -29.65 53.75
C GLY G 152 -6.70 -28.89 52.47
N PHE G 153 -7.72 -28.59 51.68
CA PHE G 153 -7.61 -27.80 50.43
C PHE G 153 -7.34 -26.35 50.78
N PRO G 154 -6.68 -25.59 49.88
CA PRO G 154 -6.52 -24.16 50.05
C PRO G 154 -7.88 -23.48 49.90
N LYS G 155 -8.03 -22.29 50.47
CA LYS G 155 -9.33 -21.60 50.64
C LYS G 155 -9.96 -21.30 49.25
N ASN G 156 -9.16 -21.27 48.18
CA ASN G 156 -9.61 -20.89 46.81
C ASN G 156 -10.41 -22.03 46.17
N ARG G 157 -10.19 -23.28 46.60
CA ARG G 157 -10.82 -24.48 45.97
C ARG G 157 -11.95 -25.01 46.86
N VAL G 158 -12.44 -24.21 47.81
CA VAL G 158 -13.61 -24.57 48.65
C VAL G 158 -14.55 -23.37 48.73
N ILE G 159 -15.73 -23.55 48.16
CA ILE G 159 -16.74 -22.49 47.86
C ILE G 159 -18.08 -23.01 48.35
N GLY G 160 -18.91 -22.15 48.93
CA GLY G 160 -20.29 -22.47 49.30
C GLY G 160 -21.28 -21.73 48.42
N SER G 161 -22.36 -22.39 48.03
CA SER G 161 -23.49 -21.81 47.24
C SER G 161 -23.81 -20.40 47.77
N GLY G 162 -23.66 -20.19 49.07
CA GLY G 162 -23.74 -18.88 49.74
C GLY G 162 -24.99 -18.10 49.35
N CYS G 163 -24.83 -16.80 49.11
CA CYS G 163 -25.93 -15.84 48.87
C CYS G 163 -26.09 -15.56 47.37
N ASN G 164 -25.56 -16.44 46.51
CA ASN G 164 -25.68 -16.30 45.04
C ASN G 164 -27.17 -16.18 44.68
N LEU G 165 -28.00 -17.09 45.19
CA LEU G 165 -29.45 -17.14 44.88
C LEU G 165 -30.19 -15.97 45.54
N ASP G 166 -29.88 -15.66 46.80
CA ASP G 166 -30.58 -14.58 47.55
C ASP G 166 -30.34 -13.25 46.82
N SER G 167 -29.11 -13.01 46.35
CA SER G 167 -28.71 -11.78 45.61
C SER G 167 -29.49 -11.67 44.29
N ALA G 168 -29.61 -12.77 43.54
CA ALA G 168 -30.42 -12.82 42.31
C ALA G 168 -31.84 -12.38 42.64
N ARG G 169 -32.41 -12.95 43.71
CA ARG G 169 -33.81 -12.68 44.18
C ARG G 169 -33.95 -11.20 44.50
N PHE G 170 -32.98 -10.66 45.22
CA PHE G 170 -32.95 -9.23 45.63
C PHE G 170 -33.04 -8.36 44.37
N ARG G 171 -32.14 -8.61 43.43
CA ARG G 171 -32.02 -7.86 42.15
C ARG G 171 -33.33 -7.95 41.38
N TYR G 172 -34.07 -9.06 41.46
CA TYR G 172 -35.37 -9.17 40.75
C TYR G 172 -36.31 -8.08 41.28
N LEU G 173 -36.45 -7.98 42.60
CA LEU G 173 -37.39 -7.04 43.28
C LEU G 173 -36.91 -5.61 43.08
N MET G 174 -35.61 -5.39 43.22
CA MET G 174 -34.94 -4.12 42.85
C MET G 174 -35.42 -3.69 41.46
N GLY G 175 -35.37 -4.61 40.50
CA GLY G 175 -35.78 -4.34 39.11
C GLY G 175 -37.24 -3.97 39.03
N GLU G 176 -38.12 -4.78 39.62
CA GLU G 176 -39.59 -4.58 39.64
C GLU G 176 -39.90 -3.16 40.15
N ARG G 177 -39.16 -2.69 41.15
CA ARG G 177 -39.39 -1.36 41.80
C ARG G 177 -38.93 -0.20 40.91
N LEU G 178 -37.85 -0.37 40.15
CA LEU G 178 -37.26 0.70 39.29
C LEU G 178 -37.81 0.62 37.86
N GLY G 179 -38.53 -0.45 37.51
CA GLY G 179 -39.00 -0.71 36.13
C GLY G 179 -37.83 -0.94 35.18
N VAL G 180 -36.93 -1.86 35.59
CA VAL G 180 -35.62 -2.16 34.96
C VAL G 180 -35.45 -3.69 34.99
N HIS G 181 -34.90 -4.29 33.93
CA HIS G 181 -34.64 -5.75 33.88
C HIS G 181 -33.67 -6.11 35.00
N PRO G 182 -33.95 -7.18 35.78
CA PRO G 182 -33.04 -7.65 36.82
C PRO G 182 -31.54 -7.65 36.47
N LEU G 183 -31.18 -7.94 35.22
CA LEU G 183 -29.77 -8.11 34.77
C LEU G 183 -29.10 -6.74 34.59
N SER G 184 -29.89 -5.67 34.52
CA SER G 184 -29.44 -4.25 34.44
C SER G 184 -29.30 -3.65 35.85
N CYS G 185 -29.80 -4.34 36.88
CA CYS G 185 -29.64 -3.98 38.31
C CYS G 185 -28.42 -4.69 38.89
N HIS G 186 -27.68 -3.99 39.76
CA HIS G 186 -26.53 -4.53 40.55
C HIS G 186 -26.81 -4.29 42.04
N GLY G 187 -26.30 -5.19 42.89
CA GLY G 187 -26.58 -5.19 44.33
C GLY G 187 -26.37 -6.57 44.91
N TRP G 188 -25.68 -6.66 46.04
CA TRP G 188 -25.33 -7.93 46.70
C TRP G 188 -26.15 -8.15 47.98
N VAL G 189 -26.30 -9.40 48.36
CA VAL G 189 -26.71 -9.83 49.72
C VAL G 189 -25.54 -10.67 50.25
N LEU G 190 -24.84 -10.20 51.29
CA LEU G 190 -23.59 -10.82 51.83
C LEU G 190 -23.82 -11.38 53.23
N GLY G 191 -22.87 -12.19 53.71
CA GLY G 191 -22.80 -12.68 55.10
C GLY G 191 -23.37 -14.08 55.23
N GLU G 192 -24.04 -14.34 56.36
CA GLU G 192 -24.63 -15.65 56.70
C GLU G 192 -25.84 -15.86 55.77
N HIS G 193 -25.87 -16.99 55.07
CA HIS G 193 -26.99 -17.41 54.18
C HIS G 193 -28.30 -17.38 54.98
N GLY G 194 -29.28 -16.57 54.55
CA GLY G 194 -30.66 -16.53 55.06
C GLY G 194 -30.80 -15.74 56.37
N ASP G 195 -31.83 -14.88 56.45
CA ASP G 195 -32.30 -14.16 57.68
C ASP G 195 -31.29 -13.08 58.09
N SER G 196 -30.06 -13.49 58.46
CA SER G 196 -28.97 -12.61 58.96
C SER G 196 -28.20 -11.95 57.81
N SER G 197 -28.48 -12.34 56.56
CA SER G 197 -27.82 -11.81 55.35
C SER G 197 -28.04 -10.28 55.28
N VAL G 198 -27.04 -9.57 54.78
CA VAL G 198 -26.95 -8.08 54.78
C VAL G 198 -27.12 -7.56 53.35
N PRO G 199 -28.22 -6.87 53.03
CA PRO G 199 -28.29 -6.09 51.80
C PRO G 199 -27.29 -4.93 51.85
N VAL G 200 -26.38 -4.86 50.88
CA VAL G 200 -25.30 -3.82 50.83
C VAL G 200 -25.77 -2.66 49.94
N TRP G 201 -26.42 -1.67 50.56
CA TRP G 201 -27.08 -0.52 49.89
C TRP G 201 -26.03 0.38 49.21
N SER G 202 -24.84 0.51 49.79
CA SER G 202 -23.76 1.39 49.25
C SER G 202 -23.55 1.07 47.76
N GLY G 203 -23.40 -0.22 47.42
CA GLY G 203 -23.05 -0.67 46.06
C GLY G 203 -24.25 -1.11 45.22
N MET G 204 -25.44 -0.54 45.42
CA MET G 204 -26.63 -0.85 44.59
C MET G 204 -26.85 0.28 43.59
N ASN G 205 -26.81 -0.05 42.29
CA ASN G 205 -26.80 0.92 41.17
C ASN G 205 -27.55 0.36 39.98
N VAL G 206 -27.92 1.24 39.05
CA VAL G 206 -28.34 0.89 37.67
C VAL G 206 -27.46 1.72 36.73
N ALA G 207 -26.71 1.06 35.84
CA ALA G 207 -25.84 1.73 34.85
C ALA G 207 -24.83 2.63 35.59
N GLY G 208 -24.45 2.26 36.81
CA GLY G 208 -23.42 2.97 37.59
C GLY G 208 -23.95 4.17 38.36
N VAL G 209 -25.25 4.49 38.25
CA VAL G 209 -25.92 5.55 39.04
C VAL G 209 -26.31 4.96 40.40
N SER G 210 -25.58 5.30 41.47
CA SER G 210 -25.80 4.75 42.83
C SER G 210 -27.19 5.18 43.34
N LEU G 211 -27.97 4.21 43.84
CA LEU G 211 -29.31 4.46 44.45
C LEU G 211 -29.14 5.21 45.77
N LYS G 212 -28.13 4.83 46.57
CA LYS G 212 -27.74 5.52 47.83
C LYS G 212 -27.58 7.03 47.57
N THR G 213 -26.89 7.40 46.50
CA THR G 213 -26.62 8.81 46.09
C THR G 213 -27.94 9.55 45.85
N LEU G 214 -28.90 8.95 45.14
CA LEU G 214 -30.15 9.63 44.72
C LEU G 214 -31.14 9.73 45.89
N HIS G 215 -31.06 8.81 46.85
CA HIS G 215 -32.07 8.59 47.93
C HIS G 215 -31.35 8.18 49.21
N PRO G 216 -30.61 9.10 49.88
CA PRO G 216 -29.62 8.72 50.89
C PRO G 216 -30.23 8.00 52.10
N ASP G 217 -31.56 8.07 52.27
CA ASP G 217 -32.30 7.29 53.29
C ASP G 217 -32.78 5.96 52.70
N LEU G 218 -31.87 5.17 52.12
CA LEU G 218 -32.25 3.93 51.40
C LEU G 218 -32.42 2.78 52.40
N GLY G 219 -31.34 2.31 53.03
CA GLY G 219 -31.38 1.14 53.93
C GLY G 219 -32.21 1.37 55.19
N THR G 220 -32.39 2.62 55.59
CA THR G 220 -32.83 3.10 56.93
C THR G 220 -34.33 2.83 57.17
N ASP G 221 -34.78 3.02 58.41
CA ASP G 221 -36.19 2.86 58.88
C ASP G 221 -37.03 4.08 58.47
N LYS G 222 -36.42 5.26 58.41
CA LYS G 222 -37.06 6.52 57.97
C LYS G 222 -37.04 6.61 56.43
N ASP G 223 -37.02 5.47 55.74
CA ASP G 223 -37.09 5.36 54.26
C ASP G 223 -38.56 5.44 53.83
N LYS G 224 -38.92 6.49 53.11
CA LYS G 224 -40.29 6.75 52.62
C LYS G 224 -40.77 5.55 51.77
N GLU G 225 -39.87 4.92 51.01
CA GLU G 225 -40.18 3.84 50.02
C GLU G 225 -40.01 2.45 50.64
N GLN G 226 -39.33 2.33 51.78
CA GLN G 226 -39.27 1.11 52.65
C GLN G 226 -38.54 -0.04 51.95
N TRP G 227 -37.33 0.21 51.48
CA TRP G 227 -36.49 -0.78 50.74
C TRP G 227 -36.08 -1.93 51.67
N LYS G 228 -36.15 -1.74 52.99
CA LYS G 228 -35.93 -2.84 53.98
C LYS G 228 -36.87 -4.01 53.63
N GLU G 229 -38.10 -3.72 53.17
CA GLU G 229 -39.15 -4.73 52.86
C GLU G 229 -38.67 -5.67 51.74
N VAL G 230 -37.74 -5.21 50.90
CA VAL G 230 -37.19 -6.03 49.78
C VAL G 230 -36.44 -7.21 50.38
N HIS G 231 -35.42 -6.96 51.21
CA HIS G 231 -34.61 -8.04 51.85
C HIS G 231 -35.50 -8.98 52.67
N LYS G 232 -36.58 -8.44 53.25
CA LYS G 232 -37.57 -9.23 54.03
C LYS G 232 -38.25 -10.22 53.07
N GLN G 233 -38.78 -9.72 51.96
CA GLN G 233 -39.54 -10.52 50.96
C GLN G 233 -38.63 -11.59 50.32
N VAL G 234 -37.32 -11.32 50.22
CA VAL G 234 -36.32 -12.29 49.69
C VAL G 234 -36.31 -13.52 50.61
N VAL G 235 -36.26 -13.31 51.92
CA VAL G 235 -36.16 -14.38 52.95
C VAL G 235 -37.51 -15.11 53.08
N GLU G 236 -38.63 -14.38 53.08
CA GLU G 236 -39.98 -14.97 53.11
C GLU G 236 -40.18 -15.86 51.89
N SER G 237 -39.62 -15.48 50.74
CA SER G 237 -39.79 -16.20 49.45
C SER G 237 -39.20 -17.61 49.58
N ALA G 238 -38.02 -17.73 50.22
CA ALA G 238 -37.37 -19.03 50.48
C ALA G 238 -38.33 -19.97 51.22
N TYR G 239 -38.98 -19.47 52.29
CA TYR G 239 -39.89 -20.24 53.19
C TYR G 239 -41.18 -20.57 52.43
N GLU G 240 -41.80 -19.58 51.79
CA GLU G 240 -43.13 -19.75 51.12
C GLU G 240 -43.02 -20.87 50.09
N VAL G 241 -41.84 -21.07 49.47
CA VAL G 241 -41.60 -22.21 48.53
C VAL G 241 -41.75 -23.51 49.31
N ILE G 242 -41.06 -23.62 50.46
CA ILE G 242 -41.03 -24.88 51.27
C ILE G 242 -42.43 -25.16 51.82
N LYS G 243 -43.13 -24.15 52.33
CA LYS G 243 -44.52 -24.29 52.85
C LYS G 243 -45.43 -24.87 51.76
N LEU G 244 -45.32 -24.38 50.53
CA LEU G 244 -46.29 -24.63 49.41
C LEU G 244 -45.95 -25.92 48.64
N LYS G 245 -44.67 -26.26 48.54
CA LYS G 245 -44.17 -27.34 47.65
C LYS G 245 -43.59 -28.48 48.49
N GLY G 246 -43.01 -28.17 49.65
CA GLY G 246 -42.39 -29.16 50.56
C GLY G 246 -40.89 -28.95 50.67
N TYR G 247 -40.26 -28.48 49.60
CA TYR G 247 -38.79 -28.32 49.45
C TYR G 247 -38.53 -27.35 48.28
N THR G 248 -37.28 -26.89 48.17
CA THR G 248 -36.77 -26.13 46.99
C THR G 248 -35.78 -27.03 46.24
N SER G 249 -35.94 -27.18 44.93
CA SER G 249 -35.01 -27.91 44.04
C SER G 249 -34.50 -26.97 42.93
N TRP G 250 -35.40 -26.50 42.06
CA TRP G 250 -35.05 -25.80 40.79
C TRP G 250 -34.16 -24.59 41.06
N ALA G 251 -34.52 -23.79 42.07
CA ALA G 251 -33.86 -22.51 42.39
C ALA G 251 -32.39 -22.73 42.73
N ILE G 252 -32.08 -23.74 43.54
CA ILE G 252 -30.68 -23.99 43.99
C ILE G 252 -29.94 -24.69 42.85
N GLY G 253 -30.66 -25.53 42.10
CA GLY G 253 -30.11 -26.23 40.92
C GLY G 253 -29.48 -25.23 39.97
N LEU G 254 -30.25 -24.21 39.58
CA LEU G 254 -29.82 -23.19 38.59
C LEU G 254 -28.80 -22.23 39.22
N SER G 255 -28.95 -21.89 40.50
CA SER G 255 -27.97 -21.07 41.25
C SER G 255 -26.62 -21.77 41.26
N VAL G 256 -26.61 -23.09 41.46
CA VAL G 256 -25.35 -23.89 41.45
C VAL G 256 -24.82 -24.00 40.02
N ALA G 257 -25.67 -24.26 39.03
CA ALA G 257 -25.28 -24.32 37.60
C ALA G 257 -24.58 -23.00 37.21
N ASP G 258 -25.13 -21.87 37.63
CA ASP G 258 -24.55 -20.51 37.41
C ASP G 258 -23.11 -20.49 37.95
N LEU G 259 -22.89 -20.96 39.17
CA LEU G 259 -21.54 -20.98 39.81
C LEU G 259 -20.63 -21.96 39.08
N ALA G 260 -21.17 -23.11 38.66
CA ALA G 260 -20.43 -24.16 37.93
C ALA G 260 -19.98 -23.61 36.57
N GLU G 261 -20.84 -22.85 35.89
CA GLU G 261 -20.52 -22.24 34.57
C GLU G 261 -19.29 -21.34 34.74
N SER G 262 -19.32 -20.42 35.71
CA SER G 262 -18.23 -19.48 35.99
C SER G 262 -16.91 -20.25 36.21
N ILE G 263 -16.95 -21.37 36.92
CA ILE G 263 -15.73 -22.16 37.24
C ILE G 263 -15.28 -22.91 35.97
N MET G 264 -16.20 -23.65 35.35
CA MET G 264 -15.88 -24.65 34.30
C MET G 264 -15.48 -23.94 32.99
N LYS G 265 -16.06 -22.78 32.72
CA LYS G 265 -15.79 -21.99 31.49
C LYS G 265 -14.90 -20.78 31.83
N ASN G 266 -14.29 -20.78 33.01
CA ASN G 266 -13.31 -19.75 33.47
C ASN G 266 -13.79 -18.33 33.14
N LEU G 267 -15.03 -17.98 33.48
CA LEU G 267 -15.67 -16.68 33.14
C LEU G 267 -15.14 -15.53 34.01
N ARG G 268 -14.46 -15.83 35.13
CA ARG G 268 -13.93 -14.81 36.06
C ARG G 268 -15.06 -13.81 36.37
N ARG G 269 -16.25 -14.33 36.70
CA ARG G 269 -17.46 -13.56 37.08
C ARG G 269 -17.51 -13.41 38.59
N VAL G 270 -18.26 -12.42 39.07
CA VAL G 270 -18.39 -12.10 40.52
C VAL G 270 -19.65 -12.77 41.08
N HIS G 271 -19.47 -13.62 42.09
CA HIS G 271 -20.58 -14.27 42.83
C HIS G 271 -20.39 -14.05 44.33
N PRO G 272 -21.47 -13.73 45.07
CA PRO G 272 -21.39 -13.64 46.53
C PRO G 272 -21.48 -15.06 47.10
N VAL G 273 -20.34 -15.74 47.24
CA VAL G 273 -20.26 -17.17 47.65
C VAL G 273 -19.51 -17.27 48.98
N SER G 274 -19.87 -18.25 49.80
CA SER G 274 -19.20 -18.57 51.09
C SER G 274 -17.73 -18.88 50.81
N THR G 275 -16.83 -18.10 51.40
CA THR G 275 -15.38 -18.39 51.40
C THR G 275 -14.76 -17.92 52.72
N MET G 276 -13.59 -18.47 53.05
CA MET G 276 -12.81 -18.17 54.27
C MET G 276 -12.52 -16.67 54.32
N ILE G 277 -12.94 -16.01 55.40
CA ILE G 277 -13.08 -14.54 55.50
C ILE G 277 -12.29 -13.99 56.69
N LYS G 278 -11.49 -14.82 57.37
CA LYS G 278 -10.57 -14.37 58.45
C LYS G 278 -9.60 -13.34 57.87
N GLY G 279 -9.48 -12.18 58.51
CA GLY G 279 -8.66 -11.04 58.04
C GLY G 279 -9.54 -9.83 57.81
N LEU G 280 -10.75 -10.03 57.29
CA LEU G 280 -11.68 -8.95 56.85
C LEU G 280 -12.67 -8.62 57.96
N TYR G 281 -13.15 -7.38 57.99
CA TYR G 281 -14.29 -6.90 58.81
C TYR G 281 -14.07 -7.23 60.30
N GLY G 282 -12.82 -7.19 60.73
CA GLY G 282 -12.38 -7.44 62.12
C GLY G 282 -12.83 -8.80 62.62
N ILE G 283 -12.66 -9.83 61.79
CA ILE G 283 -13.03 -11.25 62.09
C ILE G 283 -11.73 -12.04 62.18
N LYS G 284 -11.47 -12.67 63.32
CA LYS G 284 -10.17 -13.34 63.63
C LYS G 284 -10.32 -14.87 63.62
N ASP G 285 -11.54 -15.39 63.49
CA ASP G 285 -11.84 -16.85 63.50
C ASP G 285 -11.90 -17.40 62.07
N ASP G 286 -11.68 -18.71 61.93
CA ASP G 286 -11.80 -19.46 60.65
C ASP G 286 -13.28 -19.70 60.30
N VAL G 287 -14.02 -18.66 59.93
CA VAL G 287 -15.44 -18.78 59.51
C VAL G 287 -15.54 -18.47 58.01
N PHE G 288 -16.59 -18.98 57.36
CA PHE G 288 -16.93 -18.70 55.95
C PHE G 288 -18.20 -17.86 55.91
N LEU G 289 -18.19 -16.79 55.12
CA LEU G 289 -19.38 -15.98 54.78
C LEU G 289 -19.33 -15.63 53.30
N SER G 290 -20.46 -15.14 52.77
CA SER G 290 -20.60 -14.73 51.36
C SER G 290 -20.06 -13.29 51.24
N VAL G 291 -18.96 -13.14 50.48
CA VAL G 291 -18.46 -11.83 49.95
C VAL G 291 -18.24 -12.03 48.46
N PRO G 292 -18.26 -10.94 47.64
CA PRO G 292 -18.06 -11.07 46.20
C PRO G 292 -16.70 -11.70 45.85
N CYS G 293 -16.74 -12.80 45.09
CA CYS G 293 -15.53 -13.53 44.64
C CYS G 293 -15.53 -13.63 43.11
N ILE G 294 -14.37 -13.48 42.50
CA ILE G 294 -14.15 -13.81 41.07
C ILE G 294 -14.02 -15.33 41.00
N LEU G 295 -14.96 -16.01 40.35
CA LEU G 295 -14.91 -17.49 40.14
C LEU G 295 -14.33 -17.78 38.76
N GLY G 296 -13.32 -18.66 38.73
CA GLY G 296 -12.68 -19.12 37.49
C GLY G 296 -12.28 -20.57 37.62
N GLN G 297 -11.44 -21.06 36.72
CA GLN G 297 -11.11 -22.50 36.60
C GLN G 297 -10.31 -23.01 37.81
N ASN G 298 -9.80 -22.10 38.64
CA ASN G 298 -9.02 -22.44 39.87
C ASN G 298 -9.85 -22.10 41.10
N GLY G 299 -11.17 -21.95 40.93
CA GLY G 299 -12.10 -21.53 42.00
C GLY G 299 -11.99 -20.04 42.23
N ILE G 300 -11.93 -19.63 43.50
CA ILE G 300 -11.91 -18.19 43.90
C ILE G 300 -10.49 -17.66 43.68
N SER G 301 -10.29 -16.89 42.62
CA SER G 301 -9.00 -16.28 42.24
C SER G 301 -8.80 -14.96 43.00
N ASP G 302 -9.89 -14.24 43.29
CA ASP G 302 -9.86 -12.87 43.88
C ASP G 302 -11.12 -12.64 44.73
N LEU G 303 -11.00 -11.82 45.78
CA LEU G 303 -12.15 -11.19 46.50
C LEU G 303 -12.24 -9.72 46.08
N VAL G 304 -13.44 -9.17 46.11
CA VAL G 304 -13.66 -7.70 45.94
C VAL G 304 -13.90 -7.13 47.34
N LYS G 305 -13.01 -6.24 47.79
CA LYS G 305 -13.03 -5.67 49.16
C LYS G 305 -14.16 -4.64 49.22
N VAL G 306 -15.34 -5.05 49.67
CA VAL G 306 -16.54 -4.16 49.77
C VAL G 306 -16.39 -3.32 51.04
N THR G 307 -16.51 -2.00 50.94
CA THR G 307 -16.56 -1.08 52.12
C THR G 307 -17.97 -1.15 52.69
N LEU G 308 -18.07 -1.55 53.96
CA LEU G 308 -19.33 -1.76 54.71
C LEU G 308 -19.44 -0.67 55.80
N THR G 309 -20.66 -0.23 56.14
CA THR G 309 -20.89 0.70 57.28
C THR G 309 -20.52 -0.04 58.57
N SER G 310 -20.59 0.62 59.72
CA SER G 310 -20.34 -0.02 61.05
C SER G 310 -21.51 -0.96 61.38
N GLU G 311 -22.75 -0.61 60.96
CA GLU G 311 -23.96 -1.46 61.10
C GLU G 311 -23.77 -2.78 60.35
N GLU G 312 -23.48 -2.69 59.05
CA GLU G 312 -23.23 -3.84 58.13
C GLU G 312 -22.10 -4.70 58.74
N GLU G 313 -20.96 -4.08 59.08
CA GLU G 313 -19.75 -4.75 59.64
C GLU G 313 -20.09 -5.50 60.93
N ALA G 314 -20.92 -4.90 61.80
CA ALA G 314 -21.35 -5.48 63.10
C ALA G 314 -22.25 -6.70 62.85
N ARG G 315 -23.17 -6.59 61.89
CA ARG G 315 -24.16 -7.66 61.56
C ARG G 315 -23.40 -8.90 61.04
N LEU G 316 -22.31 -8.70 60.27
CA LEU G 316 -21.41 -9.78 59.80
C LEU G 316 -20.65 -10.35 61.00
N LYS G 317 -19.97 -9.48 61.74
CA LYS G 317 -19.17 -9.84 62.94
C LYS G 317 -20.03 -10.72 63.86
N LYS G 318 -21.31 -10.36 64.06
CA LYS G 318 -22.26 -11.09 64.93
C LYS G 318 -22.50 -12.50 64.36
N SER G 319 -22.68 -12.61 63.04
CA SER G 319 -22.85 -13.90 62.33
C SER G 319 -21.59 -14.75 62.50
N ALA G 320 -20.40 -14.17 62.33
CA ALA G 320 -19.10 -14.85 62.46
C ALA G 320 -18.94 -15.43 63.87
N ASP G 321 -19.44 -14.72 64.89
CA ASP G 321 -19.38 -15.15 66.31
C ASP G 321 -20.30 -16.38 66.46
N THR G 322 -21.59 -16.24 66.14
CA THR G 322 -22.60 -17.35 66.17
C THR G 322 -22.02 -18.61 65.50
N LEU G 323 -21.38 -18.44 64.32
CA LEU G 323 -20.87 -19.57 63.50
C LEU G 323 -19.67 -20.20 64.19
N TRP G 324 -18.72 -19.41 64.67
CA TRP G 324 -17.54 -19.96 65.41
C TRP G 324 -18.05 -20.61 66.71
N GLY G 325 -19.12 -20.05 67.30
CA GLY G 325 -19.83 -20.58 68.48
C GLY G 325 -20.16 -22.06 68.33
N ILE G 326 -20.58 -22.46 67.13
CA ILE G 326 -20.92 -23.87 66.80
C ILE G 326 -19.65 -24.59 66.33
N GLN G 327 -18.84 -23.96 65.49
CA GLN G 327 -17.67 -24.61 64.83
C GLN G 327 -16.70 -25.13 65.91
N LYS G 328 -16.49 -24.39 67.00
CA LYS G 328 -15.50 -24.71 68.06
C LYS G 328 -15.93 -25.97 68.83
N GLU G 329 -17.23 -26.28 68.83
CA GLU G 329 -17.84 -27.42 69.58
C GLU G 329 -17.80 -28.71 68.74
N LEU G 330 -17.51 -28.63 67.43
CA LEU G 330 -17.61 -29.79 66.52
C LEU G 330 -16.44 -30.74 66.76
N GLN G 331 -16.69 -32.05 66.67
CA GLN G 331 -15.67 -33.11 66.84
C GLN G 331 -15.33 -33.67 65.45
N PHE G 332 -14.08 -33.49 65.02
CA PHE G 332 -13.47 -34.14 63.84
C PHE G 332 -12.55 -35.26 64.34
N ALA H 2 -40.45 13.61 44.38
CA ALA H 2 -40.15 12.73 43.22
C ALA H 2 -39.64 11.36 43.72
N THR H 3 -40.26 10.26 43.28
CA THR H 3 -39.90 8.86 43.65
C THR H 3 -38.48 8.54 43.15
N LEU H 4 -37.89 7.46 43.66
CA LEU H 4 -36.53 7.01 43.26
C LEU H 4 -36.60 6.49 41.82
N LYS H 5 -37.65 5.75 41.49
CA LYS H 5 -37.89 5.28 40.10
C LYS H 5 -37.83 6.47 39.14
N ASP H 6 -38.51 7.57 39.45
CA ASP H 6 -38.67 8.72 38.51
C ASP H 6 -37.37 9.53 38.45
N GLN H 7 -36.60 9.56 39.55
CA GLN H 7 -35.29 10.26 39.63
C GLN H 7 -34.23 9.55 38.76
N LEU H 8 -34.36 8.23 38.60
CA LEU H 8 -33.31 7.32 38.00
C LEU H 8 -33.62 7.02 36.54
N ILE H 9 -34.89 6.85 36.17
CA ILE H 9 -35.36 6.29 34.86
C ILE H 9 -36.34 7.26 34.21
N TYR H 10 -36.00 7.79 33.04
CA TYR H 10 -36.95 8.48 32.13
C TYR H 10 -37.53 7.44 31.17
N ASN H 11 -38.82 7.15 31.28
CA ASN H 11 -39.53 6.11 30.50
C ASN H 11 -40.13 6.75 29.24
N LEU H 12 -40.12 6.03 28.12
CA LEU H 12 -40.62 6.48 26.79
C LEU H 12 -41.86 5.67 26.36
N LEU H 13 -42.05 4.45 26.87
CA LEU H 13 -42.96 3.44 26.25
C LEU H 13 -43.70 2.59 27.30
N LYS H 14 -44.71 1.83 26.85
CA LYS H 14 -45.37 0.71 27.59
C LYS H 14 -46.13 -0.19 26.60
N THR H 18 -47.90 -8.37 25.21
CA THR H 18 -48.46 -9.68 24.74
C THR H 18 -47.31 -10.59 24.32
N PRO H 19 -47.26 -11.84 24.85
CA PRO H 19 -46.20 -12.79 24.47
C PRO H 19 -46.44 -13.41 23.09
N GLN H 20 -45.36 -13.75 22.37
CA GLN H 20 -45.37 -14.26 20.98
C GLN H 20 -45.01 -15.75 20.96
N ASN H 21 -44.43 -16.24 22.05
CA ASN H 21 -43.91 -17.63 22.16
C ASN H 21 -44.29 -18.20 23.54
N LYS H 22 -45.58 -18.23 23.87
CA LYS H 22 -46.07 -18.76 25.16
C LYS H 22 -46.22 -20.28 25.07
N ILE H 23 -45.74 -21.00 26.08
CA ILE H 23 -45.93 -22.47 26.22
C ILE H 23 -46.66 -22.75 27.54
N THR H 24 -47.70 -23.58 27.49
CA THR H 24 -48.39 -24.10 28.70
C THR H 24 -48.02 -25.56 28.90
N VAL H 25 -47.64 -25.92 30.12
CA VAL H 25 -47.52 -27.33 30.59
C VAL H 25 -48.70 -27.62 31.51
N VAL H 26 -49.56 -28.56 31.14
CA VAL H 26 -50.70 -29.07 31.96
C VAL H 26 -50.25 -30.32 32.71
N GLY H 27 -50.25 -30.23 34.04
CA GLY H 27 -49.74 -31.25 34.98
C GLY H 27 -48.34 -30.91 35.45
N VAL H 28 -48.14 -30.76 36.76
CA VAL H 28 -46.82 -30.42 37.35
C VAL H 28 -46.38 -31.56 38.28
N GLY H 29 -46.65 -32.79 37.86
CA GLY H 29 -46.00 -33.99 38.40
C GLY H 29 -44.57 -34.04 37.91
N ALA H 30 -43.87 -35.13 38.22
CA ALA H 30 -42.46 -35.34 37.84
C ALA H 30 -42.27 -34.96 36.35
N VAL H 31 -43.09 -35.53 35.48
CA VAL H 31 -42.96 -35.40 33.99
C VAL H 31 -43.21 -33.93 33.60
N GLY H 32 -44.35 -33.36 34.00
CA GLY H 32 -44.67 -31.96 33.73
C GLY H 32 -43.48 -31.03 34.05
N MET H 33 -42.94 -31.11 35.26
CA MET H 33 -41.87 -30.21 35.72
C MET H 33 -40.58 -30.51 34.96
N ALA H 34 -40.32 -31.76 34.62
CA ALA H 34 -39.14 -32.12 33.79
C ALA H 34 -39.27 -31.45 32.42
N CYS H 35 -40.47 -31.46 31.83
CA CYS H 35 -40.79 -30.73 30.58
C CYS H 35 -40.48 -29.25 30.79
N ALA H 36 -41.07 -28.66 31.84
CA ALA H 36 -40.99 -27.21 32.16
C ALA H 36 -39.52 -26.77 32.27
N ILE H 37 -38.74 -27.42 33.14
CA ILE H 37 -37.32 -27.03 33.39
C ILE H 37 -36.54 -27.18 32.07
N SER H 38 -36.77 -28.28 31.33
CA SER H 38 -36.05 -28.58 30.06
C SER H 38 -36.42 -27.53 29.00
N ILE H 39 -37.63 -26.98 29.03
CA ILE H 39 -38.10 -25.94 28.07
C ILE H 39 -37.51 -24.58 28.47
N LEU H 40 -37.53 -24.24 29.76
CA LEU H 40 -36.90 -23.00 30.27
C LEU H 40 -35.47 -22.91 29.74
N MET H 41 -34.72 -24.00 29.88
CA MET H 41 -33.25 -23.99 29.76
C MET H 41 -32.83 -24.04 28.29
N LYS H 42 -33.77 -24.30 27.38
CA LYS H 42 -33.55 -24.15 25.92
C LYS H 42 -34.02 -22.75 25.48
N ASP H 43 -34.39 -21.90 26.44
CA ASP H 43 -34.98 -20.54 26.19
C ASP H 43 -35.88 -20.63 24.95
N LEU H 44 -37.00 -21.36 25.03
CA LEU H 44 -37.96 -21.54 23.90
C LEU H 44 -39.10 -20.55 24.03
N ALA H 45 -39.39 -20.08 25.24
CA ALA H 45 -40.64 -19.36 25.53
C ALA H 45 -40.36 -18.01 26.19
N ASP H 46 -41.15 -17.00 25.87
CA ASP H 46 -41.17 -15.70 26.57
C ASP H 46 -42.22 -15.75 27.70
N GLU H 47 -43.21 -16.65 27.63
CA GLU H 47 -44.14 -16.91 28.74
C GLU H 47 -44.32 -18.42 28.91
N LEU H 48 -44.25 -18.89 30.16
CA LEU H 48 -44.45 -20.30 30.54
C LEU H 48 -45.59 -20.34 31.57
N ALA H 49 -46.62 -21.12 31.30
CA ALA H 49 -47.82 -21.27 32.15
C ALA H 49 -47.92 -22.72 32.66
N LEU H 50 -48.02 -22.89 33.98
CA LEU H 50 -48.21 -24.21 34.64
C LEU H 50 -49.67 -24.32 35.13
N VAL H 51 -50.32 -25.45 34.85
CA VAL H 51 -51.72 -25.74 35.26
C VAL H 51 -51.78 -27.15 35.87
N ASP H 52 -52.30 -27.25 37.10
CA ASP H 52 -52.67 -28.52 37.76
C ASP H 52 -53.84 -28.19 38.70
N VAL H 53 -54.33 -29.18 39.44
CA VAL H 53 -55.55 -29.09 40.29
C VAL H 53 -55.16 -28.97 41.76
N ILE H 54 -54.02 -29.52 42.18
CA ILE H 54 -53.48 -29.31 43.56
C ILE H 54 -52.87 -27.90 43.59
N GLU H 55 -53.57 -26.93 44.18
CA GLU H 55 -53.28 -25.48 44.05
C GLU H 55 -52.01 -25.09 44.82
N ASP H 56 -51.83 -25.59 46.04
CA ASP H 56 -50.71 -25.17 46.93
C ASP H 56 -49.40 -25.69 46.33
N LYS H 57 -49.39 -26.92 45.82
CA LYS H 57 -48.21 -27.58 45.18
C LYS H 57 -47.87 -26.84 43.87
N LEU H 58 -48.89 -26.51 43.07
CA LEU H 58 -48.72 -25.78 41.79
C LEU H 58 -47.93 -24.49 42.05
N LYS H 59 -48.40 -23.66 42.98
CA LYS H 59 -47.83 -22.33 43.24
C LYS H 59 -46.38 -22.47 43.74
N GLY H 60 -46.06 -23.55 44.44
CA GLY H 60 -44.70 -23.79 44.93
C GLY H 60 -43.74 -24.12 43.79
N GLU H 61 -44.19 -24.95 42.86
CA GLU H 61 -43.39 -25.33 41.66
C GLU H 61 -43.17 -24.07 40.82
N MET H 62 -44.21 -23.29 40.59
CA MET H 62 -44.10 -21.99 39.89
C MET H 62 -43.02 -21.13 40.57
N MET H 63 -43.12 -20.90 41.87
CA MET H 63 -42.19 -20.00 42.60
C MET H 63 -40.75 -20.52 42.51
N ASP H 64 -40.57 -21.83 42.70
CA ASP H 64 -39.21 -22.45 42.71
C ASP H 64 -38.60 -22.28 41.32
N LEU H 65 -39.41 -22.47 40.28
CA LEU H 65 -38.99 -22.34 38.86
C LEU H 65 -38.69 -20.88 38.54
N GLN H 66 -39.58 -19.98 38.94
CA GLN H 66 -39.40 -18.50 38.86
C GLN H 66 -38.00 -18.16 39.38
N HIS H 67 -37.67 -18.59 40.60
CA HIS H 67 -36.44 -18.17 41.32
C HIS H 67 -35.22 -18.66 40.55
N GLY H 68 -35.25 -19.90 40.07
CA GLY H 68 -34.16 -20.47 39.27
C GLY H 68 -34.01 -19.75 37.94
N SER H 69 -35.13 -19.33 37.34
CA SER H 69 -35.18 -18.72 35.99
C SER H 69 -34.48 -17.36 35.98
N LEU H 70 -34.14 -16.84 37.16
CA LEU H 70 -33.35 -15.58 37.30
C LEU H 70 -31.94 -15.77 36.73
N PHE H 71 -31.49 -17.01 36.51
CA PHE H 71 -30.14 -17.34 35.98
C PHE H 71 -30.22 -17.75 34.51
N LEU H 72 -31.30 -17.39 33.82
CA LEU H 72 -31.55 -17.68 32.38
C LEU H 72 -32.03 -16.40 31.69
N ARG H 73 -32.32 -16.50 30.39
CA ARG H 73 -33.14 -15.49 29.68
C ARG H 73 -34.56 -15.62 30.25
N THR H 74 -34.80 -14.93 31.38
CA THR H 74 -36.02 -15.09 32.22
C THR H 74 -37.28 -14.80 31.42
N PRO H 75 -38.19 -15.78 31.24
CA PRO H 75 -39.51 -15.50 30.70
C PRO H 75 -40.46 -15.09 31.83
N LYS H 76 -41.67 -14.70 31.47
CA LYS H 76 -42.81 -14.62 32.41
C LYS H 76 -43.17 -16.06 32.76
N ILE H 77 -43.41 -16.35 34.03
CA ILE H 77 -43.83 -17.69 34.53
C ILE H 77 -45.05 -17.50 35.42
N VAL H 78 -46.17 -18.09 35.03
CA VAL H 78 -47.48 -17.97 35.73
C VAL H 78 -48.04 -19.37 36.00
N SER H 79 -49.04 -19.46 36.87
CA SER H 79 -49.71 -20.75 37.22
C SER H 79 -51.13 -20.49 37.74
N GLY H 80 -52.00 -21.47 37.61
CA GLY H 80 -53.40 -21.41 38.08
C GLY H 80 -54.12 -22.72 37.90
N LYS H 81 -55.16 -22.95 38.71
CA LYS H 81 -56.15 -24.03 38.49
C LYS H 81 -56.99 -23.67 37.27
N ASP H 82 -57.27 -22.37 37.10
CA ASP H 82 -58.12 -21.81 36.02
C ASP H 82 -57.26 -21.68 34.75
N TYR H 83 -57.81 -22.09 33.61
CA TYR H 83 -57.08 -22.20 32.31
C TYR H 83 -56.91 -20.81 31.66
N ASN H 84 -57.44 -19.76 32.27
CA ASN H 84 -57.34 -18.38 31.73
C ASN H 84 -55.87 -17.93 31.71
N VAL H 85 -55.02 -18.53 32.54
CA VAL H 85 -53.57 -18.23 32.57
C VAL H 85 -52.88 -18.87 31.35
N THR H 86 -53.57 -19.68 30.54
CA THR H 86 -52.95 -20.36 29.38
C THR H 86 -53.27 -19.61 28.07
N ALA H 87 -53.89 -18.42 28.16
CA ALA H 87 -54.37 -17.64 26.99
C ALA H 87 -53.23 -17.35 26.01
N ASN H 88 -53.48 -17.50 24.70
CA ASN H 88 -52.55 -17.20 23.58
C ASN H 88 -51.28 -18.06 23.70
N SER H 89 -51.42 -19.33 24.06
CA SER H 89 -50.29 -20.29 24.05
C SER H 89 -50.06 -20.71 22.60
N LYS H 90 -48.81 -20.69 22.16
CA LYS H 90 -48.44 -21.17 20.82
C LYS H 90 -48.40 -22.71 20.90
N LEU H 91 -48.01 -23.25 22.05
CA LEU H 91 -47.87 -24.71 22.28
C LEU H 91 -48.41 -25.07 23.66
N VAL H 92 -49.25 -26.10 23.76
CA VAL H 92 -49.76 -26.64 25.06
C VAL H 92 -49.37 -28.12 25.17
N ILE H 93 -48.62 -28.45 26.22
CA ILE H 93 -48.14 -29.82 26.52
C ILE H 93 -49.05 -30.41 27.61
N ILE H 94 -49.80 -31.46 27.27
CA ILE H 94 -50.68 -32.21 28.21
C ILE H 94 -49.88 -33.37 28.81
N THR H 95 -49.63 -33.34 30.12
CA THR H 95 -49.02 -34.46 30.89
C THR H 95 -50.06 -35.07 31.84
N ALA H 96 -51.14 -34.37 32.17
CA ALA H 96 -52.23 -34.88 33.06
C ALA H 96 -52.76 -36.22 32.53
N GLY H 97 -53.10 -37.15 33.40
CA GLY H 97 -53.76 -38.43 33.04
C GLY H 97 -54.13 -39.22 34.28
N ALA H 98 -54.73 -40.38 34.11
CA ALA H 98 -55.00 -41.35 35.19
C ALA H 98 -54.01 -42.49 35.05
N ARG H 99 -53.48 -43.01 36.16
CA ARG H 99 -52.67 -44.25 36.19
C ARG H 99 -53.62 -45.43 36.42
N GLN H 100 -53.43 -46.54 35.70
CA GLN H 100 -54.24 -47.78 35.80
C GLN H 100 -54.21 -48.30 37.24
N GLN H 101 -55.38 -48.42 37.88
CA GLN H 101 -55.56 -49.03 39.23
C GLN H 101 -55.55 -50.57 39.09
N GLU H 102 -55.35 -51.28 40.19
CA GLU H 102 -55.32 -52.77 40.22
C GLU H 102 -56.69 -53.32 39.81
N GLY H 103 -56.69 -54.23 38.84
CA GLY H 103 -57.91 -54.93 38.36
C GLY H 103 -58.69 -54.08 37.35
N GLU H 104 -58.24 -52.88 37.03
CA GLU H 104 -58.93 -51.97 36.06
C GLU H 104 -58.62 -52.44 34.63
N SER H 105 -59.63 -52.48 33.77
CA SER H 105 -59.52 -52.87 32.34
C SER H 105 -58.81 -51.76 31.56
N ARG H 106 -58.07 -52.13 30.52
CA ARG H 106 -57.44 -51.16 29.60
C ARG H 106 -58.49 -50.16 29.13
N LEU H 107 -59.65 -50.64 28.64
CA LEU H 107 -60.74 -49.76 28.11
C LEU H 107 -61.15 -48.77 29.21
N ASN H 108 -61.24 -49.20 30.45
CA ASN H 108 -61.81 -48.37 31.55
C ASN H 108 -60.86 -47.21 31.86
N LEU H 109 -59.57 -47.50 31.88
CA LEU H 109 -58.48 -46.51 32.09
C LEU H 109 -58.58 -45.41 31.02
N VAL H 110 -58.62 -45.83 29.76
CA VAL H 110 -58.67 -44.88 28.62
C VAL H 110 -59.90 -43.98 28.78
N GLN H 111 -61.04 -44.55 29.18
CA GLN H 111 -62.32 -43.79 29.33
C GLN H 111 -62.18 -42.76 30.45
N ARG H 112 -61.44 -43.10 31.52
CA ARG H 112 -61.20 -42.14 32.63
C ARG H 112 -60.30 -41.02 32.12
N ASN H 113 -59.26 -41.36 31.34
CA ASN H 113 -58.39 -40.36 30.65
C ASN H 113 -59.28 -39.50 29.74
N VAL H 114 -60.18 -40.12 28.99
CA VAL H 114 -61.13 -39.40 28.10
C VAL H 114 -61.91 -38.37 28.91
N ASN H 115 -62.44 -38.80 30.06
CA ASN H 115 -63.36 -37.94 30.87
C ASN H 115 -62.55 -36.76 31.43
N ILE H 116 -61.25 -36.95 31.70
CA ILE H 116 -60.33 -35.86 32.16
C ILE H 116 -60.11 -34.88 31.00
N PHE H 117 -59.74 -35.41 29.82
CA PHE H 117 -59.46 -34.60 28.61
C PHE H 117 -60.72 -33.83 28.22
N LYS H 118 -61.91 -34.31 28.57
CA LYS H 118 -63.19 -33.63 28.27
C LYS H 118 -63.34 -32.36 29.11
N PHE H 119 -62.58 -32.21 30.20
CA PHE H 119 -62.48 -30.96 30.99
C PHE H 119 -61.31 -30.11 30.49
N ILE H 120 -60.15 -30.74 30.25
CA ILE H 120 -58.86 -30.04 29.92
C ILE H 120 -58.96 -29.43 28.50
N ILE H 121 -59.16 -30.25 27.48
CA ILE H 121 -58.95 -29.86 26.05
C ILE H 121 -59.88 -28.69 25.70
N PRO H 122 -61.19 -28.73 26.01
CA PRO H 122 -62.08 -27.60 25.70
C PRO H 122 -61.66 -26.28 26.36
N ASN H 123 -61.14 -26.34 27.58
CA ASN H 123 -60.59 -25.18 28.31
C ASN H 123 -59.32 -24.67 27.61
N VAL H 124 -58.42 -25.57 27.21
CA VAL H 124 -57.16 -25.20 26.49
C VAL H 124 -57.53 -24.44 25.22
N VAL H 125 -58.45 -25.00 24.44
CA VAL H 125 -58.95 -24.52 23.11
C VAL H 125 -59.67 -23.18 23.29
N LYS H 126 -60.53 -23.09 24.31
CA LYS H 126 -61.26 -21.84 24.62
C LYS H 126 -60.26 -20.67 24.62
N TYR H 127 -59.11 -20.83 25.28
CA TYR H 127 -58.18 -19.72 25.61
C TYR H 127 -57.00 -19.63 24.63
N SER H 128 -56.67 -20.71 23.90
CA SER H 128 -55.55 -20.75 22.92
C SER H 128 -56.01 -21.48 21.67
N PRO H 129 -56.97 -20.93 20.90
CA PRO H 129 -57.61 -21.67 19.81
C PRO H 129 -56.70 -22.05 18.64
N ASN H 130 -55.55 -21.38 18.45
CA ASN H 130 -54.60 -21.63 17.33
C ASN H 130 -53.32 -22.31 17.82
N CYS H 131 -53.33 -22.87 19.04
CA CYS H 131 -52.17 -23.56 19.64
C CYS H 131 -51.89 -24.88 18.91
N LYS H 132 -50.71 -25.45 19.13
CA LYS H 132 -50.38 -26.87 18.83
C LYS H 132 -50.52 -27.65 20.15
N LEU H 133 -51.18 -28.81 20.09
CA LEU H 133 -51.31 -29.74 21.24
C LEU H 133 -50.23 -30.81 21.13
N LEU H 134 -49.39 -30.89 22.15
CA LEU H 134 -48.37 -31.96 22.29
C LEU H 134 -48.81 -32.84 23.47
N ILE H 135 -49.17 -34.10 23.17
CA ILE H 135 -49.74 -35.06 24.16
C ILE H 135 -48.61 -35.97 24.65
N VAL H 136 -48.40 -36.02 25.97
CA VAL H 136 -47.33 -36.83 26.61
C VAL H 136 -47.97 -37.95 27.45
N SER H 137 -49.13 -37.69 28.06
CA SER H 137 -49.95 -38.66 28.85
C SER H 137 -49.99 -40.01 28.15
N ASN H 138 -49.83 -41.11 28.89
CA ASN H 138 -49.95 -42.51 28.39
C ASN H 138 -51.37 -43.03 28.63
N PRO H 139 -51.90 -43.96 27.80
CA PRO H 139 -51.23 -44.44 26.58
C PRO H 139 -51.35 -43.43 25.43
N VAL H 140 -50.21 -43.03 24.87
CA VAL H 140 -50.05 -41.71 24.18
C VAL H 140 -50.73 -41.75 22.80
N ASP H 141 -50.69 -42.88 22.09
CA ASP H 141 -51.25 -42.99 20.72
C ASP H 141 -52.77 -42.83 20.79
N ILE H 142 -53.42 -43.32 21.86
CA ILE H 142 -54.90 -43.26 22.02
C ILE H 142 -55.27 -41.86 22.52
N LEU H 143 -54.51 -41.32 23.47
CA LEU H 143 -54.85 -40.03 24.11
C LEU H 143 -54.60 -38.87 23.14
N THR H 144 -53.72 -39.05 22.15
CA THR H 144 -53.55 -38.10 21.03
C THR H 144 -54.85 -38.09 20.22
N TYR H 145 -55.34 -39.26 19.82
CA TYR H 145 -56.68 -39.43 19.17
C TYR H 145 -57.74 -38.70 19.99
N VAL H 146 -57.74 -38.91 21.31
CA VAL H 146 -58.78 -38.35 22.24
C VAL H 146 -58.74 -36.82 22.15
N ALA H 147 -57.55 -36.23 22.23
CA ALA H 147 -57.33 -34.76 22.21
C ALA H 147 -57.71 -34.21 20.84
N TRP H 148 -57.43 -34.95 19.76
CA TRP H 148 -57.81 -34.59 18.37
C TRP H 148 -59.33 -34.47 18.27
N LYS H 149 -60.05 -35.48 18.76
CA LYS H 149 -61.54 -35.56 18.67
C LYS H 149 -62.15 -34.42 19.47
N ILE H 150 -61.72 -34.24 20.71
CA ILE H 150 -62.34 -33.26 21.65
C ILE H 150 -62.05 -31.85 21.16
N SER H 151 -60.84 -31.59 20.64
CA SER H 151 -60.36 -30.24 20.24
C SER H 151 -61.01 -29.80 18.92
N GLY H 152 -61.28 -30.75 18.04
CA GLY H 152 -61.73 -30.48 16.64
C GLY H 152 -60.65 -29.77 15.86
N PHE H 153 -59.41 -29.84 16.32
CA PHE H 153 -58.22 -29.27 15.64
C PHE H 153 -57.90 -30.11 14.41
N PRO H 154 -57.30 -29.50 13.37
CA PRO H 154 -56.80 -30.26 12.22
C PRO H 154 -55.63 -31.15 12.66
N LYS H 155 -55.37 -32.21 11.91
CA LYS H 155 -54.45 -33.30 12.34
C LYS H 155 -53.02 -32.76 12.52
N ASN H 156 -52.69 -31.62 11.91
CA ASN H 156 -51.33 -31.01 11.92
C ASN H 156 -51.02 -30.39 13.29
N ARG H 157 -52.03 -29.97 14.05
CA ARG H 157 -51.86 -29.24 15.33
C ARG H 157 -52.11 -30.17 16.52
N VAL H 158 -52.10 -31.49 16.29
CA VAL H 158 -52.22 -32.49 17.39
C VAL H 158 -51.18 -33.61 17.17
N ILE H 159 -50.23 -33.66 18.10
CA ILE H 159 -48.98 -34.44 18.02
C ILE H 159 -48.84 -35.20 19.34
N GLY H 160 -48.36 -36.45 19.31
CA GLY H 160 -48.05 -37.24 20.51
C GLY H 160 -46.56 -37.44 20.64
N SER H 161 -46.02 -37.34 21.86
CA SER H 161 -44.60 -37.59 22.19
C SER H 161 -44.09 -38.83 21.43
N GLY H 162 -44.97 -39.81 21.19
CA GLY H 162 -44.74 -40.96 20.30
C GLY H 162 -43.43 -41.67 20.60
N CYS H 163 -42.72 -42.05 19.54
CA CYS H 163 -41.49 -42.88 19.60
C CYS H 163 -40.24 -42.02 19.48
N ASN H 164 -40.35 -40.71 19.73
CA ASN H 164 -39.20 -39.77 19.67
C ASN H 164 -38.10 -40.29 20.60
N LEU H 165 -38.45 -40.62 21.85
CA LEU H 165 -37.46 -41.07 22.87
C LEU H 165 -36.96 -42.49 22.56
N ASP H 166 -37.85 -43.40 22.16
CA ASP H 166 -37.46 -44.81 21.89
C ASP H 166 -36.45 -44.82 20.72
N SER H 167 -36.68 -44.00 19.70
CA SER H 167 -35.79 -43.87 18.51
C SER H 167 -34.41 -43.35 18.94
N ALA H 168 -34.36 -42.32 19.79
CA ALA H 168 -33.10 -41.79 20.35
C ALA H 168 -32.34 -42.94 21.01
N ARG H 169 -33.03 -43.72 21.85
CA ARG H 169 -32.46 -44.85 22.62
C ARG H 169 -31.90 -45.89 21.66
N PHE H 170 -32.66 -46.21 20.62
CA PHE H 170 -32.28 -47.19 19.57
C PHE H 170 -30.94 -46.75 18.96
N ARG H 171 -30.91 -45.51 18.49
CA ARG H 171 -29.73 -44.90 17.81
C ARG H 171 -28.54 -44.92 18.76
N TYR H 172 -28.72 -44.79 20.08
CA TYR H 172 -27.58 -44.85 21.02
C TYR H 172 -26.90 -46.22 20.89
N LEU H 173 -27.69 -47.29 20.96
CA LEU H 173 -27.19 -48.69 20.96
C LEU H 173 -26.63 -49.02 19.58
N MET H 174 -27.33 -48.61 18.53
CA MET H 174 -26.82 -48.63 17.13
C MET H 174 -25.40 -48.07 17.11
N GLY H 175 -25.20 -46.90 17.71
CA GLY H 175 -23.90 -46.20 17.76
C GLY H 175 -22.86 -47.04 18.48
N GLU H 176 -23.19 -47.50 19.70
CA GLU H 176 -22.30 -48.31 20.56
C GLU H 176 -21.80 -49.53 19.77
N ARG H 177 -22.66 -50.13 18.95
CA ARG H 177 -22.35 -51.36 18.16
C ARG H 177 -21.42 -51.06 16.98
N LEU H 178 -21.57 -49.91 16.32
CA LEU H 178 -20.78 -49.53 15.12
C LEU H 178 -19.53 -48.71 15.52
N GLY H 179 -19.41 -48.28 16.78
CA GLY H 179 -18.33 -47.39 17.26
C GLY H 179 -18.43 -46.03 16.61
N VAL H 180 -19.61 -45.42 16.67
CA VAL H 180 -20.03 -44.17 15.97
C VAL H 180 -20.90 -43.37 16.94
N HIS H 181 -20.77 -42.04 16.98
CA HIS H 181 -21.59 -41.17 17.84
C HIS H 181 -23.07 -41.35 17.45
N PRO H 182 -23.97 -41.53 18.45
CA PRO H 182 -25.40 -41.62 18.18
C PRO H 182 -25.99 -40.65 17.14
N LEU H 183 -25.46 -39.42 17.06
CA LEU H 183 -26.01 -38.34 16.19
C LEU H 183 -25.57 -38.56 14.74
N SER H 184 -24.57 -39.41 14.51
CA SER H 184 -24.07 -39.82 13.17
C SER H 184 -24.82 -41.07 12.68
N CYS H 185 -25.59 -41.72 13.56
CA CYS H 185 -26.50 -42.86 13.23
C CYS H 185 -27.90 -42.33 12.95
N HIS H 186 -28.58 -42.93 11.97
CA HIS H 186 -29.99 -42.66 11.61
C HIS H 186 -30.77 -43.98 11.66
N GLY H 187 -32.05 -43.91 12.00
CA GLY H 187 -32.90 -45.10 12.21
C GLY H 187 -34.06 -44.75 13.10
N TRP H 188 -35.25 -45.19 12.70
CA TRP H 188 -36.52 -44.88 13.40
C TRP H 188 -37.06 -46.11 14.14
N VAL H 189 -37.84 -45.85 15.18
CA VAL H 189 -38.75 -46.82 15.82
C VAL H 189 -40.15 -46.22 15.64
N LEU H 190 -41.03 -46.88 14.85
CA LEU H 190 -42.36 -46.35 14.46
C LEU H 190 -43.48 -47.20 15.07
N GLY H 191 -44.71 -46.70 14.99
CA GLY H 191 -45.94 -47.43 15.36
C GLY H 191 -46.41 -47.11 16.76
N GLU H 192 -46.94 -48.12 17.44
CA GLU H 192 -47.48 -48.01 18.81
C GLU H 192 -46.30 -47.82 19.77
N HIS H 193 -46.34 -46.76 20.59
CA HIS H 193 -45.33 -46.46 21.64
C HIS H 193 -45.18 -47.69 22.55
N GLY H 194 -43.96 -48.24 22.65
CA GLY H 194 -43.54 -49.28 23.60
C GLY H 194 -43.96 -50.68 23.18
N ASP H 195 -43.04 -51.66 23.27
CA ASP H 195 -43.30 -53.13 23.11
C ASP H 195 -43.61 -53.48 21.66
N SER H 196 -44.72 -52.96 21.12
CA SER H 196 -45.25 -53.21 19.76
C SER H 196 -44.54 -52.35 18.70
N SER H 197 -43.72 -51.40 19.14
CA SER H 197 -42.98 -50.46 18.25
C SER H 197 -42.09 -51.27 17.30
N VAL H 198 -41.95 -50.78 16.06
CA VAL H 198 -41.27 -51.47 14.93
C VAL H 198 -39.95 -50.77 14.63
N PRO H 199 -38.80 -51.41 14.88
CA PRO H 199 -37.53 -50.92 14.33
C PRO H 199 -37.56 -51.06 12.79
N VAL H 200 -37.36 -49.95 12.08
CA VAL H 200 -37.41 -49.88 10.58
C VAL H 200 -35.99 -50.04 10.05
N TRP H 201 -35.56 -51.29 9.80
CA TRP H 201 -34.19 -51.68 9.39
C TRP H 201 -33.87 -51.11 8.01
N SER H 202 -34.85 -51.05 7.11
CA SER H 202 -34.66 -50.57 5.71
C SER H 202 -33.95 -49.22 5.74
N GLY H 203 -34.43 -48.27 6.57
CA GLY H 203 -33.92 -46.88 6.63
C GLY H 203 -32.89 -46.63 7.71
N MET H 204 -32.09 -47.61 8.12
CA MET H 204 -31.00 -47.43 9.12
C MET H 204 -29.66 -47.35 8.40
N ASN H 205 -28.95 -46.24 8.56
CA ASN H 205 -27.72 -45.90 7.80
C ASN H 205 -26.75 -45.12 8.69
N VAL H 206 -25.50 -45.07 8.26
CA VAL H 206 -24.47 -44.10 8.75
C VAL H 206 -23.91 -43.41 7.50
N ALA H 207 -24.02 -42.07 7.44
CA ALA H 207 -23.52 -41.28 6.30
C ALA H 207 -24.14 -41.76 4.99
N GLY H 208 -25.37 -42.28 5.05
CA GLY H 208 -26.14 -42.69 3.86
C GLY H 208 -25.81 -44.09 3.37
N VAL H 209 -24.88 -44.80 4.03
CA VAL H 209 -24.55 -46.22 3.75
C VAL H 209 -25.56 -47.09 4.48
N SER H 210 -26.54 -47.68 3.77
CA SER H 210 -27.61 -48.51 4.38
C SER H 210 -27.01 -49.76 5.04
N LEU H 211 -27.38 -50.03 6.30
CA LEU H 211 -26.96 -51.23 7.06
C LEU H 211 -27.61 -52.47 6.45
N LYS H 212 -28.90 -52.36 6.08
CA LYS H 212 -29.67 -53.44 5.36
C LYS H 212 -28.86 -53.92 4.14
N THR H 213 -28.32 -52.99 3.35
CA THR H 213 -27.52 -53.28 2.12
C THR H 213 -26.29 -54.10 2.47
N LEU H 214 -25.55 -53.75 3.52
CA LEU H 214 -24.24 -54.38 3.86
C LEU H 214 -24.45 -55.75 4.52
N HIS H 215 -25.59 -55.96 5.19
CA HIS H 215 -25.87 -57.12 6.06
C HIS H 215 -27.35 -57.51 5.93
N PRO H 216 -27.79 -58.07 4.78
CA PRO H 216 -29.21 -58.14 4.44
C PRO H 216 -30.04 -58.96 5.44
N ASP H 217 -29.38 -59.76 6.29
CA ASP H 217 -30.02 -60.50 7.40
C ASP H 217 -29.98 -59.65 8.68
N LEU H 218 -30.46 -58.41 8.62
CA LEU H 218 -30.32 -57.46 9.76
C LEU H 218 -31.47 -57.70 10.76
N GLY H 219 -32.72 -57.41 10.38
CA GLY H 219 -33.87 -57.51 11.29
C GLY H 219 -34.18 -58.94 11.73
N THR H 220 -33.75 -59.93 10.94
CA THR H 220 -34.21 -61.34 10.93
C THR H 220 -33.69 -62.11 12.16
N ASP H 221 -34.23 -63.33 12.36
CA ASP H 221 -33.87 -64.29 13.45
C ASP H 221 -32.54 -64.99 13.13
N LYS H 222 -32.26 -65.22 11.84
CA LYS H 222 -30.99 -65.85 11.36
C LYS H 222 -29.89 -64.76 11.23
N ASP H 223 -29.97 -63.70 12.04
CA ASP H 223 -28.97 -62.60 12.11
C ASP H 223 -27.84 -63.05 13.05
N LYS H 224 -26.64 -63.23 12.51
CA LYS H 224 -25.44 -63.68 13.28
C LYS H 224 -25.17 -62.71 14.43
N GLU H 225 -25.45 -61.40 14.25
CA GLU H 225 -25.10 -60.31 15.22
C GLU H 225 -26.28 -59.99 16.14
N GLN H 226 -27.50 -60.41 15.78
CA GLN H 226 -28.71 -60.41 16.65
C GLN H 226 -29.15 -58.98 16.98
N TRP H 227 -29.37 -58.17 15.94
CA TRP H 227 -29.79 -56.75 16.07
C TRP H 227 -31.21 -56.66 16.64
N LYS H 228 -31.99 -57.75 16.61
CA LYS H 228 -33.31 -57.83 17.29
C LYS H 228 -33.13 -57.44 18.76
N GLU H 229 -32.00 -57.84 19.37
CA GLU H 229 -31.72 -57.63 20.82
C GLU H 229 -31.66 -56.12 21.14
N VAL H 230 -31.35 -55.29 20.15
CA VAL H 230 -31.28 -53.81 20.32
C VAL H 230 -32.67 -53.29 20.67
N HIS H 231 -33.67 -53.53 19.82
CA HIS H 231 -35.07 -53.06 20.07
C HIS H 231 -35.61 -53.63 21.39
N LYS H 232 -35.17 -54.84 21.77
CA LYS H 232 -35.55 -55.50 23.04
C LYS H 232 -34.98 -54.65 24.18
N GLN H 233 -33.68 -54.34 24.15
CA GLN H 233 -32.97 -53.59 25.22
C GLN H 233 -33.53 -52.16 25.34
N VAL H 234 -34.05 -51.59 24.26
CA VAL H 234 -34.71 -50.25 24.25
C VAL H 234 -35.92 -50.31 25.17
N VAL H 235 -36.75 -51.35 25.02
CA VAL H 235 -38.03 -51.52 25.77
C VAL H 235 -37.73 -51.90 27.22
N GLU H 236 -36.78 -52.81 27.46
CA GLU H 236 -36.33 -53.18 28.83
C GLU H 236 -35.80 -51.96 29.57
N SER H 237 -35.14 -51.04 28.86
CA SER H 237 -34.53 -49.82 29.45
C SER H 237 -35.63 -48.95 30.07
N ALA H 238 -36.76 -48.80 29.38
CA ALA H 238 -37.94 -48.06 29.89
C ALA H 238 -38.37 -48.61 31.25
N TYR H 239 -38.49 -49.94 31.36
CA TYR H 239 -38.95 -50.67 32.58
C TYR H 239 -37.89 -50.56 33.68
N GLU H 240 -36.63 -50.85 33.37
CA GLU H 240 -35.53 -50.89 34.38
C GLU H 240 -35.47 -49.54 35.10
N VAL H 241 -35.80 -48.44 34.41
CA VAL H 241 -35.86 -47.08 35.02
C VAL H 241 -36.97 -47.10 36.09
N ILE H 242 -38.16 -47.58 35.74
CA ILE H 242 -39.36 -47.57 36.64
C ILE H 242 -39.10 -48.48 37.83
N LYS H 243 -38.54 -49.68 37.61
CA LYS H 243 -38.20 -50.65 38.69
C LYS H 243 -37.27 -49.99 39.70
N LEU H 244 -36.26 -49.25 39.23
CA LEU H 244 -35.11 -48.76 40.04
C LEU H 244 -35.42 -47.42 40.73
N LYS H 245 -36.22 -46.57 40.09
CA LYS H 245 -36.42 -45.16 40.49
C LYS H 245 -37.87 -44.94 40.93
N GLY H 246 -38.82 -45.68 40.34
CA GLY H 246 -40.26 -45.57 40.61
C GLY H 246 -41.03 -45.04 39.41
N TYR H 247 -40.40 -44.18 38.61
CA TYR H 247 -41.00 -43.46 37.47
C TYR H 247 -39.88 -42.93 36.56
N THR H 248 -40.24 -42.47 35.37
CA THR H 248 -39.34 -41.72 34.45
C THR H 248 -39.81 -40.26 34.39
N SER H 249 -38.90 -39.31 34.58
CA SER H 249 -39.15 -37.86 34.43
C SER H 249 -38.21 -37.27 33.38
N TRP H 250 -36.90 -37.27 33.64
CA TRP H 250 -35.86 -36.54 32.86
C TRP H 250 -35.94 -36.90 31.38
N ALA H 251 -36.02 -38.19 31.07
CA ALA H 251 -35.97 -38.73 29.70
C ALA H 251 -37.12 -38.17 28.85
N ILE H 252 -38.33 -38.11 29.38
CA ILE H 252 -39.52 -37.64 28.62
C ILE H 252 -39.47 -36.11 28.58
N GLY H 253 -38.97 -35.50 29.66
CA GLY H 253 -38.80 -34.06 29.75
C GLY H 253 -38.00 -33.53 28.57
N LEU H 254 -36.82 -34.12 28.35
CA LEU H 254 -35.88 -33.69 27.30
C LEU H 254 -36.38 -34.13 25.92
N SER H 255 -37.02 -35.30 25.82
CA SER H 255 -37.65 -35.77 24.57
C SER H 255 -38.73 -34.78 24.14
N VAL H 256 -39.52 -34.28 25.08
CA VAL H 256 -40.59 -33.28 24.81
C VAL H 256 -39.96 -31.92 24.46
N ALA H 257 -38.94 -31.48 25.21
CA ALA H 257 -38.21 -30.23 24.94
C ALA H 257 -37.68 -30.26 23.50
N ASP H 258 -37.10 -31.38 23.06
CA ASP H 258 -36.61 -31.62 21.68
C ASP H 258 -37.75 -31.32 20.68
N LEU H 259 -38.94 -31.85 20.91
CA LEU H 259 -40.11 -31.68 20.01
C LEU H 259 -40.57 -30.22 20.07
N ALA H 260 -40.56 -29.62 21.26
CA ALA H 260 -40.96 -28.21 21.49
C ALA H 260 -40.01 -27.29 20.73
N GLU H 261 -38.71 -27.56 20.76
CA GLU H 261 -37.68 -26.75 20.06
C GLU H 261 -38.02 -26.72 18.56
N SER H 262 -38.23 -27.89 17.95
CA SER H 262 -38.58 -28.03 16.51
C SER H 262 -39.80 -27.18 16.18
N ILE H 263 -40.81 -27.17 17.05
CA ILE H 263 -42.08 -26.43 16.78
C ILE H 263 -41.82 -24.93 16.99
N MET H 264 -41.25 -24.56 18.14
CA MET H 264 -41.19 -23.15 18.61
C MET H 264 -40.19 -22.35 17.78
N LYS H 265 -39.11 -22.98 17.32
CA LYS H 265 -38.04 -22.34 16.53
C LYS H 265 -38.16 -22.75 15.06
N ASN H 266 -39.31 -23.32 14.67
CA ASN H 266 -39.66 -23.68 13.27
C ASN H 266 -38.48 -24.37 12.56
N LEU H 267 -37.87 -25.38 13.18
CA LEU H 267 -36.66 -26.08 12.65
C LEU H 267 -36.99 -27.02 11.49
N ARG H 268 -38.26 -27.36 11.29
CA ARG H 268 -38.68 -28.29 10.21
C ARG H 268 -37.79 -29.54 10.27
N ARG H 269 -37.64 -30.09 11.48
CA ARG H 269 -36.86 -31.32 11.77
C ARG H 269 -37.81 -32.52 11.74
N VAL H 270 -37.25 -33.72 11.56
CA VAL H 270 -38.02 -34.98 11.44
C VAL H 270 -38.04 -35.67 12.80
N HIS H 271 -39.24 -35.92 13.33
CA HIS H 271 -39.46 -36.68 14.59
C HIS H 271 -40.49 -37.78 14.34
N PRO H 272 -40.26 -39.00 14.88
CA PRO H 272 -41.25 -40.06 14.80
C PRO H 272 -42.28 -39.83 15.92
N VAL H 273 -43.32 -39.05 15.63
CA VAL H 273 -44.35 -38.61 16.61
C VAL H 273 -45.71 -39.16 16.20
N SER H 274 -46.57 -39.45 17.18
CA SER H 274 -47.97 -39.90 16.98
C SER H 274 -48.72 -38.84 16.19
N THR H 275 -49.23 -39.21 15.02
CA THR H 275 -50.15 -38.37 14.21
C THR H 275 -51.16 -39.27 13.49
N MET H 276 -52.27 -38.66 13.09
CA MET H 276 -53.39 -39.32 12.36
C MET H 276 -52.83 -39.94 11.08
N ILE H 277 -53.04 -41.25 10.93
CA ILE H 277 -52.31 -42.12 9.96
C ILE H 277 -53.29 -42.84 9.02
N LYS H 278 -54.58 -42.51 9.07
CA LYS H 278 -55.60 -43.04 8.13
C LYS H 278 -55.20 -42.66 6.70
N GLY H 279 -55.14 -43.64 5.80
CA GLY H 279 -54.67 -43.47 4.41
C GLY H 279 -53.47 -44.34 4.15
N LEU H 280 -52.57 -44.47 5.15
CA LEU H 280 -51.25 -45.14 5.00
C LEU H 280 -51.34 -46.60 5.48
N TYR H 281 -50.51 -47.47 4.92
CA TYR H 281 -50.23 -48.86 5.38
C TYR H 281 -51.55 -49.64 5.49
N GLY H 282 -52.50 -49.36 4.59
CA GLY H 282 -53.82 -50.01 4.50
C GLY H 282 -54.58 -49.92 5.81
N ILE H 283 -54.60 -48.74 6.41
CA ILE H 283 -55.30 -48.43 7.69
C ILE H 283 -56.42 -47.45 7.35
N LYS H 284 -57.67 -47.83 7.63
CA LYS H 284 -58.89 -47.07 7.21
C LYS H 284 -59.55 -46.40 8.42
N ASP H 285 -59.07 -46.68 9.64
CA ASP H 285 -59.62 -46.13 10.92
C ASP H 285 -58.87 -44.85 11.32
N ASP H 286 -59.52 -44.00 12.13
CA ASP H 286 -58.92 -42.77 12.73
C ASP H 286 -58.03 -43.16 13.91
N VAL H 287 -56.87 -43.76 13.66
CA VAL H 287 -55.89 -44.10 14.74
C VAL H 287 -54.65 -43.22 14.55
N PHE H 288 -53.90 -43.00 15.63
CA PHE H 288 -52.61 -42.27 15.63
C PHE H 288 -51.49 -43.27 15.92
N LEU H 289 -50.43 -43.22 15.12
CA LEU H 289 -49.16 -43.94 15.37
C LEU H 289 -47.98 -43.01 15.03
N SER H 290 -46.79 -43.41 15.44
CA SER H 290 -45.54 -42.66 15.18
C SER H 290 -45.04 -43.00 13.77
N VAL H 291 -45.04 -42.00 12.88
CA VAL H 291 -44.32 -42.00 11.57
C VAL H 291 -43.49 -40.72 11.52
N PRO H 292 -42.40 -40.66 10.72
CA PRO H 292 -41.59 -39.45 10.62
C PRO H 292 -42.37 -38.23 10.14
N CYS H 293 -42.37 -37.17 10.93
CA CYS H 293 -43.07 -35.89 10.63
C CYS H 293 -42.07 -34.74 10.66
N ILE H 294 -42.22 -33.79 9.73
CA ILE H 294 -41.52 -32.49 9.78
C ILE H 294 -42.28 -31.64 10.79
N LEU H 295 -41.65 -31.29 11.91
CA LEU H 295 -42.25 -30.41 12.94
C LEU H 295 -41.77 -28.98 12.71
N GLY H 296 -42.71 -28.04 12.64
CA GLY H 296 -42.44 -26.60 12.48
C GLY H 296 -43.44 -25.79 13.27
N GLN H 297 -43.53 -24.49 13.01
CA GLN H 297 -44.31 -23.54 13.84
C GLN H 297 -45.82 -23.79 13.67
N ASN H 298 -46.23 -24.59 12.67
CA ASN H 298 -47.65 -24.95 12.44
C ASN H 298 -47.87 -26.42 12.80
N GLY H 299 -46.97 -26.99 13.58
CA GLY H 299 -46.99 -28.41 13.96
C GLY H 299 -46.49 -29.27 12.82
N ILE H 300 -47.18 -30.37 12.53
CA ILE H 300 -46.79 -31.35 11.49
C ILE H 300 -47.16 -30.77 10.12
N SER H 301 -46.16 -30.26 9.39
CA SER H 301 -46.31 -29.65 8.05
C SER H 301 -46.29 -30.75 6.98
N ASP H 302 -45.55 -31.84 7.21
CA ASP H 302 -45.30 -32.92 6.21
C ASP H 302 -45.09 -34.25 6.92
N LEU H 303 -45.46 -35.37 6.28
CA LEU H 303 -45.02 -36.76 6.65
C LEU H 303 -43.96 -37.21 5.64
N VAL H 304 -43.08 -38.09 6.07
CA VAL H 304 -42.12 -38.79 5.16
C VAL H 304 -42.67 -40.22 4.96
N LYS H 305 -43.04 -40.55 3.72
CA LYS H 305 -43.72 -41.83 3.39
C LYS H 305 -42.66 -42.93 3.40
N VAL H 306 -42.52 -43.63 4.53
CA VAL H 306 -41.51 -44.70 4.70
C VAL H 306 -42.05 -45.97 4.05
N THR H 307 -41.25 -46.61 3.18
CA THR H 307 -41.58 -47.93 2.58
C THR H 307 -41.26 -49.00 3.63
N LEU H 308 -42.29 -49.77 4.02
CA LEU H 308 -42.23 -50.82 5.06
C LEU H 308 -42.39 -52.19 4.39
N THR H 309 -41.76 -53.24 4.93
CA THR H 309 -41.94 -54.63 4.47
C THR H 309 -43.39 -55.02 4.77
N SER H 310 -43.83 -56.23 4.38
CA SER H 310 -45.18 -56.75 4.70
C SER H 310 -45.24 -57.09 6.19
N GLU H 311 -44.13 -57.56 6.79
CA GLU H 311 -43.97 -57.83 8.24
C GLU H 311 -44.21 -56.55 9.06
N GLU H 312 -43.42 -55.51 8.75
CA GLU H 312 -43.50 -54.16 9.38
C GLU H 312 -44.94 -53.63 9.24
N GLU H 313 -45.48 -53.63 8.01
CA GLU H 313 -46.85 -53.14 7.66
C GLU H 313 -47.91 -53.88 8.48
N ALA H 314 -47.77 -55.20 8.66
CA ALA H 314 -48.72 -56.07 9.40
C ALA H 314 -48.66 -55.74 10.89
N ARG H 315 -47.45 -55.54 11.44
CA ARG H 315 -47.22 -55.24 12.88
C ARG H 315 -47.88 -53.90 13.23
N LEU H 316 -47.83 -52.92 12.32
CA LEU H 316 -48.52 -51.61 12.46
C LEU H 316 -50.03 -51.83 12.37
N LYS H 317 -50.48 -52.46 11.28
CA LYS H 317 -51.91 -52.78 11.02
C LYS H 317 -52.51 -53.43 12.27
N LYS H 318 -51.79 -54.38 12.90
CA LYS H 318 -52.26 -55.10 14.11
C LYS H 318 -52.42 -54.12 15.28
N SER H 319 -51.47 -53.19 15.45
CA SER H 319 -51.51 -52.12 16.48
C SER H 319 -52.73 -51.22 16.22
N ALA H 320 -52.94 -50.81 14.97
CA ALA H 320 -54.07 -49.93 14.55
C ALA H 320 -55.41 -50.59 14.88
N ASP H 321 -55.49 -51.93 14.75
CA ASP H 321 -56.71 -52.72 15.06
C ASP H 321 -56.94 -52.66 16.57
N THR H 322 -55.96 -53.12 17.37
CA THR H 322 -56.00 -53.07 18.86
C THR H 322 -56.47 -51.69 19.33
N LEU H 323 -55.91 -50.62 18.75
CA LEU H 323 -56.17 -49.22 19.19
C LEU H 323 -57.61 -48.83 18.81
N TRP H 324 -58.05 -49.11 17.58
CA TRP H 324 -59.44 -48.81 17.16
C TRP H 324 -60.39 -49.67 18.00
N GLY H 325 -59.96 -50.88 18.36
CA GLY H 325 -60.67 -51.82 19.26
C GLY H 325 -61.13 -51.15 20.53
N ILE H 326 -60.29 -50.27 21.09
CA ILE H 326 -60.62 -49.50 22.33
C ILE H 326 -61.33 -48.20 21.92
N GLN H 327 -60.83 -47.51 20.88
CA GLN H 327 -61.31 -46.15 20.51
C GLN H 327 -62.81 -46.19 20.20
N LYS H 328 -63.30 -47.25 19.54
CA LYS H 328 -64.72 -47.38 19.07
C LYS H 328 -65.66 -47.52 20.27
N GLU H 329 -65.15 -48.00 21.42
CA GLU H 329 -65.95 -48.24 22.65
C GLU H 329 -66.04 -46.97 23.52
N LEU H 330 -65.24 -45.94 23.25
CA LEU H 330 -65.14 -44.75 24.13
C LEU H 330 -66.38 -43.87 23.95
N GLN H 331 -66.84 -43.26 25.05
CA GLN H 331 -68.02 -42.37 25.07
C GLN H 331 -67.52 -40.92 25.21
N PHE H 332 -67.76 -40.10 24.19
CA PHE H 332 -67.57 -38.62 24.19
C PHE H 332 -68.92 -37.94 24.38
CAT L5N I . 5.19 8.01 -36.04
CAX L5N I . 4.41 6.92 -35.64
CBA L5N I . 4.97 5.91 -34.86
CBB L5N I . 4.17 4.71 -34.41
OBD L5N I . 4.89 3.70 -34.20
OBC L5N I . 2.92 4.78 -34.26
CAY L5N I . 6.31 5.98 -34.50
CAU L5N I . 7.08 7.06 -34.89
CAQ L5N I . 6.53 8.07 -35.67
CAN L5N I . 7.41 9.23 -36.11
NAI L5N I . 7.88 10.10 -35.01
CAE L5N I . 9.12 10.17 -34.53
OAK L5N I . 10.07 9.49 -34.90
CAD L5N I . 7.13 10.97 -34.33
OAJ L5N I . 5.93 11.21 -34.45
CAA L5N I . 7.88 11.62 -33.41
CAB L5N I . 9.15 11.12 -33.50
CAF L5N I . 10.13 11.61 -32.64
CAL L5N I . 9.79 12.58 -31.71
CAH L5N I . 8.49 13.06 -31.64
CAC L5N I . 7.52 12.56 -32.49
NAG L5N I . 6.24 12.91 -32.54
CAM L5N I . 5.66 13.86 -31.82
OAP L5N I . 6.15 14.55 -30.95
CAO L5N I . 4.22 14.05 -32.11
CAS L5N I . 3.48 13.21 -32.84
CAW L5N I . 2.21 13.61 -32.93
CAV L5N I . 1.99 14.76 -32.27
CLA L5N I . 0.45 15.49 -32.21
SAR L5N I . 3.39 15.37 -31.51
PA NAI J . 9.34 -4.64 -14.80
O1A NAI J . 9.96 -5.93 -14.27
O2A NAI J . 7.84 -4.45 -14.68
O5B NAI J . 9.68 -4.35 -16.37
C5B NAI J . 10.50 -5.17 -17.20
C4B NAI J . 9.80 -5.43 -18.51
O4B NAI J . 10.27 -6.66 -19.09
C3B NAI J . 8.27 -5.60 -18.36
O3B NAI J . 7.54 -4.45 -18.84
C2B NAI J . 7.96 -6.88 -19.15
O2B NAI J . 6.70 -6.79 -19.84
C1B NAI J . 9.24 -7.00 -20.01
N9A NAI J . 9.36 -8.28 -20.77
C8A NAI J . 9.11 -9.54 -20.35
N7A NAI J . 9.31 -10.43 -21.37
C5A NAI J . 9.69 -9.74 -22.49
C6A NAI J . 10.06 -10.03 -23.92
N6A NAI J . 10.06 -11.30 -24.37
N1A NAI J . 10.39 -9.01 -24.77
C2A NAI J . 10.40 -7.74 -24.34
N3A NAI J . 10.09 -7.40 -23.06
C4A NAI J . 9.72 -8.32 -22.10
O3 NAI J . 10.05 -3.42 -14.00
PN NAI J . 11.56 -2.84 -14.25
O1N NAI J . 11.85 -1.88 -13.13
O2N NAI J . 11.65 -2.33 -15.70
O5D NAI J . 12.58 -4.06 -13.98
C5D NAI J . 13.19 -4.66 -15.13
C4D NAI J . 14.53 -5.32 -14.82
O4D NAI J . 15.43 -4.41 -14.20
C3D NAI J . 14.29 -6.56 -13.97
O3D NAI J . 14.52 -7.79 -14.69
C2D NAI J . 15.31 -6.42 -12.89
O2D NAI J . 16.03 -7.65 -12.87
C1D NAI J . 16.15 -5.18 -13.27
N1N NAI J . 16.53 -4.42 -12.08
C2N NAI J . 17.82 -4.08 -12.00
C3N NAI J . 18.34 -3.40 -10.91
C7N NAI J . 19.83 -3.08 -10.90
O7N NAI J . 20.60 -3.51 -11.79
N7N NAI J . 20.29 -2.33 -9.88
C4N NAI J . 17.44 -3.04 -9.74
C5N NAI J . 16.03 -3.45 -9.95
C6N NAI J . 15.64 -4.13 -11.11
CAT L5N K . 20.26 13.15 3.76
CAX L5N K . 19.02 12.72 4.29
CBA L5N K . 17.90 13.54 4.11
CBB L5N K . 16.52 13.17 4.65
OBD L5N K . 15.54 13.91 4.33
OBC L5N K . 16.43 12.14 5.34
CAY L5N K . 18.02 14.75 3.43
CAU L5N K . 19.24 15.18 2.92
CAQ L5N K . 20.37 14.39 3.08
CAN L5N K . 21.68 14.89 2.48
NAI L5N K . 21.84 14.54 1.03
CAE L5N K . 21.70 15.34 -0.04
OAK L5N K . 21.40 16.52 -0.04
CAD L5N K . 22.17 13.35 0.55
OAJ L5N K . 22.38 12.32 1.18
CAA L5N K . 22.24 13.38 -0.80
CAB L5N K . 21.95 14.65 -1.20
CAF L5N K . 21.95 14.98 -2.56
CAL L5N K . 22.25 13.98 -3.50
CAH L5N K . 22.56 12.68 -3.08
CAC L5N K . 22.54 12.41 -1.70
NAG L5N K . 22.80 11.24 -1.13
CAM L5N K . 23.48 10.33 -1.80
OAP L5N K . 23.91 10.50 -2.93
CAO L5N K . 23.74 9.02 -1.05
CAS L5N K . 23.40 8.69 0.22
CAW L5N K . 23.80 7.44 0.55
CAV L5N K . 24.44 6.81 -0.45
CLA L5N K . 25.13 5.24 -0.51
SAR L5N K . 24.54 7.77 -1.76
CAT L5N L . 27.16 49.05 -25.51
CAX L5N L . 28.22 49.93 -25.71
CBA L5N L . 29.35 49.79 -24.93
CBB L5N L . 30.53 50.70 -25.12
OBD L5N L . 30.58 51.42 -26.14
OBC L5N L . 31.39 50.64 -24.22
CAY L5N L . 29.46 48.78 -24.00
CAU L5N L . 28.41 47.90 -23.81
CAQ L5N L . 27.26 48.04 -24.57
CAN L5N L . 26.07 47.08 -24.34
NAI L5N L . 26.25 45.73 -24.91
CAE L5N L . 26.47 44.61 -24.23
OAK L5N L . 26.63 44.50 -23.01
CAD L5N L . 26.17 45.46 -26.19
OAJ L5N L . 25.96 46.28 -27.09
CAA L5N L . 26.36 44.13 -26.40
CAB L5N L . 26.56 43.57 -25.15
CAF L5N L . 26.80 42.21 -25.07
CAL L5N L . 26.83 41.43 -26.23
CAH L5N L . 26.60 42.00 -27.48
CAC L5N L . 26.37 43.37 -27.55
NAG L5N L . 26.15 44.01 -28.69
CAM L5N L . 26.16 43.42 -29.88
OAP L5N L . 26.50 42.26 -30.09
CAO L5N L . 25.92 44.40 -31.03
CAS L5N L . 25.89 45.72 -30.90
CAW L5N L . 25.69 46.40 -32.02
CAV L5N L . 25.57 45.58 -33.05
CLA L5N L . 25.32 46.11 -34.66
SAR L5N L . 25.71 44.00 -32.63
CAT L5N M . 51.27 14.57 -32.47
CAX L5N M . 52.17 15.28 -33.24
CBA L5N M . 51.74 15.82 -34.43
CBB L5N M . 52.69 16.59 -35.30
OBD L5N M . 53.91 16.30 -35.23
OBC L5N M . 52.22 17.44 -36.03
CAY L5N M . 50.41 15.68 -34.80
CAU L5N M . 49.50 14.97 -34.03
CAQ L5N M . 49.94 14.42 -32.83
CAN L5N M . 48.99 13.61 -31.91
NAI L5N M . 48.22 14.40 -30.96
CAE L5N M . 46.93 14.62 -31.09
OAK L5N M . 46.26 14.20 -32.05
CAD L5N M . 48.63 14.98 -29.86
OAJ L5N M . 49.77 14.95 -29.42
CAA L5N M . 47.58 15.62 -29.23
CAB L5N M . 46.47 15.39 -30.02
CAF L5N M . 45.24 15.93 -29.63
CAL L5N M . 45.13 16.71 -28.46
CAH L5N M . 46.26 16.92 -27.67
CAC L5N M . 47.48 16.38 -28.07
NAG L5N M . 48.62 16.49 -27.38
CAM L5N M . 48.78 17.12 -26.23
OAP L5N M . 48.03 17.96 -25.75
CAO L5N M . 50.16 17.09 -25.75
CAS L5N M . 51.19 16.64 -26.48
CAW L5N M . 52.38 16.77 -25.88
CAV L5N M . 52.23 17.35 -24.71
CLA L5N M . 53.55 17.66 -23.69
SAR L5N M . 50.62 17.73 -24.33
CAT L5N N . -31.84 -16.86 -3.39
CAX L5N N . -31.50 -15.88 -4.30
CBA L5N N . -32.47 -15.04 -4.87
CBB L5N N . -31.96 -13.98 -5.84
OBD L5N N . -31.51 -14.36 -6.94
OBC L5N N . -31.89 -12.82 -5.39
CAY L5N N . -33.81 -15.17 -4.54
CAU L5N N . -34.14 -16.16 -3.60
CAQ L5N N . -33.16 -17.00 -3.03
CAN L5N N . -33.59 -18.06 -2.04
NAI L5N N . -32.56 -18.42 -1.01
CAE L5N N . -32.52 -18.09 0.31
OAK L5N N . -33.30 -17.37 0.95
CAD L5N N . -31.52 -19.22 -1.24
OAJ L5N N . -31.21 -19.73 -2.33
CAA L5N N . -30.79 -19.38 -0.07
CAB L5N N . -31.41 -18.67 0.92
CAF L5N N . -30.87 -18.66 2.22
CAL L5N N . -29.71 -19.37 2.48
CAH L5N N . -29.09 -20.10 1.47
CAC L5N N . -29.65 -20.09 0.20
NAG L5N N . -29.19 -20.71 -0.85
CAM L5N N . -28.08 -21.41 -0.84
OAP L5N N . -27.26 -21.45 0.05
CAO L5N N . -27.78 -21.99 -2.15
CAS L5N N . -28.36 -21.66 -3.30
CAW L5N N . -27.85 -22.31 -4.35
CAV L5N N . -26.87 -23.13 -3.96
CLA L5N N . -25.97 -24.12 -5.02
SAR L5N N . -26.61 -23.09 -2.32
PA NAI O . -18.28 1.38 2.44
O1A NAI O . -18.10 2.49 1.41
O2A NAI O . -17.37 0.17 2.30
O5B NAI O . -19.87 1.02 2.45
C5B NAI O . -20.89 2.01 2.33
C4B NAI O . -21.86 1.71 1.17
O4B NAI O . -22.81 2.78 0.96
C3B NAI O . -21.18 1.52 -0.19
O3B NAI O . -21.22 0.15 -0.60
C2B NAI O . -22.01 2.39 -1.15
O2B NAI O . -22.17 1.77 -2.44
C1B NAI O . -23.32 2.56 -0.37
N9A NAI O . -24.29 3.57 -0.94
C8A NAI O . -24.01 4.79 -1.44
N7A NAI O . -25.13 5.39 -1.90
C5A NAI O . -26.16 4.55 -1.69
C6A NAI O . -27.64 4.57 -1.93
N6A NAI O . -28.16 5.68 -2.51
N1A NAI O . -28.40 3.48 -1.56
C2A NAI O . -27.83 2.39 -0.99
N3A NAI O . -26.50 2.31 -0.75
C4A NAI O . -25.62 3.34 -1.06
O3 NAI O . -18.01 2.02 3.94
PN NAI O . -17.82 1.25 5.36
O1N NAI O . -16.97 2.04 6.34
O2N NAI O . -17.48 -0.20 5.06
O5D NAI O . -19.29 1.32 6.05
C5D NAI O . -20.23 2.36 5.85
C4D NAI O . -20.35 3.44 6.96
O4D NAI O . -19.86 3.02 8.24
C3D NAI O . -19.64 4.74 6.55
O3D NAI O . -20.52 5.83 6.20
C2D NAI O . -18.81 5.09 7.77
O2D NAI O . -18.98 6.46 8.10
C1D NAI O . -19.29 4.15 8.89
N1N NAI O . -18.19 3.89 9.86
C2N NAI O . -18.57 3.89 11.15
C3N NAI O . -17.67 3.71 12.21
C7N NAI O . -18.20 3.72 13.65
O7N NAI O . -19.42 3.93 13.85
N7N NAI O . -17.35 3.49 14.68
C4N NAI O . -16.18 3.55 11.88
C5N NAI O . -15.88 3.55 10.45
C6N NAI O . -16.88 3.74 9.50
CAT L5N P . -2.39 -6.99 22.78
CAX L5N P . -1.54 -6.56 21.77
CBA L5N P . -0.53 -7.41 21.37
CBB L5N P . 0.40 -7.00 20.25
OBD L5N P . 0.87 -5.85 20.23
OBC L5N P . 0.56 -7.87 19.35
CAY L5N P . -0.37 -8.66 21.96
CAU L5N P . -1.21 -9.09 22.98
CAQ L5N P . -2.24 -8.25 23.39
CAN L5N P . -3.19 -8.72 24.51
NAI L5N P . -4.64 -8.69 24.15
CAE L5N P . -5.43 -9.75 23.94
OAK L5N P . -5.12 -10.93 23.96
CAD L5N P . -5.43 -7.62 24.01
OAJ L5N P . -5.14 -6.44 24.11
CAA L5N P . -6.70 -7.98 23.71
CAB L5N P . -6.71 -9.34 23.66
CAF L5N P . -7.89 -10.00 23.37
CAL L5N P . -9.04 -9.26 23.13
CAH L5N P . -9.02 -7.87 23.18
CAC L5N P . -7.83 -7.23 23.48
NAG L5N P . -7.68 -5.92 23.54
CAM L5N P . -8.72 -5.09 23.49
OAP L5N P . -9.90 -5.44 23.42
CAO L5N P . -8.35 -3.61 23.57
CAS L5N P . -7.11 -3.08 23.70
CAW L5N P . -7.12 -1.74 23.73
CAV L5N P . -8.36 -1.24 23.62
CLA L5N P . -8.85 0.40 23.61
SAR L5N P . -9.50 -2.40 23.49
CAT L5N Q . -23.39 -47.75 31.13
CAX L5N Q . -23.70 -48.34 32.35
CBA L5N Q . -23.17 -47.78 33.51
CBB L5N Q . -23.50 -48.35 34.85
OBD L5N Q . -23.10 -47.72 35.85
OBC L5N Q . -24.26 -49.33 34.85
CAY L5N Q . -22.37 -46.66 33.48
CAU L5N Q . -22.08 -46.07 32.26
CAQ L5N Q . -22.59 -46.61 31.09
CAN L5N Q . -22.22 -45.96 29.78
NAI L5N Q . -23.11 -44.88 29.33
CAE L5N Q . -22.80 -43.59 29.37
OAK L5N Q . -21.77 -43.12 29.84
CAD L5N Q . -24.34 -44.99 28.78
OAJ L5N Q . -25.01 -46.01 28.57
CAA L5N Q . -24.82 -43.73 28.46
CAB L5N Q . -23.85 -42.85 28.83
CAF L5N Q . -24.08 -41.50 28.63
CAL L5N Q . -25.29 -41.07 28.05
CAH L5N Q . -26.28 -41.96 27.66
CAC L5N Q . -26.02 -43.33 27.89
NAG L5N Q . -26.86 -44.29 27.59
CAM L5N Q . -28.04 -44.11 27.02
OAP L5N Q . -28.53 -43.03 26.71
CAO L5N Q . -28.77 -45.42 26.77
CAS L5N Q . -28.34 -46.61 27.23
CAW L5N Q . -29.12 -47.65 26.90
CAV L5N Q . -30.14 -47.24 26.16
CLA L5N Q . -31.34 -48.29 25.55
SAR L5N Q . -30.17 -45.60 25.88
CAT L5N R . -45.90 -13.20 40.37
CAX L5N R . -46.83 -14.01 41.03
CBA L5N R . -47.75 -14.76 40.29
CBB L5N R . -48.77 -15.67 40.97
OBD L5N R . -49.46 -16.39 40.22
OBC L5N R . -48.79 -15.68 42.23
CAY L5N R . -47.72 -14.72 38.91
CAU L5N R . -46.79 -13.91 38.25
CAQ L5N R . -45.89 -13.17 38.98
CAN L5N R . -44.89 -12.31 38.24
NAI L5N R . -43.57 -12.98 38.06
CAE L5N R . -43.15 -13.55 36.94
OAK L5N R . -43.81 -13.62 35.91
CAD L5N R . -42.60 -13.07 38.95
OAJ L5N R . -42.67 -12.63 40.10
CAA L5N R . -41.51 -13.73 38.41
CAB L5N R . -41.87 -14.04 37.10
CAF L5N R . -41.00 -14.71 36.24
CAL L5N R . -39.73 -15.09 36.71
CAH L5N R . -39.36 -14.79 38.01
CAC L5N R . -40.25 -14.10 38.87
NAG L5N R . -39.97 -13.78 40.15
CAM L5N R . -38.82 -14.00 40.81
OAP L5N R . -37.85 -14.62 40.38
CAO L5N R . -38.86 -13.58 42.27
CAS L5N R . -39.97 -13.24 42.95
CAW L5N R . -39.75 -12.93 44.23
CAV L5N R . -38.47 -13.03 44.60
CLA L5N R . -37.83 -12.70 46.18
SAR L5N R . -37.53 -13.52 43.29
#